data_1V0F
#
_entry.id   1V0F
#
_cell.length_a   99.540
_cell.length_b   131.400
_cell.length_c   346.040
_cell.angle_alpha   90.00
_cell.angle_beta   90.00
_cell.angle_gamma   90.00
#
_symmetry.space_group_name_H-M   'P 2 2 21'
#
loop_
_entity.id
_entity.type
_entity.pdbx_description
1 polymer ENDO-ALPHA-SIALIDASE
2 branched 'N-acetyl-alpha-neuraminic acid-(2-8)-N-acetyl-alpha-neuraminic acid'
3 non-polymer 'N-acetyl-beta-neuraminic acid'
4 non-polymer 'PHOSPHATE ION'
5 water water
#
_entity_poly.entity_id   1
_entity_poly.type   'polypeptide(L)'
_entity_poly.pdbx_seq_one_letter_code
;SAKGDGVTDDTAALTSALNDTPVGQKINGNGKTYKVTSLPDISRFINTRFVYERIPGQPLYYASEEFVQGELFKITDTPY
YNAWPQDKAFVYENVIYAPYMGSDRHGVSRLHVSWVKSGDDGQTWSTPEWLTDLHPDYPTVNYHCMSMGVCRNRLFAMIE
TRTLAKNALTNCALWDRPMSRSLHLTGGITKAANQRYATIHVPDHGLFVGDFVNFSNSAVTGVSGDMTVATVIDKDNFTV
LTPNQQTSDLNNAGKNWHMGTSFHKSPWRKTDLGLIPSVTEVHSFATIDNNGFAMGYHQGDVAPREVGLFYFPDAFNSPS
NYVRRQIPSEYEPDASEPCIKYYDGVLYLITRGTRGDRLGSSLHRSRDIGQTWESLRFPHNVHHTTLPFAKVGDDLIMFG
SERAENEWEAGAPDDRYKASYPRTFYARLNVNNWNADDIEWVNITDQIYQGGIVNSGVGVGSVVVKDNYIYYMFGGEDHF
NPWTYGDNSAKDPFKSDGHPSDLYCYKMKIGPDNRVSRDFRYGAVPNRAVPVFFDTNGVRTVPAPMEFTGDLGLGHVTIR
ASTSSNIRSEVLMEGEYGFIGKSIPTDNPAGQRIIFCGGEGTSSTTGAQITLYGANNTDSRRIVYNGDEHLFQSADVKPY
NDNVTALGGPSNRFTTAYLGSNPIVT
;
_entity_poly.pdbx_strand_id   A,B,C,D,E,F
#
# COMPACT_ATOMS: atom_id res chain seq x y z
N SER A 1 17.41 21.09 82.70
CA SER A 1 16.65 20.64 81.48
C SER A 1 15.47 21.59 81.14
N ALA A 2 15.13 21.58 79.85
CA ALA A 2 14.23 22.57 79.24
C ALA A 2 12.79 22.41 79.70
N LYS A 3 12.09 23.52 79.95
CA LYS A 3 10.67 23.41 80.35
C LYS A 3 9.75 23.17 79.17
N GLY A 4 10.02 23.86 78.05
CA GLY A 4 9.17 23.78 76.89
C GLY A 4 7.71 24.10 77.17
N ASP A 5 7.49 25.20 77.89
CA ASP A 5 6.16 25.68 78.23
C ASP A 5 5.79 26.92 77.44
N GLY A 6 6.71 27.40 76.59
CA GLY A 6 6.48 28.60 75.82
C GLY A 6 6.56 29.95 76.54
N VAL A 7 6.94 29.92 77.82
CA VAL A 7 7.11 31.15 78.63
C VAL A 7 8.48 31.22 79.33
N THR A 8 8.90 30.10 79.93
CA THR A 8 10.17 29.98 80.68
C THR A 8 11.38 29.99 79.76
N ASP A 9 12.35 30.86 80.04
CA ASP A 9 13.53 31.01 79.18
C ASP A 9 14.35 29.71 79.14
N ASP A 10 14.35 29.04 77.99
CA ASP A 10 15.06 27.75 77.87
C ASP A 10 16.43 27.85 77.20
N THR A 11 16.82 29.06 76.82
CA THR A 11 18.10 29.31 76.15
C THR A 11 19.21 28.47 76.74
N ALA A 12 19.53 28.69 78.01
CA ALA A 12 20.70 28.03 78.62
C ALA A 12 20.54 26.51 78.64
N ALA A 13 19.36 26.02 79.03
CA ALA A 13 19.07 24.56 78.96
C ALA A 13 19.36 24.00 77.56
N LEU A 14 18.84 24.67 76.53
CA LEU A 14 19.02 24.20 75.17
C LEU A 14 20.49 24.25 74.78
N THR A 15 21.20 25.32 75.18
CA THR A 15 22.60 25.41 74.80
C THR A 15 23.38 24.25 75.44
N SER A 16 23.12 23.98 76.72
CA SER A 16 23.77 22.86 77.38
C SER A 16 23.48 21.55 76.60
N ALA A 17 22.22 21.31 76.28
CA ALA A 17 21.89 20.09 75.55
C ALA A 17 22.70 19.99 74.25
N LEU A 18 22.69 21.04 73.44
CA LEU A 18 23.42 20.99 72.18
C LEU A 18 24.90 20.69 72.41
N ASN A 19 25.52 21.32 73.39
CA ASN A 19 26.94 21.07 73.63
C ASN A 19 27.17 19.63 74.10
N ASP A 20 26.16 19.03 74.71
CA ASP A 20 26.31 17.72 75.32
C ASP A 20 25.92 16.55 74.42
N THR A 21 25.36 16.84 73.23
CA THR A 21 25.01 15.77 72.30
C THR A 21 25.81 15.87 71.00
N PRO A 22 26.03 14.75 70.32
CA PRO A 22 26.70 14.77 69.02
C PRO A 22 25.89 15.46 67.93
N VAL A 23 26.58 16.15 67.03
CA VAL A 23 25.97 17.03 66.00
C VAL A 23 24.98 16.32 65.11
N GLY A 24 25.16 15.01 64.97
CA GLY A 24 24.30 14.21 64.13
C GLY A 24 22.96 13.82 64.76
N GLN A 25 22.89 13.90 66.10
CA GLN A 25 21.67 13.56 66.82
C GLN A 25 20.57 14.57 66.56
N LYS A 26 19.43 14.07 66.09
CA LYS A 26 18.24 14.92 65.98
C LYS A 26 17.62 15.03 67.38
N ILE A 27 17.75 16.20 68.01
CA ILE A 27 17.12 16.42 69.31
C ILE A 27 15.62 16.62 69.14
N ASN A 28 14.86 15.73 69.76
CA ASN A 28 13.39 15.71 69.69
C ASN A 28 12.76 16.60 70.77
N GLY A 29 12.08 17.66 70.36
CA GLY A 29 11.45 18.56 71.31
C GLY A 29 10.02 18.17 71.68
N ASN A 30 9.59 17.01 71.19
CA ASN A 30 8.26 16.47 71.51
C ASN A 30 7.06 17.38 71.26
N GLY A 31 7.10 18.17 70.17
CA GLY A 31 5.98 19.00 69.76
C GLY A 31 5.75 20.18 70.68
N LYS A 32 6.72 20.47 71.56
CA LYS A 32 6.64 21.57 72.51
C LYS A 32 7.25 22.85 71.97
N THR A 33 6.94 23.94 72.65
CA THR A 33 7.41 25.26 72.26
C THR A 33 8.38 25.75 73.29
N TYR A 34 9.57 26.18 72.87
CA TYR A 34 10.63 26.61 73.79
C TYR A 34 10.95 28.09 73.60
N LYS A 35 10.79 28.88 74.66
CA LYS A 35 11.08 30.30 74.62
C LYS A 35 12.57 30.46 74.65
N VAL A 36 13.11 31.33 73.79
CA VAL A 36 14.55 31.63 73.81
C VAL A 36 14.82 33.11 73.69
N THR A 37 16.04 33.51 74.04
CA THR A 37 16.48 34.90 73.91
C THR A 37 17.32 35.11 72.64
N SER A 38 17.71 33.99 72.00
CA SER A 38 18.32 33.97 70.68
C SER A 38 18.03 32.60 70.07
N LEU A 39 17.84 32.56 68.76
CA LEU A 39 17.63 31.30 68.10
C LEU A 39 18.91 30.44 68.15
N PRO A 40 18.74 29.19 68.58
CA PRO A 40 19.81 28.19 68.57
C PRO A 40 20.02 27.60 67.20
N ASP A 41 20.77 26.51 67.12
CA ASP A 41 21.00 25.78 65.87
C ASP A 41 19.73 24.96 65.52
N ILE A 42 18.78 25.62 64.84
CA ILE A 42 17.49 25.02 64.51
C ILE A 42 17.61 23.69 63.75
N SER A 43 18.65 23.56 62.94
CA SER A 43 18.84 22.38 62.11
C SER A 43 19.12 21.11 62.93
N ARG A 44 19.43 21.29 64.21
CA ARG A 44 19.76 20.13 65.02
C ARG A 44 18.53 19.55 65.75
N PHE A 45 17.39 20.22 65.61
CA PHE A 45 16.14 19.78 66.25
C PHE A 45 15.14 19.16 65.30
N ILE A 46 14.37 18.19 65.77
CA ILE A 46 13.13 17.80 65.07
C ILE A 46 11.95 18.03 66.01
N ASN A 47 10.77 18.22 65.44
CA ASN A 47 9.55 18.27 66.23
C ASN A 47 9.66 19.29 67.36
N THR A 48 10.12 20.50 67.01
CA THR A 48 10.41 21.53 67.99
C THR A 48 9.93 22.86 67.44
N ARG A 49 9.29 23.66 68.29
CA ARG A 49 8.97 25.04 67.96
C ARG A 49 9.67 26.03 68.92
N PHE A 50 10.11 27.16 68.40
CA PHE A 50 10.73 28.17 69.22
C PHE A 50 9.89 29.46 69.26
N VAL A 51 9.76 30.05 70.44
CA VAL A 51 9.22 31.40 70.58
C VAL A 51 10.37 32.32 70.80
N TYR A 52 10.45 33.38 69.99
CA TYR A 52 11.60 34.26 70.04
C TYR A 52 11.13 35.67 69.74
N GLU A 53 11.64 36.63 70.53
CA GLU A 53 11.32 38.02 70.36
C GLU A 53 12.53 38.76 69.79
N ARG A 54 12.65 38.73 68.45
CA ARG A 54 13.67 39.47 67.71
C ARG A 54 13.56 40.93 68.11
N ILE A 55 12.34 41.43 67.98
CA ILE A 55 12.00 42.76 68.43
C ILE A 55 11.24 42.56 69.72
N PRO A 56 11.71 43.12 70.85
CA PRO A 56 11.01 42.92 72.14
C PRO A 56 9.57 43.34 72.04
N GLY A 57 8.74 42.49 72.62
CA GLY A 57 7.30 42.69 72.61
C GLY A 57 6.58 42.05 71.42
N GLN A 58 7.34 41.53 70.46
CA GLN A 58 6.72 40.88 69.29
C GLN A 58 7.21 39.45 69.11
N PRO A 59 6.63 38.53 69.86
CA PRO A 59 7.00 37.11 69.74
C PRO A 59 6.59 36.54 68.42
N LEU A 60 7.53 35.82 67.80
CA LEU A 60 7.27 35.07 66.58
C LEU A 60 7.69 33.64 66.81
N TYR A 61 7.21 32.72 65.99
CA TYR A 61 7.44 31.30 66.25
C TYR A 61 8.25 30.68 65.11
N TYR A 62 9.08 29.70 65.44
CA TYR A 62 10.01 29.14 64.48
C TYR A 62 10.01 27.63 64.52
N ALA A 63 9.71 27.00 63.39
CA ALA A 63 9.54 25.56 63.32
C ALA A 63 10.80 24.86 62.88
N SER A 64 11.23 23.86 63.65
CA SER A 64 12.30 22.97 63.23
C SER A 64 11.73 22.03 62.18
N GLU A 65 12.61 21.27 61.52
CA GLU A 65 12.14 20.22 60.61
C GLU A 65 11.21 19.27 61.37
N GLU A 66 10.14 18.86 60.71
CA GLU A 66 9.20 17.89 61.22
C GLU A 66 8.27 18.43 62.29
N PHE A 67 8.34 19.72 62.62
CA PHE A 67 7.32 20.31 63.48
C PHE A 67 5.94 20.32 62.86
N VAL A 68 5.87 20.79 61.62
CA VAL A 68 4.65 20.62 60.84
C VAL A 68 4.94 19.60 59.76
N GLN A 69 3.92 18.92 59.26
CA GLN A 69 4.09 18.03 58.12
C GLN A 69 4.00 18.88 56.85
N GLY A 70 5.15 19.30 56.33
CA GLY A 70 5.16 20.24 55.23
C GLY A 70 6.43 20.20 54.43
N GLU A 71 6.37 20.76 53.23
CA GLU A 71 7.53 20.73 52.35
C GLU A 71 7.46 21.89 51.37
N LEU A 72 8.62 22.50 51.11
CA LEU A 72 8.72 23.55 50.08
C LEU A 72 9.09 22.96 48.71
N PHE A 73 8.36 23.39 47.68
CA PHE A 73 8.73 23.06 46.30
C PHE A 73 9.13 24.30 45.49
N LYS A 74 10.06 24.15 44.55
CA LYS A 74 10.30 25.22 43.57
C LYS A 74 9.53 24.79 42.35
N ILE A 75 8.65 25.65 41.82
CA ILE A 75 7.67 25.21 40.80
C ILE A 75 7.80 25.93 39.45
N THR A 76 8.55 27.04 39.41
CA THR A 76 9.02 27.59 38.13
C THR A 76 10.52 27.85 38.14
N ASP A 77 11.09 27.95 36.93
CA ASP A 77 12.51 28.18 36.73
C ASP A 77 12.77 28.74 35.35
N THR A 78 12.49 30.02 35.21
CA THR A 78 12.31 30.71 33.94
C THR A 78 13.08 32.02 34.06
N PRO A 79 13.67 32.51 32.99
CA PRO A 79 14.36 33.81 33.04
C PRO A 79 13.45 35.05 33.22
N TYR A 80 12.15 34.93 33.02
CA TYR A 80 11.28 36.06 33.30
C TYR A 80 11.25 36.36 34.78
N TYR A 81 10.82 37.58 35.09
CA TYR A 81 10.54 38.00 36.46
C TYR A 81 9.21 37.36 36.80
N ASN A 82 9.28 36.26 37.55
CA ASN A 82 8.10 35.45 37.83
C ASN A 82 7.61 35.68 39.24
N ALA A 83 6.43 36.26 39.37
CA ALA A 83 5.97 36.67 40.68
C ALA A 83 4.49 36.93 40.63
N TRP A 84 3.90 37.37 41.73
CA TRP A 84 2.47 37.68 41.82
C TRP A 84 1.50 36.54 41.51
N PRO A 85 1.60 35.38 42.16
CA PRO A 85 0.47 34.43 42.17
C PRO A 85 -0.80 35.12 42.71
N GLN A 86 -0.60 36.10 43.57
CA GLN A 86 -1.70 36.87 44.15
C GLN A 86 -2.74 37.31 43.12
N ASP A 87 -4.00 36.98 43.34
CA ASP A 87 -4.45 35.89 44.22
C ASP A 87 -5.36 35.07 43.30
N LYS A 88 -4.73 34.19 42.53
CA LYS A 88 -5.34 33.58 41.35
C LYS A 88 -5.40 32.06 41.41
N ALA A 89 -4.79 31.45 42.41
CA ALA A 89 -4.71 30.00 42.41
C ALA A 89 -6.06 29.36 42.61
N PHE A 90 -6.22 28.17 42.08
CA PHE A 90 -7.49 27.44 42.23
C PHE A 90 -7.21 25.99 41.87
N VAL A 91 -8.08 25.09 42.31
CA VAL A 91 -8.01 23.73 41.82
C VAL A 91 -9.28 23.45 41.06
N TYR A 92 -9.11 22.72 39.96
CA TYR A 92 -10.21 22.27 39.14
C TYR A 92 -9.96 20.84 38.68
N GLU A 93 -10.96 19.96 38.90
CA GLU A 93 -10.92 18.56 38.51
C GLU A 93 -9.54 17.96 38.74
N ASN A 94 -9.09 18.02 39.99
CA ASN A 94 -7.85 17.38 40.45
C ASN A 94 -6.55 18.05 40.07
N VAL A 95 -6.60 19.04 39.19
CA VAL A 95 -5.41 19.79 38.77
C VAL A 95 -5.26 21.05 39.60
N ILE A 96 -4.06 21.29 40.13
CA ILE A 96 -3.77 22.54 40.86
C ILE A 96 -3.19 23.56 39.91
N TYR A 97 -3.81 24.73 39.86
CA TYR A 97 -3.36 25.81 38.99
C TYR A 97 -2.67 26.92 39.75
N ALA A 98 -1.51 27.34 39.28
CA ALA A 98 -0.77 28.45 39.90
C ALA A 98 -0.51 29.58 38.88
N PRO A 99 -1.50 30.44 38.67
CA PRO A 99 -1.34 31.54 37.73
C PRO A 99 -0.45 32.59 38.33
N TYR A 100 0.14 33.39 37.46
CA TYR A 100 1.02 34.45 37.89
C TYR A 100 1.27 35.38 36.73
N MET A 101 2.15 36.35 36.95
CA MET A 101 2.62 37.19 35.85
C MET A 101 4.11 36.99 35.68
N GLY A 102 4.51 36.73 34.44
CA GLY A 102 5.90 36.67 34.07
C GLY A 102 6.20 37.92 33.24
N SER A 103 7.02 38.81 33.80
CA SER A 103 7.35 40.09 33.17
C SER A 103 8.87 40.26 33.20
N ASP A 104 9.33 41.51 33.07
CA ASP A 104 10.76 41.84 33.29
C ASP A 104 10.99 42.77 34.48
N ARG A 105 9.91 43.15 35.15
CA ARG A 105 9.97 44.06 36.29
C ARG A 105 8.65 44.17 37.08
N HIS A 106 8.67 45.01 38.12
CA HIS A 106 7.42 45.44 38.74
C HIS A 106 6.68 46.34 37.77
N GLY A 107 5.92 45.74 36.86
CA GLY A 107 5.28 46.51 35.80
C GLY A 107 4.85 45.58 34.69
N VAL A 108 4.19 46.11 33.69
CA VAL A 108 3.58 45.29 32.64
C VAL A 108 4.45 45.06 31.41
N SER A 109 5.64 45.64 31.40
CA SER A 109 6.65 45.44 30.37
C SER A 109 6.98 43.94 30.18
N ARG A 110 6.91 43.49 28.93
CA ARG A 110 7.20 42.10 28.55
C ARG A 110 6.34 41.10 29.29
N LEU A 111 5.22 41.56 29.85
CA LEU A 111 4.42 40.73 30.74
C LEU A 111 3.45 39.78 30.02
N HIS A 112 3.41 38.52 30.46
CA HIS A 112 2.35 37.59 30.07
C HIS A 112 1.67 37.09 31.36
N VAL A 113 0.34 37.11 31.41
CA VAL A 113 -0.38 36.39 32.45
C VAL A 113 -0.15 34.93 32.13
N SER A 114 0.30 34.16 33.11
CA SER A 114 0.77 32.79 32.87
C SER A 114 0.27 31.88 33.95
N TRP A 115 0.42 30.57 33.76
CA TRP A 115 0.29 29.63 34.85
C TRP A 115 1.17 28.41 34.63
N VAL A 116 1.44 27.71 35.73
CA VAL A 116 1.97 26.35 35.70
C VAL A 116 0.97 25.55 36.51
N LYS A 117 0.87 24.25 36.23
CA LYS A 117 -0.15 23.43 36.87
C LYS A 117 0.53 22.19 37.39
N SER A 118 -0.07 21.57 38.40
CA SER A 118 0.41 20.29 38.89
C SER A 118 -0.65 19.21 38.66
N GLY A 119 -0.21 18.08 38.11
CA GLY A 119 -1.06 16.92 37.95
C GLY A 119 -0.87 15.84 39.00
N ASP A 120 -0.05 16.12 40.01
CA ASP A 120 0.37 15.09 40.92
C ASP A 120 0.43 15.60 42.36
N ASP A 121 -0.53 16.47 42.68
CA ASP A 121 -0.71 17.00 44.04
C ASP A 121 0.51 17.80 44.46
N GLY A 122 1.15 18.46 43.50
CA GLY A 122 2.23 19.40 43.78
C GLY A 122 3.66 18.89 43.71
N GLN A 123 3.86 17.60 43.43
CA GLN A 123 5.21 17.07 43.33
C GLN A 123 5.97 17.66 42.13
N THR A 124 5.22 17.96 41.08
CA THR A 124 5.79 18.21 39.77
C THR A 124 4.92 19.21 39.04
N TRP A 125 5.51 20.09 38.28
CA TRP A 125 4.73 21.14 37.66
C TRP A 125 5.00 21.25 36.17
N SER A 126 4.07 21.88 35.45
CA SER A 126 4.05 21.91 33.99
C SER A 126 4.89 23.03 33.43
N THR A 127 5.16 22.94 32.13
CA THR A 127 5.78 24.01 31.38
C THR A 127 4.83 25.19 31.38
N PRO A 128 5.35 26.37 31.72
CA PRO A 128 4.56 27.60 31.71
C PRO A 128 3.74 27.82 30.43
N GLU A 129 2.52 28.30 30.59
CA GLU A 129 1.62 28.63 29.48
C GLU A 129 1.24 30.08 29.53
N TRP A 130 1.32 30.77 28.41
CA TRP A 130 0.87 32.15 28.36
C TRP A 130 -0.62 32.20 28.12
N LEU A 131 -1.33 32.89 28.99
CA LEU A 131 -2.79 33.01 28.90
C LEU A 131 -3.20 34.24 28.11
N THR A 132 -2.35 35.25 28.16
CA THR A 132 -2.56 36.46 27.38
C THR A 132 -1.36 36.72 26.48
N ASP A 133 -1.64 37.38 25.34
CA ASP A 133 -0.60 37.89 24.44
C ASP A 133 -0.26 39.27 24.90
N LEU A 134 0.82 39.84 24.35
CA LEU A 134 1.04 41.27 24.57
C LEU A 134 -0.11 42.03 23.93
N HIS A 135 -0.50 43.11 24.59
CA HIS A 135 -1.61 43.95 24.18
C HIS A 135 -1.41 44.50 22.77
N PRO A 136 -2.48 44.66 21.98
CA PRO A 136 -2.38 45.18 20.61
C PRO A 136 -1.57 46.48 20.58
N ASP A 137 -1.73 47.25 21.64
CA ASP A 137 -1.11 48.58 21.74
C ASP A 137 0.22 48.61 22.51
N TYR A 138 0.80 47.43 22.75
CA TYR A 138 2.17 47.35 23.26
C TYR A 138 3.04 48.12 22.28
N PRO A 139 4.04 48.88 22.78
CA PRO A 139 4.40 48.95 24.21
C PRO A 139 3.87 50.13 24.96
N THR A 140 2.74 50.72 24.56
CA THR A 140 2.12 51.77 25.39
C THR A 140 1.46 51.20 26.65
N VAL A 141 0.80 50.06 26.50
CA VAL A 141 0.01 49.43 27.56
C VAL A 141 0.16 47.92 27.46
N ASN A 142 -0.16 47.22 28.54
CA ASN A 142 -0.14 45.77 28.50
C ASN A 142 -1.06 45.23 29.58
N TYR A 143 -1.40 43.96 29.48
CA TYR A 143 -2.26 43.29 30.44
C TYR A 143 -1.63 43.05 31.82
N HIS A 144 -2.49 42.69 32.77
CA HIS A 144 -2.15 42.53 34.16
C HIS A 144 -3.34 41.82 34.78
N CYS A 145 -3.09 40.95 35.76
CA CYS A 145 -4.19 40.24 36.39
C CYS A 145 -3.82 39.76 37.80
N MET A 146 -4.67 40.09 38.75
CA MET A 146 -4.52 39.56 40.10
C MET A 146 -5.79 38.91 40.66
N SER A 147 -6.78 38.69 39.78
CA SER A 147 -8.05 38.09 40.14
C SER A 147 -8.55 37.09 39.10
N MET A 148 -8.58 35.82 39.48
CA MET A 148 -8.88 34.76 38.57
C MET A 148 -9.48 33.64 39.40
N GLY A 149 -10.47 32.95 38.86
CA GLY A 149 -11.06 31.82 39.53
C GLY A 149 -12.01 31.05 38.63
N VAL A 150 -12.66 30.03 39.20
CA VAL A 150 -13.59 29.22 38.46
C VAL A 150 -14.98 29.31 39.05
N CYS A 151 -15.97 29.53 38.20
CA CYS A 151 -17.34 29.53 38.62
C CYS A 151 -18.15 28.74 37.58
N ARG A 152 -18.77 27.65 38.04
CA ARG A 152 -19.60 26.79 37.20
C ARG A 152 -18.90 26.41 35.91
N ASN A 153 -17.70 25.86 36.08
CA ASN A 153 -16.90 25.31 34.99
C ASN A 153 -16.39 26.30 33.96
N ARG A 154 -16.42 27.59 34.27
CA ARG A 154 -15.70 28.56 33.43
C ARG A 154 -14.62 29.22 34.25
N LEU A 155 -13.49 29.54 33.61
CA LEU A 155 -12.52 30.43 34.21
C LEU A 155 -12.98 31.85 34.01
N PHE A 156 -12.88 32.66 35.07
CA PHE A 156 -13.17 34.09 35.01
C PHE A 156 -11.95 34.81 35.48
N ALA A 157 -11.63 35.90 34.80
CA ALA A 157 -10.42 36.67 35.09
C ALA A 157 -10.72 38.12 34.90
N MET A 158 -10.25 38.96 35.81
CA MET A 158 -10.29 40.38 35.57
C MET A 158 -8.95 40.74 34.91
N ILE A 159 -9.03 40.91 33.59
CA ILE A 159 -7.89 41.30 32.80
C ILE A 159 -7.84 42.83 32.74
N GLU A 160 -6.83 43.43 33.38
CA GLU A 160 -6.66 44.86 33.34
C GLU A 160 -5.67 45.29 32.27
N THR A 161 -5.85 46.50 31.76
CA THR A 161 -4.86 47.18 30.92
C THR A 161 -4.17 48.25 31.77
N ARG A 162 -2.85 48.22 31.80
CA ARG A 162 -2.08 49.26 32.50
C ARG A 162 -0.94 49.81 31.63
N THR A 163 -0.59 51.08 31.87
CA THR A 163 0.51 51.70 31.11
C THR A 163 1.89 51.11 31.49
N LEU A 164 2.76 50.94 30.51
CA LEU A 164 4.13 50.61 30.82
C LEU A 164 4.79 51.76 31.57
N ALA A 165 4.46 52.98 31.17
CA ALA A 165 5.16 54.13 31.75
C ALA A 165 5.02 54.22 33.29
N LYS A 166 3.81 54.06 33.83
CA LYS A 166 3.57 54.28 35.27
C LYS A 166 2.81 53.17 35.97
N ASN A 167 2.50 52.10 35.22
CA ASN A 167 1.64 51.04 35.69
C ASN A 167 0.25 51.57 36.10
N ALA A 168 -0.22 52.61 35.39
CA ALA A 168 -1.53 53.21 35.67
C ALA A 168 -2.65 52.42 35.02
N LEU A 169 -3.73 52.19 35.77
CA LEU A 169 -4.86 51.40 35.28
C LEU A 169 -5.64 52.16 34.20
N THR A 170 -6.01 51.45 33.13
CA THR A 170 -6.55 52.09 31.95
C THR A 170 -7.89 51.51 31.56
N ASN A 171 -8.09 50.24 31.89
CA ASN A 171 -9.26 49.49 31.47
C ASN A 171 -9.42 48.24 32.31
N CYS A 172 -10.66 47.93 32.66
CA CYS A 172 -10.94 46.63 33.26
C CYS A 172 -11.88 45.82 32.35
N ALA A 173 -11.54 44.55 32.14
CA ALA A 173 -12.41 43.65 31.40
C ALA A 173 -12.55 42.32 32.12
N LEU A 174 -13.75 41.76 32.09
CA LEU A 174 -13.97 40.43 32.59
C LEU A 174 -13.83 39.48 31.38
N TRP A 175 -12.83 38.61 31.43
CA TRP A 175 -12.69 37.57 30.44
C TRP A 175 -13.09 36.24 31.06
N ASP A 176 -13.85 35.44 30.33
CA ASP A 176 -14.12 34.07 30.75
C ASP A 176 -14.10 33.07 29.61
N ARG A 177 -13.92 31.80 29.96
CA ARG A 177 -13.72 30.73 28.99
C ARG A 177 -14.15 29.46 29.70
N PRO A 178 -14.68 28.49 28.96
CA PRO A 178 -15.07 27.21 29.56
C PRO A 178 -13.80 26.40 29.89
N MET A 179 -13.80 25.63 30.96
CA MET A 179 -12.64 24.81 31.28
C MET A 179 -12.76 23.48 30.53
N SER A 180 -11.64 22.92 30.11
CA SER A 180 -11.63 21.60 29.50
C SER A 180 -12.00 20.50 30.49
N ARG A 181 -12.94 19.63 30.08
CA ARG A 181 -13.37 18.47 30.87
C ARG A 181 -13.79 17.32 29.96
N SER A 182 -13.77 16.12 30.53
CA SER A 182 -14.36 14.97 29.89
C SER A 182 -15.53 14.52 30.77
N LEU A 183 -16.70 14.41 30.14
CA LEU A 183 -17.89 13.92 30.81
C LEU A 183 -18.29 12.56 30.26
N HIS A 184 -18.60 11.65 31.20
CA HIS A 184 -19.07 10.31 30.88
C HIS A 184 -20.52 10.22 31.34
N LEU A 185 -21.42 10.33 30.37
CA LEU A 185 -22.84 10.52 30.63
C LEU A 185 -23.72 9.36 30.15
N THR A 186 -25.00 9.37 30.53
CA THR A 186 -25.98 8.37 30.10
C THR A 186 -27.30 9.03 29.70
N GLY A 187 -27.60 8.98 28.42
CA GLY A 187 -28.75 9.69 27.89
C GLY A 187 -28.55 11.20 27.93
N GLY A 188 -29.63 11.92 27.66
CA GLY A 188 -29.61 13.37 27.61
C GLY A 188 -29.68 13.99 26.22
N ILE A 189 -29.43 13.22 25.17
CA ILE A 189 -29.48 13.79 23.82
C ILE A 189 -30.82 13.49 23.12
N THR A 190 -31.49 14.55 22.64
CA THR A 190 -32.70 14.40 21.81
C THR A 190 -32.63 15.18 20.50
N LYS A 191 -33.21 14.62 19.44
CA LYS A 191 -33.31 15.27 18.14
C LYS A 191 -34.72 15.09 17.58
N ALA A 192 -35.52 16.16 17.58
CA ALA A 192 -36.86 16.09 16.97
C ALA A 192 -36.75 15.90 15.45
N ALA A 193 -37.77 15.27 14.87
CA ALA A 193 -37.79 14.97 13.43
C ALA A 193 -38.04 16.21 12.60
N ASN A 194 -37.44 16.19 11.41
CA ASN A 194 -37.61 17.17 10.32
C ASN A 194 -37.05 18.56 10.57
N GLN A 195 -35.94 18.57 11.32
CA GLN A 195 -35.14 19.73 11.64
C GLN A 195 -33.77 19.21 12.14
N ARG A 196 -32.74 20.07 12.13
CA ARG A 196 -31.34 19.65 12.35
C ARG A 196 -30.71 19.88 13.75
N TYR A 197 -31.44 20.51 14.67
CA TYR A 197 -30.89 20.77 15.98
C TYR A 197 -31.01 19.55 16.92
N ALA A 198 -30.03 19.33 17.77
CA ALA A 198 -30.14 18.31 18.80
C ALA A 198 -29.98 19.05 20.09
N THR A 199 -30.71 18.63 21.12
CA THR A 199 -30.49 19.24 22.41
C THR A 199 -29.75 18.31 23.40
N ILE A 200 -28.76 18.91 24.09
CA ILE A 200 -27.89 18.20 25.03
C ILE A 200 -28.22 18.63 26.45
N HIS A 201 -28.60 17.66 27.30
CA HIS A 201 -28.81 17.94 28.71
C HIS A 201 -27.52 17.66 29.47
N VAL A 202 -26.85 18.74 29.85
CA VAL A 202 -25.65 18.69 30.66
C VAL A 202 -25.83 19.70 31.79
N PRO A 203 -26.08 19.21 33.01
CA PRO A 203 -26.26 20.06 34.21
C PRO A 203 -25.11 21.08 34.40
N ASP A 204 -25.45 22.35 34.54
CA ASP A 204 -24.46 23.39 34.80
C ASP A 204 -23.29 23.30 33.84
N HIS A 205 -23.59 23.18 32.55
CA HIS A 205 -22.52 23.03 31.56
C HIS A 205 -21.59 24.22 31.47
N GLY A 206 -22.13 25.41 31.71
CA GLY A 206 -21.39 26.66 31.62
C GLY A 206 -20.87 27.02 30.25
N LEU A 207 -21.52 26.54 29.20
CA LEU A 207 -21.09 26.81 27.83
C LEU A 207 -21.90 27.96 27.24
N PHE A 208 -21.31 28.64 26.27
CA PHE A 208 -21.99 29.69 25.52
C PHE A 208 -22.03 29.33 24.04
N VAL A 209 -22.86 30.06 23.30
CA VAL A 209 -22.90 29.89 21.85
C VAL A 209 -21.48 29.99 21.28
N GLY A 210 -21.12 29.03 20.44
CA GLY A 210 -19.82 29.01 19.80
C GLY A 210 -18.72 28.29 20.55
N ASP A 211 -19.00 27.82 21.76
CA ASP A 211 -18.00 27.08 22.52
C ASP A 211 -17.86 25.65 21.97
N PHE A 212 -16.66 25.10 22.12
CA PHE A 212 -16.33 23.79 21.63
C PHE A 212 -16.98 22.67 22.41
N VAL A 213 -17.56 21.71 21.70
CA VAL A 213 -18.03 20.46 22.28
C VAL A 213 -17.70 19.29 21.34
N ASN A 214 -17.15 18.20 21.89
CA ASN A 214 -16.89 17.02 21.08
C ASN A 214 -17.66 15.84 21.65
N PHE A 215 -18.17 14.99 20.75
CA PHE A 215 -19.06 13.86 21.11
C PHE A 215 -18.56 12.48 20.71
N SER A 216 -18.69 11.48 21.58
CA SER A 216 -18.36 10.09 21.26
C SER A 216 -19.50 9.20 21.64
N ASN A 217 -19.77 8.19 20.81
CA ASN A 217 -20.70 7.12 21.17
C ASN A 217 -22.08 7.66 21.56
N SER A 218 -22.46 8.81 21.00
CA SER A 218 -23.75 9.48 21.28
C SER A 218 -24.99 8.66 20.93
N ALA A 219 -24.90 7.87 19.87
CA ALA A 219 -26.00 7.07 19.36
C ALA A 219 -27.14 7.95 18.82
N VAL A 220 -26.83 9.21 18.55
CA VAL A 220 -27.79 10.08 17.90
C VAL A 220 -27.14 10.58 16.63
N THR A 221 -27.71 10.19 15.51
CA THR A 221 -27.13 10.53 14.21
C THR A 221 -26.82 12.02 14.13
N GLY A 222 -25.63 12.35 13.64
CA GLY A 222 -25.22 13.73 13.49
C GLY A 222 -24.49 14.35 14.68
N VAL A 223 -24.74 13.84 15.89
CA VAL A 223 -24.10 14.37 17.08
C VAL A 223 -22.83 13.53 17.28
N SER A 224 -21.74 14.04 16.73
CA SER A 224 -20.53 13.25 16.54
C SER A 224 -19.30 14.13 16.32
N GLY A 225 -18.19 13.81 16.97
CA GLY A 225 -16.93 14.50 16.71
C GLY A 225 -16.88 15.94 17.21
N ASP A 226 -16.06 16.77 16.59
CA ASP A 226 -15.92 18.18 16.95
C ASP A 226 -17.10 19.00 16.50
N MET A 227 -17.76 19.67 17.44
CA MET A 227 -18.89 20.52 17.11
C MET A 227 -18.81 21.78 17.97
N THR A 228 -19.72 22.74 17.73
CA THR A 228 -19.87 23.90 18.58
C THR A 228 -21.29 24.00 19.10
N VAL A 229 -21.45 24.66 20.24
CA VAL A 229 -22.78 24.98 20.82
C VAL A 229 -23.50 25.97 19.90
N ALA A 230 -24.70 25.64 19.46
CA ALA A 230 -25.48 26.48 18.52
C ALA A 230 -26.40 27.47 19.23
N THR A 231 -27.10 27.00 20.27
CA THR A 231 -27.86 27.87 21.13
C THR A 231 -27.77 27.29 22.54
N VAL A 232 -28.06 28.10 23.56
CA VAL A 232 -28.18 27.58 24.94
C VAL A 232 -29.60 27.83 25.44
N ILE A 233 -30.27 26.75 25.79
CA ILE A 233 -31.66 26.79 26.18
C ILE A 233 -31.76 27.33 27.63
N ASP A 234 -30.98 26.72 28.52
CA ASP A 234 -30.86 27.15 29.92
C ASP A 234 -29.57 26.64 30.51
N LYS A 235 -29.38 26.85 31.80
CA LYS A 235 -28.11 26.48 32.43
C LYS A 235 -27.80 24.98 32.32
N ASP A 236 -28.81 24.16 32.05
CA ASP A 236 -28.63 22.71 31.97
C ASP A 236 -28.76 22.08 30.57
N ASN A 237 -29.15 22.88 29.58
CA ASN A 237 -29.40 22.38 28.23
C ASN A 237 -28.91 23.35 27.18
N PHE A 238 -28.39 22.77 26.09
CA PHE A 238 -27.95 23.53 24.94
C PHE A 238 -28.18 22.68 23.70
N THR A 239 -27.99 23.26 22.52
CA THR A 239 -28.16 22.56 21.25
C THR A 239 -26.91 22.61 20.38
N VAL A 240 -26.72 21.57 19.57
CA VAL A 240 -25.75 21.62 18.47
C VAL A 240 -26.55 21.50 17.18
N LEU A 241 -26.09 22.17 16.13
CA LEU A 241 -26.72 22.10 14.81
C LEU A 241 -26.07 21.04 13.93
N THR A 242 -26.73 19.88 13.79
CA THR A 242 -26.22 18.80 12.90
C THR A 242 -26.29 19.11 11.39
N PRO A 243 -25.77 18.23 10.56
CA PRO A 243 -25.71 18.51 9.13
C PRO A 243 -26.87 17.88 8.38
N ASN A 244 -27.72 17.15 9.10
CA ASN A 244 -28.76 16.34 8.46
C ASN A 244 -30.06 16.32 9.28
N GLN A 245 -31.18 16.10 8.60
CA GLN A 245 -32.42 15.90 9.32
C GLN A 245 -33.03 14.52 9.05
N GLN A 246 -33.73 13.96 10.03
CA GLN A 246 -34.45 12.68 9.87
C GLN A 246 -35.94 12.74 10.17
N THR A 247 -36.68 11.72 9.74
CA THR A 247 -38.13 11.75 9.83
C THR A 247 -38.68 10.98 11.05
N SER A 248 -37.81 10.72 12.02
CA SER A 248 -38.22 10.17 13.31
C SER A 248 -37.38 10.77 14.45
N ASP A 249 -38.03 11.00 15.58
CA ASP A 249 -37.40 11.52 16.79
C ASP A 249 -36.29 10.58 17.26
N LEU A 250 -35.08 11.10 17.45
CA LEU A 250 -34.04 10.34 18.16
C LEU A 250 -33.97 10.70 19.65
N ASN A 251 -33.51 9.75 20.48
CA ASN A 251 -33.43 9.93 21.94
C ASN A 251 -32.52 8.86 22.57
N ASN A 252 -31.25 9.22 22.75
CA ASN A 252 -30.23 8.32 23.31
C ASN A 252 -30.33 7.88 24.81
N ALA A 253 -31.50 8.06 25.43
CA ALA A 253 -31.70 7.62 26.81
C ALA A 253 -31.17 6.21 27.06
N GLY A 254 -30.57 5.99 28.23
CA GLY A 254 -30.12 4.65 28.62
C GLY A 254 -28.73 4.33 28.06
N LYS A 255 -28.23 5.18 27.17
CA LYS A 255 -26.95 4.94 26.51
C LYS A 255 -25.77 5.76 27.09
N ASN A 256 -24.63 5.10 27.25
CA ASN A 256 -23.43 5.72 27.76
C ASN A 256 -22.67 6.38 26.64
N TRP A 257 -22.38 7.67 26.79
CA TRP A 257 -21.61 8.37 25.80
C TRP A 257 -20.61 9.35 26.47
N HIS A 258 -19.96 10.19 25.68
CA HIS A 258 -18.89 11.04 26.19
C HIS A 258 -18.89 12.44 25.56
N MET A 259 -18.70 13.47 26.38
CA MET A 259 -18.39 14.85 25.95
C MET A 259 -17.14 15.24 26.75
N GLY A 260 -16.24 16.13 26.32
CA GLY A 260 -16.30 16.92 25.12
C GLY A 260 -15.93 18.41 25.19
N THR A 261 -15.37 19.00 26.25
CA THR A 261 -15.13 20.49 26.15
C THR A 261 -13.68 20.92 26.03
N SER A 262 -13.42 22.19 25.70
CA SER A 262 -12.04 22.66 25.54
C SER A 262 -11.88 24.15 25.78
N PHE A 263 -11.00 24.47 26.70
CA PHE A 263 -10.58 25.83 26.98
C PHE A 263 -9.94 26.44 25.72
N HIS A 264 -9.12 25.65 25.03
CA HIS A 264 -8.27 26.20 24.02
C HIS A 264 -8.97 26.38 22.68
N LYS A 265 -10.03 25.64 22.43
CA LYS A 265 -10.72 25.76 21.15
C LYS A 265 -11.95 26.64 21.31
N SER A 266 -12.16 27.19 22.50
CA SER A 266 -13.29 28.08 22.74
C SER A 266 -12.76 29.49 22.87
N PRO A 267 -13.49 30.46 22.33
CA PRO A 267 -13.03 31.85 22.38
C PRO A 267 -13.24 32.38 23.79
N TRP A 268 -12.44 33.36 24.18
CA TRP A 268 -12.74 34.09 25.41
C TRP A 268 -14.06 34.80 25.20
N ARG A 269 -14.87 34.93 26.25
CA ARG A 269 -15.89 35.98 26.29
C ARG A 269 -15.28 37.18 27.01
N LYS A 270 -15.23 38.34 26.35
CA LYS A 270 -14.64 39.54 26.93
C LYS A 270 -15.68 40.61 27.12
N THR A 271 -15.86 41.03 28.35
CA THR A 271 -16.86 42.02 28.71
C THR A 271 -16.14 43.23 29.22
N ASP A 272 -16.19 44.32 28.45
CA ASP A 272 -15.47 45.54 28.80
C ASP A 272 -16.24 46.26 29.86
N LEU A 273 -15.56 46.53 30.96
CA LEU A 273 -16.18 47.23 32.08
C LEU A 273 -15.72 48.67 32.14
N GLY A 274 -14.94 49.09 31.15
CA GLY A 274 -14.36 50.42 31.13
C GLY A 274 -13.35 50.67 32.25
N LEU A 275 -13.06 51.94 32.51
CA LEU A 275 -12.16 52.26 33.64
C LEU A 275 -13.01 52.35 34.90
N ILE A 276 -13.19 51.23 35.59
CA ILE A 276 -14.02 51.23 36.80
C ILE A 276 -13.53 52.34 37.69
N PRO A 277 -14.40 53.29 38.03
CA PRO A 277 -13.94 54.46 38.78
C PRO A 277 -13.45 54.01 40.14
N SER A 278 -12.47 54.75 40.69
CA SER A 278 -12.06 54.52 42.06
C SER A 278 -11.46 53.13 42.27
N VAL A 279 -10.65 52.66 41.33
CA VAL A 279 -9.98 51.37 41.44
C VAL A 279 -8.50 51.47 41.06
N THR A 280 -7.65 50.90 41.90
CA THR A 280 -6.22 50.81 41.58
C THR A 280 -5.93 49.44 41.01
N GLU A 281 -6.38 48.40 41.71
CA GLU A 281 -6.11 46.99 41.37
C GLU A 281 -7.31 46.14 41.74
N VAL A 282 -7.70 45.22 40.88
CA VAL A 282 -8.67 44.21 41.27
C VAL A 282 -7.89 42.97 41.67
N HIS A 283 -8.20 42.45 42.84
CA HIS A 283 -7.36 41.40 43.42
C HIS A 283 -8.19 40.37 44.18
N SER A 284 -7.91 39.09 43.95
CA SER A 284 -8.55 37.95 44.63
C SER A 284 -9.96 37.59 44.07
N PHE A 285 -10.40 36.38 44.35
CA PHE A 285 -11.58 35.81 43.69
C PHE A 285 -12.28 34.89 44.67
N ALA A 286 -13.56 35.12 44.88
CA ALA A 286 -14.35 34.28 45.77
C ALA A 286 -15.59 33.77 45.08
N THR A 287 -15.61 32.48 44.76
CA THR A 287 -16.81 31.86 44.22
C THR A 287 -17.92 31.93 45.26
N ILE A 288 -19.06 32.48 44.89
CA ILE A 288 -20.20 32.55 45.80
C ILE A 288 -21.10 31.36 45.61
N ASP A 289 -21.48 31.11 44.39
CA ASP A 289 -22.47 30.06 44.12
C ASP A 289 -22.45 29.72 42.62
N ASN A 290 -23.52 29.12 42.15
CA ASN A 290 -23.63 28.64 40.79
C ASN A 290 -23.76 29.74 39.73
N ASN A 291 -24.00 30.98 40.16
CA ASN A 291 -24.28 32.11 39.26
C ASN A 291 -23.22 33.20 39.25
N GLY A 292 -22.47 33.32 40.33
CA GLY A 292 -21.53 34.40 40.42
C GLY A 292 -20.49 34.30 41.51
N PHE A 293 -19.80 35.42 41.69
CA PHE A 293 -18.55 35.45 42.46
C PHE A 293 -18.26 36.86 42.88
N ALA A 294 -17.26 37.01 43.73
CA ALA A 294 -16.77 38.31 44.16
C ALA A 294 -15.28 38.38 43.83
N MET A 295 -14.83 39.59 43.48
CA MET A 295 -13.41 39.89 43.31
C MET A 295 -13.11 41.05 44.24
N GLY A 296 -11.94 41.03 44.87
CA GLY A 296 -11.57 42.14 45.72
C GLY A 296 -10.99 43.30 44.94
N TYR A 297 -10.89 44.44 45.59
CA TYR A 297 -10.28 45.61 44.96
C TYR A 297 -9.80 46.57 46.04
N HIS A 298 -8.93 47.48 45.67
CA HIS A 298 -8.67 48.64 46.48
C HIS A 298 -8.35 49.81 45.60
N GLN A 299 -8.45 50.99 46.17
CA GLN A 299 -8.02 52.21 45.52
C GLN A 299 -7.04 52.87 46.48
N GLY A 300 -5.83 53.14 46.00
CA GLY A 300 -4.78 53.75 46.82
C GLY A 300 -3.98 54.87 46.16
N ASP A 301 -4.46 55.36 45.02
CA ASP A 301 -3.74 56.43 44.31
C ASP A 301 -4.05 57.82 44.94
N VAL A 302 -5.27 58.03 45.42
CA VAL A 302 -5.64 59.32 45.98
C VAL A 302 -6.54 59.13 47.20
N ALA A 303 -6.61 60.16 48.03
CA ALA A 303 -7.49 60.12 49.20
C ALA A 303 -8.97 60.25 48.75
N PRO A 304 -9.88 59.52 49.44
CA PRO A 304 -9.48 58.57 50.47
C PRO A 304 -9.37 57.16 49.86
N ARG A 305 -8.50 56.36 50.47
CA ARG A 305 -8.33 54.94 50.16
C ARG A 305 -9.66 54.21 50.23
N GLU A 306 -9.87 53.22 49.36
CA GLU A 306 -11.01 52.30 49.46
C GLU A 306 -10.48 50.88 49.45
N VAL A 307 -11.13 50.02 50.23
CA VAL A 307 -10.85 48.60 50.15
C VAL A 307 -12.16 47.84 50.22
N GLY A 308 -12.39 46.95 49.27
CA GLY A 308 -13.63 46.19 49.32
C GLY A 308 -13.70 45.08 48.30
N LEU A 309 -14.89 44.89 47.74
CA LEU A 309 -15.09 43.83 46.75
C LEU A 309 -16.13 44.24 45.71
N PHE A 310 -16.10 43.59 44.56
CA PHE A 310 -17.15 43.71 43.57
C PHE A 310 -17.86 42.37 43.47
N TYR A 311 -19.15 42.38 43.72
CA TYR A 311 -19.94 41.17 43.64
C TYR A 311 -20.65 41.08 42.28
N PHE A 312 -20.38 40.02 41.53
CA PHE A 312 -21.07 39.77 40.28
C PHE A 312 -22.10 38.70 40.56
N PRO A 313 -23.35 39.08 40.83
CA PRO A 313 -24.43 38.14 41.18
C PRO A 313 -24.75 37.10 40.11
N ASP A 314 -24.82 37.52 38.86
CA ASP A 314 -25.05 36.59 37.75
C ASP A 314 -24.09 36.89 36.61
N ALA A 315 -22.91 36.31 36.70
CA ALA A 315 -21.83 36.54 35.74
C ALA A 315 -22.10 35.82 34.42
N PHE A 316 -22.98 34.84 34.43
CA PHE A 316 -23.35 34.14 33.21
C PHE A 316 -24.28 34.92 32.29
N ASN A 317 -25.41 35.38 32.83
CA ASN A 317 -26.37 36.16 32.04
C ASN A 317 -25.95 37.62 31.95
N SER A 318 -25.32 38.14 33.01
CA SER A 318 -25.03 39.57 33.09
C SER A 318 -23.65 39.89 33.64
N PRO A 319 -22.63 39.59 32.84
CA PRO A 319 -21.25 39.76 33.27
C PRO A 319 -20.90 41.21 33.58
N SER A 320 -21.66 42.16 33.05
CA SER A 320 -21.32 43.57 33.23
C SER A 320 -21.99 44.21 34.46
N ASN A 321 -22.83 43.45 35.15
CA ASN A 321 -23.51 43.90 36.36
C ASN A 321 -22.78 43.44 37.65
N TYR A 322 -22.37 44.40 38.47
CA TYR A 322 -21.68 44.11 39.72
C TYR A 322 -22.05 45.20 40.72
N VAL A 323 -21.81 44.93 41.99
CA VAL A 323 -22.08 45.88 43.04
C VAL A 323 -20.83 46.07 43.90
N ARG A 324 -20.48 47.32 44.19
CA ARG A 324 -19.34 47.55 45.07
C ARG A 324 -19.72 47.56 46.54
N ARG A 325 -18.87 46.94 47.33
CA ARG A 325 -19.08 46.93 48.78
C ARG A 325 -17.75 47.12 49.44
N GLN A 326 -17.73 48.00 50.42
CA GLN A 326 -16.52 48.41 51.11
C GLN A 326 -16.47 47.85 52.50
N ILE A 327 -15.26 47.53 52.95
CA ILE A 327 -15.02 47.19 54.36
C ILE A 327 -15.27 48.45 55.20
N PRO A 328 -15.42 48.29 56.51
CA PRO A 328 -15.64 49.46 57.41
C PRO A 328 -14.51 50.50 57.27
N SER A 329 -14.87 51.78 57.30
CA SER A 329 -13.97 52.86 56.86
C SER A 329 -12.75 53.07 57.76
N GLU A 330 -12.84 52.65 59.03
CA GLU A 330 -11.68 52.69 59.91
C GLU A 330 -10.56 51.68 59.53
N TYR A 331 -10.89 50.65 58.73
CA TYR A 331 -9.88 49.67 58.29
C TYR A 331 -9.32 49.95 56.90
N GLU A 332 -9.84 50.98 56.23
CA GLU A 332 -9.41 51.29 54.88
C GLU A 332 -8.08 52.05 54.73
N PRO A 333 -7.73 52.95 55.67
CA PRO A 333 -6.42 53.64 55.61
C PRO A 333 -5.28 52.62 55.61
N ASP A 334 -4.24 52.86 54.82
CA ASP A 334 -3.05 51.98 54.84
C ASP A 334 -3.33 50.51 54.43
N ALA A 335 -4.38 50.30 53.63
CA ALA A 335 -4.75 48.94 53.27
C ALA A 335 -4.84 48.74 51.76
N SER A 336 -4.64 47.50 51.32
CA SER A 336 -4.67 47.18 49.90
C SER A 336 -4.87 45.69 49.70
N GLU A 337 -4.98 45.29 48.43
CA GLU A 337 -4.98 43.90 48.01
C GLU A 337 -5.67 42.93 48.97
N PRO A 338 -6.99 43.05 49.14
CA PRO A 338 -7.70 42.13 50.02
C PRO A 338 -7.76 40.74 49.42
N CYS A 339 -7.56 39.70 50.23
CA CYS A 339 -7.89 38.31 49.83
C CYS A 339 -9.28 37.96 50.33
N ILE A 340 -10.14 37.43 49.46
CA ILE A 340 -11.50 37.08 49.84
C ILE A 340 -11.78 35.63 49.56
N LYS A 341 -12.51 35.01 50.48
CA LYS A 341 -12.98 33.65 50.27
C LYS A 341 -14.35 33.48 50.89
N TYR A 342 -15.11 32.53 50.34
CA TYR A 342 -16.50 32.33 50.77
C TYR A 342 -16.78 30.89 51.24
N TYR A 343 -17.24 30.74 52.50
CA TYR A 343 -17.46 29.43 53.14
C TYR A 343 -18.75 29.43 53.95
N ASP A 344 -19.64 28.48 53.62
CA ASP A 344 -20.93 28.33 54.28
C ASP A 344 -21.63 29.63 54.58
N GLY A 345 -21.79 30.45 53.57
CA GLY A 345 -22.57 31.67 53.67
C GLY A 345 -21.84 32.81 54.33
N VAL A 346 -20.55 32.63 54.57
CA VAL A 346 -19.76 33.67 55.20
C VAL A 346 -18.70 34.10 54.22
N LEU A 347 -18.60 35.41 54.00
CA LEU A 347 -17.49 35.91 53.21
C LEU A 347 -16.37 36.48 54.10
N TYR A 348 -15.17 35.92 53.97
CA TYR A 348 -14.00 36.40 54.71
C TYR A 348 -13.09 37.28 53.85
N LEU A 349 -12.55 38.33 54.46
CA LEU A 349 -11.69 39.29 53.77
C LEU A 349 -10.51 39.71 54.66
N ILE A 350 -9.28 39.62 54.15
CA ILE A 350 -8.08 40.00 54.89
C ILE A 350 -7.29 40.97 54.04
N THR A 351 -6.86 42.07 54.64
CA THR A 351 -6.20 43.14 53.91
C THR A 351 -4.67 43.04 53.98
N ARG A 352 -3.99 43.66 53.01
CA ARG A 352 -2.56 43.96 53.09
C ARG A 352 -2.38 45.30 53.80
N GLY A 353 -1.47 45.37 54.78
CA GLY A 353 -1.06 46.65 55.34
C GLY A 353 0.07 47.29 54.52
N THR A 354 -0.01 48.58 54.25
CA THR A 354 1.00 49.23 53.39
C THR A 354 2.22 49.72 54.18
N ARG A 355 2.13 49.74 55.51
CA ARG A 355 3.16 50.41 56.32
C ARG A 355 3.40 49.77 57.68
N GLY A 356 4.68 49.57 58.02
CA GLY A 356 5.05 49.01 59.31
C GLY A 356 4.80 49.92 60.50
N ASP A 357 4.61 51.22 60.25
CA ASP A 357 4.33 52.15 61.36
C ASP A 357 2.87 52.66 61.41
N ARG A 358 1.95 51.88 60.87
CA ARG A 358 0.53 52.16 60.96
C ARG A 358 -0.22 50.85 61.17
N LEU A 359 -1.42 50.95 61.72
CA LEU A 359 -2.31 49.81 61.80
C LEU A 359 -2.28 49.06 60.46
N GLY A 360 -2.04 47.74 60.53
CA GLY A 360 -1.91 46.93 59.32
C GLY A 360 -3.06 46.00 58.95
N SER A 361 -2.70 44.79 58.55
CA SER A 361 -3.67 43.80 58.06
C SER A 361 -4.79 43.60 59.06
N SER A 362 -6.02 43.58 58.54
CA SER A 362 -7.22 43.26 59.31
C SER A 362 -8.06 42.18 58.62
N LEU A 363 -8.90 41.54 59.43
CA LEU A 363 -9.75 40.43 59.03
C LEU A 363 -11.22 40.82 59.23
N HIS A 364 -12.07 40.43 58.29
CA HIS A 364 -13.50 40.80 58.30
C HIS A 364 -14.33 39.64 57.80
N ARG A 365 -15.53 39.50 58.36
CA ARG A 365 -16.49 38.49 57.88
C ARG A 365 -17.83 39.13 57.71
N SER A 366 -18.60 38.62 56.78
CA SER A 366 -19.92 39.13 56.46
C SER A 366 -20.82 37.97 56.14
N ARG A 367 -22.09 38.09 56.53
CA ARG A 367 -23.12 37.15 56.10
C ARG A 367 -24.03 37.70 54.99
N ASP A 368 -23.72 38.86 54.45
CA ASP A 368 -24.48 39.41 53.36
C ASP A 368 -23.59 39.92 52.21
N ILE A 369 -22.51 39.21 51.96
CA ILE A 369 -21.57 39.52 50.89
C ILE A 369 -21.08 40.96 50.91
N GLY A 370 -20.73 41.43 52.10
CA GLY A 370 -20.09 42.72 52.25
C GLY A 370 -20.93 43.96 52.59
N GLN A 371 -22.23 43.76 52.79
CA GLN A 371 -23.11 44.85 53.24
C GLN A 371 -22.80 45.26 54.68
N THR A 372 -22.67 44.28 55.57
CA THR A 372 -22.28 44.46 56.96
C THR A 372 -21.11 43.55 57.29
N TRP A 373 -20.32 43.93 58.28
CA TRP A 373 -19.06 43.28 58.56
C TRP A 373 -18.85 43.11 60.05
N GLU A 374 -18.19 42.05 60.46
CA GLU A 374 -17.56 42.05 61.77
C GLU A 374 -16.06 42.03 61.53
N SER A 375 -15.30 42.82 62.28
CA SER A 375 -13.91 43.09 61.96
C SER A 375 -12.95 42.90 63.13
N LEU A 376 -11.66 42.82 62.79
CA LEU A 376 -10.62 42.49 63.76
C LEU A 376 -9.23 42.87 63.23
N ARG A 377 -8.41 43.52 64.06
CA ARG A 377 -7.06 43.93 63.69
C ARG A 377 -5.98 42.93 64.06
N PHE A 378 -5.14 42.54 63.11
CA PHE A 378 -4.00 41.73 63.48
C PHE A 378 -3.06 42.62 64.33
N PRO A 379 -2.55 42.09 65.43
CA PRO A 379 -1.57 42.85 66.25
C PRO A 379 -0.27 43.15 65.47
N HIS A 380 0.35 44.29 65.77
CA HIS A 380 1.74 44.59 65.36
C HIS A 380 1.92 44.94 63.88
N ASN A 381 0.96 45.67 63.32
CA ASN A 381 1.04 46.24 61.97
C ASN A 381 1.57 45.33 60.90
N VAL A 382 0.95 44.17 60.70
CA VAL A 382 1.36 43.27 59.65
C VAL A 382 1.24 43.98 58.30
N HIS A 383 2.29 43.91 57.47
CA HIS A 383 2.40 44.77 56.30
C HIS A 383 3.22 44.19 55.19
N HIS A 384 3.05 44.75 53.99
CA HIS A 384 3.83 44.46 52.78
C HIS A 384 3.54 43.11 52.16
N THR A 385 2.73 42.31 52.83
CA THR A 385 2.36 40.97 52.36
C THR A 385 0.85 40.84 52.22
N THR A 386 0.37 40.11 51.22
CA THR A 386 -1.04 39.75 51.26
C THR A 386 -1.12 38.54 52.15
N LEU A 387 -2.33 38.22 52.60
CA LEU A 387 -2.51 37.08 53.45
C LEU A 387 -3.56 36.12 52.91
N PRO A 388 -3.19 35.41 51.85
CA PRO A 388 -4.12 34.45 51.24
C PRO A 388 -4.37 33.33 52.25
N PHE A 389 -5.54 32.71 52.19
CA PHE A 389 -5.94 31.73 53.19
C PHE A 389 -7.01 30.80 52.67
N ALA A 390 -7.16 29.71 53.41
CA ALA A 390 -8.29 28.79 53.27
C ALA A 390 -8.92 28.51 54.63
N LYS A 391 -10.16 28.03 54.62
CA LYS A 391 -10.82 27.64 55.85
C LYS A 391 -10.84 26.13 55.91
N VAL A 392 -10.29 25.57 56.98
CA VAL A 392 -10.31 24.13 57.16
C VAL A 392 -10.84 23.86 58.56
N GLY A 393 -11.99 23.19 58.63
CA GLY A 393 -12.72 23.12 59.88
C GLY A 393 -13.02 24.52 60.39
N ASP A 394 -12.77 24.76 61.67
CA ASP A 394 -13.09 26.04 62.32
C ASP A 394 -12.00 27.10 62.13
N ASP A 395 -10.94 26.75 61.41
CA ASP A 395 -9.75 27.59 61.34
C ASP A 395 -9.63 28.26 60.02
N LEU A 396 -9.26 29.53 60.05
CA LEU A 396 -8.70 30.19 58.88
C LEU A 396 -7.19 29.88 58.95
N ILE A 397 -6.63 29.29 57.90
CA ILE A 397 -5.20 29.07 57.78
C ILE A 397 -4.67 30.04 56.75
N MET A 398 -3.79 30.94 57.17
CA MET A 398 -3.30 31.98 56.28
C MET A 398 -1.78 31.99 56.18
N PHE A 399 -1.26 32.47 55.06
CA PHE A 399 0.18 32.46 54.84
C PHE A 399 0.64 33.86 54.47
N GLY A 400 1.87 34.21 54.83
CA GLY A 400 2.44 35.50 54.49
C GLY A 400 3.93 35.42 54.45
N SER A 401 4.51 36.38 53.75
CA SER A 401 5.95 36.43 53.57
C SER A 401 6.41 37.86 53.65
N GLU A 402 7.37 38.15 54.54
CA GLU A 402 8.08 39.44 54.43
C GLU A 402 8.83 39.47 53.09
N ARG A 403 9.00 40.66 52.53
CA ARG A 403 9.58 40.81 51.20
C ARG A 403 11.10 40.77 51.24
N ALA A 404 11.64 41.16 52.38
CA ALA A 404 13.08 41.10 52.66
C ALA A 404 13.23 40.76 54.12
N GLU A 405 14.41 40.31 54.51
CA GLU A 405 14.58 39.81 55.86
C GLU A 405 14.33 40.91 56.91
N ASN A 406 13.65 40.53 57.99
CA ASN A 406 13.49 41.43 59.14
C ASN A 406 12.59 42.66 58.87
N GLU A 407 11.61 42.51 58.00
CA GLU A 407 10.70 43.59 57.71
C GLU A 407 9.33 43.32 58.31
N TRP A 408 9.12 42.09 58.79
CA TRP A 408 7.80 41.66 59.26
C TRP A 408 7.25 42.48 60.42
N GLU A 409 8.06 42.69 61.45
CA GLU A 409 7.57 43.22 62.72
C GLU A 409 7.15 44.66 62.61
N ALA A 410 6.36 45.12 63.57
CA ALA A 410 5.94 46.50 63.64
C ALA A 410 7.14 47.40 63.93
N GLY A 411 7.26 48.48 63.16
CA GLY A 411 8.31 49.44 63.35
C GLY A 411 9.62 49.06 62.70
N ALA A 412 9.67 47.88 62.07
CA ALA A 412 10.85 47.43 61.33
C ALA A 412 10.98 48.24 60.04
N PRO A 413 12.11 48.91 59.84
CA PRO A 413 12.35 49.66 58.60
C PRO A 413 12.50 48.71 57.43
N ASP A 414 12.06 49.11 56.22
CA ASP A 414 12.42 48.43 54.97
C ASP A 414 13.94 48.30 54.93
N ASP A 415 14.43 47.22 54.34
CA ASP A 415 15.85 46.93 54.33
C ASP A 415 16.22 46.30 53.00
N ARG A 416 16.37 47.15 51.97
CA ARG A 416 16.56 46.68 50.59
C ARG A 416 17.99 46.90 50.14
N TYR A 417 18.29 46.49 48.90
CA TYR A 417 19.61 46.79 48.37
C TYR A 417 20.72 45.97 49.04
N LYS A 418 20.35 44.96 49.83
CA LYS A 418 21.31 43.94 50.25
C LYS A 418 20.68 42.55 50.32
N ALA A 419 21.41 41.56 49.84
CA ALA A 419 20.93 40.18 49.87
C ALA A 419 20.48 39.81 51.28
N SER A 420 19.32 39.17 51.40
CA SER A 420 18.89 38.62 52.68
C SER A 420 18.00 37.41 52.53
N TYR A 421 17.56 36.86 53.66
CA TYR A 421 16.75 35.63 53.74
C TYR A 421 15.41 35.88 54.41
N PRO A 422 14.44 36.41 53.67
CA PRO A 422 13.13 36.77 54.25
C PRO A 422 12.33 35.56 54.74
N ARG A 423 11.67 35.74 55.88
CA ARG A 423 10.86 34.69 56.51
C ARG A 423 9.44 34.58 55.96
N THR A 424 9.01 33.33 55.84
CA THR A 424 7.65 33.02 55.50
C THR A 424 6.92 32.38 56.68
N PHE A 425 5.68 32.83 56.91
CA PHE A 425 4.90 32.40 58.07
C PHE A 425 3.58 31.82 57.63
N TYR A 426 3.02 30.99 58.51
CA TYR A 426 1.61 30.75 58.47
C TYR A 426 1.03 30.94 59.87
N ALA A 427 -0.30 31.10 59.94
CA ALA A 427 -1.02 31.17 61.21
C ALA A 427 -2.41 30.59 61.08
N ARG A 428 -2.89 30.03 62.19
CA ARG A 428 -4.25 29.56 62.33
C ARG A 428 -5.09 30.50 63.17
N LEU A 429 -6.29 30.77 62.74
CA LEU A 429 -7.17 31.57 63.56
C LEU A 429 -8.56 30.95 63.56
N ASN A 430 -9.08 30.68 64.75
CA ASN A 430 -10.35 29.99 64.92
C ASN A 430 -11.50 30.99 64.80
N VAL A 431 -12.41 30.73 63.87
CA VAL A 431 -13.49 31.67 63.54
C VAL A 431 -14.49 31.84 64.68
N ASN A 432 -14.62 30.82 65.50
CA ASN A 432 -15.47 30.91 66.67
C ASN A 432 -14.90 31.85 67.72
N ASN A 433 -13.59 31.83 67.93
CA ASN A 433 -13.02 32.70 68.99
C ASN A 433 -12.91 34.16 68.52
N TRP A 434 -12.89 34.35 67.20
CA TRP A 434 -12.82 35.68 66.59
C TRP A 434 -11.95 36.69 67.39
N ASN A 435 -10.70 36.31 67.64
CA ASN A 435 -9.76 37.19 68.33
C ASN A 435 -8.34 36.95 67.85
N ALA A 436 -7.68 38.00 67.35
CA ALA A 436 -6.33 37.85 66.81
C ALA A 436 -5.25 38.20 67.80
N ASP A 437 -5.63 38.61 69.00
CA ASP A 437 -4.65 39.17 69.97
C ASP A 437 -3.48 38.25 70.19
N ASP A 438 -3.77 36.94 70.16
CA ASP A 438 -2.80 35.90 70.49
C ASP A 438 -2.42 35.03 69.31
N ILE A 439 -2.59 35.55 68.09
CA ILE A 439 -2.21 34.79 66.90
C ILE A 439 -0.75 34.41 66.97
N GLU A 440 -0.46 33.19 66.59
CA GLU A 440 0.92 32.70 66.51
C GLU A 440 1.40 32.54 65.07
N TRP A 441 2.27 33.44 64.64
CA TRP A 441 2.84 33.37 63.32
C TRP A 441 4.05 32.42 63.33
N VAL A 442 3.98 31.36 62.55
CA VAL A 442 4.99 30.31 62.55
C VAL A 442 5.87 30.35 61.31
N ASN A 443 7.14 30.67 61.48
CA ASN A 443 8.10 30.73 60.40
C ASN A 443 8.39 29.30 59.91
N ILE A 444 7.97 28.96 58.69
CA ILE A 444 8.10 27.57 58.19
C ILE A 444 9.13 27.37 57.10
N THR A 445 9.50 28.46 56.45
CA THR A 445 10.50 28.41 55.41
C THR A 445 11.05 29.80 55.17
N ASP A 446 12.33 29.84 54.78
CA ASP A 446 13.02 31.07 54.42
C ASP A 446 13.36 31.11 52.93
N GLN A 447 13.12 32.26 52.31
CA GLN A 447 13.39 32.47 50.89
C GLN A 447 14.62 33.37 50.78
N ILE A 448 14.98 33.74 49.56
CA ILE A 448 16.06 34.67 49.31
C ILE A 448 15.53 35.96 48.66
N TYR A 449 16.01 37.10 49.14
CA TYR A 449 15.82 38.38 48.45
C TYR A 449 17.16 38.76 47.87
N GLN A 450 17.21 38.96 46.54
CA GLN A 450 18.46 39.15 45.82
C GLN A 450 19.22 40.39 46.27
N GLY A 451 18.54 41.55 46.30
CA GLY A 451 19.22 42.78 46.70
C GLY A 451 19.72 43.72 45.60
N GLY A 452 19.69 43.25 44.35
CA GLY A 452 20.16 43.96 43.18
C GLY A 452 19.30 45.14 42.81
N ILE A 453 18.03 45.09 43.16
CA ILE A 453 17.14 46.23 42.96
C ILE A 453 16.28 46.40 44.20
N VAL A 454 15.57 47.54 44.31
CA VAL A 454 14.71 47.81 45.49
C VAL A 454 13.54 46.84 45.60
N ASN A 455 12.87 46.55 44.49
CA ASN A 455 11.74 45.62 44.50
C ASN A 455 12.10 44.18 44.87
N SER A 456 11.10 43.48 45.39
CA SER A 456 11.22 42.07 45.72
C SER A 456 10.06 41.29 45.13
N GLY A 457 10.38 40.14 44.57
CA GLY A 457 9.36 39.23 44.10
C GLY A 457 8.91 38.22 45.18
N VAL A 458 9.45 38.27 46.39
CA VAL A 458 9.13 37.21 47.33
C VAL A 458 7.72 37.43 47.90
N GLY A 459 7.01 36.33 48.12
CA GLY A 459 5.68 36.35 48.73
C GLY A 459 4.56 36.67 47.76
N VAL A 460 3.70 37.61 48.16
CA VAL A 460 2.48 38.02 47.42
C VAL A 460 1.84 36.85 46.65
N GLY A 461 1.41 35.86 47.43
CA GLY A 461 1.03 34.57 46.92
C GLY A 461 -0.45 34.27 46.88
N SER A 462 -0.76 32.99 46.93
CA SER A 462 -2.13 32.49 46.76
C SER A 462 -2.20 31.13 47.46
N VAL A 463 -3.40 30.75 47.88
CA VAL A 463 -3.59 29.52 48.64
C VAL A 463 -4.76 28.66 48.11
N VAL A 464 -4.56 27.37 48.02
CA VAL A 464 -5.67 26.46 47.78
C VAL A 464 -5.63 25.23 48.68
N VAL A 465 -6.75 24.56 48.83
CA VAL A 465 -6.79 23.26 49.49
C VAL A 465 -7.14 22.17 48.44
N LYS A 466 -6.41 21.07 48.47
CA LYS A 466 -6.82 19.90 47.73
C LYS A 466 -6.74 18.70 48.65
N ASP A 467 -7.87 18.00 48.77
CA ASP A 467 -7.99 16.88 49.69
C ASP A 467 -7.45 17.31 51.05
N ASN A 468 -6.39 16.69 51.53
CA ASN A 468 -5.94 16.93 52.89
C ASN A 468 -4.63 17.76 52.98
N TYR A 469 -4.33 18.49 51.92
CA TYR A 469 -3.16 19.37 51.87
C TYR A 469 -3.58 20.78 51.53
N ILE A 470 -2.86 21.76 52.08
CA ILE A 470 -3.04 23.17 51.75
C ILE A 470 -1.79 23.59 51.01
N TYR A 471 -1.94 24.44 50.01
CA TYR A 471 -0.81 24.83 49.18
C TYR A 471 -0.68 26.34 49.17
N TYR A 472 0.52 26.85 49.45
CA TYR A 472 0.80 28.30 49.40
C TYR A 472 1.77 28.59 48.27
N MET A 473 1.27 29.21 47.21
CA MET A 473 2.08 29.45 46.03
C MET A 473 2.54 30.87 46.07
N PHE A 474 3.86 31.07 46.01
CA PHE A 474 4.42 32.40 46.27
C PHE A 474 5.77 32.57 45.60
N GLY A 475 6.25 33.81 45.51
CA GLY A 475 7.50 34.12 44.86
C GLY A 475 8.68 33.99 45.79
N GLY A 476 9.86 33.80 45.21
CA GLY A 476 11.11 33.74 45.94
C GLY A 476 12.20 34.03 44.93
N GLU A 477 13.29 34.62 45.40
CA GLU A 477 14.44 34.94 44.53
C GLU A 477 15.63 33.97 44.77
N ASP A 478 16.72 34.19 44.06
CA ASP A 478 17.98 33.52 44.35
C ASP A 478 19.04 34.62 44.35
N HIS A 479 20.32 34.29 44.49
CA HIS A 479 21.35 35.32 44.51
C HIS A 479 21.86 35.81 43.13
N PHE A 480 21.26 35.39 42.02
CA PHE A 480 21.74 35.86 40.72
C PHE A 480 21.20 37.25 40.41
N ASN A 481 22.09 38.22 40.40
CA ASN A 481 21.73 39.59 40.06
C ASN A 481 21.12 39.74 38.63
N PRO A 482 20.01 40.50 38.46
CA PRO A 482 19.44 40.76 37.13
C PRO A 482 20.28 41.75 36.32
N TRP A 483 21.20 42.44 37.01
CA TRP A 483 22.08 43.43 36.41
C TRP A 483 21.33 44.62 35.84
N THR A 484 20.23 44.99 36.50
CA THR A 484 19.56 46.27 36.22
C THR A 484 20.56 47.42 36.38
N TYR A 485 21.31 47.36 37.46
CA TYR A 485 22.43 48.26 37.66
C TYR A 485 23.65 47.47 37.22
N GLY A 486 24.03 47.63 35.94
CA GLY A 486 24.96 46.74 35.28
C GLY A 486 24.71 46.75 33.78
N ASP A 487 24.93 45.62 33.13
CA ASP A 487 24.88 45.61 31.67
C ASP A 487 23.47 45.34 31.13
N ASN A 488 22.49 45.28 32.02
CA ASN A 488 21.16 44.89 31.61
C ASN A 488 20.04 45.85 32.10
N SER A 489 20.29 47.14 31.99
CA SER A 489 19.26 48.10 32.38
C SER A 489 17.99 47.97 31.53
N ALA A 490 18.11 47.41 30.32
CA ALA A 490 16.95 47.10 29.49
C ALA A 490 16.09 45.94 30.04
N LYS A 491 16.61 45.20 31.02
CA LYS A 491 15.91 44.11 31.70
C LYS A 491 15.53 42.93 30.82
N ASP A 492 16.33 42.73 29.77
CA ASP A 492 16.27 41.58 28.90
C ASP A 492 16.34 40.29 29.73
N PRO A 493 15.27 39.50 29.72
CA PRO A 493 15.25 38.23 30.45
C PRO A 493 16.29 37.26 29.94
N PHE A 494 16.66 37.34 28.67
CA PHE A 494 17.46 36.29 28.04
C PHE A 494 18.96 36.58 27.99
N LYS A 495 19.35 37.65 28.68
CA LYS A 495 20.77 37.91 28.99
C LYS A 495 21.14 37.29 30.32
N SER A 496 22.27 36.63 30.32
CA SER A 496 22.83 36.11 31.57
C SER A 496 21.79 35.24 32.33
N ASP A 497 21.62 35.46 33.64
CA ASP A 497 20.69 34.68 34.45
C ASP A 497 19.26 35.23 34.45
N GLY A 498 18.99 36.21 33.62
CA GLY A 498 17.67 36.80 33.62
C GLY A 498 17.23 37.25 35.00
N HIS A 499 15.95 37.13 35.31
CA HIS A 499 15.44 37.63 36.57
C HIS A 499 15.28 36.55 37.65
N PRO A 500 15.73 36.88 38.85
CA PRO A 500 15.87 35.90 39.92
C PRO A 500 14.57 35.34 40.49
N SER A 501 13.47 36.04 40.30
CA SER A 501 12.24 35.68 40.94
C SER A 501 11.54 34.52 40.25
N ASP A 502 11.18 33.51 41.02
CA ASP A 502 10.41 32.35 40.51
C ASP A 502 9.42 31.90 41.57
N LEU A 503 8.56 30.95 41.20
CA LEU A 503 7.49 30.53 42.09
C LEU A 503 7.91 29.33 42.91
N TYR A 504 7.42 29.29 44.14
CA TYR A 504 7.58 28.15 45.04
C TYR A 504 6.22 27.75 45.59
N CYS A 505 6.13 26.56 46.13
CA CYS A 505 4.89 26.14 46.73
C CYS A 505 5.18 25.39 48.01
N TYR A 506 4.60 25.87 49.11
CA TYR A 506 4.67 25.18 50.41
C TYR A 506 3.41 24.32 50.54
N LYS A 507 3.61 23.01 50.62
CA LYS A 507 2.55 22.04 50.73
C LYS A 507 2.51 21.54 52.18
N MET A 508 1.40 21.81 52.86
CA MET A 508 1.24 21.41 54.25
C MET A 508 0.07 20.43 54.43
N LYS A 509 0.34 19.35 55.16
CA LYS A 509 -0.68 18.45 55.63
C LYS A 509 -1.70 19.09 56.61
N ILE A 510 -2.97 18.82 56.38
CA ILE A 510 -4.06 19.57 56.95
C ILE A 510 -5.12 18.59 57.54
N GLY A 511 -4.97 17.32 57.18
CA GLY A 511 -5.84 16.28 57.65
C GLY A 511 -5.15 14.95 57.46
N PRO A 512 -5.80 13.90 57.92
CA PRO A 512 -5.24 12.54 57.90
C PRO A 512 -5.06 12.03 56.45
N ASP A 513 -4.00 11.26 56.23
CA ASP A 513 -3.75 10.68 54.93
C ASP A 513 -3.88 9.17 55.12
N ASN A 514 -4.98 8.60 54.62
CA ASN A 514 -5.31 7.19 54.86
C ASN A 514 -4.74 6.30 53.75
N ARG A 515 -3.79 6.84 53.01
CA ARG A 515 -3.14 6.10 51.92
C ARG A 515 -1.63 5.99 52.13
N VAL A 516 -1.04 4.95 51.53
CA VAL A 516 0.40 4.81 51.50
C VAL A 516 0.94 6.03 50.73
N SER A 517 2.24 6.33 50.89
CA SER A 517 2.90 7.43 50.17
C SER A 517 2.78 7.41 48.63
N ARG A 518 2.55 8.58 48.04
CA ARG A 518 2.59 8.72 46.58
C ARG A 518 3.89 9.41 46.13
N ASP A 519 4.74 9.80 47.08
CA ASP A 519 5.92 10.57 46.75
C ASP A 519 6.94 9.74 45.96
N PHE A 520 7.62 10.39 45.04
CA PHE A 520 8.72 9.80 44.32
C PHE A 520 9.84 10.80 44.25
N ARG A 521 11.03 10.31 43.97
CA ARG A 521 12.11 11.18 43.61
C ARG A 521 12.10 11.26 42.10
N TYR A 522 12.23 12.47 41.56
CA TYR A 522 12.23 12.69 40.13
C TYR A 522 13.60 12.39 39.55
N GLY A 523 13.68 11.39 38.68
CA GLY A 523 14.94 10.97 38.09
C GLY A 523 14.89 10.90 36.56
N ALA A 524 13.86 11.50 35.99
CA ALA A 524 13.62 11.43 34.56
C ALA A 524 14.29 12.59 33.82
N VAL A 525 14.51 12.44 32.53
CA VAL A 525 14.88 13.56 31.70
C VAL A 525 13.61 14.34 31.46
N PRO A 526 13.57 15.61 31.83
CA PRO A 526 12.35 16.40 31.64
C PRO A 526 12.14 16.52 30.16
N ASN A 527 11.03 16.02 29.63
CA ASN A 527 10.93 15.90 28.18
C ASN A 527 9.59 16.35 27.67
N ARG A 528 9.00 17.33 28.32
CA ARG A 528 7.73 17.95 27.87
C ARG A 528 7.99 19.24 27.11
N ALA A 529 8.89 20.08 27.61
CA ALA A 529 9.11 21.38 27.00
C ALA A 529 9.72 21.25 25.59
N VAL A 530 10.81 20.51 25.47
CA VAL A 530 11.40 20.21 24.17
C VAL A 530 11.57 18.70 24.12
N PRO A 531 10.54 18.00 23.73
CA PRO A 531 10.56 16.52 23.73
C PRO A 531 11.65 15.98 22.83
N VAL A 532 12.64 15.31 23.40
CA VAL A 532 13.79 14.81 22.65
C VAL A 532 13.84 13.25 22.68
N PHE A 533 14.06 12.65 21.52
CA PHE A 533 14.18 11.21 21.43
C PHE A 533 15.35 10.89 20.54
N PHE A 534 16.21 9.95 20.96
CA PHE A 534 17.29 9.51 20.10
C PHE A 534 16.67 8.59 19.09
N ASP A 535 16.76 8.96 17.81
CA ASP A 535 16.24 8.17 16.70
C ASP A 535 17.08 6.90 16.47
N THR A 536 16.58 6.01 15.60
CA THR A 536 17.24 4.73 15.38
C THR A 536 18.63 4.99 14.80
N ASN A 537 18.84 6.21 14.34
CA ASN A 537 20.13 6.65 13.80
C ASN A 537 21.06 7.29 14.87
N GLY A 538 20.60 7.35 16.12
CA GLY A 538 21.43 7.88 17.18
C GLY A 538 21.46 9.39 17.27
N VAL A 539 20.57 10.07 16.55
CA VAL A 539 20.45 11.54 16.56
C VAL A 539 19.21 12.08 17.32
N ARG A 540 19.43 13.06 18.18
CA ARG A 540 18.39 13.69 18.96
C ARG A 540 17.28 14.19 18.05
N THR A 541 16.03 13.79 18.31
CA THR A 541 14.92 14.17 17.45
C THR A 541 13.74 14.76 18.20
N VAL A 542 13.33 15.94 17.78
CA VAL A 542 12.21 16.69 18.37
C VAL A 542 11.00 16.60 17.44
N PRO A 543 9.97 15.84 17.80
CA PRO A 543 8.80 15.68 16.94
C PRO A 543 7.75 16.79 17.14
N ALA A 544 7.82 17.53 18.24
CA ALA A 544 6.82 18.58 18.54
C ALA A 544 6.98 19.77 17.60
N PRO A 545 5.87 20.36 17.15
CA PRO A 545 5.99 21.64 16.45
C PRO A 545 6.53 22.71 17.41
N MET A 546 7.32 23.64 16.88
CA MET A 546 7.90 24.68 17.74
C MET A 546 8.03 26.04 17.06
N GLU A 547 7.99 27.09 17.87
CA GLU A 547 8.30 28.45 17.42
C GLU A 547 9.56 28.99 18.07
N PHE A 548 10.51 29.45 17.25
CA PHE A 548 11.64 30.16 17.78
C PHE A 548 11.44 31.60 17.40
N THR A 549 11.21 32.49 18.36
CA THR A 549 11.06 33.89 17.99
C THR A 549 12.30 34.73 18.20
N GLY A 550 13.25 34.26 18.98
CA GLY A 550 14.52 34.99 19.15
C GLY A 550 15.46 34.74 17.97
N ASP A 551 16.46 35.59 17.79
CA ASP A 551 17.33 35.44 16.63
C ASP A 551 18.05 34.10 16.69
N LEU A 552 18.09 33.43 15.54
CA LEU A 552 18.70 32.11 15.45
C LEU A 552 19.98 32.16 14.60
N GLY A 553 21.05 31.54 15.11
CA GLY A 553 22.22 31.25 14.29
C GLY A 553 22.26 29.76 14.02
N LEU A 554 22.27 29.34 12.75
CA LEU A 554 22.31 27.90 12.39
C LEU A 554 23.62 27.53 11.73
N GLY A 555 24.03 26.27 11.84
CA GLY A 555 25.21 25.77 11.15
C GLY A 555 24.79 25.21 9.82
N HIS A 556 25.25 24.01 9.49
CA HIS A 556 24.76 23.29 8.34
C HIS A 556 23.30 22.94 8.50
N VAL A 557 22.51 23.11 7.44
CA VAL A 557 21.05 22.88 7.53
C VAL A 557 20.59 22.03 6.40
N THR A 558 19.81 20.99 6.72
CA THR A 558 19.14 20.20 5.72
C THR A 558 17.65 20.37 5.93
N ILE A 559 16.93 20.76 4.87
CA ILE A 559 15.48 20.78 4.89
C ILE A 559 14.97 19.45 4.35
N ARG A 560 14.32 18.65 5.19
CA ARG A 560 13.95 17.27 4.82
C ARG A 560 12.58 17.25 4.15
N ALA A 561 12.28 16.17 3.43
CA ALA A 561 10.98 15.93 2.82
C ALA A 561 9.94 15.98 3.90
N SER A 562 8.89 16.79 3.71
CA SER A 562 7.86 16.94 4.77
C SER A 562 6.47 17.22 4.27
N THR A 563 6.31 17.57 2.99
CA THR A 563 5.06 18.13 2.53
C THR A 563 4.51 17.38 1.33
N SER A 564 3.17 17.23 1.31
CA SER A 564 2.42 16.68 0.16
C SER A 564 2.88 15.21 -0.07
N SER A 565 2.44 14.35 0.86
CA SER A 565 2.93 12.96 1.00
C SER A 565 4.47 12.88 0.97
N ASN A 566 5.12 13.84 1.63
CA ASN A 566 6.59 14.00 1.61
C ASN A 566 7.25 13.93 0.21
N ILE A 567 6.58 14.46 -0.80
CA ILE A 567 7.22 14.57 -2.09
C ILE A 567 8.23 15.72 -2.09
N ARG A 568 8.03 16.70 -1.21
CA ARG A 568 8.87 17.90 -1.20
C ARG A 568 9.37 18.40 0.16
N SER A 569 10.48 19.12 0.11
CA SER A 569 10.93 19.92 1.20
C SER A 569 10.35 21.28 0.92
N GLU A 570 10.01 21.99 1.99
CA GLU A 570 9.34 23.25 1.90
C GLU A 570 9.82 24.25 2.93
N VAL A 571 10.10 25.48 2.48
CA VAL A 571 10.31 26.62 3.33
C VAL A 571 9.32 27.65 2.83
N LEU A 572 8.49 28.19 3.72
CA LEU A 572 7.55 29.25 3.37
C LEU A 572 8.01 30.53 4.07
N MET A 573 7.98 31.66 3.36
CA MET A 573 8.37 32.95 3.94
C MET A 573 7.15 33.89 4.20
N GLU A 574 7.03 34.40 5.42
CA GLU A 574 5.89 35.28 5.74
C GLU A 574 6.22 36.76 5.67
N GLY A 575 5.38 37.61 6.28
CA GLY A 575 5.59 39.04 6.19
C GLY A 575 5.10 39.54 4.85
N GLU A 576 5.36 40.82 4.54
CA GLU A 576 4.95 41.42 3.25
C GLU A 576 5.85 40.85 2.16
N TYR A 577 7.13 40.73 2.47
CA TYR A 577 8.07 40.07 1.57
C TYR A 577 9.11 39.30 2.38
N GLY A 578 9.79 38.39 1.72
CA GLY A 578 10.87 37.65 2.33
C GLY A 578 12.15 38.13 1.69
N PHE A 579 13.24 38.04 2.43
CA PHE A 579 14.51 38.45 1.91
C PHE A 579 15.53 37.39 2.28
N ILE A 580 16.19 36.88 1.24
CA ILE A 580 17.29 35.93 1.41
C ILE A 580 18.54 36.63 0.90
N GLY A 581 19.45 36.98 1.80
CA GLY A 581 20.64 37.74 1.45
C GLY A 581 21.96 37.17 1.97
N LYS A 582 23.03 37.94 1.76
CA LYS A 582 24.37 37.41 1.96
C LYS A 582 25.20 38.43 2.74
N SER A 583 25.65 38.07 3.92
CA SER A 583 26.45 38.97 4.73
C SER A 583 27.74 39.33 4.01
N ILE A 584 28.40 40.38 4.48
CA ILE A 584 29.74 40.70 3.98
C ILE A 584 30.70 39.70 4.61
N PRO A 585 31.41 38.93 3.80
CA PRO A 585 32.41 37.99 4.31
C PRO A 585 33.46 38.70 5.15
N THR A 586 33.87 38.04 6.23
CA THR A 586 34.90 38.56 7.10
C THR A 586 36.30 38.45 6.49
N ASP A 587 36.66 37.30 5.90
CA ASP A 587 38.04 37.11 5.42
C ASP A 587 38.25 37.53 3.98
N ASN A 588 37.29 37.15 3.13
CA ASN A 588 37.42 37.40 1.71
C ASN A 588 36.17 38.06 1.11
N PRO A 589 35.90 39.31 1.46
CA PRO A 589 34.70 40.00 0.96
C PRO A 589 34.64 40.04 -0.58
N ALA A 590 35.79 39.84 -1.22
CA ALA A 590 35.86 39.84 -2.70
C ALA A 590 35.16 38.64 -3.31
N GLY A 591 34.85 37.63 -2.49
CA GLY A 591 34.11 36.46 -2.95
C GLY A 591 32.60 36.50 -2.73
N GLN A 592 32.10 37.56 -2.08
CA GLN A 592 30.71 37.65 -1.64
C GLN A 592 29.72 37.25 -2.73
N ARG A 593 28.87 36.25 -2.43
CA ARG A 593 27.89 35.74 -3.36
C ARG A 593 27.03 34.63 -2.74
N ILE A 594 25.89 34.33 -3.38
CA ILE A 594 25.15 33.10 -3.10
C ILE A 594 24.99 32.31 -4.36
N ILE A 595 25.20 31.00 -4.26
CA ILE A 595 24.94 30.09 -5.36
C ILE A 595 23.62 29.34 -5.08
N PHE A 596 22.65 29.50 -5.98
CA PHE A 596 21.43 28.72 -5.96
C PHE A 596 21.63 27.57 -6.93
N CYS A 597 21.32 26.35 -6.51
CA CYS A 597 21.60 25.19 -7.33
C CYS A 597 20.54 24.11 -7.27
N GLY A 598 20.18 23.59 -8.43
CA GLY A 598 19.13 22.58 -8.55
C GLY A 598 19.65 21.20 -8.29
N GLY A 599 20.94 21.12 -7.99
CA GLY A 599 21.57 19.87 -7.69
C GLY A 599 22.36 19.95 -6.41
N GLU A 600 23.13 18.92 -6.11
CA GLU A 600 23.60 18.69 -4.76
C GLU A 600 24.91 19.37 -4.37
N GLY A 601 25.62 19.93 -5.35
CA GLY A 601 26.94 20.46 -5.05
C GLY A 601 27.20 21.80 -5.68
N THR A 602 28.34 22.38 -5.31
CA THR A 602 28.70 23.71 -5.77
C THR A 602 29.10 23.69 -7.25
N SER A 603 29.52 22.54 -7.74
CA SER A 603 29.82 22.41 -9.18
C SER A 603 28.54 22.41 -10.03
N SER A 604 28.55 23.27 -11.04
CA SER A 604 27.43 23.40 -11.97
C SER A 604 27.20 22.08 -12.66
N THR A 605 28.15 21.19 -12.48
CA THR A 605 28.04 19.83 -12.95
C THR A 605 26.82 19.13 -12.37
N THR A 606 26.46 19.52 -11.15
CA THR A 606 25.41 18.82 -10.43
C THR A 606 24.00 19.34 -10.71
N GLY A 607 23.89 20.51 -11.31
CA GLY A 607 22.58 21.06 -11.66
C GLY A 607 22.64 22.51 -12.06
N ALA A 608 21.54 23.00 -12.60
CA ALA A 608 21.38 24.38 -13.02
C ALA A 608 21.73 25.31 -11.87
N GLN A 609 22.35 26.45 -12.16
CA GLN A 609 22.71 27.40 -11.13
C GLN A 609 22.38 28.83 -11.53
N ILE A 610 22.00 29.63 -10.54
CA ILE A 610 22.07 31.09 -10.66
C ILE A 610 22.93 31.55 -9.48
N THR A 611 23.92 32.37 -9.75
CA THR A 611 24.81 32.90 -8.73
C THR A 611 24.64 34.42 -8.67
N LEU A 612 24.18 34.94 -7.53
CA LEU A 612 24.11 36.39 -7.33
C LEU A 612 25.36 36.90 -6.60
N TYR A 613 26.08 37.80 -7.25
CA TYR A 613 27.34 38.34 -6.74
C TYR A 613 27.05 39.58 -5.88
N GLY A 614 27.73 39.69 -4.74
CA GLY A 614 27.55 40.86 -3.88
C GLY A 614 28.17 42.11 -4.46
N ALA A 615 27.83 43.28 -3.93
CA ALA A 615 28.50 44.49 -4.38
C ALA A 615 30.01 44.47 -4.10
N ASN A 616 30.41 43.78 -3.03
CA ASN A 616 31.80 43.64 -2.61
C ASN A 616 32.57 42.67 -3.43
N ASN A 617 31.87 41.90 -4.26
CA ASN A 617 32.58 40.92 -5.08
C ASN A 617 33.46 41.59 -6.14
N THR A 618 34.59 40.95 -6.45
CA THR A 618 35.41 41.38 -7.54
C THR A 618 34.54 41.71 -8.76
N ASP A 619 33.68 40.78 -9.15
CA ASP A 619 32.70 40.99 -10.20
C ASP A 619 31.44 41.60 -9.56
N SER A 620 31.49 42.91 -9.32
CA SER A 620 30.48 43.58 -8.52
C SER A 620 29.08 43.43 -9.11
N ARG A 621 28.14 42.88 -8.32
CA ARG A 621 26.73 42.77 -8.72
C ARG A 621 26.49 41.97 -10.00
N ARG A 622 27.40 41.07 -10.33
CA ARG A 622 27.22 40.21 -11.49
C ARG A 622 26.18 39.13 -11.20
N ILE A 623 25.45 38.75 -12.24
CA ILE A 623 24.64 37.53 -12.16
C ILE A 623 25.11 36.57 -13.24
N VAL A 624 25.30 35.31 -12.86
CA VAL A 624 25.62 34.27 -13.82
C VAL A 624 24.49 33.25 -13.80
N TYR A 625 23.84 33.05 -14.93
CA TYR A 625 22.82 32.03 -15.06
C TYR A 625 23.39 30.87 -15.85
N ASN A 626 23.42 29.70 -15.23
CA ASN A 626 24.11 28.55 -15.81
C ASN A 626 23.25 27.30 -15.86
N GLY A 627 22.79 26.95 -17.05
CA GLY A 627 22.02 25.75 -17.23
C GLY A 627 22.28 25.21 -18.62
N ASP A 628 21.76 24.03 -18.94
CA ASP A 628 21.76 23.49 -20.31
C ASP A 628 20.55 23.94 -21.13
N GLU A 629 19.56 24.55 -20.48
CA GLU A 629 18.50 25.25 -21.18
C GLU A 629 18.10 26.46 -20.36
N HIS A 630 17.95 27.61 -21.02
CA HIS A 630 17.36 28.79 -20.42
C HIS A 630 16.04 29.08 -21.15
N LEU A 631 14.92 28.75 -20.50
CA LEU A 631 13.62 28.85 -21.13
C LEU A 631 12.74 29.87 -20.43
N PHE A 632 12.37 30.92 -21.18
CA PHE A 632 11.59 32.01 -20.64
C PHE A 632 10.15 31.83 -21.01
N GLN A 633 9.35 31.48 -19.99
CA GLN A 633 7.95 31.13 -20.12
C GLN A 633 7.03 32.29 -19.74
N SER A 634 5.90 32.38 -20.48
CA SER A 634 4.72 33.22 -20.17
C SER A 634 4.81 34.71 -20.43
N ALA A 635 6.01 35.26 -20.63
CA ALA A 635 6.13 36.67 -20.96
C ALA A 635 7.31 36.95 -21.87
N ASP A 636 7.31 38.14 -22.46
CA ASP A 636 8.45 38.58 -23.24
C ASP A 636 9.69 38.77 -22.37
N VAL A 637 10.85 38.66 -23.02
CA VAL A 637 12.16 38.93 -22.40
C VAL A 637 12.46 40.41 -22.66
N LYS A 638 12.43 41.22 -21.61
CA LYS A 638 12.47 42.67 -21.82
C LYS A 638 13.44 43.33 -20.85
N PRO A 639 14.00 44.46 -21.29
CA PRO A 639 14.79 45.32 -20.41
C PRO A 639 13.87 46.12 -19.48
N TYR A 640 14.30 46.32 -18.24
CA TYR A 640 13.55 47.17 -17.30
C TYR A 640 13.22 48.53 -17.92
N ASN A 641 14.22 49.19 -18.52
CA ASN A 641 14.04 50.53 -19.07
C ASN A 641 14.05 50.56 -20.59
N ASP A 642 13.73 51.71 -21.15
CA ASP A 642 13.54 51.84 -22.57
C ASP A 642 14.76 52.42 -23.26
N ASN A 643 15.33 51.63 -24.17
CA ASN A 643 16.45 52.04 -25.02
C ASN A 643 17.68 52.42 -24.18
N VAL A 644 17.97 51.58 -23.21
CA VAL A 644 18.94 51.82 -22.16
C VAL A 644 19.98 50.70 -22.21
N THR A 645 19.52 49.45 -22.25
CA THR A 645 20.44 48.30 -22.32
C THR A 645 20.25 47.50 -23.58
N ALA A 646 21.26 46.69 -23.90
CA ALA A 646 21.28 45.94 -25.17
C ALA A 646 21.16 44.44 -24.98
N LEU A 647 20.98 43.75 -26.11
CA LEU A 647 21.19 42.30 -26.14
C LEU A 647 22.62 42.06 -26.63
N GLY A 648 23.43 41.38 -25.81
CA GLY A 648 24.83 41.11 -26.13
C GLY A 648 25.74 42.31 -25.95
N GLY A 649 26.97 42.15 -26.41
CA GLY A 649 27.94 43.22 -26.42
C GLY A 649 29.03 42.82 -27.40
N PRO A 650 29.98 43.70 -27.67
CA PRO A 650 31.02 43.44 -28.68
C PRO A 650 31.86 42.20 -28.37
N SER A 651 32.03 41.87 -27.08
CA SER A 651 32.82 40.72 -26.65
C SER A 651 31.96 39.55 -26.17
N ASN A 652 30.65 39.75 -26.18
CA ASN A 652 29.66 38.73 -25.83
C ASN A 652 28.52 38.76 -26.84
N ARG A 653 28.82 38.37 -28.07
CA ARG A 653 27.81 38.29 -29.13
C ARG A 653 27.01 37.01 -29.02
N PHE A 654 25.70 37.10 -29.23
CA PHE A 654 24.92 35.90 -29.52
C PHE A 654 25.20 35.50 -30.94
N THR A 655 25.24 34.20 -31.20
CA THR A 655 25.53 33.74 -32.58
C THR A 655 24.52 34.28 -33.61
N THR A 656 23.27 34.41 -33.17
CA THR A 656 22.15 34.80 -34.02
C THR A 656 20.88 35.01 -33.16
N ALA A 657 19.80 35.44 -33.77
CA ALA A 657 18.50 35.43 -33.12
C ALA A 657 17.53 34.72 -34.05
N TYR A 658 16.88 33.69 -33.51
CA TYR A 658 15.80 32.98 -34.20
C TYR A 658 14.45 33.67 -33.96
N LEU A 659 13.96 34.38 -34.98
CA LEU A 659 12.78 35.23 -34.88
C LEU A 659 11.72 34.79 -35.86
N GLY A 660 10.45 35.10 -35.58
CA GLY A 660 9.34 34.83 -36.49
C GLY A 660 9.04 35.96 -37.46
N SER A 661 9.71 37.09 -37.30
CA SER A 661 9.62 38.25 -38.21
C SER A 661 10.80 39.17 -37.89
N ASN A 662 11.09 40.07 -38.83
CA ASN A 662 12.19 40.97 -38.68
C ASN A 662 12.03 41.92 -37.46
N PRO A 663 13.14 42.27 -36.83
CA PRO A 663 13.12 43.20 -35.70
C PRO A 663 12.35 44.46 -36.01
N ILE A 664 11.66 45.00 -35.00
CA ILE A 664 10.95 46.26 -35.11
C ILE A 664 11.84 47.37 -34.56
N VAL A 665 12.51 48.09 -35.47
CA VAL A 665 13.46 49.11 -35.06
C VAL A 665 12.82 50.48 -35.14
N THR A 666 12.88 51.21 -34.04
CA THR A 666 11.96 52.31 -33.83
C THR A 666 12.54 53.48 -33.06
N SER B 1 26.56 -6.26 74.10
CA SER B 1 26.36 -4.88 73.55
C SER B 1 27.68 -4.16 73.19
N ALA B 2 27.60 -3.31 72.19
CA ALA B 2 28.76 -2.67 71.58
C ALA B 2 29.40 -1.58 72.47
N LYS B 3 30.73 -1.51 72.46
CA LYS B 3 31.41 -0.52 73.33
C LYS B 3 31.47 0.87 72.66
N GLY B 4 31.69 0.89 71.35
CA GLY B 4 31.81 2.14 70.63
C GLY B 4 32.86 3.07 71.24
N ASP B 5 34.06 2.51 71.45
CA ASP B 5 35.18 3.26 72.00
C ASP B 5 36.23 3.48 70.92
N GLY B 6 35.96 2.97 69.72
CA GLY B 6 36.86 3.16 68.59
C GLY B 6 38.09 2.27 68.62
N VAL B 7 38.18 1.35 69.60
CA VAL B 7 39.31 0.40 69.68
C VAL B 7 38.87 -1.06 69.92
N THR B 8 37.84 -1.27 70.75
CA THR B 8 37.30 -2.61 70.99
C THR B 8 36.54 -3.10 69.77
N ASP B 9 36.80 -4.35 69.38
CA ASP B 9 36.14 -4.95 68.23
C ASP B 9 34.65 -5.13 68.50
N ASP B 10 33.81 -4.39 67.78
CA ASP B 10 32.35 -4.43 67.99
C ASP B 10 31.60 -5.30 66.97
N THR B 11 32.35 -5.95 66.09
CA THR B 11 31.77 -6.67 64.95
C THR B 11 30.63 -7.62 65.37
N ALA B 12 30.90 -8.53 66.30
CA ALA B 12 29.89 -9.48 66.74
C ALA B 12 28.70 -8.80 67.47
N ALA B 13 28.99 -7.87 68.37
CA ALA B 13 27.95 -7.05 69.00
C ALA B 13 27.02 -6.45 67.95
N LEU B 14 27.63 -5.80 66.96
CA LEU B 14 26.87 -5.11 65.92
C LEU B 14 26.08 -6.10 65.11
N THR B 15 26.64 -7.28 64.85
CA THR B 15 26.00 -8.29 64.02
C THR B 15 24.77 -8.82 64.75
N SER B 16 24.91 -9.09 66.03
CA SER B 16 23.78 -9.59 66.77
C SER B 16 22.67 -8.52 66.80
N ALA B 17 23.04 -7.26 67.03
CA ALA B 17 22.05 -6.17 67.05
C ALA B 17 21.24 -6.15 65.74
N LEU B 18 21.94 -6.15 64.61
CA LEU B 18 21.29 -6.12 63.30
C LEU B 18 20.33 -7.31 63.13
N ASN B 19 20.78 -8.50 63.53
CA ASN B 19 19.94 -9.70 63.44
C ASN B 19 18.66 -9.61 64.30
N ASP B 20 18.77 -8.90 65.42
CA ASP B 20 17.68 -8.81 66.40
C ASP B 20 16.76 -7.60 66.25
N THR B 21 17.02 -6.76 65.24
CA THR B 21 16.18 -5.57 65.01
C THR B 21 15.57 -5.63 63.61
N PRO B 22 14.35 -5.10 63.43
CA PRO B 22 13.73 -5.06 62.11
C PRO B 22 14.51 -4.17 61.15
N VAL B 23 14.57 -4.60 59.88
CA VAL B 23 15.35 -3.93 58.85
C VAL B 23 15.02 -2.43 58.70
N GLY B 24 13.80 -2.05 59.10
CA GLY B 24 13.33 -0.68 58.93
C GLY B 24 13.78 0.26 60.04
N GLN B 25 14.27 -0.35 61.14
CA GLN B 25 14.69 0.44 62.27
C GLN B 25 16.04 1.04 61.99
N LYS B 26 16.12 2.36 62.09
CA LYS B 26 17.38 3.07 61.98
C LYS B 26 18.06 2.92 63.36
N ILE B 27 19.15 2.15 63.38
CA ILE B 27 19.95 1.94 64.58
C ILE B 27 20.83 3.15 64.88
N ASN B 28 20.59 3.79 66.03
CA ASN B 28 21.33 4.99 66.40
C ASN B 28 22.61 4.65 67.14
N GLY B 29 23.75 5.09 66.58
CA GLY B 29 25.06 4.85 67.19
C GLY B 29 25.51 5.93 68.15
N ASN B 30 24.64 6.94 68.39
CA ASN B 30 24.88 8.05 69.31
C ASN B 30 26.20 8.82 69.13
N GLY B 31 26.64 8.92 67.88
CA GLY B 31 27.76 9.76 67.50
C GLY B 31 29.07 9.09 67.82
N LYS B 32 28.98 7.82 68.19
CA LYS B 32 30.13 7.03 68.62
C LYS B 32 30.81 6.34 67.41
N THR B 33 32.08 5.94 67.59
CA THR B 33 32.85 5.25 66.59
C THR B 33 33.00 3.79 66.99
N TYR B 34 32.69 2.89 66.07
CA TYR B 34 32.73 1.47 66.34
C TYR B 34 33.78 0.76 65.48
N LYS B 35 34.70 0.06 66.14
CA LYS B 35 35.76 -0.67 65.45
C LYS B 35 35.17 -1.97 64.91
N VAL B 36 35.42 -2.25 63.62
CA VAL B 36 34.94 -3.50 63.01
C VAL B 36 36.01 -4.21 62.16
N THR B 37 35.93 -5.55 62.02
CA THR B 37 36.81 -6.26 61.09
C THR B 37 36.19 -6.44 59.70
N SER B 38 34.90 -6.11 59.60
CA SER B 38 34.20 -5.98 58.32
C SER B 38 33.13 -4.92 58.44
N LEU B 39 32.88 -4.18 57.35
CA LEU B 39 31.81 -3.17 57.37
C LEU B 39 30.49 -3.90 57.36
N PRO B 40 29.61 -3.55 58.30
CA PRO B 40 28.29 -4.14 58.35
C PRO B 40 27.38 -3.38 57.37
N ASP B 41 26.07 -3.58 57.53
CA ASP B 41 25.09 -2.89 56.71
C ASP B 41 25.01 -1.41 57.11
N ILE B 42 25.83 -0.57 56.47
CA ILE B 42 25.90 0.86 56.87
C ILE B 42 24.54 1.54 56.79
N SER B 43 23.76 1.11 55.80
CA SER B 43 22.45 1.70 55.47
C SER B 43 21.46 1.59 56.63
N ARG B 44 21.70 0.69 57.56
CA ARG B 44 20.77 0.51 58.66
C ARG B 44 21.09 1.36 59.88
N PHE B 45 22.19 2.12 59.81
CA PHE B 45 22.62 2.94 60.93
C PHE B 45 22.39 4.41 60.72
N ILE B 46 22.08 5.14 61.81
CA ILE B 46 22.16 6.61 61.78
C ILE B 46 23.16 7.07 62.81
N ASN B 47 23.74 8.25 62.63
CA ASN B 47 24.58 8.87 63.66
C ASN B 47 25.64 7.87 64.19
N THR B 48 26.35 7.24 63.26
CA THR B 48 27.29 6.15 63.56
C THR B 48 28.52 6.31 62.70
N ARG B 49 29.70 6.14 63.30
CA ARG B 49 30.95 6.04 62.55
C ARG B 49 31.59 4.69 62.74
N PHE B 50 32.22 4.17 61.68
CA PHE B 50 32.97 2.92 61.73
C PHE B 50 34.46 3.15 61.50
N VAL B 51 35.29 2.50 62.29
CA VAL B 51 36.73 2.41 62.01
C VAL B 51 36.98 1.02 61.48
N TYR B 52 37.66 0.95 60.34
CA TYR B 52 37.83 -0.32 59.65
C TYR B 52 39.16 -0.35 58.90
N GLU B 53 39.85 -1.47 59.00
CA GLU B 53 41.15 -1.60 58.37
C GLU B 53 40.98 -2.57 57.23
N ARG B 54 40.58 -2.03 56.07
CA ARG B 54 40.57 -2.80 54.82
C ARG B 54 41.95 -3.40 54.55
N ILE B 55 42.97 -2.54 54.68
CA ILE B 55 44.37 -2.91 54.64
C ILE B 55 44.89 -2.81 56.08
N PRO B 56 45.34 -3.93 56.61
CA PRO B 56 45.82 -4.00 58.01
C PRO B 56 46.88 -2.92 58.29
N GLY B 57 46.73 -2.21 59.42
CA GLY B 57 47.64 -1.13 59.77
C GLY B 57 47.25 0.20 59.20
N GLN B 58 46.15 0.24 58.43
CA GLN B 58 45.68 1.50 57.78
C GLN B 58 44.17 1.84 58.04
N PRO B 59 43.84 2.29 59.25
CA PRO B 59 42.45 2.50 59.64
C PRO B 59 41.86 3.67 58.88
N LEU B 60 40.68 3.49 58.35
CA LEU B 60 39.94 4.60 57.76
C LEU B 60 38.56 4.60 58.39
N TYR B 61 37.87 5.73 58.34
CA TYR B 61 36.60 5.81 59.01
C TYR B 61 35.47 5.92 58.00
N TYR B 62 34.29 5.48 58.44
CA TYR B 62 33.13 5.36 57.56
C TYR B 62 31.86 5.92 58.21
N ALA B 63 31.19 6.83 57.49
CA ALA B 63 30.11 7.59 58.12
C ALA B 63 28.82 6.98 57.70
N SER B 64 27.93 6.72 58.64
CA SER B 64 26.56 6.32 58.30
C SER B 64 25.80 7.59 57.90
N GLU B 65 24.55 7.44 57.44
CA GLU B 65 23.69 8.62 57.26
C GLU B 65 23.60 9.39 58.59
N GLU B 66 23.57 10.71 58.46
CA GLU B 66 23.36 11.60 59.61
C GLU B 66 24.53 11.68 60.62
N PHE B 67 25.64 10.97 60.39
CA PHE B 67 26.81 11.19 61.22
C PHE B 67 27.38 12.62 61.06
N VAL B 68 27.53 13.06 59.82
CA VAL B 68 27.84 14.44 59.52
C VAL B 68 26.56 15.11 58.99
N GLN B 69 26.45 16.44 59.13
CA GLN B 69 25.32 17.16 58.54
C GLN B 69 25.77 17.55 57.16
N GLY B 70 25.41 16.76 56.17
CA GLY B 70 26.00 16.87 54.85
C GLY B 70 25.19 16.19 53.81
N GLU B 71 25.37 16.60 52.57
CA GLU B 71 24.56 16.06 51.47
C GLU B 71 25.33 16.22 50.19
N LEU B 72 25.23 15.21 49.32
CA LEU B 72 25.84 15.26 48.01
C LEU B 72 24.83 15.77 47.00
N PHE B 73 25.29 16.66 46.12
CA PHE B 73 24.52 17.07 44.94
C PHE B 73 25.24 16.77 43.64
N LYS B 74 24.50 16.47 42.59
CA LYS B 74 25.05 16.43 41.25
C LYS B 74 24.79 17.81 40.61
N ILE B 75 25.84 18.45 40.10
CA ILE B 75 25.75 19.84 39.69
C ILE B 75 26.00 20.13 38.19
N THR B 76 26.59 19.18 37.45
CA THR B 76 26.55 19.18 35.97
C THR B 76 25.94 17.90 35.41
N ASP B 77 25.40 17.99 34.20
CA ASP B 77 24.88 16.84 33.49
C ASP B 77 24.98 17.06 31.99
N THR B 78 26.19 16.83 31.46
CA THR B 78 26.61 17.33 30.15
C THR B 78 27.37 16.22 29.46
N PRO B 79 27.25 16.12 28.13
CA PRO B 79 27.93 15.03 27.39
C PRO B 79 29.45 15.21 27.30
N TYR B 80 29.92 16.41 27.65
CA TYR B 80 31.36 16.66 27.71
C TYR B 80 31.98 15.85 28.85
N TYR B 81 33.28 15.61 28.72
CA TYR B 81 34.08 15.13 29.80
C TYR B 81 34.21 16.29 30.78
N ASN B 82 33.38 16.29 31.82
CA ASN B 82 33.44 17.37 32.81
C ASN B 82 34.19 16.98 34.09
N ALA B 83 35.33 17.60 34.31
CA ALA B 83 36.18 17.26 35.43
C ALA B 83 37.09 18.42 35.77
N TRP B 84 37.99 18.19 36.72
CA TRP B 84 39.04 19.15 37.09
C TRP B 84 38.50 20.49 37.54
N PRO B 85 37.64 20.50 38.56
CA PRO B 85 37.38 21.75 39.26
C PRO B 85 38.70 22.24 39.87
N GLN B 86 39.61 21.32 40.18
CA GLN B 86 40.92 21.67 40.74
C GLN B 86 41.53 22.86 39.99
N ASP B 87 41.93 23.91 40.69
CA ASP B 87 41.48 24.22 42.03
C ASP B 87 41.04 25.66 41.91
N LYS B 88 39.84 25.84 41.38
CA LYS B 88 39.41 27.13 40.84
C LYS B 88 38.17 27.70 41.52
N ALA B 89 37.52 26.95 42.41
CA ALA B 89 36.26 27.42 42.94
C ALA B 89 36.46 28.64 43.82
N PHE B 90 35.43 29.46 43.88
CA PHE B 90 35.44 30.64 44.73
C PHE B 90 34.00 31.05 44.97
N VAL B 91 33.78 31.81 46.04
CA VAL B 91 32.50 32.51 46.17
C VAL B 91 32.69 34.01 46.04
N TYR B 92 31.73 34.65 45.38
CA TYR B 92 31.77 36.08 45.19
C TYR B 92 30.36 36.62 45.30
N GLU B 93 30.18 37.56 46.21
CA GLU B 93 28.93 38.22 46.46
C GLU B 93 27.77 37.24 46.39
N ASN B 94 27.80 36.33 47.37
CA ASN B 94 26.78 35.30 47.57
C ASN B 94 26.61 34.22 46.50
N VAL B 95 27.30 34.32 45.37
CA VAL B 95 27.23 33.24 44.39
C VAL B 95 28.40 32.27 44.52
N ILE B 96 28.11 30.98 44.47
CA ILE B 96 29.15 29.96 44.48
C ILE B 96 29.55 29.65 43.06
N TYR B 97 30.84 29.72 42.75
CA TYR B 97 31.35 29.42 41.42
C TYR B 97 32.08 28.09 41.42
N ALA B 98 31.73 27.21 40.47
CA ALA B 98 32.44 25.94 40.28
C ALA B 98 33.02 25.86 38.87
N PRO B 99 34.21 26.44 38.63
CA PRO B 99 34.84 26.34 37.31
C PRO B 99 35.42 24.96 37.10
N TYR B 100 35.60 24.60 35.84
CA TYR B 100 36.11 23.27 35.52
C TYR B 100 36.56 23.28 34.07
N MET B 101 37.00 22.13 33.55
CA MET B 101 37.22 21.97 32.13
C MET B 101 36.27 20.93 31.58
N GLY B 102 35.61 21.29 30.50
CA GLY B 102 34.77 20.36 29.77
C GLY B 102 35.47 20.08 28.46
N SER B 103 35.87 18.84 28.25
CA SER B 103 36.69 18.46 27.11
C SER B 103 36.16 17.15 26.56
N ASP B 104 36.97 16.38 25.84
CA ASP B 104 36.54 15.06 25.44
C ASP B 104 37.44 13.93 25.96
N ARG B 105 38.40 14.28 26.83
CA ARG B 105 39.42 13.35 27.32
C ARG B 105 40.34 14.04 28.33
N HIS B 106 41.26 13.26 28.92
CA HIS B 106 42.36 13.82 29.70
C HIS B 106 43.33 14.55 28.76
N GLY B 107 43.00 15.79 28.44
CA GLY B 107 43.77 16.54 27.47
C GLY B 107 42.93 17.70 27.02
N VAL B 108 43.49 18.53 26.13
CA VAL B 108 42.81 19.79 25.79
C VAL B 108 41.96 19.75 24.52
N SER B 109 41.85 18.57 23.93
CA SER B 109 40.97 18.40 22.78
C SER B 109 39.50 18.79 23.13
N ARG B 110 38.90 19.60 22.26
CA ARG B 110 37.50 20.09 22.42
C ARG B 110 37.20 20.85 23.70
N LEU B 111 38.25 21.29 24.40
CA LEU B 111 38.14 21.80 25.74
C LEU B 111 37.63 23.21 25.79
N HIS B 112 36.75 23.50 26.74
CA HIS B 112 36.41 24.85 27.09
C HIS B 112 36.56 24.98 28.60
N VAL B 113 37.31 25.98 29.07
CA VAL B 113 37.30 26.32 30.49
C VAL B 113 35.87 26.81 30.77
N SER B 114 35.24 26.28 31.80
CA SER B 114 33.82 26.51 32.00
C SER B 114 33.52 26.72 33.46
N TRP B 115 32.31 27.19 33.76
CA TRP B 115 31.80 27.10 35.11
C TRP B 115 30.29 26.89 35.19
N VAL B 116 29.82 26.33 36.29
CA VAL B 116 28.43 26.43 36.65
C VAL B 116 28.41 27.15 37.96
N LYS B 117 27.30 27.81 38.29
CA LYS B 117 27.19 28.65 39.50
C LYS B 117 25.96 28.27 40.29
N SER B 118 26.02 28.45 41.60
CA SER B 118 24.83 28.33 42.44
C SER B 118 24.36 29.65 43.06
N GLY B 119 23.07 29.95 42.90
CA GLY B 119 22.46 31.16 43.43
C GLY B 119 21.71 30.92 44.72
N ASP B 120 21.70 29.68 45.19
CA ASP B 120 20.89 29.34 46.36
C ASP B 120 21.62 28.45 47.36
N ASP B 121 22.89 28.71 47.58
CA ASP B 121 23.67 27.97 48.56
C ASP B 121 23.81 26.51 48.19
N GLY B 122 23.78 26.22 46.88
CA GLY B 122 24.16 24.90 46.39
C GLY B 122 23.06 23.91 46.10
N GLN B 123 21.80 24.33 46.27
CA GLN B 123 20.64 23.48 45.95
C GLN B 123 20.50 23.27 44.45
N THR B 124 20.90 24.28 43.71
CA THR B 124 20.53 24.38 42.31
C THR B 124 21.67 25.06 41.55
N TRP B 125 21.92 24.64 40.33
CA TRP B 125 23.05 25.16 39.58
C TRP B 125 22.72 25.61 38.17
N SER B 126 23.57 26.47 37.61
CA SER B 126 23.23 27.14 36.37
C SER B 126 23.64 26.35 35.13
N THR B 127 23.15 26.79 33.98
CA THR B 127 23.57 26.28 32.69
C THR B 127 25.04 26.57 32.54
N PRO B 128 25.83 25.57 32.11
CA PRO B 128 27.25 25.77 31.86
C PRO B 128 27.56 26.98 30.97
N GLU B 129 28.66 27.68 31.31
CA GLU B 129 29.12 28.80 30.54
C GLU B 129 30.55 28.62 30.13
N TRP B 130 30.85 28.82 28.86
CA TRP B 130 32.21 28.81 28.35
C TRP B 130 32.97 30.10 28.65
N LEU B 131 34.12 29.98 29.30
CA LEU B 131 34.90 31.15 29.66
C LEU B 131 35.94 31.40 28.60
N THR B 132 36.41 30.34 27.94
CA THR B 132 37.33 30.49 26.81
C THR B 132 36.74 29.86 25.54
N ASP B 133 37.11 30.43 24.41
CA ASP B 133 36.91 29.85 23.08
C ASP B 133 37.98 28.82 22.83
N LEU B 134 37.82 28.01 21.79
CA LEU B 134 38.91 27.21 21.26
C LEU B 134 40.00 28.17 20.81
N HIS B 135 41.25 27.81 21.10
CA HIS B 135 42.42 28.60 20.76
C HIS B 135 42.49 28.84 19.22
N PRO B 136 42.93 30.03 18.81
CA PRO B 136 43.00 30.35 17.37
C PRO B 136 43.76 29.30 16.56
N ASP B 137 44.79 28.68 17.16
CA ASP B 137 45.61 27.64 16.50
C ASP B 137 45.13 26.18 16.81
N TYR B 138 43.90 26.03 17.29
CA TYR B 138 43.23 24.75 17.33
C TYR B 138 43.24 24.15 15.90
N PRO B 139 43.45 22.85 15.71
CA PRO B 139 43.64 21.84 16.77
C PRO B 139 45.07 21.48 17.14
N THR B 140 46.01 22.42 17.01
CA THR B 140 47.41 22.18 17.40
C THR B 140 47.62 22.32 18.91
N VAL B 141 47.06 23.40 19.44
CA VAL B 141 47.12 23.75 20.86
C VAL B 141 45.72 24.15 21.29
N ASN B 142 45.48 24.14 22.60
CA ASN B 142 44.26 24.74 23.14
C ASN B 142 44.47 25.15 24.58
N TYR B 143 43.48 25.81 25.16
CA TYR B 143 43.55 26.34 26.51
C TYR B 143 43.34 25.31 27.62
N HIS B 144 43.70 25.68 28.85
CA HIS B 144 43.76 24.78 29.99
C HIS B 144 43.86 25.68 31.21
N CYS B 145 43.19 25.35 32.30
CA CYS B 145 43.29 26.21 33.50
C CYS B 145 43.01 25.46 34.78
N MET B 146 43.91 25.62 35.75
CA MET B 146 43.71 24.96 37.03
C MET B 146 43.87 25.91 38.18
N SER B 147 44.07 27.19 37.88
CA SER B 147 44.24 28.20 38.89
C SER B 147 43.40 29.40 38.50
N MET B 148 42.48 29.76 39.39
CA MET B 148 41.55 30.85 39.14
C MET B 148 41.00 31.31 40.48
N GLY B 149 40.82 32.61 40.62
CA GLY B 149 40.20 33.15 41.81
C GLY B 149 39.92 34.63 41.69
N VAL B 150 39.58 35.23 42.83
CA VAL B 150 39.20 36.64 42.84
C VAL B 150 40.12 37.45 43.74
N CYS B 151 40.59 38.59 43.24
CA CYS B 151 41.38 39.52 44.02
C CYS B 151 40.87 40.90 43.70
N ARG B 152 40.40 41.61 44.73
CA ARG B 152 39.93 42.99 44.61
C ARG B 152 38.94 43.17 43.46
N ASN B 153 37.89 42.37 43.47
CA ASN B 153 36.80 42.38 42.47
C ASN B 153 37.16 42.13 41.02
N ARG B 154 38.34 41.55 40.77
CA ARG B 154 38.64 40.95 39.46
C ARG B 154 38.80 39.45 39.53
N LEU B 155 38.37 38.77 38.48
CA LEU B 155 38.69 37.38 38.29
C LEU B 155 40.08 37.33 37.72
N PHE B 156 40.94 36.47 38.27
CA PHE B 156 42.28 36.28 37.72
C PHE B 156 42.43 34.78 37.40
N ALA B 157 42.94 34.45 36.21
CA ALA B 157 43.12 33.05 35.83
C ALA B 157 44.43 32.89 35.20
N MET B 158 45.09 31.77 35.46
CA MET B 158 46.26 31.40 34.67
C MET B 158 45.77 30.53 33.55
N ILE B 159 45.72 31.13 32.37
CA ILE B 159 45.28 30.43 31.17
C ILE B 159 46.51 29.90 30.49
N GLU B 160 46.62 28.58 30.43
CA GLU B 160 47.73 27.90 29.77
C GLU B 160 47.38 27.50 28.36
N THR B 161 48.40 27.41 27.51
CA THR B 161 48.25 26.85 26.17
C THR B 161 48.99 25.52 26.20
N ARG B 162 48.35 24.45 25.74
CA ARG B 162 48.95 23.12 25.72
C ARG B 162 48.69 22.39 24.41
N THR B 163 49.62 21.54 23.97
CA THR B 163 49.42 20.78 22.73
C THR B 163 48.38 19.69 22.91
N LEU B 164 47.56 19.48 21.88
CA LEU B 164 46.65 18.34 21.84
C LEU B 164 47.43 17.05 21.80
N ALA B 165 48.59 17.06 21.18
CA ALA B 165 49.33 15.83 20.94
C ALA B 165 49.84 15.17 22.24
N LYS B 166 50.34 15.97 23.17
CA LYS B 166 50.98 15.39 24.37
C LYS B 166 50.63 16.12 25.64
N ASN B 167 49.71 17.08 25.53
CA ASN B 167 49.37 17.95 26.65
C ASN B 167 50.56 18.73 27.19
N ALA B 168 51.55 18.97 26.34
CA ALA B 168 52.74 19.73 26.74
C ALA B 168 52.45 21.23 26.85
N LEU B 169 52.97 21.84 27.91
CA LEU B 169 52.76 23.27 28.16
C LEU B 169 53.57 24.08 27.18
N THR B 170 52.95 25.12 26.61
CA THR B 170 53.46 25.92 25.50
C THR B 170 53.54 27.42 25.87
N ASN B 171 52.55 27.89 26.63
CA ASN B 171 52.45 29.28 27.04
C ASN B 171 51.66 29.45 28.35
N CYS B 172 52.05 30.44 29.15
CA CYS B 172 51.30 30.82 30.35
C CYS B 172 50.90 32.28 30.22
N ALA B 173 49.62 32.58 30.44
CA ALA B 173 49.21 33.96 30.43
C ALA B 173 48.30 34.23 31.62
N LEU B 174 48.43 35.39 32.25
CA LEU B 174 47.51 35.82 33.29
C LEU B 174 46.36 36.54 32.60
N TRP B 175 45.16 35.96 32.66
CA TRP B 175 43.94 36.64 32.19
C TRP B 175 43.18 37.23 33.39
N ASP B 176 42.74 38.47 33.30
CA ASP B 176 41.83 39.00 34.33
C ASP B 176 40.69 39.86 33.77
N ARG B 177 39.61 39.95 34.53
CA ARG B 177 38.40 40.66 34.14
C ARG B 177 37.74 41.13 35.42
N PRO B 178 37.03 42.26 35.38
CA PRO B 178 36.30 42.70 36.58
C PRO B 178 35.03 41.86 36.71
N MET B 179 34.57 41.68 37.92
CA MET B 179 33.38 40.89 38.18
C MET B 179 32.18 41.81 38.14
N SER B 180 31.06 41.28 37.67
CA SER B 180 29.81 42.04 37.66
C SER B 180 29.32 42.27 39.07
N ARG B 181 28.96 43.53 39.36
CA ARG B 181 28.44 43.95 40.66
C ARG B 181 27.42 45.05 40.50
N SER B 182 26.55 45.15 41.48
CA SER B 182 25.67 46.31 41.63
C SER B 182 26.11 47.05 42.87
N LEU B 183 26.43 48.33 42.73
CA LEU B 183 26.79 49.09 43.92
C LEU B 183 25.81 50.25 44.17
N HIS B 184 25.42 50.35 45.43
CA HIS B 184 24.38 51.29 45.85
C HIS B 184 25.11 52.27 46.74
N LEU B 185 25.36 53.47 46.24
CA LEU B 185 26.34 54.32 46.88
C LEU B 185 25.81 55.70 47.27
N THR B 186 26.57 56.32 48.19
CA THR B 186 26.29 57.65 48.71
C THR B 186 27.46 58.61 48.48
N GLY B 187 27.27 59.60 47.61
CA GLY B 187 28.33 60.55 47.27
C GLY B 187 29.48 59.91 46.52
N GLY B 188 30.59 60.64 46.45
CA GLY B 188 31.79 60.12 45.82
C GLY B 188 32.00 60.54 44.37
N ILE B 189 31.01 61.21 43.79
CA ILE B 189 31.19 61.70 42.42
C ILE B 189 31.43 63.21 42.37
N THR B 190 32.57 63.62 41.80
CA THR B 190 32.83 65.03 41.61
C THR B 190 33.17 65.29 40.16
N LYS B 191 32.77 66.45 39.66
CA LYS B 191 33.09 66.83 38.30
C LYS B 191 33.52 68.29 38.33
N ALA B 192 34.80 68.52 38.10
CA ALA B 192 35.38 69.86 38.13
C ALA B 192 34.81 70.74 37.03
N ALA B 193 34.69 72.04 37.28
CA ALA B 193 34.25 72.99 36.26
C ALA B 193 35.14 73.01 35.00
N ASN B 194 34.52 73.17 33.83
CA ASN B 194 35.27 73.54 32.62
C ASN B 194 36.07 72.42 32.00
N GLN B 195 35.82 71.21 32.49
CA GLN B 195 36.31 70.01 31.84
C GLN B 195 35.22 68.92 31.87
N ARG B 196 35.45 67.80 31.20
CA ARG B 196 34.35 66.88 30.93
C ARG B 196 34.38 65.56 31.69
N TYR B 197 35.45 65.35 32.47
CA TYR B 197 35.66 64.11 33.20
C TYR B 197 34.97 64.20 34.55
N ALA B 198 34.23 63.18 34.90
CA ALA B 198 33.74 63.06 36.25
C ALA B 198 34.64 62.05 36.86
N THR B 199 35.08 62.36 38.04
CA THR B 199 35.80 61.35 38.75
C THR B 199 34.86 60.63 39.71
N ILE B 200 34.98 59.31 39.72
CA ILE B 200 34.13 58.47 40.54
C ILE B 200 34.95 57.88 41.68
N HIS B 201 34.52 58.10 42.92
CA HIS B 201 35.20 57.49 44.08
C HIS B 201 34.50 56.21 44.46
N VAL B 202 35.17 55.11 44.15
CA VAL B 202 34.68 53.80 44.51
C VAL B 202 35.85 53.04 45.03
N PRO B 203 35.89 52.84 46.32
CA PRO B 203 37.07 52.21 46.92
C PRO B 203 37.24 50.77 46.46
N ASP B 204 38.48 50.45 46.09
CA ASP B 204 38.88 49.13 45.61
C ASP B 204 38.06 48.70 44.39
N HIS B 205 37.80 49.63 43.47
CA HIS B 205 36.95 49.35 42.35
C HIS B 205 37.45 48.17 41.47
N GLY B 206 38.78 48.02 41.37
CA GLY B 206 39.41 47.03 40.50
C GLY B 206 39.15 47.16 39.02
N LEU B 207 38.88 48.37 38.53
CA LEU B 207 38.58 48.57 37.11
C LEU B 207 39.79 49.08 36.32
N PHE B 208 39.82 48.83 35.02
CA PHE B 208 40.89 49.34 34.18
C PHE B 208 40.27 50.19 33.10
N VAL B 209 41.09 50.99 32.41
CA VAL B 209 40.63 51.82 31.30
C VAL B 209 39.95 50.87 30.32
N GLY B 210 38.75 51.25 29.90
CA GLY B 210 37.99 50.52 28.91
C GLY B 210 36.95 49.60 29.52
N ASP B 211 37.04 49.36 30.82
CA ASP B 211 36.07 48.52 31.49
C ASP B 211 34.70 49.20 31.57
N PHE B 212 33.66 48.37 31.56
CA PHE B 212 32.27 48.79 31.57
C PHE B 212 31.85 49.35 32.93
N VAL B 213 31.17 50.52 32.89
CA VAL B 213 30.47 51.06 34.06
C VAL B 213 29.15 51.74 33.71
N ASN B 214 28.10 51.34 34.42
CA ASN B 214 26.79 51.84 34.15
C ASN B 214 26.32 52.68 35.34
N PHE B 215 25.68 53.81 35.07
CA PHE B 215 25.22 54.71 36.15
C PHE B 215 23.71 54.97 36.11
N SER B 216 23.11 55.05 37.31
CA SER B 216 21.70 55.44 37.50
C SER B 216 21.61 56.45 38.60
N ASN B 217 20.70 57.42 38.42
CA ASN B 217 20.42 58.39 39.47
C ASN B 217 21.66 59.15 39.96
N SER B 218 22.69 59.27 39.13
CA SER B 218 23.90 59.97 39.57
C SER B 218 23.72 61.42 40.03
N ALA B 219 22.79 62.17 39.43
CA ALA B 219 22.68 63.63 39.69
C ALA B 219 23.92 64.46 39.24
N VAL B 220 24.71 63.92 38.31
CA VAL B 220 25.81 64.64 37.70
C VAL B 220 25.65 64.52 36.18
N THR B 221 25.29 65.64 35.56
CA THR B 221 25.07 65.78 34.11
C THR B 221 26.10 64.95 33.37
N GLY B 222 25.66 64.12 32.43
CA GLY B 222 26.61 63.34 31.62
C GLY B 222 26.98 61.97 32.18
N VAL B 223 26.97 61.85 33.49
CA VAL B 223 27.25 60.57 34.14
C VAL B 223 25.96 59.70 34.16
N SER B 224 25.76 58.82 33.18
CA SER B 224 24.45 58.23 32.93
C SER B 224 24.50 57.06 31.95
N GLY B 225 23.77 56.00 32.25
CA GLY B 225 23.68 54.86 31.36
C GLY B 225 25.01 54.12 31.21
N ASP B 226 25.17 53.48 30.05
CA ASP B 226 26.36 52.69 29.74
C ASP B 226 27.51 53.55 29.39
N MET B 227 28.57 53.45 30.18
CA MET B 227 29.80 54.19 29.94
C MET B 227 31.01 53.26 30.06
N THR B 228 32.20 53.80 29.80
CA THR B 228 33.44 53.05 30.06
C THR B 228 34.42 53.87 30.88
N VAL B 229 35.29 53.20 31.64
CA VAL B 229 36.35 53.88 32.38
C VAL B 229 37.34 54.60 31.43
N ALA B 230 37.50 55.91 31.61
CA ALA B 230 38.38 56.76 30.78
C ALA B 230 39.86 56.72 31.23
N THR B 231 40.08 57.07 32.47
CA THR B 231 41.36 56.85 33.16
C THR B 231 41.14 56.28 34.55
N VAL B 232 42.18 55.68 35.11
CA VAL B 232 42.15 55.30 36.52
C VAL B 232 43.16 56.14 37.32
N ILE B 233 42.66 56.90 38.28
CA ILE B 233 43.50 57.83 39.04
C ILE B 233 44.31 57.03 40.07
N ASP B 234 43.62 56.20 40.83
CA ASP B 234 44.25 55.27 41.79
C ASP B 234 43.26 54.17 42.13
N LYS B 235 43.63 53.28 43.04
CA LYS B 235 42.78 52.14 43.42
C LYS B 235 41.37 52.49 43.86
N ASP B 236 41.15 53.73 44.29
CA ASP B 236 39.89 54.20 44.83
C ASP B 236 39.12 55.16 43.91
N ASN B 237 39.72 55.56 42.80
CA ASN B 237 39.19 56.65 41.98
C ASN B 237 39.41 56.42 40.46
N PHE B 238 38.42 56.73 39.61
CA PHE B 238 38.59 56.61 38.17
C PHE B 238 37.69 57.62 37.52
N THR B 239 37.84 57.84 36.22
CA THR B 239 37.03 58.84 35.57
C THR B 239 36.26 58.27 34.41
N VAL B 240 35.18 58.95 34.05
CA VAL B 240 34.49 58.66 32.85
C VAL B 240 34.44 59.94 32.05
N LEU B 241 34.65 59.88 30.77
CA LEU B 241 34.44 61.05 29.95
C LEU B 241 32.93 61.31 29.85
N THR B 242 32.45 62.46 30.34
CA THR B 242 31.04 62.84 30.10
C THR B 242 30.88 63.55 28.74
N PRO B 243 29.67 63.56 28.17
CA PRO B 243 29.37 64.37 26.99
C PRO B 243 29.50 65.89 27.13
N ASN B 244 29.78 66.45 28.31
CA ASN B 244 29.64 67.91 28.39
C ASN B 244 30.30 68.50 29.61
N GLN B 245 30.39 69.83 29.67
CA GLN B 245 30.99 70.54 30.83
C GLN B 245 30.11 71.66 31.39
N GLN B 246 30.40 72.10 32.61
CA GLN B 246 29.64 73.16 33.28
C GLN B 246 30.61 74.16 33.87
N THR B 247 30.12 75.37 34.10
CA THR B 247 30.98 76.43 34.60
C THR B 247 31.17 76.41 36.12
N SER B 248 30.42 75.55 36.80
CA SER B 248 30.53 75.40 38.26
C SER B 248 30.65 73.93 38.60
N ASP B 249 31.31 73.63 39.72
CA ASP B 249 31.63 72.26 40.14
C ASP B 249 30.40 71.54 40.61
N LEU B 250 30.45 70.22 40.49
CA LEU B 250 29.38 69.32 40.85
C LEU B 250 29.91 68.30 41.84
N ASN B 251 29.10 67.99 42.84
CA ASN B 251 29.50 67.01 43.86
C ASN B 251 28.22 66.40 44.45
N ASN B 252 28.01 65.10 44.24
CA ASN B 252 26.80 64.44 44.74
C ASN B 252 26.86 63.94 46.21
N ALA B 253 27.80 64.44 47.01
CA ALA B 253 27.84 64.14 48.46
C ALA B 253 26.43 64.11 49.07
N GLY B 254 26.10 63.02 49.75
CA GLY B 254 24.74 62.84 50.26
C GLY B 254 23.64 62.31 49.31
N LYS B 255 23.83 62.24 47.98
CA LYS B 255 22.84 61.72 47.03
C LYS B 255 23.05 60.22 46.80
N ASN B 256 21.97 59.44 46.78
CA ASN B 256 22.14 57.99 46.58
C ASN B 256 21.97 57.68 45.11
N TRP B 257 22.86 56.83 44.58
CA TRP B 257 22.95 56.48 43.15
C TRP B 257 23.40 55.01 43.00
N HIS B 258 23.49 54.51 41.77
CA HIS B 258 23.94 53.14 41.59
C HIS B 258 24.94 52.99 40.45
N MET B 259 25.94 52.10 40.65
CA MET B 259 26.82 51.49 39.60
C MET B 259 26.68 49.97 39.68
N GLY B 260 26.90 49.15 38.65
CA GLY B 260 27.34 49.53 37.34
C GLY B 260 28.39 48.67 36.65
N THR B 261 28.85 47.51 37.15
CA THR B 261 29.94 46.79 36.44
C THR B 261 29.57 45.51 35.69
N SER B 262 30.44 45.05 34.79
CA SER B 262 30.14 43.90 33.94
C SER B 262 31.37 43.13 33.51
N PHE B 263 31.43 41.87 33.91
CA PHE B 263 32.39 40.88 33.40
C PHE B 263 32.22 40.71 31.88
N HIS B 264 30.99 40.66 31.40
CA HIS B 264 30.77 40.29 30.00
C HIS B 264 31.04 41.41 29.01
N LYS B 265 30.86 42.64 29.46
CA LYS B 265 31.06 43.78 28.56
C LYS B 265 32.45 44.40 28.70
N SER B 266 33.32 43.74 29.48
CA SER B 266 34.65 44.24 29.69
C SER B 266 35.61 43.23 29.10
N PRO B 267 36.66 43.73 28.44
CA PRO B 267 37.57 42.83 27.76
C PRO B 267 38.43 42.16 28.83
N TRP B 268 38.96 40.97 28.56
CA TRP B 268 40.00 40.38 29.37
C TRP B 268 41.20 41.30 29.31
N ARG B 269 41.97 41.44 30.40
CA ARG B 269 43.35 41.87 30.27
C ARG B 269 44.21 40.59 30.20
N LYS B 270 44.98 40.44 29.14
CA LYS B 270 45.87 39.28 28.96
C LYS B 270 47.31 39.70 29.07
N THR B 271 47.98 39.21 30.11
CA THR B 271 49.40 39.39 30.30
C THR B 271 50.18 38.12 29.95
N ASP B 272 50.96 38.19 28.87
CA ASP B 272 51.74 37.07 28.39
C ASP B 272 52.94 36.86 29.29
N LEU B 273 53.05 35.69 29.91
CA LEU B 273 54.19 35.40 30.77
C LEU B 273 55.20 34.48 30.10
N GLY B 274 54.95 34.13 28.84
CA GLY B 274 55.82 33.24 28.08
C GLY B 274 55.70 31.81 28.58
N LEU B 275 56.64 30.96 28.18
CA LEU B 275 56.73 29.64 28.75
C LEU B 275 57.57 29.74 30.02
N ILE B 276 56.90 29.92 31.15
CA ILE B 276 57.60 30.04 32.44
C ILE B 276 58.48 28.82 32.62
N PRO B 277 59.76 29.06 32.91
CA PRO B 277 60.74 27.98 33.01
C PRO B 277 60.35 27.01 34.10
N SER B 278 60.60 25.72 33.85
CA SER B 278 60.47 24.66 34.83
C SER B 278 59.10 24.68 35.52
N VAL B 279 58.05 24.65 34.69
CA VAL B 279 56.65 24.57 35.13
C VAL B 279 55.95 23.51 34.27
N THR B 280 55.17 22.65 34.92
CA THR B 280 54.38 21.67 34.20
C THR B 280 52.92 22.13 34.26
N GLU B 281 52.50 22.59 35.44
CA GLU B 281 51.12 22.97 35.65
C GLU B 281 51.06 24.06 36.69
N VAL B 282 50.28 25.11 36.42
CA VAL B 282 49.96 26.08 37.45
C VAL B 282 48.59 25.68 38.02
N HIS B 283 48.48 25.64 39.36
CA HIS B 283 47.31 25.04 40.03
C HIS B 283 47.04 25.64 41.42
N SER B 284 45.79 25.99 41.67
CA SER B 284 45.36 26.61 42.91
C SER B 284 45.62 28.11 42.97
N PHE B 285 44.86 28.79 43.83
CA PHE B 285 44.81 30.26 43.90
C PHE B 285 44.63 30.67 45.36
N ALA B 286 45.47 31.57 45.85
CA ALA B 286 45.31 32.08 47.18
C ALA B 286 45.45 33.60 47.18
N THR B 287 44.33 34.26 47.41
CA THR B 287 44.27 35.71 47.60
C THR B 287 45.08 36.05 48.81
N ILE B 288 46.06 36.94 48.64
CA ILE B 288 46.89 37.36 49.76
C ILE B 288 46.36 38.65 50.42
N ASP B 289 45.98 39.60 49.58
CA ASP B 289 45.55 40.90 50.06
C ASP B 289 44.92 41.70 48.92
N ASN B 290 44.87 42.99 49.13
CA ASN B 290 44.23 43.89 48.19
C ASN B 290 44.95 44.12 46.87
N ASN B 291 46.21 43.67 46.80
CA ASN B 291 47.09 43.93 45.67
C ASN B 291 47.48 42.68 44.88
N GLY B 292 47.35 41.49 45.48
CA GLY B 292 47.85 40.31 44.79
C GLY B 292 47.56 38.99 45.48
N PHE B 293 48.18 37.95 44.95
CA PHE B 293 47.76 36.59 45.21
C PHE B 293 48.86 35.61 44.85
N ALA B 294 48.70 34.37 45.29
CA ALA B 294 49.65 33.33 44.91
C ALA B 294 48.95 32.22 44.12
N MET B 295 49.67 31.58 43.21
CA MET B 295 49.19 30.44 42.45
C MET B 295 50.19 29.35 42.63
N GLY B 296 49.70 28.14 42.83
CA GLY B 296 50.60 27.03 43.06
C GLY B 296 51.14 26.55 41.72
N TYR B 297 52.18 25.74 41.75
CA TYR B 297 52.74 25.14 40.55
C TYR B 297 53.51 23.89 40.92
N HIS B 298 53.80 23.07 39.92
CA HIS B 298 54.75 21.99 40.06
C HIS B 298 55.42 21.75 38.73
N GLN B 299 56.61 21.14 38.79
CA GLN B 299 57.32 20.69 37.61
C GLN B 299 57.63 19.22 37.79
N GLY B 300 57.11 18.39 36.89
CA GLY B 300 57.21 16.94 37.04
C GLY B 300 57.62 16.20 35.78
N ASP B 301 58.13 16.94 34.77
CA ASP B 301 58.49 16.34 33.48
C ASP B 301 59.92 15.82 33.45
N VAL B 302 60.84 16.54 34.12
CA VAL B 302 62.26 16.20 34.17
C VAL B 302 62.78 16.36 35.60
N ALA B 303 63.85 15.65 35.95
CA ALA B 303 64.44 15.78 37.29
C ALA B 303 65.24 17.09 37.39
N PRO B 304 65.30 17.72 38.56
CA PRO B 304 64.47 17.37 39.73
C PRO B 304 63.10 18.00 39.67
N ARG B 305 62.14 17.30 40.26
CA ARG B 305 60.79 17.76 40.46
C ARG B 305 60.73 18.99 41.38
N GLU B 306 59.80 19.90 41.06
CA GLU B 306 59.61 21.10 41.85
C GLU B 306 58.15 21.22 42.27
N VAL B 307 57.91 21.65 43.51
CA VAL B 307 56.58 22.03 43.96
C VAL B 307 56.64 23.33 44.75
N GLY B 308 55.79 24.30 44.43
CA GLY B 308 55.82 25.55 45.14
C GLY B 308 54.70 26.46 44.73
N LEU B 309 55.00 27.76 44.70
CA LEU B 309 54.00 28.74 44.31
C LEU B 309 54.65 29.97 43.62
N PHE B 310 53.83 30.72 42.89
CA PHE B 310 54.26 31.99 42.34
C PHE B 310 53.44 33.04 43.03
N TYR B 311 54.13 33.98 43.68
CA TYR B 311 53.50 35.09 44.36
C TYR B 311 53.47 36.32 43.46
N PHE B 312 52.30 36.89 43.20
CA PHE B 312 52.18 38.10 42.39
C PHE B 312 51.82 39.20 43.35
N PRO B 313 52.82 39.97 43.81
CA PRO B 313 52.59 40.93 44.89
C PRO B 313 51.71 42.09 44.50
N ASP B 314 51.77 42.59 43.28
CA ASP B 314 50.88 43.65 42.84
C ASP B 314 50.44 43.35 41.43
N ALA B 315 49.38 42.56 41.32
CA ALA B 315 48.83 42.06 40.06
C ALA B 315 48.13 43.12 39.24
N PHE B 316 47.81 44.21 39.90
CA PHE B 316 47.07 45.31 39.30
C PHE B 316 48.01 46.22 38.51
N ASN B 317 49.01 46.76 39.18
CA ASN B 317 50.01 47.57 38.50
C ASN B 317 51.04 46.72 37.73
N SER B 318 51.40 45.53 38.24
CA SER B 318 52.43 44.71 37.59
C SER B 318 52.05 43.22 37.45
N PRO B 319 51.08 42.94 36.59
CA PRO B 319 50.65 41.55 36.40
C PRO B 319 51.80 40.60 36.00
N SER B 320 52.91 41.11 35.47
CA SER B 320 53.94 40.26 34.87
C SER B 320 54.99 39.92 35.88
N ASN B 321 54.91 40.54 37.07
CA ASN B 321 55.94 40.41 38.09
C ASN B 321 55.54 39.39 39.13
N TYR B 322 56.30 38.32 39.23
CA TYR B 322 55.99 37.27 40.18
C TYR B 322 57.31 36.74 40.72
N VAL B 323 57.25 36.08 41.88
CA VAL B 323 58.40 35.45 42.49
C VAL B 323 58.10 33.97 42.81
N ARG B 324 59.05 33.11 42.47
CA ARG B 324 58.91 31.68 42.68
C ARG B 324 59.36 31.32 44.09
N ARG B 325 58.57 30.48 44.76
CA ARG B 325 58.91 30.01 46.07
C ARG B 325 58.61 28.53 46.13
N GLN B 326 59.57 27.73 46.61
CA GLN B 326 59.36 26.30 46.64
C GLN B 326 59.25 25.78 48.05
N ILE B 327 58.54 24.67 48.21
CA ILE B 327 58.49 23.99 49.51
C ILE B 327 59.83 23.31 49.75
N PRO B 328 60.10 22.86 50.98
CA PRO B 328 61.41 22.27 51.31
C PRO B 328 61.64 21.08 50.40
N SER B 329 62.88 20.92 49.95
CA SER B 329 63.24 19.94 48.91
C SER B 329 62.99 18.45 49.26
N GLU B 330 62.96 18.09 50.54
CA GLU B 330 62.63 16.70 50.92
C GLU B 330 61.17 16.31 50.57
N TYR B 331 60.29 17.31 50.44
CA TYR B 331 58.88 17.12 50.18
C TYR B 331 58.50 17.25 48.68
N GLU B 332 59.49 17.58 47.86
CA GLU B 332 59.27 17.75 46.41
C GLU B 332 59.16 16.47 45.62
N PRO B 333 59.94 15.42 45.92
CA PRO B 333 59.83 14.18 45.15
C PRO B 333 58.41 13.61 45.19
N ASP B 334 57.93 13.09 44.07
CA ASP B 334 56.66 12.40 44.00
C ASP B 334 55.46 13.27 44.37
N ALA B 335 55.57 14.57 44.15
CA ALA B 335 54.53 15.51 44.53
C ALA B 335 54.14 16.40 43.37
N SER B 336 52.89 16.82 43.37
CA SER B 336 52.37 17.71 42.36
C SER B 336 51.14 18.47 42.88
N GLU B 337 50.60 19.32 42.00
CA GLU B 337 49.34 20.04 42.16
C GLU B 337 49.06 20.46 43.62
N PRO B 338 49.86 21.39 44.14
CA PRO B 338 49.64 21.94 45.48
C PRO B 338 48.35 22.74 45.57
N CYS B 339 47.59 22.58 46.64
CA CYS B 339 46.51 23.52 46.96
C CYS B 339 47.00 24.53 47.98
N ILE B 340 46.73 25.80 47.72
CA ILE B 340 47.19 26.85 48.60
C ILE B 340 46.09 27.74 49.10
N LYS B 341 46.18 28.14 50.37
CA LYS B 341 45.20 29.06 50.91
C LYS B 341 45.84 29.96 51.93
N TYR B 342 45.30 31.17 52.09
CA TYR B 342 45.93 32.12 53.00
C TYR B 342 44.97 32.66 54.08
N TYR B 343 45.34 32.44 55.33
CA TYR B 343 44.51 32.85 56.45
C TYR B 343 45.32 33.51 57.55
N ASP B 344 44.84 34.69 57.98
CA ASP B 344 45.47 35.42 59.09
C ASP B 344 47.04 35.45 59.00
N GLY B 345 47.58 35.87 57.86
CA GLY B 345 49.03 35.95 57.68
C GLY B 345 49.78 34.61 57.53
N VAL B 346 49.04 33.51 57.43
CA VAL B 346 49.67 32.21 57.23
C VAL B 346 49.25 31.62 55.90
N LEU B 347 50.23 31.22 55.11
CA LEU B 347 50.02 30.50 53.87
C LEU B 347 50.15 28.97 54.04
N TYR B 348 49.08 28.25 53.71
CA TYR B 348 49.04 26.80 53.80
C TYR B 348 49.11 26.18 52.45
N LEU B 349 49.87 25.09 52.35
CA LEU B 349 50.04 24.34 51.10
C LEU B 349 49.94 22.81 51.36
N ILE B 350 49.09 22.11 50.60
CA ILE B 350 49.03 20.65 50.64
C ILE B 350 49.29 20.08 49.25
N THR B 351 50.18 19.08 49.17
CA THR B 351 50.56 18.48 47.89
C THR B 351 49.77 17.23 47.54
N ARG B 352 49.74 16.91 46.25
CA ARG B 352 49.29 15.62 45.71
C ARG B 352 50.48 14.69 45.71
N GLY B 353 50.30 13.49 46.22
CA GLY B 353 51.29 12.44 46.07
C GLY B 353 51.07 11.73 44.74
N THR B 354 52.14 11.39 44.05
CA THR B 354 52.00 10.77 42.73
C THR B 354 52.00 9.23 42.76
N ARG B 355 52.48 8.63 43.85
CA ARG B 355 52.41 7.17 43.95
C ARG B 355 52.17 6.59 45.37
N GLY B 356 51.42 5.50 45.40
CA GLY B 356 51.07 4.83 46.64
C GLY B 356 52.21 4.10 47.33
N ASP B 357 53.34 3.95 46.65
CA ASP B 357 54.49 3.27 47.24
C ASP B 357 55.67 4.22 47.59
N ARG B 358 55.39 5.53 47.68
CA ARG B 358 56.39 6.55 48.05
C ARG B 358 55.72 7.59 48.94
N LEU B 359 56.50 8.24 49.79
CA LEU B 359 55.96 9.28 50.66
C LEU B 359 55.04 10.21 49.88
N GLY B 360 53.82 10.40 50.38
CA GLY B 360 52.78 11.11 49.65
C GLY B 360 52.50 12.57 50.07
N SER B 361 51.23 12.92 50.08
CA SER B 361 50.77 14.25 50.40
C SER B 361 51.38 14.77 51.71
N SER B 362 51.84 16.03 51.64
CA SER B 362 52.35 16.72 52.80
C SER B 362 51.70 18.09 52.94
N LEU B 363 51.69 18.59 54.19
CA LEU B 363 51.15 19.89 54.58
C LEU B 363 52.27 20.85 54.98
N HIS B 364 52.16 22.12 54.61
CA HIS B 364 53.21 23.10 54.92
C HIS B 364 52.56 24.43 55.26
N ARG B 365 53.20 25.18 56.15
CA ARG B 365 52.73 26.54 56.39
C ARG B 365 53.90 27.51 56.46
N SER B 366 53.63 28.75 56.09
CA SER B 366 54.63 29.79 56.10
C SER B 366 54.04 31.14 56.53
N ARG B 367 54.81 31.90 57.30
CA ARG B 367 54.42 33.27 57.68
C ARG B 367 55.17 34.30 56.88
N ASP B 368 55.81 33.85 55.81
CA ASP B 368 56.52 34.75 54.90
C ASP B 368 56.26 34.45 53.42
N ILE B 369 55.05 33.94 53.12
CA ILE B 369 54.58 33.68 51.77
C ILE B 369 55.53 32.75 51.02
N GLY B 370 55.98 31.71 51.71
CA GLY B 370 56.74 30.64 51.09
C GLY B 370 58.26 30.72 51.14
N GLN B 371 58.80 31.70 51.83
CA GLN B 371 60.24 31.81 51.95
C GLN B 371 60.76 30.77 52.92
N THR B 372 60.10 30.65 54.09
CA THR B 372 60.34 29.51 54.99
C THR B 372 59.04 28.78 55.31
N TRP B 373 59.19 27.52 55.69
CA TRP B 373 58.06 26.65 55.89
C TRP B 373 58.23 25.80 57.17
N GLU B 374 57.11 25.37 57.72
CA GLU B 374 57.09 24.31 58.70
C GLU B 374 56.27 23.20 58.06
N SER B 375 56.73 21.96 58.16
CA SER B 375 56.14 20.91 57.32
C SER B 375 55.72 19.67 58.07
N LEU B 376 54.82 18.89 57.47
CA LEU B 376 54.42 17.59 58.01
C LEU B 376 53.92 16.62 56.96
N ARG B 377 54.13 15.34 57.20
CA ARG B 377 53.75 14.29 56.25
C ARG B 377 52.47 13.57 56.64
N PHE B 378 51.52 13.45 55.71
CA PHE B 378 50.34 12.63 56.02
C PHE B 378 50.82 11.21 56.03
N PRO B 379 50.39 10.43 57.02
CA PRO B 379 50.78 9.01 57.08
C PRO B 379 50.22 8.23 55.88
N HIS B 380 50.89 7.15 55.54
CA HIS B 380 50.39 6.16 54.57
C HIS B 380 50.28 6.63 53.08
N ASN B 381 51.25 7.39 52.62
CA ASN B 381 51.38 7.72 51.21
C ASN B 381 50.06 8.14 50.55
N VAL B 382 49.45 9.21 51.03
CA VAL B 382 48.23 9.72 50.38
C VAL B 382 48.58 10.15 48.95
N HIS B 383 47.83 9.64 47.96
CA HIS B 383 48.24 9.80 46.57
C HIS B 383 47.08 9.87 45.61
N HIS B 384 47.37 10.39 44.41
CA HIS B 384 46.46 10.49 43.24
C HIS B 384 45.33 11.52 43.36
N THR B 385 45.20 12.12 44.55
CA THR B 385 44.19 13.15 44.74
C THR B 385 44.80 14.46 45.19
N THR B 386 44.26 15.59 44.75
CA THR B 386 44.59 16.81 45.45
C THR B 386 43.74 16.88 46.70
N LEU B 387 44.15 17.74 47.62
CA LEU B 387 43.44 17.84 48.88
C LEU B 387 43.08 19.29 49.08
N PRO B 388 42.05 19.75 48.36
CA PRO B 388 41.59 21.13 48.53
C PRO B 388 41.00 21.25 49.92
N PHE B 389 41.06 22.44 50.50
CA PHE B 389 40.65 22.62 51.89
C PHE B 389 40.35 24.08 52.17
N ALA B 390 39.73 24.30 53.33
CA ALA B 390 39.54 25.62 53.89
C ALA B 390 39.86 25.60 55.38
N LYS B 391 40.10 26.77 55.94
CA LYS B 391 40.30 26.87 57.37
C LYS B 391 39.01 27.35 58.02
N VAL B 392 38.44 26.55 58.92
CA VAL B 392 37.30 26.96 59.73
C VAL B 392 37.70 26.87 61.23
N GLY B 393 37.78 28.01 61.90
CA GLY B 393 38.31 28.02 63.25
C GLY B 393 39.75 27.56 63.20
N ASP B 394 40.13 26.69 64.12
CA ASP B 394 41.51 26.21 64.18
C ASP B 394 41.77 25.09 63.22
N ASP B 395 40.73 24.65 62.53
CA ASP B 395 40.79 23.44 61.74
C ASP B 395 41.01 23.67 60.25
N LEU B 396 41.98 22.97 59.69
CA LEU B 396 42.01 22.77 58.26
C LEU B 396 41.03 21.63 58.00
N ILE B 397 40.04 21.90 57.15
CA ILE B 397 39.09 20.90 56.70
C ILE B 397 39.40 20.59 55.25
N MET B 398 39.81 19.36 54.98
CA MET B 398 40.24 19.01 53.64
C MET B 398 39.46 17.83 53.08
N PHE B 399 39.38 17.77 51.75
CA PHE B 399 38.66 16.73 51.05
C PHE B 399 39.54 16.03 50.02
N GLY B 400 39.31 14.74 49.81
CA GLY B 400 40.05 13.98 48.84
C GLY B 400 39.22 12.82 48.37
N SER B 401 39.52 12.36 47.15
CA SER B 401 38.81 11.25 46.52
C SER B 401 39.80 10.35 45.85
N GLU B 402 39.77 9.05 46.17
CA GLU B 402 40.51 8.08 45.36
C GLU B 402 39.86 8.06 43.97
N ARG B 403 40.65 7.77 42.93
CA ARG B 403 40.19 7.85 41.54
C ARG B 403 39.40 6.61 41.06
N ALA B 404 39.71 5.47 41.63
CA ALA B 404 38.92 4.27 41.50
C ALA B 404 38.94 3.60 42.88
N GLU B 405 38.04 2.66 43.08
CA GLU B 405 37.85 2.04 44.36
C GLU B 405 39.12 1.32 44.82
N ASN B 406 39.44 1.52 46.11
CA ASN B 406 40.51 0.81 46.81
C ASN B 406 41.93 1.20 46.32
N GLU B 407 42.08 2.47 46.01
CA GLU B 407 43.36 2.99 45.57
C GLU B 407 43.96 3.88 46.65
N TRP B 408 43.17 4.22 47.67
CA TRP B 408 43.56 5.24 48.64
C TRP B 408 44.76 4.84 49.48
N GLU B 409 44.74 3.62 49.98
CA GLU B 409 45.71 3.16 50.98
C GLU B 409 47.15 3.05 50.46
N ALA B 410 48.12 3.20 51.36
CA ALA B 410 49.53 2.93 50.99
C ALA B 410 49.72 1.53 50.42
N GLY B 411 50.42 1.44 49.30
CA GLY B 411 50.74 0.15 48.73
C GLY B 411 49.63 -0.47 47.90
N ALA B 412 48.48 0.22 47.82
CA ALA B 412 47.37 -0.29 47.02
C ALA B 412 47.66 -0.07 45.52
N PRO B 413 47.61 -1.13 44.71
CA PRO B 413 47.91 -0.95 43.28
C PRO B 413 46.74 -0.24 42.60
N ASP B 414 47.03 0.54 41.56
CA ASP B 414 45.98 1.07 40.71
C ASP B 414 45.16 -0.09 40.23
N ASP B 415 43.86 0.16 40.12
CA ASP B 415 42.88 -0.87 39.71
C ASP B 415 41.88 -0.31 38.70
N ARG B 416 42.32 -0.19 37.46
CA ARG B 416 41.54 0.41 36.40
C ARG B 416 40.94 -0.61 35.45
N TYR B 417 40.17 -0.10 34.50
CA TYR B 417 39.55 -0.92 33.46
C TYR B 417 38.48 -1.85 34.00
N LYS B 418 37.98 -1.54 35.19
CA LYS B 418 36.77 -2.19 35.67
C LYS B 418 35.94 -1.24 36.49
N ALA B 419 34.64 -1.27 36.27
CA ALA B 419 33.75 -0.40 37.02
C ALA B 419 33.93 -0.59 38.53
N SER B 420 34.00 0.51 39.27
CA SER B 420 34.09 0.47 40.74
C SER B 420 33.45 1.67 41.43
N TYR B 421 33.45 1.64 42.78
CA TYR B 421 32.85 2.70 43.54
C TYR B 421 33.88 3.39 44.45
N PRO B 422 34.62 4.35 43.92
CA PRO B 422 35.70 5.01 44.69
C PRO B 422 35.19 5.83 45.88
N ARG B 423 35.95 5.77 46.96
CA ARG B 423 35.61 6.47 48.19
C ARG B 423 36.09 7.92 48.20
N THR B 424 35.22 8.81 48.68
CA THR B 424 35.59 10.18 48.96
C THR B 424 35.64 10.42 50.49
N PHE B 425 36.68 11.13 50.91
CA PHE B 425 36.99 11.31 52.32
C PHE B 425 37.11 12.77 52.63
N TYR B 426 36.89 13.10 53.90
CA TYR B 426 37.28 14.39 54.44
C TYR B 426 38.01 14.17 55.77
N ALA B 427 38.78 15.16 56.19
CA ALA B 427 39.53 15.11 57.46
C ALA B 427 39.69 16.49 58.03
N ARG B 428 39.78 16.52 59.34
CA ARG B 428 40.00 17.76 60.11
C ARG B 428 41.40 17.69 60.68
N LEU B 429 42.12 18.79 60.60
CA LEU B 429 43.40 18.88 61.24
C LEU B 429 43.52 20.24 61.89
N ASN B 430 43.84 20.21 63.19
CA ASN B 430 43.98 21.43 63.97
C ASN B 430 45.37 22.01 63.82
N VAL B 431 45.43 23.27 63.41
CA VAL B 431 46.73 23.86 63.09
C VAL B 431 47.55 24.16 64.33
N ASN B 432 46.91 24.16 65.49
CA ASN B 432 47.64 24.37 66.73
C ASN B 432 48.35 23.09 67.18
N ASN B 433 47.77 21.93 66.82
CA ASN B 433 48.37 20.61 67.09
C ASN B 433 49.44 20.16 66.09
N TRP B 434 49.34 20.73 64.88
CA TRP B 434 50.34 20.52 63.81
C TRP B 434 51.00 19.13 63.76
N ASN B 435 50.17 18.10 63.76
CA ASN B 435 50.64 16.73 63.65
C ASN B 435 49.55 15.88 62.99
N ALA B 436 49.94 15.23 61.91
CA ALA B 436 48.99 14.42 61.16
C ALA B 436 49.01 12.94 61.53
N ASP B 437 49.87 12.54 62.46
CA ASP B 437 50.01 11.10 62.76
C ASP B 437 48.70 10.38 63.03
N ASP B 438 47.75 11.08 63.66
CA ASP B 438 46.45 10.45 63.96
C ASP B 438 45.25 11.04 63.17
N ILE B 439 45.53 11.52 61.96
CA ILE B 439 44.49 12.07 61.10
C ILE B 439 43.46 10.97 60.87
N GLU B 440 42.19 11.34 60.97
CA GLU B 440 41.10 10.42 60.68
C GLU B 440 40.39 10.83 59.37
N TRP B 441 40.62 10.05 58.30
CA TRP B 441 39.91 10.24 57.02
C TRP B 441 38.54 9.54 57.09
N VAL B 442 37.48 10.33 56.92
CA VAL B 442 36.09 9.86 57.02
C VAL B 442 35.46 9.77 55.62
N ASN B 443 35.14 8.55 55.25
CA ASN B 443 34.48 8.26 53.99
C ASN B 443 33.03 8.76 54.10
N ILE B 444 32.68 9.78 53.33
CA ILE B 444 31.37 10.42 53.45
C ILE B 444 30.45 10.19 52.25
N THR B 445 31.04 9.90 51.10
CA THR B 445 30.27 9.58 49.90
C THR B 445 31.08 8.68 48.97
N ASP B 446 30.39 7.85 48.20
CA ASP B 446 31.01 6.98 47.20
C ASP B 446 30.53 7.34 45.83
N GLN B 447 31.48 7.39 44.91
CA GLN B 447 31.23 7.83 43.54
C GLN B 447 31.36 6.59 42.67
N ILE B 448 31.25 6.76 41.36
CA ILE B 448 31.38 5.65 40.43
C ILE B 448 32.55 5.96 39.48
N TYR B 449 33.44 4.97 39.29
CA TYR B 449 34.39 5.09 38.21
C TYR B 449 33.99 4.07 37.15
N GLN B 450 33.84 4.57 35.92
CA GLN B 450 33.20 3.81 34.84
C GLN B 450 33.99 2.59 34.35
N GLY B 451 35.28 2.75 34.08
CA GLY B 451 36.14 1.62 33.80
C GLY B 451 36.41 1.38 32.32
N GLY B 452 35.72 2.13 31.45
CA GLY B 452 35.82 1.95 30.02
C GLY B 452 37.13 2.43 29.45
N ILE B 453 37.81 3.31 30.19
CA ILE B 453 39.19 3.76 29.89
C ILE B 453 40.00 3.85 31.19
N VAL B 454 41.33 3.94 31.06
CA VAL B 454 42.24 3.95 32.21
C VAL B 454 42.06 5.21 33.07
N ASN B 455 41.86 6.32 32.41
CA ASN B 455 41.65 7.59 33.09
C ASN B 455 40.37 7.66 33.91
N SER B 456 40.42 8.47 34.98
CA SER B 456 39.28 8.69 35.85
C SER B 456 39.01 10.17 35.98
N GLY B 457 37.74 10.53 35.90
CA GLY B 457 37.33 11.91 36.17
C GLY B 457 36.95 12.16 37.61
N VAL B 458 37.04 11.16 38.48
CA VAL B 458 36.53 11.39 39.81
C VAL B 458 37.55 12.16 40.62
N GLY B 459 37.05 13.04 41.48
CA GLY B 459 37.92 13.76 42.40
C GLY B 459 38.50 15.00 41.82
N VAL B 460 39.79 15.19 42.09
CA VAL B 460 40.54 16.39 41.70
C VAL B 460 39.67 17.67 41.77
N GLY B 461 39.21 17.97 42.98
CA GLY B 461 38.19 18.98 43.20
C GLY B 461 38.69 20.29 43.76
N SER B 462 37.77 21.01 44.41
CA SER B 462 37.99 22.37 44.83
C SER B 462 37.08 22.59 45.99
N VAL B 463 37.42 23.50 46.90
CA VAL B 463 36.71 23.68 48.15
C VAL B 463 36.50 25.16 48.47
N VAL B 464 35.28 25.49 48.88
CA VAL B 464 34.93 26.84 49.38
C VAL B 464 34.09 26.79 50.66
N VAL B 465 34.11 27.87 51.41
CA VAL B 465 33.17 28.04 52.51
C VAL B 465 32.25 29.19 52.17
N LYS B 466 30.96 29.00 52.34
CA LYS B 466 30.03 30.14 52.33
C LYS B 466 29.21 30.08 53.59
N ASP B 467 29.19 31.19 54.33
CA ASP B 467 28.51 31.22 55.63
C ASP B 467 28.93 30.04 56.49
N ASN B 468 27.96 29.18 56.81
CA ASN B 468 28.21 28.07 57.73
C ASN B 468 28.28 26.66 57.07
N TYR B 469 28.50 26.65 55.77
CA TYR B 469 28.73 25.42 55.03
C TYR B 469 30.04 25.43 54.24
N ILE B 470 30.62 24.25 54.13
CA ILE B 470 31.78 24.05 53.28
C ILE B 470 31.32 23.24 52.08
N TYR B 471 31.87 23.56 50.92
CA TYR B 471 31.48 22.85 49.70
C TYR B 471 32.68 22.25 49.01
N TYR B 472 32.60 20.97 48.67
CA TYR B 472 33.64 20.28 47.90
C TYR B 472 33.09 19.97 46.52
N MET B 473 33.62 20.65 45.51
CA MET B 473 33.23 20.40 44.14
C MET B 473 34.24 19.48 43.45
N PHE B 474 33.75 18.35 42.95
CA PHE B 474 34.61 17.31 42.41
C PHE B 474 33.90 16.54 41.32
N GLY B 475 34.67 15.78 40.56
CA GLY B 475 34.12 14.95 39.52
C GLY B 475 33.68 13.58 40.00
N GLY B 476 32.82 12.97 39.20
CA GLY B 476 32.35 11.62 39.43
C GLY B 476 31.78 11.10 38.11
N GLU B 477 31.81 9.80 37.93
CA GLU B 477 31.34 9.23 36.68
C GLU B 477 30.05 8.46 36.92
N ASP B 478 29.56 7.82 35.88
CA ASP B 478 28.39 6.98 35.96
C ASP B 478 28.75 5.73 35.16
N HIS B 479 27.86 4.76 35.02
CA HIS B 479 28.19 3.52 34.30
C HIS B 479 28.10 3.59 32.76
N PHE B 480 27.81 4.76 32.21
CA PHE B 480 27.66 4.84 30.76
C PHE B 480 29.04 4.88 30.07
N ASN B 481 29.38 3.86 29.32
CA ASN B 481 30.66 3.83 28.61
C ASN B 481 30.77 4.94 27.53
N PRO B 482 31.90 5.65 27.50
CA PRO B 482 32.16 6.60 26.42
C PRO B 482 32.35 5.92 25.05
N TRP B 483 32.58 4.61 25.02
CA TRP B 483 32.84 3.90 23.77
C TRP B 483 34.11 4.37 23.07
N THR B 484 35.13 4.75 23.83
CA THR B 484 36.44 5.02 23.26
C THR B 484 37.00 3.72 22.64
N TYR B 485 36.85 2.61 23.35
CA TYR B 485 37.07 1.29 22.81
C TYR B 485 35.71 0.79 22.39
N GLY B 486 35.37 1.06 21.15
CA GLY B 486 34.03 0.88 20.62
C GLY B 486 33.84 1.83 19.45
N ASP B 487 32.61 2.29 19.24
CA ASP B 487 32.34 3.06 18.02
C ASP B 487 32.65 4.55 18.14
N ASN B 488 33.25 4.97 19.24
CA ASN B 488 33.54 6.40 19.37
C ASN B 488 34.96 6.71 19.81
N SER B 489 35.92 6.14 19.08
CA SER B 489 37.32 6.38 19.37
C SER B 489 37.62 7.86 19.16
N ALA B 490 36.81 8.52 18.33
CA ALA B 490 36.97 9.97 18.10
C ALA B 490 36.49 10.81 19.30
N LYS B 491 35.83 10.17 20.27
CA LYS B 491 35.44 10.79 21.54
C LYS B 491 34.42 11.91 21.35
N ASP B 492 33.62 11.81 20.30
CA ASP B 492 32.62 12.83 20.05
C ASP B 492 31.62 12.85 21.22
N PRO B 493 31.49 13.97 21.92
CA PRO B 493 30.60 14.01 23.12
C PRO B 493 29.15 13.76 22.78
N PHE B 494 28.78 14.02 21.52
CA PHE B 494 27.36 14.06 21.16
C PHE B 494 26.82 12.77 20.55
N LYS B 495 27.64 11.72 20.52
CA LYS B 495 27.18 10.37 20.20
C LYS B 495 26.86 9.62 21.48
N SER B 496 25.75 8.89 21.42
CA SER B 496 25.37 8.04 22.51
C SER B 496 25.30 8.87 23.83
N ASP B 497 25.90 8.37 24.90
CA ASP B 497 25.79 9.07 26.20
C ASP B 497 26.93 10.03 26.44
N GLY B 498 27.74 10.28 25.40
CA GLY B 498 28.94 11.06 25.57
C GLY B 498 29.80 10.62 26.72
N HIS B 499 30.39 11.57 27.43
CA HIS B 499 31.37 11.24 28.47
C HIS B 499 30.76 11.25 29.89
N PRO B 500 31.05 10.19 30.65
CA PRO B 500 30.37 9.94 31.91
C PRO B 500 30.76 10.86 33.03
N SER B 501 31.89 11.53 32.95
CA SER B 501 32.34 12.38 34.03
C SER B 501 31.52 13.67 34.10
N ASP B 502 31.05 13.96 35.32
CA ASP B 502 30.37 15.21 35.61
C ASP B 502 30.71 15.68 37.01
N LEU B 503 30.26 16.87 37.37
CA LEU B 503 30.59 17.45 38.66
C LEU B 503 29.54 17.17 39.73
N TYR B 504 30.02 16.93 40.94
CA TYR B 504 29.20 16.79 42.15
C TYR B 504 29.67 17.81 43.17
N CYS B 505 28.89 17.98 44.23
CA CYS B 505 29.28 18.89 45.30
C CYS B 505 28.74 18.36 46.59
N TYR B 506 29.66 18.21 47.54
CA TYR B 506 29.31 17.82 48.89
C TYR B 506 29.25 19.07 49.75
N LYS B 507 28.07 19.33 50.26
CA LYS B 507 27.79 20.47 51.09
C LYS B 507 27.71 19.97 52.54
N MET B 508 28.64 20.45 53.37
CA MET B 508 28.78 20.00 54.74
C MET B 508 28.56 21.16 55.70
N LYS B 509 27.70 20.97 56.70
CA LYS B 509 27.50 21.99 57.72
C LYS B 509 28.70 22.12 58.67
N ILE B 510 29.08 23.36 58.93
CA ILE B 510 30.37 23.65 59.55
C ILE B 510 30.20 24.56 60.76
N GLY B 511 28.98 25.05 60.95
CA GLY B 511 28.64 25.96 62.05
C GLY B 511 27.14 25.99 62.21
N PRO B 512 26.67 26.56 63.31
CA PRO B 512 25.23 26.59 63.57
C PRO B 512 24.42 27.41 62.56
N ASP B 513 23.21 26.94 62.32
CA ASP B 513 22.28 27.53 61.37
C ASP B 513 21.11 28.12 62.17
N ASN B 514 21.06 29.45 62.34
CA ASN B 514 20.09 30.08 63.23
C ASN B 514 18.83 30.49 62.49
N ARG B 515 18.62 29.87 61.33
CA ARG B 515 17.46 30.13 60.51
C ARG B 515 16.70 28.84 60.27
N VAL B 516 15.43 29.00 59.99
CA VAL B 516 14.55 27.92 59.56
C VAL B 516 15.09 27.45 58.20
N SER B 517 14.70 26.25 57.75
CA SER B 517 15.21 25.65 56.50
C SER B 517 14.91 26.45 55.22
N ARG B 518 15.89 26.47 54.33
CA ARG B 518 15.77 27.05 53.02
C ARG B 518 15.55 25.97 51.96
N ASP B 519 15.59 24.70 52.36
CA ASP B 519 15.55 23.61 51.40
C ASP B 519 14.20 23.52 50.70
N PHE B 520 14.23 23.12 49.43
CA PHE B 520 13.02 22.78 48.73
C PHE B 520 13.28 21.55 47.86
N ARG B 521 12.21 20.89 47.44
CA ARG B 521 12.32 19.89 46.40
C ARG B 521 12.16 20.63 45.08
N TYR B 522 12.97 20.29 44.09
CA TYR B 522 12.86 20.93 42.78
C TYR B 522 11.77 20.25 41.99
N GLY B 523 10.69 20.98 41.72
CA GLY B 523 9.55 20.45 40.98
C GLY B 523 9.20 21.18 39.69
N ALA B 524 10.01 22.18 39.31
CA ALA B 524 9.76 22.95 38.09
C ALA B 524 10.28 22.27 36.85
N VAL B 525 9.79 22.71 35.71
CA VAL B 525 10.40 22.38 34.42
C VAL B 525 11.61 23.26 34.32
N PRO B 526 12.80 22.67 34.20
CA PRO B 526 14.01 23.49 34.05
C PRO B 526 13.87 24.25 32.74
N ASN B 527 13.86 25.57 32.81
CA ASN B 527 13.46 26.38 31.67
C ASN B 527 14.37 27.60 31.52
N ARG B 528 15.66 27.42 31.82
CA ARG B 528 16.68 28.46 31.61
C ARG B 528 17.52 28.19 30.36
N ALA B 529 17.82 26.91 30.10
CA ALA B 529 18.72 26.58 29.04
C ALA B 529 18.05 26.78 27.68
N VAL B 530 16.86 26.19 27.50
CA VAL B 530 16.03 26.42 26.34
C VAL B 530 14.65 26.84 26.89
N PRO B 531 14.49 28.14 27.16
CA PRO B 531 13.24 28.63 27.77
C PRO B 531 12.05 28.40 26.85
N VAL B 532 11.12 27.56 27.29
CA VAL B 532 9.96 27.22 26.48
C VAL B 532 8.69 27.70 27.14
N PHE B 533 7.79 28.27 26.35
CA PHE B 533 6.49 28.71 26.83
C PHE B 533 5.45 28.29 25.83
N PHE B 534 4.36 27.69 26.29
CA PHE B 534 3.25 27.41 25.40
C PHE B 534 2.55 28.72 25.09
N ASP B 535 2.53 29.10 23.83
CA ASP B 535 1.89 30.36 23.45
C ASP B 535 0.34 30.22 23.50
N THR B 536 -0.38 31.31 23.25
CA THR B 536 -1.83 31.28 23.35
C THR B 536 -2.42 30.40 22.25
N ASN B 537 -1.61 30.02 21.28
CA ASN B 537 -2.05 29.07 20.28
C ASN B 537 -1.68 27.61 20.60
N GLY B 538 -1.12 27.34 21.78
CA GLY B 538 -0.85 25.98 22.20
C GLY B 538 0.43 25.38 21.66
N VAL B 539 1.30 26.21 21.09
CA VAL B 539 2.57 25.78 20.51
C VAL B 539 3.77 26.21 21.41
N ARG B 540 4.72 25.29 21.63
CA ARG B 540 5.97 25.59 22.34
C ARG B 540 6.72 26.74 21.68
N THR B 541 6.98 27.80 22.44
CA THR B 541 7.66 28.98 21.92
C THR B 541 8.95 29.30 22.69
N VAL B 542 10.05 29.46 21.96
CA VAL B 542 11.34 29.79 22.52
C VAL B 542 11.67 31.25 22.15
N PRO B 543 11.58 32.17 23.11
CA PRO B 543 11.91 33.56 22.85
C PRO B 543 13.41 33.92 22.97
N ALA B 544 14.26 33.08 23.54
CA ALA B 544 15.67 33.42 23.61
C ALA B 544 16.36 33.28 22.26
N PRO B 545 17.34 34.14 21.99
CA PRO B 545 18.24 33.93 20.85
C PRO B 545 19.09 32.71 21.08
N MET B 546 19.39 31.96 20.02
CA MET B 546 20.10 30.69 20.19
C MET B 546 21.00 30.42 19.01
N GLU B 547 22.04 29.62 19.24
CA GLU B 547 22.94 29.16 18.20
C GLU B 547 22.91 27.63 18.16
N PHE B 548 22.72 27.09 16.98
CA PHE B 548 22.89 25.67 16.78
C PHE B 548 24.07 25.56 15.84
N THR B 549 25.15 24.92 16.32
CA THR B 549 26.34 24.74 15.54
C THR B 549 26.44 23.34 14.91
N GLY B 550 25.70 22.36 15.46
CA GLY B 550 25.77 20.99 14.98
C GLY B 550 24.86 20.86 13.78
N ASP B 551 25.09 19.85 12.97
CA ASP B 551 24.25 19.68 11.81
C ASP B 551 22.79 19.64 12.20
N LEU B 552 21.97 20.41 11.49
CA LEU B 552 20.53 20.43 11.74
C LEU B 552 19.77 19.78 10.61
N GLY B 553 18.79 18.93 10.94
CA GLY B 553 17.78 18.43 10.01
C GLY B 553 16.42 19.04 10.35
N LEU B 554 15.81 19.76 9.43
CA LEU B 554 14.51 20.34 9.72
C LEU B 554 13.40 19.74 8.86
N GLY B 555 12.16 19.87 9.33
CA GLY B 555 11.01 19.45 8.56
C GLY B 555 10.45 20.63 7.80
N HIS B 556 9.12 20.81 7.86
CA HIS B 556 8.48 21.99 7.26
C HIS B 556 8.89 23.21 8.05
N VAL B 557 9.34 24.24 7.33
CA VAL B 557 9.83 25.46 7.97
C VAL B 557 9.11 26.68 7.44
N THR B 558 8.74 27.57 8.35
CA THR B 558 8.16 28.85 8.01
C THR B 558 9.02 29.93 8.64
N ILE B 559 9.55 30.81 7.81
CA ILE B 559 10.30 31.95 8.32
C ILE B 559 9.30 33.08 8.54
N ARG B 560 9.07 33.44 9.78
CA ARG B 560 8.07 34.44 10.08
C ARG B 560 8.62 35.86 9.95
N ALA B 561 7.71 36.82 9.88
CA ALA B 561 8.01 38.24 9.87
C ALA B 561 8.83 38.58 11.13
N SER B 562 9.94 39.30 10.96
CA SER B 562 10.86 39.51 12.07
C SER B 562 11.60 40.83 12.02
N THR B 563 11.75 41.37 10.81
CA THR B 563 12.74 42.41 10.57
C THR B 563 12.16 43.70 9.99
N SER B 564 12.71 44.81 10.46
CA SER B 564 12.38 46.15 9.99
C SER B 564 10.90 46.49 10.25
N SER B 565 10.54 46.67 11.52
CA SER B 565 9.14 46.77 11.90
C SER B 565 8.33 45.55 11.46
N ASN B 566 8.96 44.37 11.44
CA ASN B 566 8.31 43.14 10.98
C ASN B 566 7.66 43.23 9.61
N ILE B 567 8.19 44.09 8.74
CA ILE B 567 7.70 44.11 7.36
C ILE B 567 8.13 42.83 6.61
N ARG B 568 9.28 42.26 7.00
CA ARG B 568 9.82 41.16 6.22
C ARG B 568 10.30 39.97 7.01
N SER B 569 10.29 38.81 6.35
CA SER B 569 10.93 37.60 6.81
C SER B 569 12.36 37.66 6.24
N GLU B 570 13.34 37.12 6.97
CA GLU B 570 14.75 37.32 6.61
C GLU B 570 15.64 36.15 6.98
N VAL B 571 16.43 35.71 5.99
CA VAL B 571 17.49 34.73 6.19
C VAL B 571 18.73 35.42 5.65
N LEU B 572 19.79 35.50 6.46
CA LEU B 572 21.08 36.01 6.00
C LEU B 572 22.08 34.87 5.94
N MET B 573 22.90 34.81 4.89
CA MET B 573 23.92 33.75 4.79
C MET B 573 25.35 34.30 4.97
N GLU B 574 26.11 33.66 5.85
CA GLU B 574 27.45 34.11 6.18
C GLU B 574 28.46 33.28 5.41
N GLY B 575 29.73 33.37 5.79
CA GLY B 575 30.84 32.78 5.04
C GLY B 575 31.23 33.63 3.85
N GLU B 576 32.20 33.12 3.06
CA GLU B 576 32.60 33.76 1.83
C GLU B 576 31.41 33.75 0.85
N TYR B 577 30.71 32.62 0.78
CA TYR B 577 29.49 32.56 -0.04
C TYR B 577 28.49 31.65 0.59
N GLY B 578 27.22 31.83 0.22
CA GLY B 578 26.18 30.90 0.62
C GLY B 578 25.87 29.91 -0.47
N PHE B 579 25.47 28.69 -0.12
CA PHE B 579 25.03 27.67 -1.09
C PHE B 579 23.67 27.13 -0.70
N ILE B 580 22.72 27.27 -1.62
CA ILE B 580 21.40 26.63 -1.50
C ILE B 580 21.25 25.61 -2.63
N GLY B 581 21.21 24.35 -2.24
CA GLY B 581 21.20 23.25 -3.18
C GLY B 581 20.22 22.13 -2.88
N LYS B 582 20.22 21.13 -3.76
CA LYS B 582 19.19 20.10 -3.78
C LYS B 582 19.83 18.72 -3.80
N SER B 583 19.62 17.96 -2.72
CA SER B 583 20.05 16.58 -2.66
C SER B 583 19.53 15.74 -3.84
N ILE B 584 20.26 14.68 -4.16
CA ILE B 584 19.78 13.67 -5.10
C ILE B 584 18.61 12.98 -4.41
N PRO B 585 17.42 13.07 -5.00
CA PRO B 585 16.26 12.38 -4.46
C PRO B 585 16.46 10.86 -4.40
N THR B 586 15.95 10.26 -3.35
CA THR B 586 16.07 8.83 -3.11
C THR B 586 15.17 8.03 -4.08
N ASP B 587 13.90 8.38 -4.19
CA ASP B 587 12.98 7.55 -4.96
C ASP B 587 12.87 7.94 -6.44
N ASN B 588 12.84 9.24 -6.73
CA ASN B 588 12.69 9.69 -8.10
C ASN B 588 13.68 10.75 -8.47
N PRO B 589 14.94 10.34 -8.64
CA PRO B 589 16.03 11.29 -8.94
C PRO B 589 15.76 12.06 -10.25
N ALA B 590 14.99 11.48 -11.17
CA ALA B 590 14.66 12.14 -12.43
C ALA B 590 13.79 13.40 -12.21
N GLY B 591 13.37 13.63 -10.96
CA GLY B 591 12.61 14.83 -10.61
C GLY B 591 13.40 15.93 -9.93
N GLN B 592 14.68 15.67 -9.64
CA GLN B 592 15.55 16.60 -8.92
C GLN B 592 15.43 18.06 -9.40
N ARG B 593 15.03 18.94 -8.50
CA ARG B 593 14.86 20.34 -8.80
C ARG B 593 14.53 21.17 -7.52
N ILE B 594 14.76 22.50 -7.60
CA ILE B 594 14.17 23.45 -6.65
C ILE B 594 13.28 24.44 -7.41
N ILE B 595 12.09 24.66 -6.88
CA ILE B 595 11.19 25.71 -7.32
C ILE B 595 11.31 26.87 -6.34
N PHE B 596 11.74 28.04 -6.84
CA PHE B 596 11.72 29.28 -6.07
C PHE B 596 10.47 30.03 -6.53
N CYS B 597 9.67 30.56 -5.59
CA CYS B 597 8.37 31.10 -5.94
C CYS B 597 8.00 32.34 -5.13
N GLY B 598 7.46 33.35 -5.83
CA GLY B 598 7.10 34.62 -5.21
C GLY B 598 5.73 34.55 -4.58
N GLY B 599 5.10 33.39 -4.70
CA GLY B 599 3.79 33.16 -4.14
C GLY B 599 3.73 31.90 -3.30
N GLU B 600 2.53 31.56 -2.84
CA GLU B 600 2.30 30.60 -1.74
C GLU B 600 2.36 29.12 -2.11
N GLY B 601 2.24 28.82 -3.39
CA GLY B 601 2.13 27.42 -3.77
C GLY B 601 3.00 27.02 -4.92
N THR B 602 3.10 25.71 -5.17
CA THR B 602 3.95 25.21 -6.22
C THR B 602 3.39 25.53 -7.61
N SER B 603 2.10 25.84 -7.70
CA SER B 603 1.53 26.25 -8.97
C SER B 603 1.98 27.65 -9.31
N SER B 604 2.45 27.82 -10.55
CA SER B 604 2.92 29.10 -11.11
C SER B 604 1.79 30.14 -11.07
N THR B 605 0.61 29.61 -10.89
CA THR B 605 -0.57 30.37 -10.64
C THR B 605 -0.48 31.36 -9.48
N THR B 606 0.31 30.97 -8.47
CA THR B 606 0.42 31.74 -7.22
C THR B 606 1.50 32.79 -7.24
N GLY B 607 2.42 32.72 -8.20
CA GLY B 607 3.46 33.72 -8.32
C GLY B 607 4.51 33.38 -9.34
N ALA B 608 5.40 34.34 -9.62
CA ALA B 608 6.48 34.06 -10.54
C ALA B 608 7.40 32.96 -9.98
N GLN B 609 8.01 32.21 -10.88
CA GLN B 609 8.83 31.08 -10.47
C GLN B 609 10.08 31.00 -11.29
N ILE B 610 11.15 30.56 -10.65
CA ILE B 610 12.34 30.10 -11.33
C ILE B 610 12.55 28.73 -10.79
N THR B 611 12.73 27.78 -11.69
CA THR B 611 12.98 26.39 -11.33
C THR B 611 14.32 25.96 -11.85
N LEU B 612 15.19 25.53 -10.93
CA LEU B 612 16.51 24.99 -11.27
C LEU B 612 16.45 23.47 -11.28
N TYR B 613 16.74 22.87 -12.43
CA TYR B 613 16.70 21.41 -12.59
C TYR B 613 18.07 20.78 -12.30
N GLY B 614 18.07 19.70 -11.52
CA GLY B 614 19.30 18.99 -11.23
C GLY B 614 19.88 18.29 -12.44
N ALA B 615 21.16 17.92 -12.34
CA ALA B 615 21.83 17.17 -13.41
C ALA B 615 21.12 15.83 -13.61
N ASN B 616 20.53 15.32 -12.52
CA ASN B 616 19.83 14.04 -12.51
C ASN B 616 18.46 14.13 -13.13
N ASN B 617 17.92 15.35 -13.27
CA ASN B 617 16.60 15.45 -13.82
C ASN B 617 16.56 14.97 -15.26
N THR B 618 15.40 14.43 -15.67
CA THR B 618 15.06 14.17 -17.09
C THR B 618 15.47 15.34 -17.99
N ASP B 619 15.10 16.56 -17.58
CA ASP B 619 15.53 17.76 -18.25
C ASP B 619 16.77 18.32 -17.56
N SER B 620 17.87 17.65 -17.85
CA SER B 620 19.15 17.85 -17.16
C SER B 620 19.66 19.30 -17.22
N ARG B 621 19.77 19.91 -16.03
CA ARG B 621 20.26 21.30 -15.87
C ARG B 621 19.43 22.35 -16.62
N ARG B 622 18.15 22.06 -16.80
CA ARG B 622 17.22 23.03 -17.34
C ARG B 622 16.94 24.15 -16.32
N ILE B 623 16.75 25.36 -16.81
CA ILE B 623 16.14 26.40 -15.99
C ILE B 623 14.90 26.88 -16.73
N VAL B 624 13.82 27.01 -15.99
CA VAL B 624 12.57 27.56 -16.50
C VAL B 624 12.24 28.82 -15.71
N TYR B 625 12.16 29.94 -16.40
CA TYR B 625 11.86 31.21 -15.76
C TYR B 625 10.41 31.52 -16.13
N ASN B 626 9.54 31.63 -15.12
CA ASN B 626 8.12 31.76 -15.39
C ASN B 626 7.47 32.92 -14.65
N GLY B 627 7.21 34.01 -15.38
CA GLY B 627 6.53 35.15 -14.82
C GLY B 627 5.65 35.77 -15.86
N ASP B 628 4.87 36.77 -15.49
CA ASP B 628 4.09 37.49 -16.47
C ASP B 628 4.87 38.73 -16.98
N GLU B 629 6.02 39.03 -16.35
CA GLU B 629 7.04 39.87 -16.97
C GLU B 629 8.40 39.33 -16.59
N HIS B 630 9.35 39.45 -17.53
CA HIS B 630 10.76 39.22 -17.29
C HIS B 630 11.47 40.54 -17.58
N LEU B 631 11.87 41.27 -16.54
CA LEU B 631 12.46 42.59 -16.78
C LEU B 631 13.90 42.56 -16.33
N PHE B 632 14.81 42.86 -17.27
CA PHE B 632 16.25 42.88 -17.00
C PHE B 632 16.75 44.31 -16.78
N GLN B 633 17.09 44.63 -15.53
CA GLN B 633 17.45 45.97 -15.09
C GLN B 633 18.95 46.11 -14.92
N SER B 634 19.43 47.34 -15.16
CA SER B 634 20.78 47.80 -14.84
C SER B 634 21.91 47.34 -15.74
N ALA B 635 21.68 46.31 -16.55
CA ALA B 635 22.72 45.76 -17.41
C ALA B 635 22.18 45.14 -18.67
N ASP B 636 23.03 45.03 -19.69
CA ASP B 636 22.74 44.31 -20.93
C ASP B 636 22.45 42.85 -20.66
N VAL B 637 21.63 42.24 -21.52
CA VAL B 637 21.40 40.81 -21.42
C VAL B 637 22.38 40.12 -22.36
N LYS B 638 23.32 39.36 -21.82
CA LYS B 638 24.44 38.91 -22.63
C LYS B 638 24.69 37.45 -22.44
N PRO B 639 25.31 36.79 -23.43
CA PRO B 639 25.83 35.43 -23.22
C PRO B 639 27.17 35.46 -22.49
N TYR B 640 27.45 34.38 -21.77
CA TYR B 640 28.67 34.28 -21.00
C TYR B 640 29.90 34.30 -21.89
N ASN B 641 29.83 33.52 -22.97
CA ASN B 641 30.90 33.44 -23.94
C ASN B 641 30.56 34.20 -25.23
N ASP B 642 31.56 34.34 -26.09
CA ASP B 642 31.46 35.15 -27.28
C ASP B 642 31.15 34.28 -28.48
N ASN B 643 30.05 34.59 -29.17
CA ASN B 643 29.67 33.90 -30.42
C ASN B 643 29.61 32.39 -30.24
N VAL B 644 29.04 31.96 -29.13
CA VAL B 644 28.88 30.55 -28.86
C VAL B 644 27.40 30.13 -28.67
N THR B 645 26.57 30.97 -28.04
CA THR B 645 25.15 30.64 -27.91
C THR B 645 24.27 31.66 -28.60
N ALA B 646 23.01 31.28 -28.80
CA ALA B 646 22.04 32.03 -29.60
C ALA B 646 20.90 32.65 -28.78
N LEU B 647 20.11 33.50 -29.43
CA LEU B 647 18.85 33.96 -28.89
C LEU B 647 17.86 33.17 -29.66
N GLY B 648 17.07 32.41 -28.93
CA GLY B 648 16.10 31.53 -29.53
C GLY B 648 16.72 30.30 -30.18
N GLY B 649 15.86 29.57 -30.87
CA GLY B 649 16.21 28.37 -31.62
C GLY B 649 15.12 28.07 -32.64
N PRO B 650 15.34 27.10 -33.53
CA PRO B 650 14.41 26.82 -34.62
C PRO B 650 13.01 26.43 -34.14
N SER B 651 12.93 25.80 -32.96
CA SER B 651 11.66 25.40 -32.33
C SER B 651 11.29 26.28 -31.16
N ASN B 652 12.05 27.34 -30.93
CA ASN B 652 11.80 28.28 -29.85
C ASN B 652 12.14 29.68 -30.40
N ARG B 653 11.30 30.18 -31.30
CA ARG B 653 11.54 31.44 -31.95
C ARG B 653 10.88 32.56 -31.13
N PHE B 654 11.61 33.65 -30.91
CA PHE B 654 10.99 34.86 -30.40
C PHE B 654 10.12 35.46 -31.54
N THR B 655 8.96 36.05 -31.22
CA THR B 655 8.17 36.58 -32.35
C THR B 655 8.92 37.66 -33.10
N THR B 656 9.73 38.44 -32.38
CA THR B 656 10.54 39.51 -32.97
C THR B 656 11.43 40.14 -31.90
N ALA B 657 12.16 41.20 -32.25
CA ALA B 657 12.95 41.93 -31.27
C ALA B 657 12.69 43.42 -31.41
N TYR B 658 12.32 44.05 -30.30
CA TYR B 658 12.07 45.46 -30.27
C TYR B 658 13.38 46.18 -29.95
N LEU B 659 13.95 46.85 -30.97
CA LEU B 659 15.27 47.47 -30.89
C LEU B 659 15.20 48.97 -31.26
N GLY B 660 16.14 49.77 -30.73
CA GLY B 660 16.19 51.20 -30.98
C GLY B 660 17.06 51.52 -32.18
N SER B 661 17.70 50.47 -32.70
CA SER B 661 18.67 50.51 -33.81
C SER B 661 18.81 49.11 -34.38
N ASN B 662 19.24 48.98 -35.63
CA ASN B 662 19.47 47.65 -36.20
C ASN B 662 20.56 46.86 -35.45
N PRO B 663 20.53 45.52 -35.59
CA PRO B 663 21.58 44.67 -35.01
C PRO B 663 22.95 45.06 -35.51
N ILE B 664 23.94 44.97 -34.64
CA ILE B 664 25.30 45.15 -35.04
C ILE B 664 25.89 43.74 -35.25
N VAL B 665 26.00 43.32 -36.50
CA VAL B 665 26.53 42.00 -36.77
C VAL B 665 27.96 42.01 -37.26
N THR B 666 28.69 40.96 -36.87
CA THR B 666 30.16 40.93 -36.99
C THR B 666 30.81 39.57 -37.32
N SER C 1 -2.77 0.26 74.97
CA SER C 1 -1.62 0.19 74.00
C SER C 1 -1.75 -0.97 73.00
N ALA C 2 -1.18 -0.76 71.83
CA ALA C 2 -1.41 -1.61 70.68
C ALA C 2 -0.66 -2.93 70.83
N LYS C 3 -1.23 -4.05 70.38
CA LYS C 3 -0.50 -5.34 70.49
C LYS C 3 0.45 -5.58 69.33
N GLY C 4 0.07 -5.14 68.12
CA GLY C 4 0.91 -5.32 66.95
C GLY C 4 1.32 -6.77 66.80
N ASP C 5 0.33 -7.64 66.83
CA ASP C 5 0.57 -9.06 66.58
C ASP C 5 -0.04 -9.52 65.23
N GLY C 6 -0.56 -8.55 64.46
CA GLY C 6 -1.15 -8.83 63.16
C GLY C 6 -2.49 -9.52 63.19
N VAL C 7 -3.09 -9.73 64.38
CA VAL C 7 -4.43 -10.35 64.48
C VAL C 7 -5.43 -9.60 65.39
N THR C 8 -4.92 -9.04 66.50
CA THR C 8 -5.73 -8.27 67.47
C THR C 8 -6.04 -6.87 66.92
N ASP C 9 -7.33 -6.48 66.96
CA ASP C 9 -7.72 -5.20 66.40
C ASP C 9 -7.09 -4.06 67.20
N ASP C 10 -6.17 -3.33 66.55
CA ASP C 10 -5.47 -2.24 67.23
C ASP C 10 -6.02 -0.85 66.90
N THR C 11 -7.09 -0.80 66.11
CA THR C 11 -7.69 0.45 65.66
C THR C 11 -7.81 1.49 66.80
N ALA C 12 -8.55 1.14 67.85
CA ALA C 12 -8.79 2.02 68.99
C ALA C 12 -7.51 2.47 69.72
N ALA C 13 -6.61 1.52 70.01
CA ALA C 13 -5.31 1.87 70.59
C ALA C 13 -4.54 2.86 69.71
N LEU C 14 -4.51 2.58 68.40
CA LEU C 14 -3.80 3.41 67.44
C LEU C 14 -4.44 4.80 67.38
N THR C 15 -5.77 4.85 67.39
CA THR C 15 -6.45 6.16 67.37
C THR C 15 -6.11 7.02 68.61
N SER C 16 -6.21 6.41 69.80
CA SER C 16 -5.78 7.02 71.06
C SER C 16 -4.34 7.58 70.94
N ALA C 17 -3.40 6.77 70.45
CA ALA C 17 -2.02 7.21 70.36
C ALA C 17 -1.87 8.45 69.46
N LEU C 18 -2.49 8.40 68.28
CA LEU C 18 -2.51 9.53 67.35
C LEU C 18 -3.04 10.83 67.98
N ASN C 19 -4.15 10.73 68.73
CA ASN C 19 -4.74 11.89 69.37
C ASN C 19 -3.84 12.44 70.47
N ASP C 20 -3.06 11.55 71.08
CA ASP C 20 -2.27 11.89 72.25
C ASP C 20 -0.83 12.33 71.91
N THR C 21 -0.45 12.28 70.64
CA THR C 21 0.87 12.73 70.24
C THR C 21 0.81 13.89 69.26
N PRO C 22 1.87 14.70 69.24
CA PRO C 22 1.96 15.84 68.31
C PRO C 22 2.07 15.33 66.88
N VAL C 23 1.48 16.08 65.95
CA VAL C 23 1.35 15.69 64.56
C VAL C 23 2.72 15.45 63.89
N GLY C 24 3.74 16.12 64.42
CA GLY C 24 5.09 16.08 63.86
C GLY C 24 5.90 14.86 64.29
N GLN C 25 5.44 14.22 65.36
CA GLN C 25 6.08 13.01 65.89
C GLN C 25 5.88 11.81 64.95
N LYS C 26 7.00 11.26 64.47
CA LYS C 26 7.00 10.01 63.72
C LYS C 26 6.73 8.91 64.76
N ILE C 27 5.55 8.28 64.70
CA ILE C 27 5.21 7.16 65.60
C ILE C 27 5.86 5.87 65.11
N ASN C 28 6.77 5.31 65.93
CA ASN C 28 7.60 4.15 65.56
C ASN C 28 6.86 2.86 65.88
N GLY C 29 6.56 2.05 64.86
CA GLY C 29 5.84 0.80 65.09
C GLY C 29 6.71 -0.43 65.29
N ASN C 30 8.03 -0.19 65.32
CA ASN C 30 9.01 -1.24 65.61
C ASN C 30 8.95 -2.49 64.70
N GLY C 31 8.60 -2.26 63.43
CA GLY C 31 8.64 -3.30 62.42
C GLY C 31 7.52 -4.28 62.61
N LYS C 32 6.55 -3.93 63.45
CA LYS C 32 5.40 -4.78 63.73
C LYS C 32 4.22 -4.55 62.77
N THR C 33 3.31 -5.51 62.74
CA THR C 33 2.12 -5.46 61.91
C THR C 33 0.90 -5.26 62.80
N TYR C 34 0.11 -4.23 62.48
CA TYR C 34 -1.05 -3.86 63.29
C TYR C 34 -2.34 -4.05 62.50
N LYS C 35 -3.22 -4.91 62.98
CA LYS C 35 -4.51 -5.11 62.35
C LYS C 35 -5.42 -3.94 62.64
N VAL C 36 -6.09 -3.45 61.59
CA VAL C 36 -7.05 -2.35 61.76
C VAL C 36 -8.35 -2.58 61.00
N THR C 37 -9.40 -1.86 61.40
CA THR C 37 -10.70 -1.89 60.73
C THR C 37 -10.88 -0.73 59.74
N SER C 38 -10.01 0.27 59.87
CA SER C 38 -9.86 1.37 58.91
C SER C 38 -8.41 1.80 58.94
N LEU C 39 -7.86 2.21 57.80
CA LEU C 39 -6.50 2.70 57.79
C LEU C 39 -6.47 4.06 58.47
N PRO C 40 -5.54 4.19 59.39
CA PRO C 40 -5.31 5.46 60.08
C PRO C 40 -4.42 6.41 59.23
N ASP C 41 -3.93 7.47 59.86
CA ASP C 41 -3.03 8.41 59.23
C ASP C 41 -1.68 7.75 59.01
N ILE C 42 -1.52 7.08 57.87
CA ILE C 42 -0.31 6.32 57.61
C ILE C 42 0.94 7.19 57.61
N SER C 43 0.78 8.44 57.16
CA SER C 43 1.88 9.42 57.09
C SER C 43 2.53 9.72 58.46
N ARG C 44 1.84 9.40 59.55
CA ARG C 44 2.37 9.71 60.88
C ARG C 44 3.19 8.56 61.50
N PHE C 45 3.25 7.44 60.77
CA PHE C 45 3.98 6.26 61.23
C PHE C 45 5.31 6.06 60.49
N ILE C 46 6.29 5.56 61.22
CA ILE C 46 7.51 5.04 60.60
C ILE C 46 7.63 3.58 61.00
N ASN C 47 8.27 2.79 60.14
CA ASN C 47 8.60 1.41 60.50
C ASN C 47 7.36 0.65 61.02
N THR C 48 6.26 0.75 60.29
CA THR C 48 4.98 0.18 60.71
C THR C 48 4.27 -0.43 59.52
N ARG C 49 3.66 -1.59 59.75
CA ARG C 49 2.83 -2.26 58.74
C ARG C 49 1.38 -2.38 59.22
N PHE C 50 0.42 -2.17 58.31
CA PHE C 50 -0.98 -2.39 58.66
C PHE C 50 -1.55 -3.55 57.88
N VAL C 51 -2.34 -4.40 58.55
CA VAL C 51 -3.21 -5.38 57.91
C VAL C 51 -4.59 -4.77 57.96
N TYR C 52 -5.26 -4.76 56.81
CA TYR C 52 -6.58 -4.18 56.67
C TYR C 52 -7.37 -4.95 55.63
N GLU C 53 -8.63 -5.22 55.97
CA GLU C 53 -9.56 -5.91 55.10
C GLU C 53 -10.56 -4.92 54.51
N ARG C 54 -10.18 -4.26 53.41
CA ARG C 54 -11.09 -3.35 52.71
C ARG C 54 -12.32 -4.14 52.33
N ILE C 55 -12.09 -5.27 51.67
CA ILE C 55 -13.13 -6.27 51.37
C ILE C 55 -12.97 -7.39 52.38
N PRO C 56 -14.03 -7.66 53.16
CA PRO C 56 -13.99 -8.67 54.22
C PRO C 56 -13.54 -10.03 53.69
N GLY C 57 -12.59 -10.66 54.38
CA GLY C 57 -12.03 -11.93 53.93
C GLY C 57 -10.81 -11.81 53.06
N GLN C 58 -10.42 -10.57 52.73
CA GLN C 58 -9.29 -10.31 51.86
C GLN C 58 -8.27 -9.32 52.45
N PRO C 59 -7.53 -9.76 53.47
CA PRO C 59 -6.47 -8.92 54.08
C PRO C 59 -5.34 -8.55 53.11
N LEU C 60 -5.01 -7.27 53.08
CA LEU C 60 -3.86 -6.75 52.36
C LEU C 60 -3.02 -5.99 53.36
N TYR C 61 -1.78 -5.73 53.02
CA TYR C 61 -0.88 -5.08 53.98
C TYR C 61 -0.40 -3.74 53.42
N TYR C 62 -0.09 -2.82 54.34
CA TYR C 62 0.15 -1.42 53.99
C TYR C 62 1.38 -0.93 54.74
N ALA C 63 2.36 -0.44 53.98
CA ALA C 63 3.62 -0.05 54.58
C ALA C 63 3.69 1.45 54.83
N SER C 64 4.03 1.83 56.06
CA SER C 64 4.37 3.20 56.40
C SER C 64 5.73 3.52 55.82
N GLU C 65 6.11 4.80 55.79
CA GLU C 65 7.46 5.19 55.40
C GLU C 65 8.44 4.39 56.24
N GLU C 66 9.51 3.92 55.62
CA GLU C 66 10.61 3.26 56.31
C GLU C 66 10.32 1.84 56.77
N PHE C 67 9.13 1.30 56.53
CA PHE C 67 8.94 -0.14 56.82
C PHE C 67 9.83 -1.02 55.89
N VAL C 68 9.86 -0.70 54.60
CA VAL C 68 10.84 -1.31 53.71
C VAL C 68 11.86 -0.25 53.30
N GLN C 69 13.07 -0.69 52.96
CA GLN C 69 14.05 0.26 52.49
C GLN C 69 13.87 0.36 50.98
N GLY C 70 13.11 1.38 50.59
CA GLY C 70 12.68 1.53 49.22
C GLY C 70 12.28 2.93 48.87
N GLU C 71 12.35 3.23 47.58
CA GLU C 71 12.01 4.56 47.13
C GLU C 71 11.48 4.52 45.69
N LEU C 72 10.44 5.31 45.43
CA LEU C 72 9.87 5.40 44.10
C LEU C 72 10.57 6.52 43.31
N PHE C 73 10.87 6.25 42.04
CA PHE C 73 11.44 7.25 41.13
C PHE C 73 10.51 7.40 39.93
N LYS C 74 10.43 8.62 39.39
CA LYS C 74 9.82 8.80 38.07
C LYS C 74 10.96 8.81 37.06
N ILE C 75 10.84 7.99 36.02
CA ILE C 75 11.96 7.75 35.11
C ILE C 75 11.74 8.15 33.64
N THR C 76 10.50 8.41 33.23
CA THR C 76 10.24 9.20 31.98
C THR C 76 9.27 10.31 32.24
N ASP C 77 9.26 11.28 31.31
CA ASP C 77 8.38 12.44 31.37
C ASP C 77 8.22 13.01 29.96
N THR C 78 7.36 12.37 29.19
CA THR C 78 7.32 12.47 27.76
C THR C 78 5.84 12.64 27.40
N PRO C 79 5.51 13.43 26.37
CA PRO C 79 4.12 13.54 25.93
C PRO C 79 3.54 12.26 25.30
N TYR C 80 4.39 11.29 24.93
CA TYR C 80 3.88 10.02 24.37
C TYR C 80 3.14 9.26 25.48
N TYR C 81 2.25 8.36 25.06
CA TYR C 81 1.69 7.36 25.93
C TYR C 81 2.79 6.33 26.28
N ASN C 82 3.35 6.47 27.46
CA ASN C 82 4.52 5.72 27.86
C ASN C 82 4.14 4.64 28.86
N ALA C 83 4.22 3.38 28.46
CA ALA C 83 3.68 2.30 29.25
C ALA C 83 4.28 0.99 28.78
N TRP C 84 3.82 -0.11 29.38
CA TRP C 84 4.23 -1.46 28.99
C TRP C 84 5.74 -1.71 29.01
N PRO C 85 6.40 -1.51 30.14
CA PRO C 85 7.75 -2.07 30.32
C PRO C 85 7.67 -3.60 30.23
N GLN C 86 6.52 -4.18 30.57
CA GLN C 86 6.26 -5.60 30.47
C GLN C 86 6.74 -6.23 29.15
N ASP C 87 7.56 -7.27 29.21
CA ASP C 87 8.39 -7.60 30.35
C ASP C 87 9.81 -7.68 29.75
N LYS C 88 10.48 -6.54 29.72
CA LYS C 88 11.62 -6.31 28.81
C LYS C 88 12.88 -5.81 29.50
N ALA C 89 12.77 -5.47 30.78
CA ALA C 89 13.91 -4.92 31.48
C ALA C 89 15.02 -5.96 31.64
N PHE C 90 16.24 -5.47 31.74
CA PHE C 90 17.39 -6.30 31.92
C PHE C 90 18.49 -5.39 32.38
N VAL C 91 19.48 -5.97 33.05
CA VAL C 91 20.72 -5.26 33.29
C VAL C 91 21.88 -5.90 32.53
N TYR C 92 22.73 -5.04 31.98
CA TYR C 92 23.89 -5.44 31.20
C TYR C 92 25.06 -4.51 31.53
N GLU C 93 26.16 -5.13 31.95
CA GLU C 93 27.39 -4.44 32.31
C GLU C 93 27.13 -3.12 33.09
N ASN C 94 26.48 -3.29 34.23
CA ASN C 94 26.16 -2.20 35.16
C ASN C 94 25.08 -1.19 34.74
N VAL C 95 24.58 -1.29 33.52
CA VAL C 95 23.54 -0.38 33.11
C VAL C 95 22.20 -1.06 33.29
N ILE C 96 21.24 -0.36 33.90
CA ILE C 96 19.87 -0.87 33.99
C ILE C 96 19.09 -0.37 32.80
N TYR C 97 18.46 -1.30 32.08
CA TYR C 97 17.67 -0.95 30.91
C TYR C 97 16.19 -1.11 31.15
N ALA C 98 15.42 -0.10 30.73
CA ALA C 98 13.97 -0.05 30.95
C ALA C 98 13.24 0.14 29.61
N PRO C 99 13.12 -0.90 28.79
CA PRO C 99 12.41 -0.79 27.53
C PRO C 99 10.94 -0.64 27.78
N TYR C 100 10.24 -0.04 26.83
CA TYR C 100 8.81 0.17 26.92
C TYR C 100 8.30 0.49 25.53
N MET C 101 7.03 0.80 25.42
CA MET C 101 6.47 1.31 24.18
C MET C 101 5.95 2.72 24.45
N GLY C 102 6.38 3.68 23.61
CA GLY C 102 5.80 5.01 23.59
C GLY C 102 4.92 5.16 22.37
N SER C 103 3.62 5.22 22.58
CA SER C 103 2.64 5.34 21.49
C SER C 103 1.69 6.50 21.78
N ASP C 104 0.50 6.48 21.18
CA ASP C 104 -0.53 7.46 21.49
C ASP C 104 -1.80 6.83 22.14
N ARG C 105 -1.77 5.54 22.40
CA ARG C 105 -2.94 4.82 22.91
C ARG C 105 -2.64 3.35 23.15
N HIS C 106 -3.62 2.62 23.66
CA HIS C 106 -3.49 1.15 23.75
C HIS C 106 -3.57 0.56 22.34
N GLY C 107 -2.44 0.57 21.65
CA GLY C 107 -2.39 0.11 20.28
C GLY C 107 -1.08 0.57 19.71
N VAL C 108 -0.88 0.29 18.43
CA VAL C 108 0.43 0.49 17.79
C VAL C 108 0.56 1.82 17.05
N SER C 109 -0.50 2.62 17.08
CA SER C 109 -0.50 3.94 16.47
C SER C 109 0.60 4.84 17.06
N ARG C 110 1.39 5.44 16.19
CA ARG C 110 2.52 6.31 16.58
C ARG C 110 3.58 5.65 17.47
N LEU C 111 3.58 4.34 17.54
CA LEU C 111 4.40 3.65 18.53
C LEU C 111 5.85 3.44 18.11
N HIS C 112 6.76 3.69 19.05
CA HIS C 112 8.18 3.32 18.92
C HIS C 112 8.48 2.43 20.11
N VAL C 113 9.06 1.26 19.87
CA VAL C 113 9.63 0.50 20.96
C VAL C 113 10.78 1.38 21.41
N SER C 114 10.85 1.63 22.72
CA SER C 114 11.80 2.59 23.26
C SER C 114 12.49 2.03 24.52
N TRP C 115 13.50 2.73 25.01
CA TRP C 115 13.94 2.51 26.37
C TRP C 115 14.57 3.76 26.94
N VAL C 116 14.64 3.80 28.27
CA VAL C 116 15.50 4.68 29.00
C VAL C 116 16.40 3.83 29.84
N LYS C 117 17.57 4.32 30.19
CA LYS C 117 18.54 3.53 30.96
C LYS C 117 19.09 4.32 32.11
N SER C 118 19.59 3.62 33.13
CA SER C 118 20.24 4.28 34.23
C SER C 118 21.69 3.85 34.38
N GLY C 119 22.57 4.83 34.46
CA GLY C 119 23.99 4.62 34.72
C GLY C 119 24.40 4.82 36.18
N ASP C 120 23.44 4.96 37.08
CA ASP C 120 23.82 5.21 38.47
C ASP C 120 22.92 4.51 39.47
N ASP C 121 22.57 3.27 39.16
CA ASP C 121 21.78 2.44 40.05
C ASP C 121 20.38 3.05 40.29
N GLY C 122 19.86 3.75 39.29
CA GLY C 122 18.46 4.13 39.27
C GLY C 122 18.11 5.51 39.77
N GLN C 123 19.11 6.31 40.15
CA GLN C 123 18.91 7.68 40.62
C GLN C 123 18.52 8.60 39.46
N THR C 124 18.99 8.27 38.28
CA THR C 124 18.99 9.20 37.15
C THR C 124 18.84 8.37 35.88
N TRP C 125 18.07 8.87 34.93
CA TRP C 125 17.76 8.13 33.73
C TRP C 125 18.00 8.92 32.46
N SER C 126 18.20 8.20 31.36
CA SER C 126 18.64 8.76 30.10
C SER C 126 17.49 9.32 29.27
N THR C 127 17.81 10.15 28.27
CA THR C 127 16.87 10.55 27.23
C THR C 127 16.39 9.30 26.49
N PRO C 128 15.08 9.20 26.26
CA PRO C 128 14.50 8.07 25.53
C PRO C 128 15.18 7.85 24.21
N GLU C 129 15.31 6.57 23.83
CA GLU C 129 15.86 6.17 22.56
C GLU C 129 14.83 5.33 21.84
N TRP C 130 14.65 5.55 20.55
CA TRP C 130 13.75 4.75 19.75
C TRP C 130 14.56 3.58 19.17
N LEU C 131 14.08 2.35 19.41
CA LEU C 131 14.77 1.16 18.97
C LEU C 131 14.22 0.70 17.65
N THR C 132 12.96 1.03 17.38
CA THR C 132 12.32 0.72 16.10
C THR C 132 11.84 1.98 15.43
N ASP C 133 11.90 1.99 14.11
CA ASP C 133 11.20 2.95 13.28
C ASP C 133 9.71 2.61 13.16
N LEU C 134 8.92 3.53 12.64
CA LEU C 134 7.59 3.21 12.17
C LEU C 134 7.74 2.17 11.07
N HIS C 135 6.84 1.19 11.05
CA HIS C 135 6.86 0.12 10.05
C HIS C 135 6.79 0.70 8.64
N PRO C 136 7.51 0.12 7.68
CA PRO C 136 7.42 0.59 6.28
C PRO C 136 5.95 0.74 5.77
N ASP C 137 5.03 -0.10 6.25
CA ASP C 137 3.62 -0.09 5.80
C ASP C 137 2.71 0.69 6.76
N TYR C 138 3.31 1.54 7.59
CA TYR C 138 2.52 2.47 8.42
C TYR C 138 1.70 3.34 7.47
N PRO C 139 0.42 3.69 7.77
CA PRO C 139 -0.30 3.36 9.01
C PRO C 139 -1.26 2.17 8.97
N THR C 140 -0.95 1.16 8.18
CA THR C 140 -1.74 -0.06 8.23
C THR C 140 -1.35 -0.92 9.44
N VAL C 141 -0.04 -1.04 9.69
CA VAL C 141 0.50 -1.93 10.69
C VAL C 141 1.65 -1.20 11.35
N ASN C 142 2.07 -1.66 12.53
CA ASN C 142 3.25 -1.12 13.17
C ASN C 142 3.82 -2.13 14.18
N TYR C 143 5.01 -1.85 14.70
CA TYR C 143 5.69 -2.76 15.58
C TYR C 143 5.13 -2.75 16.99
N HIS C 144 5.55 -3.76 17.76
CA HIS C 144 5.08 -3.96 19.13
C HIS C 144 6.07 -4.94 19.72
N CYS C 145 6.36 -4.81 21.00
CA CYS C 145 7.26 -5.76 21.65
C CYS C 145 7.08 -5.80 23.17
N MET C 146 6.89 -7.01 23.68
CA MET C 146 6.76 -7.24 25.11
C MET C 146 7.78 -8.28 25.62
N SER C 147 8.69 -8.69 24.74
CA SER C 147 9.71 -9.68 25.08
C SER C 147 11.07 -9.24 24.54
N MET C 148 12.01 -9.05 25.46
CA MET C 148 13.31 -8.56 25.12
C MET C 148 14.27 -8.98 26.22
N GLY C 149 15.50 -9.28 25.83
CA GLY C 149 16.54 -9.60 26.80
C GLY C 149 17.89 -9.85 26.18
N VAL C 150 18.83 -10.28 27.01
CA VAL C 150 20.20 -10.47 26.58
C VAL C 150 20.64 -11.91 26.76
N CYS C 151 21.19 -12.48 25.69
CA CYS C 151 21.78 -13.80 25.72
C CYS C 151 23.17 -13.69 25.12
N ARG C 152 24.21 -14.09 25.87
CA ARG C 152 25.58 -14.13 25.35
C ARG C 152 25.93 -12.84 24.61
N ASN C 153 25.82 -11.73 25.29
CA ASN C 153 26.17 -10.41 24.76
C ASN C 153 25.40 -9.89 23.54
N ARG C 154 24.27 -10.51 23.20
CA ARG C 154 23.36 -9.91 22.21
C ARG C 154 21.99 -9.61 22.79
N LEU C 155 21.39 -8.53 22.31
CA LEU C 155 20.02 -8.23 22.63
C LEU C 155 19.17 -9.07 21.70
N PHE C 156 18.13 -9.71 22.24
CA PHE C 156 17.16 -10.46 21.43
C PHE C 156 15.80 -9.92 21.77
N ALA C 157 14.98 -9.71 20.76
CA ALA C 157 13.65 -9.14 20.94
C ALA C 157 12.70 -9.80 19.99
N MET C 158 11.49 -10.08 20.45
CA MET C 158 10.46 -10.54 19.55
C MET C 158 9.76 -9.30 19.10
N ILE C 159 10.04 -8.89 17.88
CA ILE C 159 9.35 -7.73 17.30
C ILE C 159 8.11 -8.24 16.57
N GLU C 160 6.97 -7.81 17.06
CA GLU C 160 5.66 -8.12 16.49
C GLU C 160 5.24 -7.05 15.47
N THR C 161 4.49 -7.49 14.46
CA THR C 161 3.78 -6.55 13.59
C THR C 161 2.29 -6.71 13.87
N ARG C 162 1.63 -5.59 14.17
CA ARG C 162 0.21 -5.58 14.52
C ARG C 162 -0.53 -4.47 13.73
N THR C 163 -1.81 -4.69 13.43
CA THR C 163 -2.61 -3.69 12.72
C THR C 163 -3.00 -2.55 13.63
N LEU C 164 -3.01 -1.33 13.08
CA LEU C 164 -3.55 -0.19 13.80
C LEU C 164 -5.04 -0.37 14.10
N ALA C 165 -5.78 -0.93 13.14
CA ALA C 165 -7.22 -1.00 13.28
C ALA C 165 -7.68 -1.80 14.50
N LYS C 166 -7.08 -2.97 14.74
CA LYS C 166 -7.61 -3.86 15.78
C LYS C 166 -6.55 -4.44 16.70
N ASN C 167 -5.30 -3.97 16.52
CA ASN C 167 -4.14 -4.51 17.22
C ASN C 167 -3.97 -6.03 17.01
N ALA C 168 -4.40 -6.51 15.85
CA ALA C 168 -4.31 -7.94 15.49
C ALA C 168 -2.88 -8.32 15.12
N LEU C 169 -2.38 -9.42 15.67
CA LEU C 169 -1.02 -9.86 15.35
C LEU C 169 -0.96 -10.26 13.89
N THR C 170 0.13 -9.86 13.23
CA THR C 170 0.31 -10.04 11.79
C THR C 170 1.60 -10.78 11.42
N ASN C 171 2.63 -10.60 12.25
CA ASN C 171 3.94 -11.12 11.96
C ASN C 171 4.75 -11.22 13.24
N CYS C 172 5.56 -12.27 13.36
CA CYS C 172 6.51 -12.36 14.45
C CYS C 172 7.92 -12.46 13.87
N ALA C 173 8.84 -11.64 14.37
CA ALA C 173 10.25 -11.75 13.98
C ALA C 173 11.18 -11.67 15.18
N LEU C 174 12.21 -12.50 15.17
CA LEU C 174 13.24 -12.38 16.20
C LEU C 174 14.28 -11.42 15.64
N TRP C 175 14.41 -10.26 16.27
CA TRP C 175 15.49 -9.32 15.98
C TRP C 175 16.58 -9.40 17.06
N ASP C 176 17.84 -9.38 16.65
CA ASP C 176 18.91 -9.36 17.63
C ASP C 176 20.08 -8.53 17.15
N ARG C 177 20.89 -8.07 18.09
CA ARG C 177 21.97 -7.13 17.82
C ARG C 177 23.02 -7.40 18.90
N PRO C 178 24.29 -7.18 18.61
CA PRO C 178 25.33 -7.30 19.65
C PRO C 178 25.24 -6.10 20.58
N MET C 179 25.58 -6.28 21.85
CA MET C 179 25.58 -5.14 22.77
C MET C 179 26.92 -4.42 22.72
N SER C 180 26.89 -3.12 22.91
CA SER C 180 28.12 -2.34 23.01
C SER C 180 28.93 -2.71 24.28
N ARG C 181 30.23 -2.98 24.11
CA ARG C 181 31.12 -3.24 25.24
C ARG C 181 32.55 -2.84 24.95
N SER C 182 33.31 -2.63 26.00
CA SER C 182 34.76 -2.43 25.89
C SER C 182 35.43 -3.64 26.51
N LEU C 183 36.34 -4.25 25.76
CA LEU C 183 37.05 -5.39 26.27
C LEU C 183 38.53 -5.07 26.43
N HIS C 184 39.09 -5.40 27.58
CA HIS C 184 40.52 -5.14 27.84
C HIS C 184 41.21 -6.47 27.93
N LEU C 185 41.91 -6.79 26.86
CA LEU C 185 42.36 -8.16 26.65
C LEU C 185 43.87 -8.32 26.59
N THR C 186 44.32 -9.58 26.48
CA THR C 186 45.73 -9.96 26.40
C THR C 186 45.90 -11.16 25.46
N GLY C 187 46.38 -10.89 24.25
CA GLY C 187 46.66 -11.93 23.28
C GLY C 187 45.40 -12.21 22.48
N GLY C 188 45.42 -13.28 21.68
CA GLY C 188 44.25 -13.68 20.95
C GLY C 188 44.16 -13.21 19.51
N ILE C 189 45.02 -12.29 19.09
CA ILE C 189 45.04 -11.94 17.67
C ILE C 189 46.20 -12.65 16.94
N THR C 190 45.89 -13.43 15.91
CA THR C 190 46.91 -13.97 15.05
C THR C 190 46.75 -13.51 13.60
N LYS C 191 47.85 -13.19 12.93
CA LYS C 191 47.84 -12.92 11.49
C LYS C 191 48.88 -13.78 10.74
N ALA C 192 48.42 -14.85 10.08
CA ALA C 192 49.30 -15.69 9.27
C ALA C 192 49.77 -14.92 8.07
N ALA C 193 51.01 -15.20 7.67
CA ALA C 193 51.65 -14.52 6.56
C ALA C 193 50.90 -14.68 5.26
N ASN C 194 50.98 -13.63 4.44
CA ASN C 194 50.67 -13.66 3.01
C ASN C 194 49.20 -13.62 2.69
N GLN C 195 48.45 -13.20 3.69
CA GLN C 195 47.02 -13.10 3.57
C GLN C 195 46.58 -11.95 4.48
N ARG C 196 45.38 -11.43 4.22
CA ARG C 196 44.91 -10.15 4.77
C ARG C 196 43.93 -10.32 5.94
N TYR C 197 43.70 -11.56 6.39
CA TYR C 197 42.79 -11.79 7.53
C TYR C 197 43.52 -12.05 8.85
N ALA C 198 42.84 -11.75 9.95
CA ALA C 198 43.37 -11.90 11.30
C ALA C 198 42.36 -12.62 12.15
N THR C 199 42.74 -13.62 12.97
CA THR C 199 41.74 -14.20 13.84
C THR C 199 41.87 -13.77 15.30
N ILE C 200 40.70 -13.52 15.87
CA ILE C 200 40.56 -12.92 17.19
C ILE C 200 39.92 -13.93 18.13
N HIS C 201 40.61 -14.26 19.22
CA HIS C 201 40.03 -15.08 20.23
C HIS C 201 39.40 -14.23 21.29
N VAL C 202 38.06 -14.28 21.32
CA VAL C 202 37.24 -13.59 22.29
C VAL C 202 36.14 -14.57 22.68
N PRO C 203 36.29 -15.19 23.86
CA PRO C 203 35.29 -16.15 24.39
C PRO C 203 33.88 -15.56 24.38
N ASP C 204 32.93 -16.30 23.82
CA ASP C 204 31.50 -15.92 23.82
C ASP C 204 31.27 -14.51 23.32
N HIS C 205 31.93 -14.18 22.22
CA HIS C 205 31.87 -12.82 21.70
C HIS C 205 30.45 -12.46 21.27
N GLY C 206 29.73 -13.45 20.75
CA GLY C 206 28.36 -13.25 20.30
C GLY C 206 28.20 -12.35 19.08
N LEU C 207 29.22 -12.28 18.25
CA LEU C 207 29.11 -11.48 17.04
C LEU C 207 28.84 -12.30 15.82
N PHE C 208 28.32 -11.62 14.79
CA PHE C 208 28.01 -12.23 13.50
C PHE C 208 28.81 -11.58 12.41
N VAL C 209 28.95 -12.26 11.27
CA VAL C 209 29.54 -11.62 10.08
C VAL C 209 28.91 -10.24 9.88
N GLY C 210 29.75 -9.23 9.64
CA GLY C 210 29.26 -7.88 9.39
C GLY C 210 29.10 -7.03 10.64
N ASP C 211 29.22 -7.60 11.84
CA ASP C 211 29.12 -6.77 13.05
C ASP C 211 30.36 -5.88 13.25
N PHE C 212 30.15 -4.75 13.92
CA PHE C 212 31.17 -3.77 14.23
C PHE C 212 32.20 -4.25 15.27
N VAL C 213 33.49 -4.06 14.98
CA VAL C 213 34.55 -4.28 15.95
C VAL C 213 35.63 -3.20 15.78
N ASN C 214 36.07 -2.60 16.89
CA ASN C 214 37.10 -1.57 16.88
C ASN C 214 38.28 -2.07 17.70
N PHE C 215 39.49 -1.76 17.25
CA PHE C 215 40.72 -2.26 17.85
C PHE C 215 41.68 -1.15 18.26
N SER C 216 42.35 -1.32 19.39
CA SER C 216 43.40 -0.40 19.83
C SER C 216 44.58 -1.17 20.44
N ASN C 217 45.79 -0.76 20.06
CA ASN C 217 47.02 -1.29 20.67
C ASN C 217 47.15 -2.82 20.45
N SER C 218 46.58 -3.29 19.33
CA SER C 218 46.58 -4.72 18.98
C SER C 218 47.97 -5.33 18.81
N ALA C 219 48.91 -4.52 18.31
CA ALA C 219 50.29 -4.95 18.01
C ALA C 219 50.34 -6.04 16.91
N VAL C 220 49.26 -6.10 16.15
CA VAL C 220 49.16 -6.93 14.98
C VAL C 220 48.84 -6.05 13.79
N THR C 221 49.84 -5.88 12.91
CA THR C 221 49.65 -5.00 11.77
C THR C 221 48.32 -5.24 11.06
N GLY C 222 47.63 -4.14 10.78
CA GLY C 222 46.38 -4.19 10.06
C GLY C 222 45.16 -4.28 10.96
N VAL C 223 45.33 -4.82 12.17
CA VAL C 223 44.18 -4.96 13.07
C VAL C 223 44.12 -3.72 13.94
N SER C 224 43.29 -2.79 13.51
CA SER C 224 43.40 -1.43 13.96
C SER C 224 42.17 -0.63 13.56
N GLY C 225 41.63 0.14 14.50
CA GLY C 225 40.55 1.05 14.22
C GLY C 225 39.20 0.38 14.02
N ASP C 226 38.36 1.02 13.22
CA ASP C 226 37.02 0.54 12.90
C ASP C 226 37.05 -0.59 11.84
N MET C 227 36.49 -1.74 12.17
CA MET C 227 36.54 -2.88 11.26
C MET C 227 35.24 -3.66 11.40
N THR C 228 35.05 -4.68 10.58
CA THR C 228 33.90 -5.57 10.76
C THR C 228 34.32 -7.04 10.83
N VAL C 229 33.48 -7.88 11.43
CA VAL C 229 33.68 -9.33 11.47
C VAL C 229 33.62 -9.89 10.03
N ALA C 230 34.71 -10.51 9.55
CA ALA C 230 34.60 -11.12 8.22
C ALA C 230 34.06 -12.55 8.25
N THR C 231 34.55 -13.43 9.13
CA THR C 231 33.86 -14.72 9.32
C THR C 231 33.85 -15.08 10.82
N VAL C 232 32.94 -15.95 11.23
CA VAL C 232 32.96 -16.44 12.61
C VAL C 232 33.38 -17.93 12.63
N ILE C 233 34.49 -18.24 13.28
CA ILE C 233 35.01 -19.60 13.26
C ILE C 233 34.20 -20.48 14.24
N ASP C 234 33.97 -19.97 15.45
CA ASP C 234 33.08 -20.62 16.42
C ASP C 234 32.72 -19.58 17.47
N LYS C 235 32.05 -19.99 18.53
CA LYS C 235 31.57 -19.07 19.56
C LYS C 235 32.68 -18.22 20.19
N ASP C 236 33.92 -18.70 20.14
CA ASP C 236 35.03 -18.05 20.81
C ASP C 236 36.04 -17.35 19.90
N ASN C 237 35.82 -17.47 18.59
CA ASN C 237 36.78 -16.98 17.61
C ASN C 237 36.12 -16.38 16.38
N PHE C 238 36.69 -15.31 15.86
CA PHE C 238 36.26 -14.74 14.59
C PHE C 238 37.44 -14.10 13.85
N THR C 239 37.24 -13.79 12.58
CA THR C 239 38.28 -13.13 11.76
C THR C 239 37.90 -11.71 11.34
N VAL C 240 38.91 -10.89 11.15
CA VAL C 240 38.74 -9.59 10.46
C VAL C 240 39.62 -9.51 9.21
N LEU C 241 39.10 -8.75 8.22
CA LEU C 241 39.82 -8.38 6.96
C LEU C 241 40.61 -7.06 7.02
N THR C 242 41.92 -7.15 7.19
CA THR C 242 42.80 -5.98 7.18
C THR C 242 43.10 -5.46 5.75
N PRO C 243 43.57 -4.21 5.64
CA PRO C 243 44.00 -3.65 4.35
C PRO C 243 45.34 -4.14 3.79
N ASN C 244 46.06 -5.01 4.47
CA ASN C 244 47.40 -5.37 4.01
C ASN C 244 47.80 -6.77 4.43
N GLN C 245 48.86 -7.33 3.83
CA GLN C 245 49.46 -8.60 4.33
C GLN C 245 50.95 -8.44 4.57
N GLN C 246 51.47 -9.23 5.49
CA GLN C 246 52.89 -9.27 5.79
C GLN C 246 53.46 -10.62 5.35
N THR C 247 54.78 -10.71 5.19
CA THR C 247 55.43 -11.93 4.74
C THR C 247 55.98 -12.72 5.93
N SER C 248 55.66 -12.29 7.14
CA SER C 248 56.00 -13.12 8.27
C SER C 248 54.80 -13.17 9.20
N ASP C 249 54.69 -14.22 10.01
CA ASP C 249 53.52 -14.42 10.88
C ASP C 249 53.47 -13.38 12.02
N LEU C 250 52.25 -13.03 12.44
CA LEU C 250 52.02 -12.11 13.55
C LEU C 250 51.18 -12.79 14.63
N ASN C 251 51.57 -12.55 15.88
CA ASN C 251 50.89 -13.09 17.06
C ASN C 251 51.14 -12.25 18.33
N ASN C 252 50.14 -11.46 18.71
CA ASN C 252 50.24 -10.49 19.82
C ASN C 252 50.07 -11.06 21.24
N ALA C 253 50.34 -12.36 21.40
CA ALA C 253 50.46 -12.99 22.72
C ALA C 253 51.20 -12.12 23.73
N GLY C 254 50.68 -12.05 24.95
CA GLY C 254 51.38 -11.35 26.02
C GLY C 254 51.18 -9.84 26.00
N LYS C 255 50.45 -9.36 25.03
CA LYS C 255 50.23 -7.91 24.90
C LYS C 255 48.82 -7.52 25.32
N ASN C 256 48.68 -6.41 26.02
CA ASN C 256 47.37 -5.90 26.40
C ASN C 256 46.84 -5.03 25.28
N TRP C 257 45.60 -5.27 24.88
CA TRP C 257 44.93 -4.43 23.85
C TRP C 257 43.47 -4.22 24.21
N HIS C 258 42.72 -3.52 23.36
CA HIS C 258 41.28 -3.31 23.59
C HIS C 258 40.41 -3.53 22.35
N MET C 259 39.21 -4.08 22.58
CA MET C 259 38.08 -4.10 21.63
C MET C 259 36.88 -3.53 22.44
N GLY C 260 35.81 -2.97 21.87
CA GLY C 260 35.59 -2.82 20.48
C GLY C 260 34.20 -3.03 19.89
N THR C 261 33.11 -3.23 20.65
CA THR C 261 31.83 -3.48 19.92
C THR C 261 30.79 -2.38 19.93
N SER C 262 29.78 -2.49 19.07
CA SER C 262 28.70 -1.48 18.97
C SER C 262 27.35 -1.95 18.44
N PHE C 263 26.36 -1.74 19.29
CA PHE C 263 24.94 -1.96 19.00
C PHE C 263 24.52 -1.11 17.82
N HIS C 264 24.96 0.14 17.82
CA HIS C 264 24.45 1.08 16.84
C HIS C 264 25.03 0.96 15.44
N LYS C 265 26.25 0.44 15.31
CA LYS C 265 26.81 0.35 13.99
C LYS C 265 26.78 -1.08 13.48
N SER C 266 26.06 -1.95 14.19
CA SER C 266 25.87 -3.32 13.72
C SER C 266 24.43 -3.44 13.29
N PRO C 267 24.14 -4.05 12.16
CA PRO C 267 22.75 -4.13 11.75
C PRO C 267 22.05 -5.21 12.58
N TRP C 268 20.73 -5.09 12.73
CA TRP C 268 19.93 -6.13 13.35
C TRP C 268 20.04 -7.42 12.54
N ARG C 269 20.07 -8.57 13.20
CA ARG C 269 19.71 -9.79 12.50
C ARG C 269 18.22 -9.99 12.71
N LYS C 270 17.48 -10.11 11.61
CA LYS C 270 16.03 -10.25 11.65
C LYS C 270 15.64 -11.60 11.09
N THR C 271 15.07 -12.45 11.94
CA THR C 271 14.65 -13.78 11.54
C THR C 271 13.16 -13.79 11.53
N ASP C 272 12.59 -13.93 10.35
CA ASP C 272 11.13 -13.97 10.16
C ASP C 272 10.53 -15.33 10.54
N LEU C 273 9.64 -15.30 11.53
CA LEU C 273 9.03 -16.50 12.11
C LEU C 273 7.62 -16.72 11.58
N GLY C 274 7.20 -15.78 10.73
CA GLY C 274 5.86 -15.75 10.16
C GLY C 274 4.78 -15.37 11.19
N LEU C 275 3.55 -15.79 10.88
CA LEU C 275 2.46 -15.66 11.83
C LEU C 275 2.41 -16.95 12.67
N ILE C 276 3.18 -16.95 13.76
CA ILE C 276 3.20 -18.09 14.66
C ILE C 276 1.75 -18.44 14.97
N PRO C 277 1.32 -19.65 14.63
CA PRO C 277 -0.08 -20.00 14.87
C PRO C 277 -0.37 -20.03 16.37
N SER C 278 -1.59 -19.63 16.72
CA SER C 278 -2.10 -19.82 18.05
C SER C 278 -1.32 -18.95 19.05
N VAL C 279 -1.06 -17.69 18.65
CA VAL C 279 -0.37 -16.72 19.48
C VAL C 279 -1.09 -15.38 19.41
N THR C 280 -1.28 -14.76 20.57
CA THR C 280 -1.84 -13.41 20.65
C THR C 280 -0.70 -12.44 20.95
N GLU C 281 0.12 -12.77 21.94
CA GLU C 281 1.22 -11.88 22.38
C GLU C 281 2.40 -12.71 22.83
N VAL C 282 3.61 -12.25 22.51
CA VAL C 282 4.81 -12.88 23.04
C VAL C 282 5.22 -11.90 24.12
N HIS C 283 5.58 -12.42 25.29
CA HIS C 283 5.79 -11.59 26.48
C HIS C 283 6.76 -12.28 27.42
N SER C 284 7.71 -11.49 27.92
CA SER C 284 8.75 -11.96 28.84
C SER C 284 9.90 -12.75 28.18
N PHE C 285 11.02 -12.85 28.89
CA PHE C 285 12.25 -13.37 28.35
C PHE C 285 13.05 -13.99 29.47
N ALA C 286 13.41 -15.27 29.32
CA ALA C 286 14.26 -15.94 30.31
C ALA C 286 15.53 -16.53 29.66
N THR C 287 16.67 -15.92 29.95
CA THR C 287 17.94 -16.51 29.53
C THR C 287 18.12 -17.89 30.17
N ILE C 288 18.33 -18.90 29.33
CA ILE C 288 18.52 -20.25 29.81
C ILE C 288 20.01 -20.51 30.07
N ASP C 289 20.81 -20.27 29.04
CA ASP C 289 22.21 -20.55 29.10
C ASP C 289 22.97 -19.74 28.05
N ASN C 290 24.12 -20.26 27.65
CA ASN C 290 24.99 -19.61 26.69
C ASN C 290 24.48 -19.66 25.23
N ASN C 291 23.49 -20.49 24.95
CA ASN C 291 23.04 -20.67 23.56
C ASN C 291 21.63 -20.23 23.29
N GLY C 292 20.81 -20.07 24.34
CA GLY C 292 19.43 -19.69 24.14
C GLY C 292 18.62 -19.27 25.35
N PHE C 293 17.33 -19.17 25.12
CA PHE C 293 16.43 -18.46 26.00
C PHE C 293 15.00 -18.86 25.69
N ALA C 294 14.09 -18.50 26.60
CA ALA C 294 12.69 -18.77 26.41
C ALA C 294 11.97 -17.42 26.45
N MET C 295 10.89 -17.33 25.67
CA MET C 295 10.00 -16.18 25.67
C MET C 295 8.61 -16.68 25.99
N GLY C 296 7.88 -15.95 26.86
CA GLY C 296 6.53 -16.32 27.22
C GLY C 296 5.55 -15.94 26.12
N TYR C 297 4.37 -16.55 26.17
CA TYR C 297 3.33 -16.22 25.20
C TYR C 297 1.99 -16.65 25.75
N HIS C 298 0.94 -16.11 25.14
CA HIS C 298 -0.42 -16.53 25.42
C HIS C 298 -1.23 -16.41 24.12
N GLN C 299 -2.32 -17.18 24.03
CA GLN C 299 -3.33 -17.03 23.00
C GLN C 299 -4.67 -16.86 23.71
N GLY C 300 -5.32 -15.72 23.46
CA GLY C 300 -6.58 -15.39 24.10
C GLY C 300 -7.66 -14.87 23.16
N ASP C 301 -7.48 -15.07 21.84
CA ASP C 301 -8.44 -14.56 20.83
C ASP C 301 -9.61 -15.56 20.65
N VAL C 302 -9.28 -16.85 20.66
CA VAL C 302 -10.27 -17.91 20.45
C VAL C 302 -10.05 -19.08 21.40
N ALA C 303 -11.11 -19.84 21.68
CA ALA C 303 -10.99 -21.01 22.55
C ALA C 303 -10.22 -22.06 21.74
N PRO C 304 -9.33 -22.85 22.34
CA PRO C 304 -8.99 -22.82 23.76
C PRO C 304 -7.90 -21.77 24.01
N ARG C 305 -7.99 -21.05 25.12
CA ARG C 305 -6.91 -20.16 25.50
C ARG C 305 -5.63 -20.98 25.79
N GLU C 306 -4.48 -20.42 25.42
CA GLU C 306 -3.18 -21.04 25.67
C GLU C 306 -2.28 -20.14 26.48
N VAL C 307 -1.49 -20.72 27.39
CA VAL C 307 -0.49 -19.95 28.10
C VAL C 307 0.76 -20.80 28.24
N GLY C 308 1.91 -20.26 27.85
CA GLY C 308 3.15 -21.01 27.94
C GLY C 308 4.38 -20.27 27.50
N LEU C 309 5.33 -20.99 26.91
CA LEU C 309 6.58 -20.36 26.48
C LEU C 309 7.12 -21.00 25.20
N PHE C 310 7.99 -20.25 24.50
CA PHE C 310 8.71 -20.77 23.33
C PHE C 310 10.18 -20.85 23.70
N TYR C 311 10.74 -22.06 23.70
CA TYR C 311 12.16 -22.19 24.00
C TYR C 311 12.96 -22.14 22.71
N PHE C 312 13.98 -21.29 22.69
CA PHE C 312 14.92 -21.27 21.58
C PHE C 312 16.21 -21.91 22.09
N PRO C 313 16.44 -23.20 21.82
CA PRO C 313 17.63 -23.92 22.33
C PRO C 313 18.98 -23.32 21.89
N ASP C 314 19.09 -23.04 20.59
CA ASP C 314 20.28 -22.44 20.02
C ASP C 314 19.85 -21.29 19.12
N ALA C 315 19.73 -20.11 19.72
CA ALA C 315 19.29 -18.91 19.02
C ALA C 315 20.38 -18.33 18.12
N PHE C 316 21.61 -18.75 18.38
CA PHE C 316 22.76 -18.25 17.61
C PHE C 316 22.94 -18.94 16.28
N ASN C 317 23.04 -20.27 16.29
CA ASN C 317 23.07 -21.00 15.02
C ASN C 317 21.70 -21.17 14.38
N SER C 318 20.63 -21.29 15.18
CA SER C 318 19.30 -21.62 14.64
C SER C 318 18.18 -20.77 15.25
N PRO C 319 18.16 -19.50 14.89
CA PRO C 319 17.21 -18.55 15.49
C PRO C 319 15.77 -18.89 15.16
N SER C 320 15.53 -19.68 14.12
CA SER C 320 14.16 -19.93 13.69
C SER C 320 13.59 -21.22 14.30
N ASN C 321 14.42 -21.92 15.07
CA ASN C 321 13.98 -23.16 15.71
C ASN C 321 13.62 -22.95 17.17
N TYR C 322 12.36 -23.23 17.48
CA TYR C 322 11.81 -23.05 18.81
C TYR C 322 10.79 -24.15 19.10
N VAL C 323 10.58 -24.42 20.38
CA VAL C 323 9.63 -25.45 20.78
C VAL C 323 8.60 -24.83 21.72
N ARG C 324 7.33 -25.16 21.48
CA ARG C 324 6.24 -24.63 22.27
C ARG C 324 5.98 -25.53 23.49
N ARG C 325 5.85 -24.92 24.67
CA ARG C 325 5.60 -25.67 25.89
C ARG C 325 4.50 -24.94 26.65
N GLN C 326 3.46 -25.64 27.07
CA GLN C 326 2.32 -24.99 27.71
C GLN C 326 2.27 -25.35 29.19
N ILE C 327 1.73 -24.45 30.02
CA ILE C 327 1.48 -24.76 31.43
C ILE C 327 0.30 -25.72 31.52
N PRO C 328 0.10 -26.36 32.67
CA PRO C 328 -0.98 -27.34 32.84
C PRO C 328 -2.32 -26.71 32.46
N SER C 329 -3.13 -27.46 31.73
CA SER C 329 -4.38 -26.99 31.11
C SER C 329 -5.36 -26.32 32.08
N GLU C 330 -5.36 -26.77 33.34
CA GLU C 330 -6.29 -26.22 34.34
C GLU C 330 -6.00 -24.76 34.69
N TYR C 331 -4.77 -24.35 34.44
CA TYR C 331 -4.32 -23.01 34.76
C TYR C 331 -4.40 -22.04 33.57
N GLU C 332 -4.78 -22.56 32.42
CA GLU C 332 -4.81 -21.79 31.18
C GLU C 332 -6.06 -20.90 30.96
N PRO C 333 -7.26 -21.28 31.42
CA PRO C 333 -8.42 -20.38 31.33
C PRO C 333 -8.19 -19.05 32.06
N ASP C 334 -8.66 -17.95 31.48
CA ASP C 334 -8.58 -16.61 32.08
C ASP C 334 -7.18 -16.14 32.44
N ALA C 335 -6.19 -16.56 31.65
CA ALA C 335 -4.78 -16.26 31.93
C ALA C 335 -4.12 -15.67 30.71
N SER C 336 -3.18 -14.76 30.95
CA SER C 336 -2.37 -14.18 29.87
C SER C 336 -1.00 -13.73 30.38
N GLU C 337 -0.20 -13.22 29.43
CA GLU C 337 1.03 -12.51 29.71
C GLU C 337 1.85 -13.14 30.85
N PRO C 338 2.39 -14.33 30.62
CA PRO C 338 3.21 -14.99 31.65
C PRO C 338 4.56 -14.30 31.81
N CYS C 339 5.01 -14.05 33.04
CA CYS C 339 6.40 -13.66 33.28
C CYS C 339 7.25 -14.90 33.55
N ILE C 340 8.41 -14.99 32.92
CA ILE C 340 9.26 -16.19 33.06
C ILE C 340 10.68 -15.82 33.43
N LYS C 341 11.24 -16.56 34.38
CA LYS C 341 12.62 -16.35 34.77
C LYS C 341 13.26 -17.69 35.11
N TYR C 342 14.58 -17.79 34.91
CA TYR C 342 15.31 -19.07 35.06
C TYR C 342 16.42 -18.98 36.11
N TYR C 343 16.35 -19.85 37.12
CA TYR C 343 17.36 -19.86 38.17
C TYR C 343 17.77 -21.27 38.63
N ASP C 344 19.08 -21.55 38.56
CA ASP C 344 19.65 -22.81 39.02
C ASP C 344 18.86 -23.98 38.50
N GLY C 345 18.68 -24.03 37.18
CA GLY C 345 18.00 -25.15 36.56
C GLY C 345 16.49 -25.21 36.69
N VAL C 346 15.89 -24.19 37.32
CA VAL C 346 14.43 -24.14 37.53
C VAL C 346 13.85 -22.98 36.74
N LEU C 347 12.82 -23.28 35.96
CA LEU C 347 12.11 -22.27 35.21
C LEU C 347 10.82 -21.90 35.90
N TYR C 348 10.68 -20.62 36.25
CA TYR C 348 9.50 -20.12 36.96
C TYR C 348 8.60 -19.33 36.03
N LEU C 349 7.28 -19.49 36.20
CA LEU C 349 6.31 -18.78 35.37
C LEU C 349 5.10 -18.31 36.20
N ILE C 350 4.76 -17.02 36.08
CA ILE C 350 3.58 -16.44 36.76
C ILE C 350 2.68 -15.79 35.72
N THR C 351 1.40 -16.11 35.81
CA THR C 351 0.41 -15.63 34.85
C THR C 351 -0.28 -14.37 35.32
N ARG C 352 -0.80 -13.60 34.36
CA ARG C 352 -1.82 -12.56 34.60
C ARG C 352 -3.19 -13.23 34.56
N GLY C 353 -4.01 -12.97 35.59
CA GLY C 353 -5.44 -13.28 35.56
C GLY C 353 -6.19 -12.20 34.78
N THR C 354 -7.12 -12.61 33.91
CA THR C 354 -7.92 -11.67 33.10
C THR C 354 -9.18 -11.15 33.77
N ARG C 355 -9.68 -11.80 34.84
CA ARG C 355 -10.87 -11.31 35.53
C ARG C 355 -10.88 -11.53 37.02
N GLY C 356 -11.46 -10.54 37.73
CA GLY C 356 -11.64 -10.60 39.18
C GLY C 356 -12.62 -11.65 39.74
N ASP C 357 -13.52 -12.18 38.90
CA ASP C 357 -14.51 -13.19 39.30
C ASP C 357 -14.18 -14.62 38.83
N ARG C 358 -12.92 -14.88 38.52
CA ARG C 358 -12.47 -16.19 38.05
C ARG C 358 -11.08 -16.46 38.64
N LEU C 359 -10.74 -17.73 38.87
CA LEU C 359 -9.41 -18.06 39.36
C LEU C 359 -8.33 -17.29 38.55
N GLY C 360 -7.45 -16.59 39.26
CA GLY C 360 -6.51 -15.70 38.64
C GLY C 360 -5.09 -16.20 38.51
N SER C 361 -4.15 -15.29 38.77
CA SER C 361 -2.72 -15.54 38.71
C SER C 361 -2.28 -16.84 39.38
N SER C 362 -1.50 -17.63 38.66
CA SER C 362 -0.87 -18.83 39.20
C SER C 362 0.65 -18.85 38.96
N LEU C 363 1.34 -19.56 39.84
CA LEU C 363 2.79 -19.74 39.76
C LEU C 363 3.11 -21.20 39.41
N HIS C 364 4.16 -21.39 38.61
CA HIS C 364 4.58 -22.71 38.14
C HIS C 364 6.08 -22.80 38.11
N ARG C 365 6.61 -23.98 38.42
CA ARG C 365 8.05 -24.23 38.23
C ARG C 365 8.28 -25.50 37.45
N SER C 366 9.37 -25.54 36.71
CA SER C 366 9.71 -26.68 35.86
C SER C 366 11.21 -26.94 35.90
N ARG C 367 11.61 -28.20 36.06
CA ARG C 367 13.02 -28.59 36.00
C ARG C 367 13.41 -29.08 34.62
N ASP C 368 12.52 -28.99 33.65
CA ASP C 368 12.82 -29.44 32.27
C ASP C 368 12.33 -28.44 31.20
N ILE C 369 12.39 -27.15 31.53
CA ILE C 369 12.06 -26.08 30.58
C ILE C 369 10.63 -26.21 30.00
N GLY C 370 9.68 -26.54 30.89
CA GLY C 370 8.27 -26.48 30.54
C GLY C 370 7.61 -27.76 30.09
N GLN C 371 8.33 -28.86 30.12
CA GLN C 371 7.68 -30.13 29.78
C GLN C 371 6.79 -30.67 30.90
N THR C 372 7.27 -30.54 32.15
CA THR C 372 6.46 -30.85 33.34
C THR C 372 6.53 -29.69 34.33
N TRP C 373 5.47 -29.53 35.13
CA TRP C 373 5.33 -28.38 36.01
C TRP C 373 4.84 -28.76 37.41
N GLU C 374 5.27 -28.00 38.42
CA GLU C 374 4.62 -28.01 39.73
C GLU C 374 3.91 -26.66 39.84
N SER C 375 2.64 -26.64 40.27
CA SER C 375 1.85 -25.42 40.13
C SER C 375 1.09 -25.05 41.38
N LEU C 376 0.69 -23.78 41.46
CA LEU C 376 0.01 -23.27 42.65
C LEU C 376 -0.78 -22.00 42.29
N ARG C 377 -1.91 -21.78 42.98
CA ARG C 377 -2.80 -20.66 42.70
C ARG C 377 -2.66 -19.58 43.75
N PHE C 378 -2.54 -18.33 43.32
CA PHE C 378 -2.63 -17.26 44.27
C PHE C 378 -4.10 -17.14 44.74
N PRO C 379 -4.30 -16.95 46.05
CA PRO C 379 -5.65 -16.77 46.60
C PRO C 379 -6.29 -15.49 46.06
N HIS C 380 -7.62 -15.52 45.97
CA HIS C 380 -8.44 -14.33 45.71
C HIS C 380 -8.25 -13.67 44.32
N ASN C 381 -8.10 -14.49 43.28
CA ASN C 381 -8.21 -14.06 41.87
C ASN C 381 -7.42 -12.81 41.49
N VAL C 382 -6.11 -12.87 41.71
CA VAL C 382 -5.23 -11.78 41.35
C VAL C 382 -5.38 -11.58 39.84
N HIS C 383 -5.67 -10.34 39.43
CA HIS C 383 -6.04 -10.02 38.04
C HIS C 383 -5.61 -8.64 37.53
N HIS C 384 -5.58 -8.53 36.19
CA HIS C 384 -5.33 -7.30 35.44
C HIS C 384 -3.87 -6.84 35.48
N THR C 385 -3.07 -7.50 36.31
CA THR C 385 -1.68 -7.15 36.43
C THR C 385 -0.74 -8.31 36.07
N THR C 386 0.40 -7.96 35.48
CA THR C 386 1.43 -8.98 35.33
C THR C 386 2.15 -9.01 36.66
N LEU C 387 2.92 -10.06 36.87
CA LEU C 387 3.60 -10.25 38.14
C LEU C 387 5.07 -10.52 37.90
N PRO C 388 5.78 -9.53 37.38
CA PRO C 388 7.20 -9.70 37.11
C PRO C 388 7.89 -9.87 38.47
N PHE C 389 9.02 -10.58 38.47
CA PHE C 389 9.63 -11.05 39.69
C PHE C 389 11.08 -11.39 39.48
N ALA C 390 11.79 -11.49 40.60
CA ALA C 390 13.15 -12.00 40.62
C ALA C 390 13.28 -13.02 41.75
N LYS C 391 14.28 -13.89 41.69
CA LYS C 391 14.55 -14.77 42.80
C LYS C 391 15.76 -14.25 43.57
N VAL C 392 15.57 -13.96 44.84
CA VAL C 392 16.67 -13.55 45.71
C VAL C 392 16.71 -14.50 46.90
N GLY C 393 17.79 -15.26 47.03
CA GLY C 393 17.85 -16.35 48.00
C GLY C 393 16.74 -17.36 47.71
N ASP C 394 16.01 -17.73 48.75
CA ASP C 394 14.94 -18.73 48.64
C ASP C 394 13.60 -18.14 48.20
N ASP C 395 13.56 -16.81 48.07
CA ASP C 395 12.32 -16.10 47.83
C ASP C 395 12.17 -15.70 46.39
N LEU C 396 10.96 -15.87 45.87
CA LEU C 396 10.54 -15.14 44.69
C LEU C 396 10.02 -13.80 45.24
N ILE C 397 10.50 -12.69 44.71
CA ILE C 397 9.94 -11.39 45.04
C ILE C 397 9.22 -10.86 43.81
N MET C 398 7.92 -10.66 43.93
CA MET C 398 7.11 -10.23 42.79
C MET C 398 6.44 -8.90 43.04
N PHE C 399 6.20 -8.15 41.97
CA PHE C 399 5.50 -6.85 42.05
C PHE C 399 4.27 -6.85 41.18
N GLY C 400 3.24 -6.13 41.63
CA GLY C 400 2.03 -5.96 40.84
C GLY C 400 1.36 -4.63 41.14
N SER C 401 0.52 -4.19 40.22
CA SER C 401 -0.21 -2.95 40.41
C SER C 401 -1.61 -3.13 39.89
N GLU C 402 -2.62 -2.75 40.69
CA GLU C 402 -3.98 -2.59 40.14
C GLU C 402 -3.97 -1.44 39.14
N ARG C 403 -4.88 -1.49 38.17
CA ARG C 403 -4.83 -0.54 37.05
C ARG C 403 -5.55 0.76 37.38
N ALA C 404 -6.46 0.65 38.35
CA ALA C 404 -7.23 1.77 38.88
C ALA C 404 -7.51 1.39 40.33
N GLU C 405 -7.89 2.36 41.16
CA GLU C 405 -8.01 2.15 42.60
C GLU C 405 -9.10 1.14 42.90
N ASN C 406 -8.82 0.24 43.85
CA ASN C 406 -9.79 -0.73 44.38
C ASN C 406 -10.26 -1.80 43.36
N GLU C 407 -9.35 -2.21 42.47
CA GLU C 407 -9.63 -3.28 41.55
C GLU C 407 -8.93 -4.56 41.94
N TRP C 408 -8.04 -4.50 42.93
CA TRP C 408 -7.14 -5.62 43.20
C TRP C 408 -7.89 -6.87 43.65
N GLU C 409 -8.82 -6.68 44.59
CA GLU C 409 -9.43 -7.79 45.32
C GLU C 409 -10.34 -8.65 44.43
N ALA C 410 -10.55 -9.89 44.86
CA ALA C 410 -11.51 -10.79 44.21
C ALA C 410 -12.91 -10.19 44.26
N GLY C 411 -13.62 -10.27 43.13
CA GLY C 411 -14.97 -9.74 43.04
C GLY C 411 -15.07 -8.22 42.93
N ALA C 412 -13.93 -7.51 42.94
CA ALA C 412 -13.93 -6.05 42.79
C ALA C 412 -14.25 -5.67 41.35
N PRO C 413 -15.32 -4.90 41.12
CA PRO C 413 -15.65 -4.45 39.75
C PRO C 413 -14.58 -3.48 39.23
N ASP C 414 -14.32 -3.52 37.91
CA ASP C 414 -13.59 -2.45 37.25
C ASP C 414 -14.26 -1.12 37.59
N ASP C 415 -13.44 -0.08 37.74
CA ASP C 415 -13.88 1.21 38.21
C ASP C 415 -13.11 2.29 37.46
N ARG C 416 -13.55 2.58 36.23
CA ARG C 416 -12.84 3.47 35.33
C ARG C 416 -13.65 4.74 35.11
N TYR C 417 -13.09 5.67 34.33
CA TYR C 417 -13.77 6.93 34.00
C TYR C 417 -13.85 7.87 35.19
N LYS C 418 -13.13 7.58 36.26
CA LYS C 418 -12.93 8.58 37.26
C LYS C 418 -11.51 8.46 37.79
N ALA C 419 -10.91 9.62 38.07
CA ALA C 419 -9.56 9.69 38.60
C ALA C 419 -9.51 8.92 39.91
N SER C 420 -8.46 8.13 40.10
CA SER C 420 -8.23 7.46 41.41
C SER C 420 -6.76 7.20 41.70
N TYR C 421 -6.49 6.59 42.85
CA TYR C 421 -5.13 6.27 43.28
C TYR C 421 -4.84 4.78 43.41
N PRO C 422 -4.58 4.08 42.29
CA PRO C 422 -4.31 2.62 42.31
C PRO C 422 -3.14 2.22 43.18
N ARG C 423 -3.30 1.12 43.91
CA ARG C 423 -2.23 0.59 44.77
C ARG C 423 -1.25 -0.29 44.03
N THR C 424 0.02 -0.22 44.42
CA THR C 424 1.09 -1.11 43.95
C THR C 424 1.62 -1.97 45.10
N PHE C 425 1.77 -3.25 44.81
CA PHE C 425 2.09 -4.25 45.82
C PHE C 425 3.35 -5.00 45.48
N TYR C 426 4.04 -5.48 46.50
CA TYR C 426 4.96 -6.57 46.29
C TYR C 426 4.72 -7.69 47.29
N ALA C 427 5.22 -8.88 46.99
CA ALA C 427 5.10 -10.03 47.89
C ALA C 427 6.31 -10.94 47.79
N ARG C 428 6.63 -11.57 48.91
CA ARG C 428 7.68 -12.57 48.93
C ARG C 428 7.03 -13.96 48.99
N LEU C 429 7.61 -14.91 48.28
CA LEU C 429 7.12 -16.28 48.29
C LEU C 429 8.34 -17.20 48.35
N ASN C 430 8.39 -18.02 49.40
CA ASN C 430 9.51 -18.93 49.63
C ASN C 430 9.34 -20.17 48.75
N VAL C 431 10.31 -20.47 47.89
CA VAL C 431 10.18 -21.56 46.92
C VAL C 431 10.25 -22.94 47.55
N ASN C 432 10.87 -23.04 48.73
CA ASN C 432 10.88 -24.32 49.45
C ASN C 432 9.54 -24.65 50.13
N ASN C 433 8.82 -23.62 50.60
CA ASN C 433 7.49 -23.88 51.19
C ASN C 433 6.37 -24.01 50.15
N TRP C 434 6.62 -23.48 48.95
CA TRP C 434 5.73 -23.72 47.82
C TRP C 434 4.24 -23.70 48.16
N ASN C 435 3.80 -22.62 48.80
CA ASN C 435 2.39 -22.51 49.18
C ASN C 435 2.00 -21.04 49.27
N ALA C 436 1.01 -20.62 48.49
CA ALA C 436 0.64 -19.21 48.38
C ALA C 436 -0.53 -18.81 49.29
N ASP C 437 -1.08 -19.77 50.03
CA ASP C 437 -2.31 -19.52 50.79
C ASP C 437 -2.19 -18.32 51.69
N ASP C 438 -1.00 -18.09 52.22
CA ASP C 438 -0.80 -16.98 53.16
C ASP C 438 0.17 -15.86 52.69
N ILE C 439 0.21 -15.68 51.37
CA ILE C 439 0.99 -14.63 50.77
C ILE C 439 0.54 -13.27 51.31
N GLU C 440 1.51 -12.43 51.64
CA GLU C 440 1.22 -11.08 52.13
C GLU C 440 1.57 -10.04 51.06
N TRP C 441 0.53 -9.46 50.45
CA TRP C 441 0.67 -8.39 49.45
C TRP C 441 0.81 -7.07 50.20
N VAL C 442 1.94 -6.41 50.02
CA VAL C 442 2.22 -5.20 50.78
C VAL C 442 2.20 -3.99 49.83
N ASN C 443 1.23 -3.11 50.09
CA ASN C 443 1.03 -1.83 49.38
C ASN C 443 2.21 -0.91 49.71
N ILE C 444 3.04 -0.59 48.71
CA ILE C 444 4.28 0.13 48.99
C ILE C 444 4.36 1.51 48.36
N THR C 445 3.52 1.71 47.33
CA THR C 445 3.37 3.02 46.69
C THR C 445 2.03 3.10 45.96
N ASP C 446 1.48 4.31 45.89
CA ASP C 446 0.25 4.54 45.16
C ASP C 446 0.52 5.41 43.94
N GLN C 447 -0.16 5.10 42.85
CA GLN C 447 0.00 5.74 41.57
C GLN C 447 -1.27 6.54 41.30
N ILE C 448 -1.34 7.23 40.17
CA ILE C 448 -2.57 7.88 39.75
C ILE C 448 -3.08 7.26 38.48
N TYR C 449 -4.39 7.03 38.42
CA TYR C 449 -5.10 6.67 37.20
C TYR C 449 -5.92 7.89 36.78
N GLN C 450 -5.73 8.40 35.58
CA GLN C 450 -6.25 9.71 35.22
C GLN C 450 -7.77 9.75 35.03
N GLY C 451 -8.32 8.74 34.35
CA GLY C 451 -9.76 8.59 34.26
C GLY C 451 -10.44 9.22 33.07
N GLY C 452 -9.67 9.90 32.23
CA GLY C 452 -10.17 10.49 31.00
C GLY C 452 -10.53 9.50 29.90
N ILE C 453 -9.98 8.29 29.96
CA ILE C 453 -10.37 7.18 29.07
C ILE C 453 -10.43 5.90 29.88
N VAL C 454 -11.07 4.89 29.31
CA VAL C 454 -11.23 3.62 29.99
C VAL C 454 -9.88 2.93 30.31
N ASN C 455 -8.93 2.98 29.36
CA ASN C 455 -7.64 2.29 29.55
C ASN C 455 -6.76 2.95 30.59
N SER C 456 -5.85 2.17 31.14
CA SER C 456 -4.92 2.64 32.14
C SER C 456 -3.50 2.20 31.76
N GLY C 457 -2.56 3.12 31.93
CA GLY C 457 -1.17 2.79 31.69
C GLY C 457 -0.49 2.36 32.97
N VAL C 458 -1.22 2.25 34.08
CA VAL C 458 -0.49 1.97 35.30
C VAL C 458 -0.11 0.49 35.39
N GLY C 459 1.08 0.21 35.91
CA GLY C 459 1.52 -1.16 36.17
C GLY C 459 2.12 -1.85 34.96
N VAL C 460 1.67 -3.07 34.70
CA VAL C 460 2.20 -3.91 33.62
C VAL C 460 3.71 -3.71 33.38
N GLY C 461 4.49 -4.00 34.42
CA GLY C 461 5.89 -3.60 34.49
C GLY C 461 6.90 -4.73 34.32
N SER C 462 8.08 -4.55 34.88
CA SER C 462 9.17 -5.47 34.72
C SER C 462 10.12 -5.32 35.88
N VAL C 463 10.90 -6.36 36.16
CA VAL C 463 11.71 -6.40 37.39
C VAL C 463 13.13 -6.88 37.09
N VAL C 464 14.10 -6.24 37.72
CA VAL C 464 15.48 -6.69 37.64
C VAL C 464 16.16 -6.51 38.98
N VAL C 465 17.25 -7.25 39.16
CA VAL C 465 18.07 -7.12 40.34
C VAL C 465 19.42 -6.62 39.89
N LYS C 466 19.91 -5.61 40.60
CA LYS C 466 21.31 -5.24 40.40
C LYS C 466 21.96 -5.11 41.77
N ASP C 467 23.02 -5.89 41.95
CA ASP C 467 23.70 -5.92 43.23
C ASP C 467 22.68 -6.21 44.31
N ASN C 468 22.53 -5.33 45.29
CA ASN C 468 21.64 -5.60 46.41
C ASN C 468 20.34 -4.79 46.38
N TYR C 469 19.91 -4.41 45.19
CA TYR C 469 18.62 -3.75 45.03
C TYR C 469 17.81 -4.45 43.95
N ILE C 470 16.49 -4.43 44.12
CA ILE C 470 15.54 -4.91 43.12
C ILE C 470 14.80 -3.68 42.60
N TYR C 471 14.46 -3.72 41.33
CA TYR C 471 13.83 -2.58 40.69
C TYR C 471 12.60 -3.05 39.97
N TYR C 472 11.50 -2.36 40.21
CA TYR C 472 10.27 -2.62 39.49
C TYR C 472 9.95 -1.40 38.63
N MET C 473 9.94 -1.62 37.31
CA MET C 473 9.69 -0.52 36.37
C MET C 473 8.33 -0.69 35.81
N PHE C 474 7.51 0.34 35.92
CA PHE C 474 6.11 0.22 35.59
C PHE C 474 5.54 1.58 35.32
N GLY C 475 4.33 1.58 34.75
CA GLY C 475 3.67 2.81 34.36
C GLY C 475 2.88 3.45 35.48
N GLY C 476 2.56 4.73 35.30
CA GLY C 476 1.73 5.46 36.23
C GLY C 476 1.26 6.69 35.49
N GLU C 477 0.08 7.18 35.82
CA GLU C 477 -0.46 8.39 35.17
C GLU C 477 -0.36 9.62 36.08
N ASP C 478 -0.89 10.74 35.62
CA ASP C 478 -1.00 11.95 36.44
C ASP C 478 -2.42 12.46 36.18
N HIS C 479 -2.78 13.62 36.70
CA HIS C 479 -4.16 14.13 36.52
C HIS C 479 -4.42 14.92 35.21
N PHE C 480 -3.42 14.97 34.32
CA PHE C 480 -3.59 15.70 33.07
C PHE C 480 -4.32 14.88 32.06
N ASN C 481 -5.53 15.32 31.74
CA ASN C 481 -6.38 14.68 30.74
C ASN C 481 -5.78 14.68 29.31
N PRO C 482 -5.82 13.56 28.60
CA PRO C 482 -5.35 13.50 27.21
C PRO C 482 -6.27 14.23 26.26
N TRP C 483 -7.50 14.47 26.69
CA TRP C 483 -8.52 15.13 25.87
C TRP C 483 -8.94 14.33 24.64
N THR C 484 -8.90 12.99 24.74
CA THR C 484 -9.48 12.11 23.76
C THR C 484 -10.97 12.44 23.60
N TYR C 485 -11.64 12.60 24.75
CA TYR C 485 -13.00 13.17 24.75
C TYR C 485 -12.85 14.65 25.02
N GLY C 486 -12.69 15.38 23.93
CA GLY C 486 -12.23 16.74 23.99
C GLY C 486 -11.65 17.12 22.66
N ASP C 487 -10.73 18.08 22.65
CA ASP C 487 -10.21 18.62 21.39
C ASP C 487 -9.12 17.76 20.75
N ASN C 488 -8.84 16.58 21.30
CA ASN C 488 -7.74 15.76 20.83
C ASN C 488 -8.06 14.28 20.64
N SER C 489 -9.21 14.03 19.99
CA SER C 489 -9.59 12.69 19.59
C SER C 489 -8.51 12.02 18.72
N ALA C 490 -7.77 12.82 17.98
CA ALA C 490 -6.69 12.36 17.12
C ALA C 490 -5.49 11.86 17.94
N LYS C 491 -5.47 12.20 19.23
CA LYS C 491 -4.53 11.62 20.21
C LYS C 491 -3.09 12.08 19.98
N ASP C 492 -2.96 13.22 19.31
CA ASP C 492 -1.69 13.89 19.05
C ASP C 492 -0.93 14.14 20.37
N PRO C 493 0.23 13.52 20.55
CA PRO C 493 0.99 13.70 21.79
C PRO C 493 1.40 15.15 22.02
N PHE C 494 1.59 15.97 21.00
CA PHE C 494 2.19 17.29 21.23
C PHE C 494 1.20 18.43 21.38
N LYS C 495 -0.09 18.10 21.45
CA LYS C 495 -1.11 19.05 21.87
C LYS C 495 -1.24 19.02 23.40
N SER C 496 -1.33 20.21 23.96
CA SER C 496 -1.49 20.40 25.40
C SER C 496 -0.55 19.50 26.20
N ASP C 497 -1.07 18.70 27.12
CA ASP C 497 -0.22 17.89 27.99
C ASP C 497 0.15 16.51 27.47
N GLY C 498 -0.25 16.20 26.24
CA GLY C 498 -0.03 14.90 25.70
C GLY C 498 -0.64 13.85 26.58
N HIS C 499 0.01 12.69 26.61
CA HIS C 499 -0.56 11.55 27.31
C HIS C 499 0.07 11.35 28.70
N PRO C 500 -0.78 11.15 29.71
CA PRO C 500 -0.32 11.23 31.11
C PRO C 500 0.46 10.02 31.57
N SER C 501 0.48 8.94 30.82
CA SER C 501 1.20 7.76 31.26
C SER C 501 2.71 7.94 31.08
N ASP C 502 3.45 7.66 32.15
CA ASP C 502 4.92 7.69 32.13
C ASP C 502 5.47 6.57 33.00
N LEU C 503 6.78 6.35 32.95
CA LEU C 503 7.39 5.24 33.65
C LEU C 503 7.91 5.66 35.02
N TYR C 504 7.72 4.77 36.00
CA TYR C 504 8.30 4.93 37.31
C TYR C 504 9.13 3.69 37.65
N CYS C 505 9.94 3.79 38.70
CA CYS C 505 10.76 2.67 39.17
C CYS C 505 10.79 2.64 40.68
N TYR C 506 10.34 1.54 41.25
CA TYR C 506 10.49 1.30 42.66
C TYR C 506 11.79 0.53 42.91
N LYS C 507 12.70 1.18 43.63
CA LYS C 507 13.98 0.59 44.00
C LYS C 507 13.93 0.15 45.47
N MET C 508 14.09 -1.16 45.68
CA MET C 508 14.00 -1.74 47.01
C MET C 508 15.26 -2.46 47.39
N LYS C 509 15.76 -2.16 48.59
CA LYS C 509 16.94 -2.85 49.13
C LYS C 509 16.64 -4.29 49.47
N ILE C 510 17.56 -5.16 49.11
CA ILE C 510 17.30 -6.59 49.07
C ILE C 510 18.43 -7.37 49.75
N GLY C 511 19.56 -6.70 49.97
CA GLY C 511 20.65 -7.26 50.75
C GLY C 511 21.45 -6.12 51.35
N PRO C 512 22.43 -6.45 52.19
CA PRO C 512 23.17 -5.44 52.95
C PRO C 512 24.02 -4.58 52.03
N ASP C 513 24.13 -3.30 52.37
CA ASP C 513 24.93 -2.36 51.63
C ASP C 513 26.16 -2.00 52.46
N ASN C 514 27.32 -2.51 52.04
CA ASN C 514 28.56 -2.35 52.79
C ASN C 514 29.35 -1.11 52.40
N ARG C 515 28.68 -0.16 51.74
CA ARG C 515 29.28 1.10 51.32
C ARG C 515 28.52 2.28 51.91
N VAL C 516 29.22 3.39 52.00
CA VAL C 516 28.66 4.66 52.34
C VAL C 516 27.68 5.02 51.21
N SER C 517 26.79 5.98 51.43
CA SER C 517 25.77 6.35 50.46
C SER C 517 26.31 6.89 49.11
N ARG C 518 25.67 6.49 48.02
CA ARG C 518 25.92 7.06 46.69
C ARG C 518 24.86 8.11 46.29
N ASP C 519 23.89 8.34 47.17
CA ASP C 519 22.73 9.19 46.84
C ASP C 519 23.12 10.64 46.70
N PHE C 520 22.50 11.32 45.76
CA PHE C 520 22.69 12.74 45.64
C PHE C 520 21.36 13.36 45.33
N ARG C 521 21.26 14.65 45.63
CA ARG C 521 20.16 15.47 45.19
C ARG C 521 20.55 16.01 43.78
N TYR C 522 19.66 15.89 42.81
CA TYR C 522 19.95 16.43 41.50
C TYR C 522 19.74 17.93 41.45
N GLY C 523 20.82 18.67 41.19
CA GLY C 523 20.78 20.13 41.13
C GLY C 523 21.30 20.73 39.84
N ALA C 524 21.61 19.91 38.83
CA ALA C 524 22.13 20.37 37.54
C ALA C 524 21.01 20.78 36.59
N VAL C 525 21.37 21.57 35.59
CA VAL C 525 20.57 21.81 34.41
C VAL C 525 20.65 20.55 33.57
N PRO C 526 19.54 19.84 33.34
CA PRO C 526 19.58 18.65 32.48
C PRO C 526 20.02 19.09 31.10
N ASN C 527 21.16 18.57 30.63
CA ASN C 527 21.86 19.11 29.49
C ASN C 527 22.36 18.04 28.54
N ARG C 528 21.65 16.92 28.49
CA ARG C 528 21.90 15.82 27.57
C ARG C 528 21.00 15.86 26.32
N ALA C 529 19.72 16.15 26.54
CA ALA C 529 18.72 16.11 25.49
C ALA C 529 18.92 17.18 24.45
N VAL C 530 19.09 18.41 24.93
CA VAL C 530 19.41 19.57 24.11
C VAL C 530 20.54 20.26 24.83
N PRO C 531 21.78 19.83 24.60
CA PRO C 531 22.92 20.43 25.30
C PRO C 531 23.10 21.92 24.97
N VAL C 532 22.95 22.76 25.99
CA VAL C 532 23.03 24.20 25.83
C VAL C 532 24.25 24.74 26.58
N PHE C 533 24.97 25.66 25.95
CA PHE C 533 26.13 26.31 26.54
C PHE C 533 26.09 27.79 26.24
N PHE C 534 26.24 28.60 27.28
CA PHE C 534 26.35 30.04 27.06
C PHE C 534 27.75 30.33 26.42
N ASP C 535 27.80 30.69 25.15
CA ASP C 535 29.09 30.96 24.50
C ASP C 535 29.72 32.21 25.08
N THR C 536 30.93 32.52 24.66
CA THR C 536 31.60 33.66 25.25
C THR C 536 30.89 34.98 24.91
N ASN C 537 30.00 34.97 23.91
CA ASN C 537 29.24 36.17 23.57
C ASN C 537 27.90 36.27 24.34
N GLY C 538 27.66 35.34 25.26
CA GLY C 538 26.46 35.33 26.09
C GLY C 538 25.21 34.74 25.44
N VAL C 539 25.38 34.03 24.34
CA VAL C 539 24.26 33.43 23.63
C VAL C 539 24.22 31.89 23.81
N ARG C 540 23.04 31.35 24.11
CA ARG C 540 22.85 29.90 24.27
C ARG C 540 23.23 29.21 22.99
N THR C 541 24.09 28.19 23.11
CA THR C 541 24.65 27.48 21.96
C THR C 541 24.44 25.98 22.09
N VAL C 542 23.82 25.36 21.08
CA VAL C 542 23.65 23.92 21.00
C VAL C 542 24.61 23.33 19.97
N PRO C 543 25.66 22.64 20.43
CA PRO C 543 26.62 22.00 19.51
C PRO C 543 26.18 20.66 18.94
N ALA C 544 25.19 20.00 19.51
CA ALA C 544 24.75 18.66 19.04
C ALA C 544 24.04 18.77 17.71
N PRO C 545 24.23 17.79 16.84
CA PRO C 545 23.37 17.66 15.66
C PRO C 545 21.96 17.42 16.13
N MET C 546 20.95 17.92 15.41
CA MET C 546 19.56 17.71 15.82
C MET C 546 18.61 17.62 14.64
N GLU C 547 17.50 16.92 14.83
CA GLU C 547 16.42 16.84 13.84
C GLU C 547 15.17 17.42 14.44
N PHE C 548 14.60 18.41 13.75
CA PHE C 548 13.27 18.89 14.11
C PHE C 548 12.31 18.44 13.00
N THR C 549 11.39 17.51 13.32
CA THR C 549 10.47 16.93 12.32
C THR C 549 9.09 17.56 12.32
N GLY C 550 8.72 18.20 13.43
CA GLY C 550 7.44 18.91 13.52
C GLY C 550 7.58 20.28 12.87
N ASP C 551 6.44 20.87 12.51
CA ASP C 551 6.39 22.19 11.86
C ASP C 551 7.14 23.25 12.65
N LEU C 552 8.03 23.98 11.98
CA LEU C 552 8.83 24.97 12.66
C LEU C 552 8.42 26.34 12.17
N GLY C 553 8.29 27.25 13.11
CA GLY C 553 8.18 28.66 12.78
C GLY C 553 9.43 29.36 13.26
N LEU C 554 10.17 30.04 12.39
CA LEU C 554 11.36 30.75 12.86
C LEU C 554 11.25 32.23 12.71
N GLY C 555 12.08 32.97 13.45
CA GLY C 555 12.13 34.42 13.37
C GLY C 555 13.19 34.87 12.39
N HIS C 556 14.00 35.87 12.77
CA HIS C 556 15.20 36.20 12.05
C HIS C 556 16.21 35.04 12.00
N VAL C 557 16.68 34.67 10.81
CA VAL C 557 17.59 33.53 10.70
C VAL C 557 18.90 33.94 10.00
N THR C 558 20.03 33.60 10.62
CA THR C 558 21.33 33.65 9.94
C THR C 558 21.89 32.26 9.76
N ILE C 559 22.30 31.92 8.54
CA ILE C 559 22.93 30.64 8.23
C ILE C 559 24.42 30.90 8.23
N ARG C 560 25.11 30.35 9.21
CA ARG C 560 26.51 30.71 9.39
C ARG C 560 27.42 29.82 8.54
N ALA C 561 28.66 30.26 8.37
CA ALA C 561 29.65 29.49 7.61
C ALA C 561 29.88 28.19 8.36
N SER C 562 29.93 27.09 7.62
CA SER C 562 29.93 25.80 8.26
C SER C 562 30.52 24.70 7.39
N THR C 563 30.73 24.96 6.10
CA THR C 563 31.09 23.89 5.20
C THR C 563 32.33 24.18 4.35
N SER C 564 33.10 23.12 4.15
CA SER C 564 34.27 23.10 3.30
C SER C 564 35.29 24.12 3.82
N SER C 565 35.87 23.76 4.98
CA SER C 565 36.72 24.65 5.80
C SER C 565 36.04 25.99 6.11
N ASN C 566 34.73 25.91 6.39
CA ASN C 566 33.87 27.07 6.63
C ASN C 566 33.99 28.20 5.59
N ILE C 567 34.27 27.86 4.35
CA ILE C 567 34.29 28.90 3.33
C ILE C 567 32.84 29.35 3.00
N ARG C 568 31.88 28.42 3.19
CA ARG C 568 30.50 28.68 2.80
C ARG C 568 29.43 28.38 3.87
N SER C 569 28.34 29.15 3.86
CA SER C 569 27.10 28.70 4.49
C SER C 569 26.34 27.83 3.50
N GLU C 570 25.59 26.87 4.02
CA GLU C 570 24.94 25.86 3.18
C GLU C 570 23.58 25.41 3.65
N VAL C 571 22.64 25.40 2.73
CA VAL C 571 21.32 24.84 2.97
C VAL C 571 21.09 23.84 1.83
N LEU C 572 20.88 22.58 2.20
CA LEU C 572 20.53 21.50 1.25
C LEU C 572 19.07 21.18 1.35
N MET C 573 18.40 21.04 0.20
CA MET C 573 16.98 20.64 0.21
C MET C 573 16.77 19.22 -0.31
N GLU C 574 15.99 18.45 0.45
CA GLU C 574 15.73 17.03 0.14
C GLU C 574 14.39 16.83 -0.54
N GLY C 575 13.92 15.58 -0.62
CA GLY C 575 12.72 15.20 -1.37
C GLY C 575 13.00 15.13 -2.85
N GLU C 576 11.96 14.92 -3.63
CA GLU C 576 12.05 14.95 -5.08
C GLU C 576 12.45 16.37 -5.57
N TYR C 577 11.85 17.39 -4.95
CA TYR C 577 12.19 18.77 -5.24
C TYR C 577 12.05 19.55 -3.98
N GLY C 578 12.65 20.74 -3.97
CA GLY C 578 12.44 21.68 -2.92
C GLY C 578 11.53 22.78 -3.43
N PHE C 579 10.82 23.40 -2.49
CA PHE C 579 10.02 24.57 -2.78
C PHE C 579 10.39 25.70 -1.80
N ILE C 580 10.72 26.88 -2.32
CA ILE C 580 10.87 28.06 -1.48
C ILE C 580 9.88 29.10 -1.98
N GLY C 581 8.89 29.43 -1.14
CA GLY C 581 7.76 30.25 -1.57
C GLY C 581 7.38 31.30 -0.58
N LYS C 582 6.33 32.05 -0.91
CA LYS C 582 5.99 33.27 -0.20
C LYS C 582 4.55 33.27 0.13
N SER C 583 4.21 33.34 1.42
CA SER C 583 2.81 33.31 1.86
C SER C 583 2.06 34.55 1.41
N ILE C 584 0.73 34.51 1.42
CA ILE C 584 -0.06 35.72 1.15
C ILE C 584 0.06 36.69 2.35
N PRO C 585 0.65 37.85 2.14
CA PRO C 585 0.71 38.87 3.19
C PRO C 585 -0.63 39.13 3.82
N THR C 586 -0.61 39.30 5.14
CA THR C 586 -1.79 39.56 5.93
C THR C 586 -2.23 40.97 5.70
N ASP C 587 -1.35 41.96 5.87
CA ASP C 587 -1.79 43.36 5.80
C ASP C 587 -1.69 44.00 4.40
N ASN C 588 -0.61 43.70 3.66
CA ASN C 588 -0.45 44.29 2.35
C ASN C 588 -0.21 43.26 1.24
N PRO C 589 -1.25 42.50 0.86
CA PRO C 589 -1.09 41.44 -0.13
C PRO C 589 -0.55 41.96 -1.47
N ALA C 590 -0.81 43.24 -1.74
CA ALA C 590 -0.35 43.87 -2.98
C ALA C 590 1.20 43.97 -3.09
N GLY C 591 1.88 43.66 -1.97
CA GLY C 591 3.34 43.69 -1.91
C GLY C 591 4.01 42.32 -2.06
N GLN C 592 3.20 41.26 -2.09
CA GLN C 592 3.73 39.90 -2.10
C GLN C 592 4.87 39.70 -3.09
N ARG C 593 6.02 39.23 -2.57
CA ARG C 593 7.22 38.99 -3.31
C ARG C 593 8.32 38.42 -2.42
N ILE C 594 9.32 37.81 -3.05
CA ILE C 594 10.59 37.46 -2.42
C ILE C 594 11.74 38.14 -3.19
N ILE C 595 12.64 38.77 -2.45
CA ILE C 595 13.84 39.34 -3.01
C ILE C 595 14.99 38.44 -2.66
N PHE C 596 15.65 37.89 -3.70
CA PHE C 596 16.88 37.12 -3.57
C PHE C 596 18.05 38.07 -3.87
N CYS C 597 19.04 38.14 -2.97
CA CYS C 597 20.12 39.12 -3.11
C CYS C 597 21.50 38.56 -2.83
N GLY C 598 22.47 38.95 -3.63
CA GLY C 598 23.83 38.49 -3.47
C GLY C 598 24.60 39.36 -2.47
N GLY C 599 23.88 40.34 -1.90
CA GLY C 599 24.44 41.27 -0.94
C GLY C 599 23.69 41.28 0.36
N GLU C 600 24.00 42.25 1.22
CA GLU C 600 23.55 42.19 2.62
C GLU C 600 22.21 42.88 2.91
N GLY C 601 21.73 43.71 1.99
CA GLY C 601 20.50 44.44 2.24
C GLY C 601 19.47 44.39 1.12
N THR C 602 18.28 44.94 1.37
CA THR C 602 17.22 44.97 0.37
C THR C 602 17.56 45.92 -0.75
N SER C 603 18.44 46.88 -0.49
CA SER C 603 18.84 47.79 -1.54
C SER C 603 19.66 47.04 -2.58
N SER C 604 19.29 47.16 -3.86
CA SER C 604 20.03 46.50 -4.91
C SER C 604 21.41 47.13 -5.02
N THR C 605 21.63 48.24 -4.31
CA THR C 605 22.97 48.80 -4.16
C THR C 605 23.93 47.78 -3.56
N THR C 606 23.43 46.87 -2.71
CA THR C 606 24.32 45.96 -1.96
C THR C 606 24.66 44.69 -2.73
N GLY C 607 23.96 44.44 -3.84
CA GLY C 607 24.25 43.25 -4.63
C GLY C 607 23.19 42.96 -5.68
N ALA C 608 23.53 42.04 -6.57
CA ALA C 608 22.62 41.57 -7.62
C ALA C 608 21.33 41.01 -7.02
N GLN C 609 20.21 41.28 -7.66
CA GLN C 609 18.93 40.76 -7.17
C GLN C 609 18.07 40.15 -8.25
N ILE C 610 17.32 39.14 -7.84
CA ILE C 610 16.19 38.61 -8.57
C ILE C 610 14.96 38.72 -7.66
N THR C 611 13.90 39.38 -8.13
CA THR C 611 12.72 39.52 -7.27
C THR C 611 11.57 38.83 -7.97
N LEU C 612 10.97 37.85 -7.28
CA LEU C 612 9.78 37.14 -7.77
C LEU C 612 8.52 37.70 -7.12
N TYR C 613 7.60 38.21 -7.95
CA TYR C 613 6.41 38.91 -7.52
C TYR C 613 5.30 37.86 -7.46
N GLY C 614 4.53 37.84 -6.38
CA GLY C 614 3.40 36.94 -6.24
C GLY C 614 2.24 37.33 -7.16
N ALA C 615 1.32 36.38 -7.35
CA ALA C 615 0.11 36.68 -8.16
C ALA C 615 -0.72 37.81 -7.55
N ASN C 616 -0.67 37.96 -6.23
CA ASN C 616 -1.45 38.97 -5.54
C ASN C 616 -0.77 40.34 -5.60
N ASN C 617 0.47 40.39 -6.08
CA ASN C 617 1.18 41.66 -6.14
C ASN C 617 0.56 42.60 -7.17
N THR C 618 0.55 43.90 -6.88
CA THR C 618 0.16 44.89 -7.88
C THR C 618 0.76 44.55 -9.23
N ASP C 619 2.06 44.22 -9.26
CA ASP C 619 2.71 43.80 -10.52
C ASP C 619 2.66 42.28 -10.58
N SER C 620 1.51 41.76 -10.99
CA SER C 620 1.21 40.35 -10.78
C SER C 620 2.17 39.43 -11.54
N ARG C 621 2.79 38.50 -10.81
CA ARG C 621 3.83 37.59 -11.34
C ARG C 621 4.95 38.25 -12.15
N ARG C 622 5.30 39.50 -11.82
CA ARG C 622 6.49 40.10 -12.41
C ARG C 622 7.77 39.41 -11.91
N ILE C 623 8.79 39.35 -12.78
CA ILE C 623 10.16 39.10 -12.32
C ILE C 623 11.02 40.29 -12.74
N VAL C 624 11.81 40.80 -11.78
CA VAL C 624 12.81 41.82 -12.03
C VAL C 624 14.19 41.21 -11.78
N TYR C 625 15.01 41.14 -12.83
CA TYR C 625 16.40 40.74 -12.70
C TYR C 625 17.30 41.97 -12.71
N ASN C 626 18.04 42.15 -11.61
CA ASN C 626 18.80 43.37 -11.41
C ASN C 626 20.25 43.12 -11.08
N GLY C 627 21.11 43.31 -12.08
CA GLY C 627 22.54 43.17 -11.90
C GLY C 627 23.26 44.20 -12.76
N ASP C 628 24.58 44.30 -12.57
CA ASP C 628 25.44 45.13 -13.39
C ASP C 628 25.94 44.32 -14.57
N GLU C 629 25.75 43.01 -14.50
CA GLU C 629 25.96 42.11 -15.61
C GLU C 629 24.86 41.04 -15.59
N HIS C 630 24.28 40.70 -16.75
CA HIS C 630 23.49 39.47 -16.88
C HIS C 630 24.12 38.60 -17.93
N LEU C 631 24.74 37.53 -17.47
CA LEU C 631 25.51 36.65 -18.36
C LEU C 631 24.89 35.26 -18.42
N PHE C 632 24.41 34.88 -19.59
CA PHE C 632 23.80 33.54 -19.79
C PHE C 632 24.78 32.53 -20.35
N GLN C 633 25.10 31.57 -19.50
CA GLN C 633 26.15 30.63 -19.76
C GLN C 633 25.59 29.29 -20.16
N SER C 634 26.34 28.58 -21.01
CA SER C 634 26.08 27.18 -21.35
C SER C 634 24.91 26.90 -22.30
N ALA C 635 23.96 27.83 -22.48
CA ALA C 635 22.88 27.55 -23.41
C ALA C 635 22.28 28.80 -24.04
N ASP C 636 21.53 28.58 -25.11
CA ASP C 636 20.84 29.63 -25.85
C ASP C 636 19.84 30.29 -24.89
N VAL C 637 19.58 31.60 -25.08
CA VAL C 637 18.47 32.23 -24.40
C VAL C 637 17.23 32.10 -25.31
N LYS C 638 16.25 31.36 -24.82
CA LYS C 638 15.10 30.91 -25.59
C LYS C 638 13.78 31.23 -24.94
N PRO C 639 12.74 31.31 -25.75
CA PRO C 639 11.37 31.41 -25.24
C PRO C 639 10.93 29.97 -24.96
N TYR C 640 10.11 29.74 -23.96
CA TYR C 640 9.62 28.40 -23.70
C TYR C 640 8.75 27.89 -24.86
N ASN C 641 7.94 28.78 -25.44
CA ASN C 641 7.13 28.38 -26.56
C ASN C 641 7.62 29.02 -27.87
N ASP C 642 7.04 28.57 -28.97
CA ASP C 642 7.55 28.89 -30.28
C ASP C 642 6.69 29.97 -30.93
N ASN C 643 7.33 31.10 -31.25
CA ASN C 643 6.65 32.15 -31.98
C ASN C 643 5.43 32.72 -31.19
N VAL C 644 5.67 32.97 -29.89
CA VAL C 644 4.64 33.33 -28.93
C VAL C 644 5.03 34.60 -28.15
N THR C 645 6.29 34.63 -27.71
CA THR C 645 6.82 35.76 -26.97
C THR C 645 7.92 36.51 -27.71
N ALA C 646 8.18 37.77 -27.37
CA ALA C 646 9.15 38.57 -28.13
C ALA C 646 10.38 38.96 -27.32
N LEU C 647 11.33 39.60 -27.98
CA LEU C 647 12.40 40.26 -27.27
C LEU C 647 12.05 41.75 -27.31
N GLY C 648 11.91 42.33 -26.12
CA GLY C 648 11.50 43.72 -25.97
C GLY C 648 10.05 43.98 -26.24
N GLY C 649 9.71 45.26 -26.33
CA GLY C 649 8.37 45.73 -26.62
C GLY C 649 8.47 47.20 -26.98
N PRO C 650 7.38 47.75 -27.50
CA PRO C 650 7.34 49.14 -27.93
C PRO C 650 7.80 50.17 -26.87
N SER C 651 7.55 49.91 -25.58
CA SER C 651 7.94 50.80 -24.48
C SER C 651 9.14 50.28 -23.72
N ASN C 652 9.66 49.13 -24.13
CA ASN C 652 10.86 48.51 -23.56
C ASN C 652 11.77 47.98 -24.67
N ARG C 653 12.39 48.88 -25.42
CA ARG C 653 13.25 48.47 -26.51
C ARG C 653 14.68 48.24 -26.04
N PHE C 654 15.29 47.19 -26.57
CA PHE C 654 16.71 46.99 -26.47
C PHE C 654 17.39 47.98 -27.42
N THR C 655 18.51 48.61 -27.01
CA THR C 655 19.18 49.60 -27.86
C THR C 655 19.54 49.00 -29.23
N THR C 656 19.94 47.73 -29.19
CA THR C 656 20.40 46.98 -30.36
C THR C 656 20.57 45.54 -29.96
N ALA C 657 21.03 44.73 -30.91
CA ALA C 657 21.44 43.36 -30.64
C ALA C 657 22.80 43.10 -31.29
N TYR C 658 23.74 42.62 -30.47
CA TYR C 658 25.08 42.28 -30.94
C TYR C 658 25.11 40.84 -31.38
N LEU C 659 25.18 40.63 -32.69
CA LEU C 659 25.10 39.28 -33.27
C LEU C 659 26.29 38.98 -34.19
N GLY C 660 26.61 37.69 -34.31
CA GLY C 660 27.67 37.20 -35.16
C GLY C 660 27.19 36.87 -36.57
N SER C 661 25.87 36.99 -36.82
CA SER C 661 25.22 36.87 -38.14
C SER C 661 23.78 37.42 -38.12
N ASN C 662 23.25 37.74 -39.30
CA ASN C 662 21.90 38.28 -39.43
C ASN C 662 20.88 37.37 -38.73
N PRO C 663 19.80 37.94 -38.17
CA PRO C 663 18.74 37.09 -37.62
C PRO C 663 18.26 36.10 -38.68
N ILE C 664 17.89 34.90 -38.22
CA ILE C 664 17.24 33.88 -39.05
C ILE C 664 15.70 34.03 -38.95
N VAL C 665 15.06 34.73 -39.90
CA VAL C 665 13.61 34.87 -39.79
C VAL C 665 12.93 33.84 -40.67
N THR C 666 12.01 33.09 -40.09
CA THR C 666 11.46 31.88 -40.71
C THR C 666 9.94 31.78 -40.62
N SER D 1 -60.70 -34.94 -51.71
CA SER D 1 -60.02 -34.52 -50.45
C SER D 1 -59.48 -35.71 -49.61
N ALA D 2 -58.45 -35.44 -48.82
CA ALA D 2 -57.71 -36.48 -48.09
C ALA D 2 -58.51 -37.03 -46.92
N LYS D 3 -58.44 -38.35 -46.69
CA LYS D 3 -59.16 -38.97 -45.59
C LYS D 3 -58.42 -38.76 -44.27
N GLY D 4 -57.09 -38.93 -44.29
CA GLY D 4 -56.28 -38.87 -43.10
C GLY D 4 -56.77 -39.83 -42.02
N ASP D 5 -56.96 -41.09 -42.37
CA ASP D 5 -57.38 -42.11 -41.41
C ASP D 5 -56.28 -43.17 -41.21
N GLY D 6 -55.15 -42.98 -41.87
CA GLY D 6 -54.03 -43.88 -41.72
C GLY D 6 -54.11 -45.21 -42.49
N VAL D 7 -55.17 -45.40 -43.27
CA VAL D 7 -55.38 -46.62 -44.05
C VAL D 7 -55.69 -46.35 -45.54
N THR D 8 -56.56 -45.37 -45.78
CA THR D 8 -56.98 -44.95 -47.13
C THR D 8 -55.88 -44.21 -47.89
N ASP D 9 -55.57 -44.66 -49.10
CA ASP D 9 -54.45 -44.07 -49.85
C ASP D 9 -54.78 -42.60 -50.16
N ASP D 10 -54.01 -41.66 -49.64
CA ASP D 10 -54.29 -40.23 -49.84
C ASP D 10 -53.32 -39.58 -50.81
N THR D 11 -52.47 -40.41 -51.42
CA THR D 11 -51.42 -39.97 -52.34
C THR D 11 -51.95 -38.92 -53.33
N ALA D 12 -52.93 -39.33 -54.13
CA ALA D 12 -53.54 -38.47 -55.16
C ALA D 12 -54.20 -37.20 -54.57
N ALA D 13 -54.92 -37.35 -53.46
CA ALA D 13 -55.53 -36.23 -52.78
C ALA D 13 -54.46 -35.21 -52.37
N LEU D 14 -53.39 -35.70 -51.78
CA LEU D 14 -52.32 -34.82 -51.31
C LEU D 14 -51.61 -34.15 -52.48
N THR D 15 -51.40 -34.90 -53.56
CA THR D 15 -50.76 -34.39 -54.77
C THR D 15 -51.55 -33.20 -55.30
N SER D 16 -52.83 -33.42 -55.51
CA SER D 16 -53.76 -32.37 -55.94
C SER D 16 -53.66 -31.12 -55.03
N ALA D 17 -53.82 -31.29 -53.71
CA ALA D 17 -53.74 -30.12 -52.84
C ALA D 17 -52.41 -29.34 -53.05
N LEU D 18 -51.28 -30.06 -53.06
CA LEU D 18 -49.98 -29.43 -53.22
C LEU D 18 -49.92 -28.59 -54.49
N ASN D 19 -50.44 -29.12 -55.57
CA ASN D 19 -50.35 -28.35 -56.79
C ASN D 19 -51.30 -27.19 -56.82
N ASP D 20 -52.35 -27.25 -56.01
CA ASP D 20 -53.35 -26.19 -55.97
C ASP D 20 -53.08 -25.10 -54.92
N THR D 21 -52.02 -25.28 -54.13
CA THR D 21 -51.70 -24.30 -53.08
C THR D 21 -50.32 -23.66 -53.37
N PRO D 22 -50.13 -22.38 -52.99
CA PRO D 22 -48.79 -21.74 -53.14
C PRO D 22 -47.73 -22.35 -52.23
N VAL D 23 -46.50 -22.42 -52.73
CA VAL D 23 -45.42 -23.16 -52.07
C VAL D 23 -45.11 -22.63 -50.66
N GLY D 24 -45.57 -21.41 -50.38
CA GLY D 24 -45.33 -20.76 -49.11
C GLY D 24 -46.32 -21.14 -48.03
N GLN D 25 -47.47 -21.66 -48.48
CA GLN D 25 -48.52 -22.08 -47.58
C GLN D 25 -48.12 -23.34 -46.81
N LYS D 26 -48.09 -23.22 -45.48
CA LYS D 26 -47.94 -24.36 -44.60
C LYS D 26 -49.27 -25.13 -44.56
N ILE D 27 -49.34 -26.31 -45.21
CA ILE D 27 -50.58 -27.08 -45.22
C ILE D 27 -50.74 -27.90 -43.93
N ASN D 28 -51.80 -27.57 -43.19
CA ASN D 28 -52.06 -28.14 -41.88
C ASN D 28 -52.83 -29.45 -41.98
N GLY D 29 -52.25 -30.54 -41.49
CA GLY D 29 -52.87 -31.85 -41.57
C GLY D 29 -53.62 -32.22 -40.31
N ASN D 30 -53.79 -31.25 -39.40
CA ASN D 30 -54.62 -31.38 -38.20
C ASN D 30 -54.31 -32.61 -37.30
N GLY D 31 -53.03 -32.92 -37.16
CA GLY D 31 -52.58 -33.99 -36.30
C GLY D 31 -52.96 -35.37 -36.82
N LYS D 32 -53.44 -35.43 -38.05
CA LYS D 32 -53.87 -36.70 -38.62
C LYS D 32 -52.74 -37.44 -39.34
N THR D 33 -52.94 -38.73 -39.58
CA THR D 33 -51.97 -39.57 -40.28
C THR D 33 -52.49 -39.91 -41.67
N TYR D 34 -51.67 -39.68 -42.68
CA TYR D 34 -52.05 -39.88 -44.07
C TYR D 34 -51.24 -41.04 -44.69
N LYS D 35 -51.93 -42.05 -45.19
CA LYS D 35 -51.26 -43.16 -45.89
C LYS D 35 -50.86 -42.71 -47.28
N VAL D 36 -49.62 -42.98 -47.67
CA VAL D 36 -49.13 -42.63 -49.02
C VAL D 36 -48.32 -43.77 -49.67
N THR D 37 -48.22 -43.75 -51.00
CA THR D 37 -47.39 -44.74 -51.70
C THR D 37 -46.04 -44.15 -52.08
N SER D 38 -45.88 -42.84 -51.89
CA SER D 38 -44.61 -42.13 -51.99
C SER D 38 -44.72 -40.99 -51.07
N LEU D 39 -43.62 -40.65 -50.44
CA LEU D 39 -43.56 -39.49 -49.60
C LEU D 39 -43.66 -38.23 -50.48
N PRO D 40 -44.56 -37.33 -50.11
CA PRO D 40 -44.69 -36.04 -50.79
C PRO D 40 -43.66 -35.07 -50.27
N ASP D 41 -43.81 -33.80 -50.66
CA ASP D 41 -42.96 -32.74 -50.15
C ASP D 41 -43.26 -32.44 -48.68
N ILE D 42 -42.61 -33.19 -47.80
CA ILE D 42 -42.87 -33.09 -46.37
C ILE D 42 -42.72 -31.64 -45.85
N SER D 43 -41.80 -30.88 -46.46
CA SER D 43 -41.46 -29.51 -46.00
C SER D 43 -42.64 -28.54 -46.09
N ARG D 44 -43.65 -28.92 -46.89
CA ARG D 44 -44.81 -28.07 -47.13
C ARG D 44 -45.93 -28.28 -46.11
N PHE D 45 -45.76 -29.25 -45.21
CA PHE D 45 -46.78 -29.59 -44.25
C PHE D 45 -46.40 -29.20 -42.83
N ILE D 46 -47.41 -28.83 -42.04
CA ILE D 46 -47.26 -28.75 -40.60
C ILE D 46 -48.25 -29.70 -39.93
N ASN D 47 -47.92 -30.15 -38.72
CA ASN D 47 -48.89 -30.90 -37.95
C ASN D 47 -49.46 -32.07 -38.78
N THR D 48 -48.58 -32.83 -39.42
CA THR D 48 -48.97 -33.92 -40.33
C THR D 48 -48.08 -35.12 -40.11
N ARG D 49 -48.66 -36.30 -40.16
CA ARG D 49 -47.86 -37.50 -40.10
C ARG D 49 -48.15 -38.34 -41.34
N PHE D 50 -47.13 -38.99 -41.86
CA PHE D 50 -47.31 -39.89 -43.02
C PHE D 50 -47.02 -41.37 -42.66
N VAL D 51 -47.90 -42.29 -43.08
CA VAL D 51 -47.58 -43.72 -43.08
C VAL D 51 -47.18 -44.11 -44.47
N TYR D 52 -46.07 -44.82 -44.58
CA TYR D 52 -45.53 -45.12 -45.88
C TYR D 52 -44.72 -46.39 -45.82
N GLU D 53 -44.97 -47.28 -46.78
CA GLU D 53 -44.26 -48.56 -46.83
C GLU D 53 -43.18 -48.48 -47.91
N ARG D 54 -41.98 -48.05 -47.54
CA ARG D 54 -40.82 -48.09 -48.43
C ARG D 54 -40.57 -49.53 -48.86
N ILE D 55 -40.55 -50.43 -47.88
CA ILE D 55 -40.55 -51.85 -48.14
C ILE D 55 -41.94 -52.39 -47.85
N PRO D 56 -42.58 -52.99 -48.86
CA PRO D 56 -43.98 -53.45 -48.72
C PRO D 56 -44.13 -54.35 -47.49
N GLY D 57 -45.15 -54.08 -46.67
CA GLY D 57 -45.42 -54.84 -45.47
C GLY D 57 -44.75 -54.27 -44.26
N GLN D 58 -43.94 -53.22 -44.43
CA GLN D 58 -43.25 -52.61 -43.30
C GLN D 58 -43.52 -51.10 -43.19
N PRO D 59 -44.72 -50.74 -42.73
CA PRO D 59 -45.08 -49.33 -42.57
C PRO D 59 -44.22 -48.65 -41.52
N LEU D 60 -43.76 -47.44 -41.85
CA LEU D 60 -43.04 -46.57 -40.91
C LEU D 60 -43.71 -45.20 -41.01
N TYR D 61 -43.51 -44.37 -39.99
CA TYR D 61 -44.22 -43.11 -39.91
C TYR D 61 -43.27 -41.95 -40.04
N TYR D 62 -43.78 -40.83 -40.58
CA TYR D 62 -42.94 -39.69 -40.93
C TYR D 62 -43.59 -38.40 -40.49
N ALA D 63 -42.87 -37.65 -39.66
CA ALA D 63 -43.38 -36.43 -39.05
C ALA D 63 -43.02 -35.20 -39.86
N SER D 64 -44.03 -34.42 -40.23
CA SER D 64 -43.75 -33.08 -40.72
C SER D 64 -43.32 -32.17 -39.56
N GLU D 65 -42.90 -30.95 -39.87
CA GLU D 65 -42.60 -29.95 -38.84
C GLU D 65 -43.81 -29.79 -37.94
N GLU D 66 -43.57 -29.62 -36.65
CA GLU D 66 -44.65 -29.32 -35.69
C GLU D 66 -45.64 -30.49 -35.42
N PHE D 67 -45.44 -31.65 -36.02
CA PHE D 67 -46.25 -32.80 -35.61
C PHE D 67 -45.92 -33.22 -34.15
N VAL D 68 -44.64 -33.30 -33.78
CA VAL D 68 -44.28 -33.39 -32.36
C VAL D 68 -43.65 -32.07 -31.93
N GLN D 69 -43.72 -31.78 -30.65
CA GLN D 69 -43.08 -30.61 -30.09
C GLN D 69 -41.63 -31.02 -29.78
N GLY D 70 -40.74 -30.74 -30.73
CA GLY D 70 -39.40 -31.29 -30.72
C GLY D 70 -38.38 -30.51 -31.53
N GLU D 71 -37.12 -30.65 -31.20
CA GLU D 71 -36.08 -29.93 -31.90
C GLU D 71 -34.76 -30.69 -31.79
N LEU D 72 -34.02 -30.73 -32.90
CA LEU D 72 -32.67 -31.27 -32.89
C LEU D 72 -31.63 -30.17 -32.58
N PHE D 73 -30.66 -30.54 -31.75
CA PHE D 73 -29.51 -29.70 -31.46
C PHE D 73 -28.18 -30.38 -31.86
N LYS D 74 -27.20 -29.60 -32.32
CA LYS D 74 -25.84 -30.09 -32.44
C LYS D 74 -25.15 -29.75 -31.12
N ILE D 75 -24.55 -30.73 -30.46
CA ILE D 75 -24.04 -30.50 -29.12
C ILE D 75 -22.51 -30.68 -28.96
N THR D 76 -21.84 -31.30 -29.95
CA THR D 76 -20.37 -31.22 -30.07
C THR D 76 -19.94 -30.87 -31.47
N ASP D 77 -18.75 -30.28 -31.55
CA ASP D 77 -18.13 -29.93 -32.82
C ASP D 77 -16.61 -30.00 -32.67
N THR D 78 -16.08 -31.20 -32.72
CA THR D 78 -14.71 -31.51 -32.35
C THR D 78 -14.10 -32.33 -33.47
N PRO D 79 -12.80 -32.19 -33.71
CA PRO D 79 -12.10 -33.04 -34.70
C PRO D 79 -12.00 -34.53 -34.35
N TYR D 80 -12.21 -34.88 -33.09
CA TYR D 80 -12.21 -36.32 -32.76
C TYR D 80 -13.40 -37.03 -33.36
N TYR D 81 -13.29 -38.34 -33.47
CA TYR D 81 -14.40 -39.18 -33.84
C TYR D 81 -15.27 -39.23 -32.58
N ASN D 82 -16.35 -38.46 -32.56
CA ASN D 82 -17.20 -38.36 -31.38
C ASN D 82 -18.47 -39.12 -31.56
N ALA D 83 -18.66 -40.15 -30.74
CA ALA D 83 -19.76 -41.05 -30.91
C ALA D 83 -19.97 -41.85 -29.65
N TRP D 84 -20.98 -42.72 -29.65
CA TRP D 84 -21.19 -43.65 -28.54
C TRP D 84 -21.59 -43.00 -27.22
N PRO D 85 -22.62 -42.16 -27.18
CA PRO D 85 -23.21 -41.79 -25.89
C PRO D 85 -23.75 -43.04 -25.20
N GLN D 86 -24.11 -44.06 -26.00
CA GLN D 86 -24.61 -45.32 -25.47
C GLN D 86 -23.73 -45.84 -24.35
N ASP D 87 -24.31 -46.16 -23.19
CA ASP D 87 -25.61 -45.63 -22.73
C ASP D 87 -25.37 -45.01 -21.35
N LYS D 88 -24.93 -43.75 -21.35
CA LYS D 88 -24.25 -43.20 -20.21
C LYS D 88 -24.89 -41.92 -19.75
N ALA D 89 -25.79 -41.32 -20.54
CA ALA D 89 -26.31 -40.02 -20.15
C ALA D 89 -27.08 -40.12 -18.84
N PHE D 90 -27.19 -38.99 -18.15
CA PHE D 90 -27.91 -38.92 -16.90
C PHE D 90 -28.10 -37.45 -16.59
N VAL D 91 -29.10 -37.14 -15.76
CA VAL D 91 -29.17 -35.80 -15.22
C VAL D 91 -28.91 -35.84 -13.73
N TYR D 92 -28.16 -34.85 -13.26
CA TYR D 92 -27.91 -34.71 -11.83
C TYR D 92 -27.98 -33.24 -11.45
N GLU D 93 -28.80 -32.96 -10.43
CA GLU D 93 -29.01 -31.59 -9.89
C GLU D 93 -29.07 -30.52 -11.01
N ASN D 94 -30.05 -30.69 -11.88
CA ASN D 94 -30.39 -29.75 -12.95
C ASN D 94 -29.46 -29.73 -14.17
N VAL D 95 -28.32 -30.42 -14.12
CA VAL D 95 -27.41 -30.47 -15.24
C VAL D 95 -27.63 -31.75 -16.03
N ILE D 96 -27.72 -31.62 -17.35
CA ILE D 96 -27.82 -32.77 -18.25
C ILE D 96 -26.42 -33.13 -18.71
N TYR D 97 -26.02 -34.36 -18.47
CA TYR D 97 -24.74 -34.83 -18.89
C TYR D 97 -24.85 -35.77 -20.09
N ALA D 98 -23.96 -35.57 -21.05
CA ALA D 98 -23.87 -36.40 -22.25
C ALA D 98 -22.46 -37.04 -22.41
N PRO D 99 -22.15 -38.09 -21.66
CA PRO D 99 -20.88 -38.79 -21.85
C PRO D 99 -20.78 -39.47 -23.20
N TYR D 100 -19.57 -39.68 -23.68
CA TYR D 100 -19.36 -40.38 -24.93
C TYR D 100 -17.93 -40.76 -24.97
N MET D 101 -17.47 -41.20 -26.14
CA MET D 101 -16.05 -41.46 -26.35
C MET D 101 -15.62 -40.69 -27.59
N GLY D 102 -14.52 -39.96 -27.44
CA GLY D 102 -13.91 -39.24 -28.54
C GLY D 102 -12.61 -39.96 -28.86
N SER D 103 -12.55 -40.59 -30.02
CA SER D 103 -11.37 -41.33 -30.41
C SER D 103 -10.95 -40.90 -31.80
N ASP D 104 -10.32 -41.81 -32.53
CA ASP D 104 -9.96 -41.57 -33.94
C ASP D 104 -10.61 -42.60 -34.89
N ARG D 105 -11.33 -43.56 -34.31
CA ARG D 105 -11.94 -44.69 -35.07
C ARG D 105 -12.87 -45.54 -34.18
N HIS D 106 -13.52 -46.52 -34.80
CA HIS D 106 -14.22 -47.58 -34.07
C HIS D 106 -13.22 -48.45 -33.33
N GLY D 107 -12.78 -47.95 -32.16
CA GLY D 107 -11.75 -48.60 -31.39
C GLY D 107 -11.24 -47.64 -30.33
N VAL D 108 -10.26 -48.08 -29.54
CA VAL D 108 -9.76 -47.28 -28.41
C VAL D 108 -8.54 -46.42 -28.69
N SER D 109 -8.09 -46.39 -29.94
CA SER D 109 -6.96 -45.55 -30.35
C SER D 109 -7.30 -44.09 -30.10
N ARG D 110 -6.38 -43.37 -29.46
CA ARG D 110 -6.54 -41.94 -29.19
C ARG D 110 -7.79 -41.61 -28.40
N LEU D 111 -8.43 -42.62 -27.79
CA LEU D 111 -9.72 -42.36 -27.15
C LEU D 111 -9.68 -41.86 -25.71
N HIS D 112 -10.59 -40.92 -25.43
CA HIS D 112 -10.78 -40.42 -24.06
C HIS D 112 -12.26 -40.54 -23.84
N VAL D 113 -12.66 -41.13 -22.70
CA VAL D 113 -14.06 -41.07 -22.26
C VAL D 113 -14.31 -39.62 -21.88
N SER D 114 -15.36 -39.04 -22.40
CA SER D 114 -15.59 -37.60 -22.30
C SER D 114 -17.02 -37.29 -22.00
N TRP D 115 -17.30 -36.04 -21.72
CA TRP D 115 -18.69 -35.65 -21.71
C TRP D 115 -18.79 -34.19 -22.06
N VAL D 116 -19.96 -33.78 -22.53
CA VAL D 116 -20.36 -32.38 -22.54
C VAL D 116 -21.65 -32.28 -21.75
N LYS D 117 -21.95 -31.10 -21.21
CA LYS D 117 -23.04 -30.96 -20.26
C LYS D 117 -23.86 -29.80 -20.70
N SER D 118 -25.12 -29.77 -20.31
CA SER D 118 -25.92 -28.58 -20.54
C SER D 118 -26.47 -27.99 -19.26
N GLY D 119 -26.25 -26.70 -19.08
CA GLY D 119 -26.76 -25.98 -17.94
C GLY D 119 -28.07 -25.24 -18.18
N ASP D 120 -28.68 -25.40 -19.36
CA ASP D 120 -29.87 -24.60 -19.70
C ASP D 120 -31.00 -25.41 -20.38
N ASP D 121 -31.14 -26.66 -19.95
CA ASP D 121 -32.11 -27.59 -20.49
C ASP D 121 -31.88 -27.86 -21.99
N GLY D 122 -30.60 -27.98 -22.35
CA GLY D 122 -30.22 -28.46 -23.66
C GLY D 122 -30.00 -27.44 -24.79
N GLN D 123 -30.15 -26.15 -24.48
CA GLN D 123 -30.03 -25.10 -25.52
C GLN D 123 -28.59 -24.97 -25.89
N THR D 124 -27.75 -25.22 -24.92
CA THR D 124 -26.36 -24.90 -25.03
C THR D 124 -25.52 -25.90 -24.26
N TRP D 125 -24.35 -26.20 -24.77
CA TRP D 125 -23.50 -27.26 -24.26
C TRP D 125 -22.05 -26.82 -23.96
N SER D 126 -21.39 -27.53 -23.05
CA SER D 126 -20.12 -27.10 -22.50
C SER D 126 -18.95 -27.62 -23.32
N THR D 127 -17.77 -27.07 -23.07
CA THR D 127 -16.53 -27.53 -23.65
C THR D 127 -16.29 -28.94 -23.20
N PRO D 128 -15.99 -29.85 -24.15
CA PRO D 128 -15.70 -31.25 -23.82
C PRO D 128 -14.69 -31.39 -22.70
N GLU D 129 -14.94 -32.32 -21.79
CA GLU D 129 -14.00 -32.60 -20.71
C GLU D 129 -13.60 -34.08 -20.79
N TRP D 130 -12.30 -34.32 -20.68
CA TRP D 130 -11.76 -35.68 -20.60
C TRP D 130 -11.90 -36.29 -19.21
N LEU D 131 -12.51 -37.45 -19.15
CA LEU D 131 -12.77 -38.14 -17.90
C LEU D 131 -11.70 -39.14 -17.62
N THR D 132 -11.13 -39.69 -18.68
CA THR D 132 -10.00 -40.58 -18.53
C THR D 132 -8.80 -40.07 -19.29
N ASP D 133 -7.64 -40.52 -18.83
CA ASP D 133 -6.35 -40.32 -19.47
C ASP D 133 -6.11 -41.45 -20.40
N LEU D 134 -5.14 -41.32 -21.30
CA LEU D 134 -4.69 -42.51 -22.02
C LEU D 134 -4.15 -43.45 -20.95
N HIS D 135 -4.40 -44.74 -21.16
CA HIS D 135 -4.04 -45.81 -20.26
C HIS D 135 -2.52 -45.80 -20.15
N PRO D 136 -1.98 -46.12 -18.97
CA PRO D 136 -0.51 -46.08 -18.76
C PRO D 136 0.24 -46.97 -19.79
N ASP D 137 -0.40 -48.02 -20.30
CA ASP D 137 0.25 -48.96 -21.25
C ASP D 137 -0.18 -48.69 -22.70
N TYR D 138 -0.73 -47.50 -22.94
CA TYR D 138 -0.91 -46.99 -24.30
C TYR D 138 0.45 -46.99 -25.04
N PRO D 139 0.50 -47.41 -26.31
CA PRO D 139 -0.67 -47.74 -27.15
C PRO D 139 -1.01 -49.22 -27.31
N THR D 140 -0.72 -50.05 -26.32
CA THR D 140 -1.11 -51.46 -26.37
C THR D 140 -2.61 -51.62 -26.07
N VAL D 141 -3.05 -50.91 -25.02
CA VAL D 141 -4.44 -50.94 -24.57
C VAL D 141 -4.86 -49.52 -24.24
N ASN D 142 -6.18 -49.33 -24.17
CA ASN D 142 -6.76 -48.06 -23.76
C ASN D 142 -8.14 -48.26 -23.14
N TYR D 143 -8.65 -47.24 -22.47
CA TYR D 143 -9.95 -47.30 -21.81
C TYR D 143 -11.11 -47.22 -22.80
N HIS D 144 -12.31 -47.54 -22.29
CA HIS D 144 -13.55 -47.65 -23.04
C HIS D 144 -14.65 -47.71 -21.97
N CYS D 145 -15.83 -47.20 -22.29
CA CYS D 145 -16.91 -47.20 -21.32
C CYS D 145 -18.23 -46.96 -22.00
N MET D 146 -19.17 -47.88 -21.77
CA MET D 146 -20.55 -47.68 -22.25
C MET D 146 -21.58 -47.78 -21.14
N SER D 147 -21.12 -47.81 -19.90
CA SER D 147 -22.02 -47.86 -18.75
C SER D 147 -21.56 -46.88 -17.70
N MET D 148 -22.42 -45.92 -17.38
CA MET D 148 -22.10 -44.86 -16.44
C MET D 148 -23.40 -44.29 -15.90
N GLY D 149 -23.40 -43.91 -14.64
CA GLY D 149 -24.61 -43.34 -14.07
C GLY D 149 -24.34 -42.89 -12.67
N VAL D 150 -25.39 -42.39 -12.00
CA VAL D 150 -25.29 -41.82 -10.66
C VAL D 150 -26.11 -42.61 -9.64
N CYS D 151 -25.49 -42.99 -8.53
CA CYS D 151 -26.20 -43.70 -7.46
C CYS D 151 -25.78 -43.04 -6.16
N ARG D 152 -26.76 -42.53 -5.42
CA ARG D 152 -26.50 -41.86 -4.14
C ARG D 152 -25.34 -40.86 -4.19
N ASN D 153 -25.43 -39.92 -5.13
CA ASN D 153 -24.49 -38.81 -5.25
C ASN D 153 -23.07 -39.17 -5.63
N ARG D 154 -22.86 -40.40 -6.11
CA ARG D 154 -21.60 -40.76 -6.71
C ARG D 154 -21.80 -41.11 -8.15
N LEU D 155 -20.86 -40.73 -9.01
CA LEU D 155 -20.83 -41.26 -10.37
C LEU D 155 -20.18 -42.63 -10.31
N PHE D 156 -20.80 -43.62 -10.95
CA PHE D 156 -20.20 -44.94 -11.10
C PHE D 156 -20.04 -45.25 -12.57
N ALA D 157 -18.90 -45.79 -12.98
CA ALA D 157 -18.74 -46.15 -14.38
C ALA D 157 -17.99 -47.45 -14.47
N MET D 158 -18.31 -48.26 -15.46
CA MET D 158 -17.52 -49.44 -15.69
C MET D 158 -16.48 -49.07 -16.74
N ILE D 159 -15.25 -48.89 -16.29
CA ILE D 159 -14.17 -48.50 -17.15
C ILE D 159 -13.49 -49.80 -17.61
N GLU D 160 -13.56 -50.04 -18.91
CA GLU D 160 -12.99 -51.23 -19.53
C GLU D 160 -11.64 -50.91 -20.14
N THR D 161 -10.78 -51.92 -20.15
CA THR D 161 -9.51 -51.84 -20.85
C THR D 161 -9.63 -52.77 -22.05
N ARG D 162 -9.32 -52.24 -23.22
CA ARG D 162 -9.35 -53.05 -24.45
C ARG D 162 -8.10 -52.82 -25.28
N THR D 163 -7.72 -53.81 -26.08
CA THR D 163 -6.55 -53.69 -26.96
C THR D 163 -6.83 -52.75 -28.16
N LEU D 164 -5.85 -51.93 -28.56
CA LEU D 164 -5.94 -51.20 -29.85
C LEU D 164 -6.02 -52.18 -31.06
N ALA D 165 -5.31 -53.30 -30.97
CA ALA D 165 -5.16 -54.21 -32.11
C ALA D 165 -6.49 -54.76 -32.57
N LYS D 166 -7.32 -55.16 -31.63
CA LYS D 166 -8.56 -55.88 -31.94
C LYS D 166 -9.77 -55.44 -31.13
N ASN D 167 -9.61 -54.42 -30.29
CA ASN D 167 -10.68 -54.01 -29.40
C ASN D 167 -11.10 -55.11 -28.46
N ALA D 168 -10.18 -56.02 -28.15
CA ALA D 168 -10.46 -57.15 -27.24
C ALA D 168 -10.52 -56.66 -25.80
N LEU D 169 -11.54 -57.09 -25.04
CA LEU D 169 -11.65 -56.73 -23.62
C LEU D 169 -10.56 -57.41 -22.78
N THR D 170 -9.94 -56.64 -21.90
CA THR D 170 -8.75 -57.08 -21.19
C THR D 170 -9.01 -57.03 -19.70
N ASN D 171 -9.82 -56.05 -19.28
CA ASN D 171 -10.07 -55.85 -17.88
C ASN D 171 -11.33 -55.04 -17.68
N CYS D 172 -12.01 -55.31 -16.58
CA CYS D 172 -13.15 -54.52 -16.16
C CYS D 172 -12.87 -53.93 -14.79
N ALA D 173 -13.17 -52.65 -14.63
CA ALA D 173 -13.04 -52.00 -13.34
C ALA D 173 -14.21 -51.06 -13.06
N LEU D 174 -14.68 -51.06 -11.83
CA LEU D 174 -15.71 -50.11 -11.46
C LEU D 174 -15.03 -48.87 -10.83
N TRP D 175 -15.20 -47.74 -11.48
CA TRP D 175 -14.67 -46.49 -10.98
C TRP D 175 -15.81 -45.66 -10.45
N ASP D 176 -15.64 -45.06 -9.29
CA ASP D 176 -16.64 -44.12 -8.80
C ASP D 176 -16.03 -42.88 -8.12
N ARG D 177 -16.81 -41.82 -8.02
CA ARG D 177 -16.34 -40.54 -7.53
C ARG D 177 -17.56 -39.78 -7.06
N PRO D 178 -17.42 -39.01 -5.99
CA PRO D 178 -18.54 -38.18 -5.51
C PRO D 178 -18.85 -37.11 -6.52
N MET D 179 -20.11 -36.72 -6.66
CA MET D 179 -20.50 -35.60 -7.54
C MET D 179 -20.38 -34.25 -6.81
N SER D 180 -19.97 -33.20 -7.51
CA SER D 180 -19.91 -31.89 -6.87
C SER D 180 -21.33 -31.36 -6.59
N ARG D 181 -21.50 -30.88 -5.36
CA ARG D 181 -22.74 -30.29 -4.89
C ARG D 181 -22.49 -29.22 -3.85
N SER D 182 -23.43 -28.29 -3.76
CA SER D 182 -23.51 -27.34 -2.68
C SER D 182 -24.69 -27.73 -1.80
N LEU D 183 -24.46 -27.89 -0.51
CA LEU D 183 -25.55 -28.16 0.41
C LEU D 183 -25.72 -27.00 1.38
N HIS D 184 -26.98 -26.61 1.57
CA HIS D 184 -27.28 -25.51 2.45
C HIS D 184 -28.08 -26.10 3.62
N LEU D 185 -27.39 -26.30 4.73
CA LEU D 185 -27.86 -27.16 5.83
C LEU D 185 -28.12 -26.40 7.13
N THR D 186 -28.76 -27.08 8.10
CA THR D 186 -28.94 -26.56 9.45
C THR D 186 -28.53 -27.61 10.50
N GLY D 187 -27.68 -27.21 11.45
CA GLY D 187 -27.13 -28.11 12.47
C GLY D 187 -26.37 -29.33 11.93
N GLY D 188 -26.22 -30.34 12.81
CA GLY D 188 -25.62 -31.63 12.45
C GLY D 188 -24.10 -31.75 12.65
N ILE D 189 -23.49 -30.77 13.30
CA ILE D 189 -22.05 -30.85 13.49
C ILE D 189 -21.78 -30.79 14.96
N THR D 190 -21.18 -31.86 15.47
CA THR D 190 -20.83 -31.94 16.88
C THR D 190 -19.32 -32.19 16.95
N LYS D 191 -18.72 -31.60 17.97
CA LYS D 191 -17.31 -31.78 18.25
C LYS D 191 -17.16 -31.97 19.74
N ALA D 192 -16.93 -33.23 20.12
CA ALA D 192 -16.74 -33.55 21.52
C ALA D 192 -15.47 -32.86 21.99
N ALA D 193 -15.43 -32.50 23.28
CA ALA D 193 -14.27 -31.80 23.86
C ALA D 193 -13.04 -32.68 24.01
N ASN D 194 -11.87 -32.05 23.93
CA ASN D 194 -10.56 -32.70 24.16
C ASN D 194 -10.11 -33.71 23.11
N GLN D 195 -10.71 -33.64 21.94
CA GLN D 195 -10.20 -34.41 20.82
C GLN D 195 -10.55 -33.61 19.58
N ARG D 196 -10.01 -34.07 18.45
CA ARG D 196 -9.90 -33.22 17.28
C ARG D 196 -10.85 -33.56 16.15
N TYR D 197 -11.56 -34.68 16.25
CA TYR D 197 -12.54 -35.09 15.21
C TYR D 197 -13.91 -34.41 15.43
N ALA D 198 -14.53 -33.92 14.36
CA ALA D 198 -15.92 -33.42 14.46
C ALA D 198 -16.77 -34.20 13.49
N THR D 199 -18.01 -34.53 13.88
CA THR D 199 -18.86 -35.40 13.01
C THR D 199 -19.96 -34.62 12.33
N ILE D 200 -20.22 -35.00 11.09
CA ILE D 200 -21.09 -34.25 10.23
C ILE D 200 -22.24 -35.14 9.83
N HIS D 201 -23.47 -34.68 10.11
CA HIS D 201 -24.68 -35.38 9.74
C HIS D 201 -25.13 -34.85 8.40
N VAL D 202 -24.91 -35.65 7.35
CA VAL D 202 -25.41 -35.37 5.99
C VAL D 202 -26.02 -36.66 5.43
N PRO D 203 -27.34 -36.68 5.33
CA PRO D 203 -28.07 -37.84 4.83
C PRO D 203 -27.58 -38.27 3.46
N ASP D 204 -27.29 -39.57 3.29
CA ASP D 204 -26.88 -40.15 2.01
C ASP D 204 -25.80 -39.29 1.36
N HIS D 205 -24.76 -38.93 2.11
CA HIS D 205 -23.71 -38.08 1.58
C HIS D 205 -22.93 -38.72 0.43
N GLY D 206 -22.81 -40.05 0.42
CA GLY D 206 -22.05 -40.78 -0.57
C GLY D 206 -20.54 -40.53 -0.57
N LEU D 207 -19.97 -40.21 0.58
CA LEU D 207 -18.58 -39.84 0.61
C LEU D 207 -17.72 -40.96 1.18
N PHE D 208 -16.46 -41.05 0.76
CA PHE D 208 -15.54 -42.01 1.36
C PHE D 208 -14.38 -41.28 2.04
N VAL D 209 -13.63 -42.00 2.86
CA VAL D 209 -12.43 -41.49 3.51
C VAL D 209 -11.54 -40.92 2.40
N GLY D 210 -11.07 -39.69 2.58
CA GLY D 210 -10.24 -39.02 1.58
C GLY D 210 -10.98 -38.09 0.62
N ASP D 211 -12.31 -38.19 0.58
CA ASP D 211 -13.09 -37.32 -0.30
C ASP D 211 -13.04 -35.87 0.16
N PHE D 212 -13.08 -34.94 -0.79
CA PHE D 212 -13.11 -33.51 -0.50
C PHE D 212 -14.43 -33.00 0.13
N VAL D 213 -14.31 -32.19 1.17
CA VAL D 213 -15.43 -31.47 1.77
C VAL D 213 -15.00 -30.07 2.18
N ASN D 214 -15.81 -29.07 1.86
CA ASN D 214 -15.49 -27.71 2.17
C ASN D 214 -16.61 -27.10 3.01
N PHE D 215 -16.23 -26.29 4.01
CA PHE D 215 -17.17 -25.80 5.00
C PHE D 215 -17.24 -24.28 5.08
N SER D 216 -18.45 -23.73 5.16
CA SER D 216 -18.62 -22.34 5.53
C SER D 216 -19.63 -22.10 6.58
N ASN D 217 -19.35 -21.09 7.40
CA ASN D 217 -20.32 -20.60 8.38
C ASN D 217 -20.75 -21.71 9.36
N SER D 218 -19.85 -22.69 9.60
CA SER D 218 -20.20 -23.91 10.38
C SER D 218 -20.46 -23.61 11.87
N ALA D 219 -19.83 -22.57 12.36
CA ALA D 219 -19.90 -22.17 13.78
C ALA D 219 -19.43 -23.27 14.71
N VAL D 220 -18.62 -24.16 14.17
CA VAL D 220 -17.90 -25.14 14.98
C VAL D 220 -16.41 -25.01 14.69
N THR D 221 -15.70 -24.49 15.67
CA THR D 221 -14.28 -24.26 15.57
C THR D 221 -13.54 -25.39 14.86
N GLY D 222 -12.74 -25.01 13.88
CA GLY D 222 -11.94 -25.99 13.15
C GLY D 222 -12.62 -26.61 11.94
N VAL D 223 -13.95 -26.65 11.90
CA VAL D 223 -14.67 -27.16 10.73
C VAL D 223 -14.87 -25.97 9.80
N SER D 224 -13.92 -25.82 8.87
CA SER D 224 -13.78 -24.61 8.05
C SER D 224 -12.90 -24.78 6.84
N GLY D 225 -13.33 -24.23 5.71
CA GLY D 225 -12.49 -24.26 4.51
C GLY D 225 -12.39 -25.63 3.87
N ASP D 226 -11.34 -25.82 3.09
CA ASP D 226 -11.08 -27.09 2.41
C ASP D 226 -10.63 -28.18 3.40
N MET D 227 -11.39 -29.27 3.46
CA MET D 227 -11.05 -30.40 4.33
C MET D 227 -11.20 -31.74 3.58
N THR D 228 -10.83 -32.85 4.19
CA THR D 228 -11.22 -34.15 3.65
C THR D 228 -11.97 -34.96 4.69
N VAL D 229 -12.75 -35.94 4.24
CA VAL D 229 -13.41 -36.90 5.13
C VAL D 229 -12.37 -37.78 5.82
N ALA D 230 -12.38 -37.82 7.16
CA ALA D 230 -11.41 -38.62 7.91
C ALA D 230 -11.90 -40.03 8.19
N THR D 231 -13.14 -40.16 8.64
CA THR D 231 -13.79 -41.46 8.72
C THR D 231 -15.24 -41.35 8.28
N VAL D 232 -15.86 -42.46 7.84
CA VAL D 232 -17.30 -42.47 7.62
C VAL D 232 -17.94 -43.38 8.64
N ILE D 233 -18.86 -42.84 9.42
CA ILE D 233 -19.50 -43.61 10.47
C ILE D 233 -20.60 -44.50 9.90
N ASP D 234 -21.45 -43.94 9.04
CA ASP D 234 -22.48 -44.71 8.31
C ASP D 234 -22.93 -43.89 7.11
N LYS D 235 -23.98 -44.31 6.42
CA LYS D 235 -24.42 -43.61 5.21
C LYS D 235 -24.80 -42.15 5.43
N ASP D 236 -25.09 -41.79 6.68
CA ASP D 236 -25.60 -40.47 7.00
C ASP D 236 -24.66 -39.58 7.79
N ASN D 237 -23.55 -40.15 8.23
CA ASN D 237 -22.58 -39.44 9.09
C ASN D 237 -21.11 -39.74 8.76
N PHE D 238 -20.29 -38.71 8.87
CA PHE D 238 -18.85 -38.87 8.67
C PHE D 238 -18.13 -37.88 9.55
N THR D 239 -16.81 -38.01 9.65
CA THR D 239 -16.02 -37.07 10.46
C THR D 239 -14.94 -36.36 9.63
N VAL D 240 -14.54 -35.19 10.11
CA VAL D 240 -13.34 -34.56 9.62
C VAL D 240 -12.45 -34.40 10.82
N LEU D 241 -11.15 -34.63 10.60
CA LEU D 241 -10.12 -34.33 11.59
C LEU D 241 -9.75 -32.84 11.55
N THR D 242 -10.21 -32.06 12.53
CA THR D 242 -9.80 -30.66 12.65
C THR D 242 -8.35 -30.49 13.14
N PRO D 243 -7.82 -29.27 13.00
CA PRO D 243 -6.45 -29.00 13.46
C PRO D 243 -6.34 -28.76 14.98
N ASN D 244 -7.46 -28.63 15.68
CA ASN D 244 -7.43 -28.11 17.06
C ASN D 244 -8.39 -28.78 18.06
N GLN D 245 -8.18 -28.56 19.36
CA GLN D 245 -9.08 -29.08 20.41
C GLN D 245 -9.41 -28.08 21.50
N GLN D 246 -10.63 -28.18 22.03
CA GLN D 246 -11.13 -27.28 23.06
C GLN D 246 -11.60 -28.05 24.28
N THR D 247 -11.81 -27.33 25.38
CA THR D 247 -12.18 -27.97 26.64
C THR D 247 -13.70 -28.12 26.85
N SER D 248 -14.50 -27.60 25.91
CA SER D 248 -15.96 -27.69 25.97
C SER D 248 -16.48 -28.35 24.68
N ASP D 249 -17.69 -28.89 24.72
CA ASP D 249 -18.36 -29.51 23.58
C ASP D 249 -18.99 -28.45 22.67
N LEU D 250 -18.89 -28.67 21.36
CA LEU D 250 -19.51 -27.79 20.39
C LEU D 250 -20.58 -28.54 19.65
N ASN D 251 -21.61 -27.81 19.26
CA ASN D 251 -22.71 -28.39 18.54
C ASN D 251 -23.46 -27.29 17.84
N ASN D 252 -23.48 -27.32 16.51
CA ASN D 252 -24.05 -26.17 15.78
C ASN D 252 -25.55 -26.23 15.52
N ALA D 253 -26.28 -26.96 16.37
CA ALA D 253 -27.72 -27.16 16.16
C ALA D 253 -28.39 -25.84 15.86
N GLY D 254 -29.32 -25.83 14.90
CA GLY D 254 -30.13 -24.64 14.62
C GLY D 254 -29.44 -23.53 13.83
N LYS D 255 -28.16 -23.69 13.52
CA LYS D 255 -27.41 -22.74 12.69
C LYS D 255 -27.31 -23.17 11.21
N ASN D 256 -27.42 -22.19 10.31
CA ASN D 256 -27.34 -22.40 8.89
C ASN D 256 -25.91 -22.31 8.41
N TRP D 257 -25.49 -23.32 7.64
CA TRP D 257 -24.12 -23.41 7.14
C TRP D 257 -24.14 -24.04 5.75
N HIS D 258 -22.97 -24.19 5.14
CA HIS D 258 -22.85 -24.79 3.81
C HIS D 258 -21.72 -25.81 3.69
N MET D 259 -21.98 -26.89 2.94
CA MET D 259 -20.97 -27.81 2.37
C MET D 259 -21.24 -27.79 0.85
N GLY D 260 -20.33 -28.14 -0.07
CA GLY D 260 -18.97 -28.55 0.16
C GLY D 260 -18.34 -29.73 -0.61
N THR D 261 -18.94 -30.34 -1.65
CA THR D 261 -18.20 -31.49 -2.30
C THR D 261 -17.61 -31.19 -3.65
N SER D 262 -16.74 -32.09 -4.11
CA SER D 262 -16.07 -31.92 -5.42
C SER D 262 -15.63 -33.21 -6.07
N PHE D 263 -16.18 -33.45 -7.26
CA PHE D 263 -15.75 -34.50 -8.19
C PHE D 263 -14.22 -34.42 -8.46
N HIS D 264 -13.74 -33.21 -8.73
CA HIS D 264 -12.41 -32.99 -9.25
C HIS D 264 -11.30 -33.04 -8.22
N LYS D 265 -11.61 -32.69 -6.97
CA LYS D 265 -10.59 -32.78 -5.90
C LYS D 265 -10.70 -34.10 -5.11
N SER D 266 -11.56 -35.01 -5.55
CA SER D 266 -11.71 -36.31 -4.93
C SER D 266 -11.16 -37.38 -5.84
N PRO D 267 -10.45 -38.36 -5.29
CA PRO D 267 -9.82 -39.39 -6.12
C PRO D 267 -10.91 -40.35 -6.62
N TRP D 268 -10.73 -40.99 -7.77
CA TRP D 268 -11.60 -42.13 -8.09
C TRP D 268 -11.38 -43.20 -7.05
N ARG D 269 -12.44 -43.94 -6.75
CA ARG D 269 -12.32 -45.26 -6.16
C ARG D 269 -12.37 -46.27 -7.32
N LYS D 270 -11.29 -47.04 -7.45
CA LYS D 270 -11.14 -48.02 -8.50
C LYS D 270 -11.24 -49.42 -7.90
N THR D 271 -12.22 -50.19 -8.36
CA THR D 271 -12.38 -51.57 -7.90
C THR D 271 -12.14 -52.49 -9.08
N ASP D 272 -11.04 -53.22 -9.04
CA ASP D 272 -10.69 -54.12 -10.12
C ASP D 272 -11.57 -55.36 -10.07
N LEU D 273 -12.29 -55.59 -11.15
CA LEU D 273 -13.11 -56.83 -11.24
C LEU D 273 -12.49 -57.91 -12.14
N GLY D 274 -11.30 -57.62 -12.66
CA GLY D 274 -10.56 -58.57 -13.49
C GLY D 274 -11.21 -58.77 -14.85
N LEU D 275 -10.85 -59.83 -15.54
CA LEU D 275 -11.49 -60.07 -16.83
C LEU D 275 -12.79 -60.82 -16.50
N ILE D 276 -13.87 -60.08 -16.29
CA ILE D 276 -15.14 -60.75 -16.04
C ILE D 276 -15.40 -61.80 -17.16
N PRO D 277 -15.58 -63.05 -16.77
CA PRO D 277 -15.70 -64.15 -17.73
C PRO D 277 -16.97 -63.97 -18.59
N SER D 278 -16.87 -64.33 -19.87
CA SER D 278 -18.04 -64.34 -20.72
C SER D 278 -18.71 -62.95 -20.87
N VAL D 279 -17.88 -61.92 -21.11
CA VAL D 279 -18.39 -60.59 -21.35
C VAL D 279 -17.63 -59.96 -22.50
N THR D 280 -18.37 -59.31 -23.39
CA THR D 280 -17.80 -58.58 -24.51
C THR D 280 -17.82 -57.11 -24.18
N GLU D 281 -18.96 -56.61 -23.73
CA GLU D 281 -19.12 -55.19 -23.44
C GLU D 281 -20.05 -55.06 -22.27
N VAL D 282 -19.73 -54.13 -21.36
CA VAL D 282 -20.70 -53.72 -20.35
C VAL D 282 -21.32 -52.43 -20.85
N HIS D 283 -22.65 -52.34 -20.79
CA HIS D 283 -23.42 -51.27 -21.46
C HIS D 283 -24.71 -50.96 -20.72
N SER D 284 -24.98 -49.67 -20.54
CA SER D 284 -26.17 -49.14 -19.84
C SER D 284 -26.12 -49.27 -18.32
N PHE D 285 -26.87 -48.40 -17.67
CA PHE D 285 -26.83 -48.27 -16.23
C PHE D 285 -28.24 -48.06 -15.76
N ALA D 286 -28.65 -48.79 -14.72
CA ALA D 286 -29.95 -48.58 -14.13
C ALA D 286 -29.88 -48.51 -12.60
N THR D 287 -30.17 -47.33 -12.08
CA THR D 287 -30.16 -47.07 -10.64
C THR D 287 -31.27 -47.89 -10.03
N ILE D 288 -30.97 -48.72 -9.04
CA ILE D 288 -32.04 -49.49 -8.44
C ILE D 288 -32.55 -48.78 -7.19
N ASP D 289 -31.64 -48.37 -6.32
CA ASP D 289 -32.06 -47.73 -5.10
C ASP D 289 -30.90 -46.97 -4.48
N ASN D 290 -30.94 -46.83 -3.17
CA ASN D 290 -29.97 -46.05 -2.45
C ASN D 290 -28.65 -46.75 -2.23
N ASN D 291 -28.57 -48.04 -2.61
CA ASN D 291 -27.38 -48.87 -2.33
C ASN D 291 -26.65 -49.41 -3.55
N GLY D 292 -27.38 -49.53 -4.65
CA GLY D 292 -26.84 -50.17 -5.83
C GLY D 292 -27.60 -49.99 -7.13
N PHE D 293 -27.17 -50.71 -8.15
CA PHE D 293 -27.62 -50.46 -9.51
C PHE D 293 -27.30 -51.68 -10.32
N ALA D 294 -27.78 -51.66 -11.57
CA ALA D 294 -27.47 -52.72 -12.53
C ALA D 294 -26.82 -52.14 -13.78
N MET D 295 -25.97 -52.93 -14.40
CA MET D 295 -25.34 -52.53 -15.64
C MET D 295 -25.62 -53.64 -16.61
N GLY D 296 -25.94 -53.30 -17.84
CA GLY D 296 -26.15 -54.32 -18.86
C GLY D 296 -24.85 -54.87 -19.42
N TYR D 297 -24.95 -56.02 -20.08
CA TYR D 297 -23.81 -56.66 -20.68
C TYR D 297 -24.25 -57.58 -21.80
N HIS D 298 -23.33 -57.92 -22.69
CA HIS D 298 -23.54 -59.04 -23.58
C HIS D 298 -22.22 -59.71 -23.88
N GLN D 299 -22.33 -60.92 -24.40
CA GLN D 299 -21.17 -61.68 -24.83
C GLN D 299 -21.50 -62.12 -26.25
N GLY D 300 -20.68 -61.73 -27.23
CA GLY D 300 -20.94 -62.01 -28.63
C GLY D 300 -19.74 -62.51 -29.43
N ASP D 301 -18.65 -62.85 -28.73
CA ASP D 301 -17.43 -63.26 -29.41
C ASP D 301 -17.47 -64.73 -29.77
N VAL D 302 -18.11 -65.54 -28.94
CA VAL D 302 -18.10 -67.01 -29.14
C VAL D 302 -19.44 -67.56 -28.70
N ALA D 303 -19.83 -68.70 -29.27
CA ALA D 303 -21.14 -69.26 -28.90
C ALA D 303 -21.09 -69.97 -27.55
N PRO D 304 -22.24 -70.07 -26.88
CA PRO D 304 -23.40 -69.21 -27.19
C PRO D 304 -23.32 -67.79 -26.61
N ARG D 305 -23.98 -66.89 -27.34
CA ARG D 305 -24.13 -65.50 -26.98
C ARG D 305 -24.86 -65.36 -25.66
N GLU D 306 -24.48 -64.39 -24.84
CA GLU D 306 -25.29 -64.01 -23.66
C GLU D 306 -25.70 -62.54 -23.72
N VAL D 307 -26.89 -62.26 -23.19
CA VAL D 307 -27.38 -60.90 -23.04
C VAL D 307 -28.03 -60.76 -21.66
N GLY D 308 -27.66 -59.74 -20.89
CA GLY D 308 -28.25 -59.65 -19.57
C GLY D 308 -27.77 -58.47 -18.78
N LEU D 309 -27.66 -58.63 -17.46
CA LEU D 309 -27.25 -57.53 -16.58
C LEU D 309 -26.44 -58.02 -15.36
N PHE D 310 -25.64 -57.13 -14.78
CA PHE D 310 -24.97 -57.41 -13.53
C PHE D 310 -25.58 -56.50 -12.49
N TYR D 311 -26.12 -57.12 -11.44
CA TYR D 311 -26.73 -56.35 -10.34
C TYR D 311 -25.70 -56.16 -9.21
N PHE D 312 -25.48 -54.91 -8.84
CA PHE D 312 -24.58 -54.59 -7.75
C PHE D 312 -25.46 -54.17 -6.58
N PRO D 313 -25.80 -55.11 -5.68
CA PRO D 313 -26.75 -54.78 -4.60
C PRO D 313 -26.27 -53.73 -3.59
N ASP D 314 -24.98 -53.75 -3.20
CA ASP D 314 -24.44 -52.68 -2.36
C ASP D 314 -23.09 -52.25 -2.89
N ALA D 315 -23.12 -51.32 -3.83
CA ALA D 315 -21.94 -50.81 -4.53
C ALA D 315 -21.04 -49.97 -3.61
N PHE D 316 -21.62 -49.49 -2.52
CA PHE D 316 -20.95 -48.64 -1.53
C PHE D 316 -20.06 -49.45 -0.60
N ASN D 317 -20.63 -50.41 0.11
CA ASN D 317 -19.81 -51.25 0.98
C ASN D 317 -19.09 -52.37 0.22
N SER D 318 -19.65 -52.81 -0.89
CA SER D 318 -19.13 -53.97 -1.59
C SER D 318 -19.13 -53.86 -3.10
N PRO D 319 -18.36 -52.93 -3.67
CA PRO D 319 -18.40 -52.73 -5.12
C PRO D 319 -17.89 -53.95 -5.94
N SER D 320 -17.27 -54.94 -5.32
CA SER D 320 -16.75 -56.05 -6.10
C SER D 320 -17.74 -57.18 -6.13
N ASN D 321 -18.86 -56.98 -5.45
CA ASN D 321 -19.94 -57.95 -5.38
C ASN D 321 -21.09 -57.73 -6.34
N TYR D 322 -21.31 -58.64 -7.27
CA TYR D 322 -22.40 -58.48 -8.23
C TYR D 322 -22.93 -59.84 -8.58
N VAL D 323 -24.16 -59.87 -9.11
CA VAL D 323 -24.77 -61.09 -9.58
C VAL D 323 -25.21 -60.98 -11.06
N ARG D 324 -24.92 -62.02 -11.83
CA ARG D 324 -25.16 -62.03 -13.25
C ARG D 324 -26.59 -62.54 -13.46
N ARG D 325 -27.36 -61.87 -14.30
CA ARG D 325 -28.69 -62.39 -14.69
C ARG D 325 -28.86 -62.22 -16.18
N GLN D 326 -29.34 -63.28 -16.83
CA GLN D 326 -29.54 -63.29 -18.26
C GLN D 326 -31.00 -63.23 -18.65
N ILE D 327 -31.31 -62.64 -19.81
CA ILE D 327 -32.65 -62.69 -20.36
C ILE D 327 -32.97 -64.09 -20.84
N PRO D 328 -34.23 -64.39 -21.09
CA PRO D 328 -34.61 -65.73 -21.59
C PRO D 328 -33.81 -66.12 -22.83
N SER D 329 -33.38 -67.39 -22.90
CA SER D 329 -32.35 -67.82 -23.84
C SER D 329 -32.74 -67.67 -25.31
N GLU D 330 -34.05 -67.73 -25.56
CA GLU D 330 -34.64 -67.60 -26.90
C GLU D 330 -34.44 -66.18 -27.51
N TYR D 331 -34.19 -65.19 -26.66
CA TYR D 331 -33.94 -63.82 -27.11
C TYR D 331 -32.47 -63.40 -27.17
N GLU D 332 -31.57 -64.26 -26.71
CA GLU D 332 -30.12 -63.97 -26.74
C GLU D 332 -29.40 -64.10 -28.08
N PRO D 333 -29.78 -65.02 -28.99
CA PRO D 333 -29.10 -65.08 -30.30
C PRO D 333 -29.25 -63.76 -31.03
N ASP D 334 -28.23 -63.32 -31.75
CA ASP D 334 -28.31 -62.12 -32.59
C ASP D 334 -28.63 -60.81 -31.80
N ALA D 335 -28.31 -60.81 -30.50
CA ALA D 335 -28.56 -59.62 -29.65
C ALA D 335 -27.33 -59.14 -28.88
N SER D 336 -27.35 -57.84 -28.58
CA SER D 336 -26.25 -57.18 -27.90
C SER D 336 -26.72 -55.94 -27.18
N GLU D 337 -25.80 -55.32 -26.44
CA GLU D 337 -25.94 -53.95 -25.93
C GLU D 337 -27.35 -53.64 -25.44
N PRO D 338 -27.74 -54.34 -24.39
CA PRO D 338 -29.04 -54.08 -23.75
C PRO D 338 -29.10 -52.69 -23.09
N CYS D 339 -30.18 -51.94 -23.29
CA CYS D 339 -30.45 -50.76 -22.48
C CYS D 339 -31.36 -51.13 -21.32
N ILE D 340 -31.02 -50.69 -20.12
CA ILE D 340 -31.84 -51.04 -18.96
C ILE D 340 -32.25 -49.82 -18.16
N LYS D 341 -33.47 -49.85 -17.68
CA LYS D 341 -33.91 -48.82 -16.76
C LYS D 341 -34.81 -49.39 -15.66
N TYR D 342 -34.87 -48.75 -14.49
CA TYR D 342 -35.70 -49.24 -13.37
C TYR D 342 -36.76 -48.25 -12.93
N TYR D 343 -38.01 -48.68 -12.98
CA TYR D 343 -39.15 -47.83 -12.63
C TYR D 343 -40.17 -48.54 -11.77
N ASP D 344 -40.50 -47.95 -10.61
CA ASP D 344 -41.48 -48.51 -9.66
C ASP D 344 -41.36 -50.03 -9.55
N GLY D 345 -40.16 -50.52 -9.19
CA GLY D 345 -39.98 -51.93 -8.93
C GLY D 345 -39.95 -52.85 -10.15
N VAL D 346 -40.00 -52.27 -11.34
CA VAL D 346 -39.89 -53.03 -12.59
C VAL D 346 -38.60 -52.70 -13.33
N LEU D 347 -37.84 -53.74 -13.68
CA LEU D 347 -36.64 -53.57 -14.49
C LEU D 347 -36.95 -53.79 -15.99
N TYR D 348 -36.78 -52.76 -16.82
CA TYR D 348 -36.99 -52.93 -18.28
C TYR D 348 -35.67 -53.04 -19.07
N LEU D 349 -35.64 -53.97 -20.03
CA LEU D 349 -34.45 -54.24 -20.84
C LEU D 349 -34.84 -54.27 -22.34
N ILE D 350 -34.14 -53.53 -23.17
CA ILE D 350 -34.30 -53.65 -24.63
C ILE D 350 -32.96 -53.96 -25.32
N THR D 351 -32.95 -54.97 -26.19
CA THR D 351 -31.73 -55.41 -26.87
C THR D 351 -31.49 -54.72 -28.19
N ARG D 352 -30.23 -54.74 -28.61
CA ARG D 352 -29.81 -54.42 -29.97
C ARG D 352 -29.87 -55.69 -30.79
N GLY D 353 -30.52 -55.67 -31.95
CA GLY D 353 -30.44 -56.77 -32.91
C GLY D 353 -29.20 -56.62 -33.77
N THR D 354 -28.48 -57.71 -34.05
CA THR D 354 -27.25 -57.60 -34.84
C THR D 354 -27.42 -57.82 -36.33
N ARG D 355 -28.58 -58.29 -36.76
CA ARG D 355 -28.80 -58.45 -38.22
C ARG D 355 -30.23 -58.30 -38.67
N GLY D 356 -30.38 -57.64 -39.81
CA GLY D 356 -31.67 -57.43 -40.42
C GLY D 356 -32.40 -58.69 -40.93
N ASP D 357 -31.71 -59.82 -41.06
CA ASP D 357 -32.35 -61.07 -41.51
C ASP D 357 -32.57 -62.12 -40.43
N ARG D 358 -32.58 -61.68 -39.17
CA ARG D 358 -32.83 -62.57 -38.03
C ARG D 358 -33.62 -61.79 -36.98
N LEU D 359 -34.38 -62.51 -36.16
CA LEU D 359 -35.16 -61.87 -35.10
C LEU D 359 -34.31 -60.80 -34.38
N GLY D 360 -34.81 -59.56 -34.32
CA GLY D 360 -34.08 -58.44 -33.78
C GLY D 360 -34.37 -58.02 -32.35
N SER D 361 -34.40 -56.70 -32.13
CA SER D 361 -34.64 -56.13 -30.82
C SER D 361 -35.84 -56.74 -30.09
N SER D 362 -35.66 -57.00 -28.80
CA SER D 362 -36.73 -57.47 -27.94
C SER D 362 -36.75 -56.72 -26.60
N LEU D 363 -37.92 -56.70 -25.98
CA LEU D 363 -38.20 -55.95 -24.75
C LEU D 363 -38.57 -56.93 -23.64
N HIS D 364 -38.13 -56.65 -22.43
CA HIS D 364 -38.32 -57.56 -21.30
C HIS D 364 -38.55 -56.75 -20.07
N ARG D 365 -39.34 -57.28 -19.15
CA ARG D 365 -39.57 -56.65 -17.85
C ARG D 365 -39.40 -57.68 -16.76
N SER D 366 -38.91 -57.26 -15.61
CA SER D 366 -38.78 -58.15 -14.47
C SER D 366 -39.16 -57.42 -13.20
N ARG D 367 -39.80 -58.15 -12.29
CA ARG D 367 -40.09 -57.63 -10.95
C ARG D 367 -39.13 -58.18 -9.84
N ASP D 368 -38.07 -58.86 -10.27
CA ASP D 368 -37.09 -59.43 -9.36
C ASP D 368 -35.67 -59.20 -9.87
N ILE D 369 -35.47 -58.05 -10.52
CA ILE D 369 -34.19 -57.61 -11.07
C ILE D 369 -33.45 -58.69 -11.87
N GLY D 370 -34.21 -59.33 -12.75
CA GLY D 370 -33.62 -60.15 -13.79
C GLY D 370 -33.69 -61.63 -13.56
N GLN D 371 -34.29 -62.06 -12.47
CA GLN D 371 -34.39 -63.49 -12.20
C GLN D 371 -35.45 -64.14 -13.09
N THR D 372 -36.62 -63.52 -13.18
CA THR D 372 -37.65 -63.90 -14.15
C THR D 372 -38.05 -62.71 -15.01
N TRP D 373 -38.59 -63.01 -16.18
CA TRP D 373 -38.85 -62.02 -17.20
C TRP D 373 -40.20 -62.24 -17.90
N GLU D 374 -40.81 -61.15 -18.37
CA GLU D 374 -41.87 -61.23 -19.37
C GLU D 374 -41.27 -60.55 -20.58
N SER D 375 -41.49 -61.15 -21.76
CA SER D 375 -40.74 -60.78 -22.96
C SER D 375 -41.62 -60.56 -24.19
N LEU D 376 -41.09 -59.78 -25.15
CA LEU D 376 -41.82 -59.47 -26.35
C LEU D 376 -40.87 -59.02 -27.48
N ARG D 377 -41.16 -59.44 -28.71
CA ARG D 377 -40.31 -59.13 -29.86
C ARG D 377 -40.81 -57.97 -30.67
N PHE D 378 -39.95 -57.04 -31.03
CA PHE D 378 -40.39 -55.99 -31.93
C PHE D 378 -40.50 -56.63 -33.30
N PRO D 379 -41.59 -56.33 -34.01
CA PRO D 379 -41.74 -56.79 -35.39
C PRO D 379 -40.64 -56.29 -36.32
N HIS D 380 -40.33 -57.11 -37.33
CA HIS D 380 -39.50 -56.73 -38.48
C HIS D 380 -38.00 -56.55 -38.23
N ASN D 381 -37.44 -57.43 -37.39
CA ASN D 381 -36.01 -57.49 -37.13
C ASN D 381 -35.30 -56.16 -36.93
N VAL D 382 -35.73 -55.38 -35.96
CA VAL D 382 -35.04 -54.13 -35.68
C VAL D 382 -33.60 -54.42 -35.30
N HIS D 383 -32.67 -53.71 -35.90
CA HIS D 383 -31.26 -54.07 -35.81
C HIS D 383 -30.31 -52.87 -35.97
N HIS D 384 -29.08 -53.06 -35.51
CA HIS D 384 -27.96 -52.16 -35.70
C HIS D 384 -28.00 -50.94 -34.79
N THR D 385 -29.12 -50.77 -34.10
CA THR D 385 -29.30 -49.62 -33.24
C THR D 385 -29.60 -50.06 -31.82
N THR D 386 -29.11 -49.31 -30.84
CA THR D 386 -29.62 -49.58 -29.51
C THR D 386 -30.92 -48.82 -29.41
N LEU D 387 -31.69 -49.10 -28.36
CA LEU D 387 -32.98 -48.46 -28.16
C LEU D 387 -33.06 -47.90 -26.76
N PRO D 388 -32.26 -46.86 -26.50
CA PRO D 388 -32.32 -46.16 -25.23
C PRO D 388 -33.73 -45.60 -25.01
N PHE D 389 -34.16 -45.49 -23.77
CA PHE D 389 -35.54 -45.18 -23.49
C PHE D 389 -35.73 -44.67 -22.09
N ALA D 390 -36.91 -44.11 -21.86
CA ALA D 390 -37.38 -43.73 -20.54
C ALA D 390 -38.86 -44.09 -20.42
N LYS D 391 -39.33 -44.21 -19.18
CA LYS D 391 -40.74 -44.42 -18.93
C LYS D 391 -41.36 -43.08 -18.53
N VAL D 392 -42.40 -42.67 -19.24
CA VAL D 392 -43.15 -41.48 -18.96
C VAL D 392 -44.61 -41.87 -18.90
N GLY D 393 -45.21 -41.73 -17.73
CA GLY D 393 -46.53 -42.26 -17.50
C GLY D 393 -46.50 -43.76 -17.75
N ASP D 394 -47.49 -44.26 -18.51
CA ASP D 394 -47.60 -45.68 -18.78
C ASP D 394 -46.79 -46.12 -20.00
N ASP D 395 -46.12 -45.18 -20.66
CA ASP D 395 -45.40 -45.47 -21.90
C ASP D 395 -43.89 -45.56 -21.71
N LEU D 396 -43.30 -46.52 -22.40
CA LEU D 396 -41.88 -46.55 -22.64
C LEU D 396 -41.74 -45.70 -23.90
N ILE D 397 -40.90 -44.67 -23.85
CA ILE D 397 -40.59 -43.85 -25.03
C ILE D 397 -39.15 -44.16 -25.38
N MET D 398 -38.94 -44.70 -26.58
CA MET D 398 -37.62 -45.16 -27.03
C MET D 398 -37.21 -44.51 -28.32
N PHE D 399 -35.91 -44.38 -28.52
CA PHE D 399 -35.35 -43.78 -29.71
C PHE D 399 -34.34 -44.71 -30.36
N GLY D 400 -34.22 -44.62 -31.68
CA GLY D 400 -33.26 -45.42 -32.43
C GLY D 400 -32.92 -44.75 -33.72
N SER D 401 -31.79 -45.14 -34.31
CA SER D 401 -31.31 -44.55 -35.55
C SER D 401 -30.68 -45.62 -36.36
N GLU D 402 -31.09 -45.74 -37.61
CA GLU D 402 -30.37 -46.54 -38.58
C GLU D 402 -29.00 -45.91 -38.82
N ARG D 403 -28.00 -46.73 -39.11
CA ARG D 403 -26.61 -46.29 -39.18
C ARG D 403 -26.26 -45.61 -40.52
N ALA D 404 -26.99 -46.02 -41.55
CA ALA D 404 -26.89 -45.49 -42.90
C ALA D 404 -28.29 -45.54 -43.44
N GLU D 405 -28.57 -44.76 -44.48
CA GLU D 405 -29.93 -44.67 -44.97
C GLU D 405 -30.45 -46.00 -45.48
N ASN D 406 -31.72 -46.26 -45.17
CA ASN D 406 -32.45 -47.43 -45.67
C ASN D 406 -31.94 -48.77 -45.16
N GLU D 407 -31.46 -48.79 -43.93
CA GLU D 407 -31.00 -50.03 -43.29
C GLU D 407 -32.00 -50.54 -42.25
N TRP D 408 -32.94 -49.67 -41.84
CA TRP D 408 -33.84 -49.98 -40.74
C TRP D 408 -34.65 -51.24 -40.95
N GLU D 409 -35.30 -51.38 -42.12
CA GLU D 409 -36.32 -52.40 -42.33
C GLU D 409 -35.74 -53.80 -42.28
N ALA D 410 -36.59 -54.79 -42.01
CA ALA D 410 -36.21 -56.20 -42.07
C ALA D 410 -35.77 -56.57 -43.49
N GLY D 411 -34.64 -57.28 -43.59
CA GLY D 411 -34.20 -57.75 -44.89
C GLY D 411 -33.48 -56.70 -45.71
N ALA D 412 -33.37 -55.47 -45.21
CA ALA D 412 -32.62 -54.40 -45.92
C ALA D 412 -31.13 -54.64 -45.76
N PRO D 413 -30.38 -54.67 -46.88
CA PRO D 413 -28.95 -54.95 -46.80
C PRO D 413 -28.23 -53.71 -46.31
N ASP D 414 -27.14 -53.90 -45.58
CA ASP D 414 -26.22 -52.81 -45.29
C ASP D 414 -25.91 -52.04 -46.59
N ASP D 415 -25.77 -50.71 -46.48
CA ASP D 415 -25.49 -49.86 -47.64
C ASP D 415 -24.49 -48.79 -47.28
N ARG D 416 -23.22 -49.18 -47.27
CA ARG D 416 -22.14 -48.34 -46.80
C ARG D 416 -21.32 -47.82 -47.98
N TYR D 417 -20.31 -47.02 -47.68
CA TYR D 417 -19.37 -46.60 -48.72
C TYR D 417 -20.02 -45.62 -49.71
N LYS D 418 -21.20 -45.09 -49.36
CA LYS D 418 -21.74 -43.96 -50.09
C LYS D 418 -22.48 -43.04 -49.12
N ALA D 419 -22.30 -41.74 -49.31
CA ALA D 419 -22.99 -40.71 -48.54
C ALA D 419 -24.51 -40.93 -48.55
N SER D 420 -25.16 -40.83 -47.39
CA SER D 420 -26.62 -40.91 -47.33
C SER D 420 -27.21 -40.18 -46.12
N TYR D 421 -28.53 -40.28 -45.98
CA TYR D 421 -29.23 -39.61 -44.91
C TYR D 421 -30.06 -40.54 -44.00
N PRO D 422 -29.39 -41.24 -43.08
CA PRO D 422 -30.08 -42.18 -42.20
C PRO D 422 -31.19 -41.56 -41.36
N ARG D 423 -32.25 -42.33 -41.18
CA ARG D 423 -33.43 -41.92 -40.43
C ARG D 423 -33.30 -42.23 -38.96
N THR D 424 -33.74 -41.28 -38.14
CA THR D 424 -33.90 -41.45 -36.69
C THR D 424 -35.43 -41.53 -36.32
N PHE D 425 -35.74 -42.48 -35.44
CA PHE D 425 -37.12 -42.80 -35.12
C PHE D 425 -37.29 -42.74 -33.62
N TYR D 426 -38.51 -42.45 -33.17
CA TYR D 426 -38.92 -42.77 -31.81
C TYR D 426 -40.23 -43.54 -31.83
N ALA D 427 -40.53 -44.25 -30.74
CA ALA D 427 -41.79 -44.96 -30.60
C ALA D 427 -42.25 -44.97 -29.15
N ARG D 428 -43.57 -45.01 -28.95
CA ARG D 428 -44.19 -45.20 -27.65
C ARG D 428 -44.74 -46.60 -27.52
N LEU D 429 -44.49 -47.25 -26.39
CA LEU D 429 -45.14 -48.52 -26.08
C LEU D 429 -45.69 -48.46 -24.67
N ASN D 430 -46.96 -48.84 -24.58
CA ASN D 430 -47.69 -48.82 -23.35
C ASN D 430 -47.39 -50.09 -22.56
N VAL D 431 -46.98 -49.95 -21.31
CA VAL D 431 -46.55 -51.09 -20.51
C VAL D 431 -47.70 -52.00 -20.12
N ASN D 432 -48.90 -51.42 -20.05
CA ASN D 432 -50.08 -52.20 -19.73
C ASN D 432 -50.51 -53.08 -20.89
N ASN D 433 -50.45 -52.52 -22.09
CA ASN D 433 -50.84 -53.24 -23.30
C ASN D 433 -49.82 -54.32 -23.67
N TRP D 434 -48.56 -54.13 -23.29
CA TRP D 434 -47.49 -55.11 -23.47
C TRP D 434 -47.54 -55.91 -24.76
N ASN D 435 -47.57 -55.21 -25.88
CA ASN D 435 -47.62 -55.84 -27.18
C ASN D 435 -47.08 -54.87 -28.23
N ALA D 436 -46.04 -55.31 -28.94
CA ALA D 436 -45.35 -54.46 -29.91
C ALA D 436 -45.80 -54.69 -31.34
N ASP D 437 -46.74 -55.60 -31.57
CA ASP D 437 -47.16 -55.91 -32.94
C ASP D 437 -47.49 -54.66 -33.76
N ASP D 438 -48.13 -53.66 -33.16
CA ASP D 438 -48.56 -52.48 -33.91
C ASP D 438 -47.76 -51.23 -33.53
N ILE D 439 -46.52 -51.41 -33.07
CA ILE D 439 -45.66 -50.28 -32.72
C ILE D 439 -45.55 -49.35 -33.92
N GLU D 440 -45.60 -48.05 -33.65
CA GLU D 440 -45.45 -47.02 -34.68
C GLU D 440 -44.11 -46.29 -34.53
N TRP D 441 -43.14 -46.62 -35.39
CA TRP D 441 -41.85 -45.93 -35.44
C TRP D 441 -41.98 -44.63 -36.24
N VAL D 442 -41.71 -43.51 -35.57
CA VAL D 442 -41.88 -42.18 -36.19
C VAL D 442 -40.55 -41.50 -36.45
N ASN D 443 -40.26 -41.35 -37.74
CA ASN D 443 -39.07 -40.68 -38.24
C ASN D 443 -39.22 -39.19 -37.93
N ILE D 444 -38.40 -38.70 -37.02
CA ILE D 444 -38.48 -37.31 -36.53
C ILE D 444 -37.32 -36.37 -36.95
N THR D 445 -36.19 -36.97 -37.31
CA THR D 445 -35.04 -36.24 -37.83
C THR D 445 -34.18 -37.17 -38.65
N ASP D 446 -33.49 -36.58 -39.63
CA ASP D 446 -32.54 -37.29 -40.50
C ASP D 446 -31.12 -36.76 -40.33
N GLN D 447 -30.19 -37.71 -40.25
CA GLN D 447 -28.77 -37.40 -40.05
C GLN D 447 -28.04 -37.69 -41.35
N ILE D 448 -26.73 -37.52 -41.33
CA ILE D 448 -25.88 -37.78 -42.47
C ILE D 448 -24.92 -38.89 -42.12
N TYR D 449 -24.80 -39.88 -43.00
CA TYR D 449 -23.70 -40.86 -42.94
C TYR D 449 -22.67 -40.51 -44.04
N GLN D 450 -21.40 -40.32 -43.66
CA GLN D 450 -20.43 -39.71 -44.58
C GLN D 450 -20.02 -40.62 -45.77
N GLY D 451 -19.75 -41.87 -45.50
CA GLY D 451 -19.53 -42.80 -46.60
C GLY D 451 -18.09 -43.10 -46.91
N GLY D 452 -17.19 -42.33 -46.30
CA GLY D 452 -15.76 -42.44 -46.50
C GLY D 452 -15.15 -43.71 -45.96
N ILE D 453 -15.76 -44.28 -44.93
CA ILE D 453 -15.37 -45.60 -44.42
C ILE D 453 -16.63 -46.42 -44.13
N VAL D 454 -16.45 -47.71 -43.87
CA VAL D 454 -17.56 -48.63 -43.62
C VAL D 454 -18.34 -48.27 -42.34
N ASN D 455 -17.63 -47.90 -41.28
CA ASN D 455 -18.27 -47.63 -40.01
C ASN D 455 -19.08 -46.37 -40.03
N SER D 456 -20.06 -46.32 -39.14
CA SER D 456 -20.88 -45.14 -38.97
C SER D 456 -20.92 -44.74 -37.51
N GLY D 457 -20.92 -43.41 -37.30
CA GLY D 457 -20.99 -42.85 -35.95
C GLY D 457 -22.40 -42.47 -35.61
N VAL D 458 -23.33 -42.59 -36.57
CA VAL D 458 -24.68 -42.15 -36.26
C VAL D 458 -25.40 -43.10 -35.27
N GLY D 459 -26.22 -42.52 -34.39
CA GLY D 459 -27.06 -43.28 -33.49
C GLY D 459 -26.36 -43.72 -32.22
N VAL D 460 -26.54 -45.00 -31.88
CA VAL D 460 -26.07 -45.59 -30.59
C VAL D 460 -26.02 -44.57 -29.50
N GLY D 461 -27.22 -44.11 -29.14
CA GLY D 461 -27.39 -42.99 -28.25
C GLY D 461 -27.78 -43.34 -26.84
N SER D 462 -28.36 -42.36 -26.16
CA SER D 462 -28.71 -42.46 -24.76
C SER D 462 -29.86 -41.46 -24.53
N VAL D 463 -30.69 -41.71 -23.52
CA VAL D 463 -31.94 -40.96 -23.31
C VAL D 463 -32.10 -40.57 -21.84
N VAL D 464 -32.52 -39.33 -21.59
CA VAL D 464 -32.82 -38.93 -20.21
C VAL D 464 -34.04 -38.07 -20.25
N VAL D 465 -34.71 -37.97 -19.11
CA VAL D 465 -35.81 -37.05 -18.95
C VAL D 465 -35.42 -35.99 -17.94
N LYS D 466 -35.75 -34.73 -18.22
CA LYS D 466 -35.62 -33.71 -17.21
C LYS D 466 -36.87 -32.88 -17.27
N ASP D 467 -37.54 -32.76 -16.13
CA ASP D 467 -38.82 -32.08 -16.12
C ASP D 467 -39.77 -32.68 -17.19
N ASN D 468 -40.20 -31.83 -18.12
CA ASN D 468 -41.22 -32.16 -19.10
C ASN D 468 -40.63 -32.43 -20.50
N TYR D 469 -39.31 -32.63 -20.57
CA TYR D 469 -38.66 -32.96 -21.85
C TYR D 469 -37.94 -34.27 -21.76
N ILE D 470 -37.86 -34.94 -22.89
CA ILE D 470 -37.05 -36.14 -23.02
C ILE D 470 -35.95 -35.79 -24.02
N TYR D 471 -34.76 -36.29 -23.81
CA TYR D 471 -33.63 -35.94 -24.65
C TYR D 471 -32.95 -37.21 -25.12
N TYR D 472 -32.75 -37.28 -26.43
CA TYR D 472 -32.02 -38.37 -27.05
C TYR D 472 -30.66 -37.84 -27.54
N MET D 473 -29.58 -38.33 -26.92
CA MET D 473 -28.24 -37.91 -27.26
C MET D 473 -27.57 -38.97 -28.10
N PHE D 474 -27.15 -38.60 -29.30
CA PHE D 474 -26.72 -39.60 -30.28
C PHE D 474 -25.77 -38.98 -31.28
N GLY D 475 -25.10 -39.84 -32.04
CA GLY D 475 -24.11 -39.42 -33.03
C GLY D 475 -24.71 -39.12 -34.38
N GLY D 476 -24.04 -38.26 -35.13
CA GLY D 476 -24.39 -37.97 -36.51
C GLY D 476 -23.12 -37.54 -37.21
N GLU D 477 -23.03 -37.80 -38.51
CA GLU D 477 -21.87 -37.35 -39.27
C GLU D 477 -22.20 -36.11 -40.17
N ASP D 478 -21.22 -35.60 -40.91
CA ASP D 478 -21.46 -34.56 -41.92
C ASP D 478 -20.78 -35.09 -43.18
N HIS D 479 -20.70 -34.30 -44.24
CA HIS D 479 -20.14 -34.74 -45.49
C HIS D 479 -18.62 -34.65 -45.59
N PHE D 480 -17.94 -34.21 -44.54
CA PHE D 480 -16.48 -34.04 -44.60
C PHE D 480 -15.75 -35.36 -44.41
N ASN D 481 -15.11 -35.84 -45.47
CA ASN D 481 -14.36 -37.11 -45.40
C ASN D 481 -13.17 -37.08 -44.42
N PRO D 482 -13.00 -38.12 -43.59
CA PRO D 482 -11.82 -38.21 -42.70
C PRO D 482 -10.55 -38.51 -43.45
N TRP D 483 -10.66 -38.95 -44.72
CA TRP D 483 -9.51 -39.25 -45.59
C TRP D 483 -8.69 -40.45 -45.09
N THR D 484 -9.37 -41.41 -44.44
CA THR D 484 -8.77 -42.70 -44.07
C THR D 484 -8.28 -43.41 -45.34
N TYR D 485 -9.08 -43.35 -46.39
CA TYR D 485 -8.60 -43.68 -47.72
C TYR D 485 -8.32 -42.35 -48.40
N GLY D 486 -7.05 -41.95 -48.32
CA GLY D 486 -6.58 -40.63 -48.68
C GLY D 486 -5.30 -40.35 -47.90
N ASP D 487 -5.07 -39.09 -47.59
CA ASP D 487 -3.79 -38.69 -47.01
C ASP D 487 -3.73 -38.87 -45.48
N ASN D 488 -4.77 -39.46 -44.92
CA ASN D 488 -4.85 -39.55 -43.49
C ASN D 488 -5.22 -40.96 -42.96
N SER D 489 -4.52 -41.97 -43.48
CA SER D 489 -4.81 -43.31 -42.98
C SER D 489 -4.36 -43.50 -41.50
N ALA D 490 -3.48 -42.62 -41.03
CA ALA D 490 -3.11 -42.54 -39.62
C ALA D 490 -4.28 -42.04 -38.75
N LYS D 491 -5.31 -41.47 -39.38
CA LYS D 491 -6.52 -41.00 -38.69
C LYS D 491 -6.25 -39.87 -37.67
N ASP D 492 -5.17 -39.12 -37.91
CA ASP D 492 -4.90 -37.91 -37.14
C ASP D 492 -6.13 -36.96 -37.13
N PRO D 493 -6.74 -36.73 -35.96
CA PRO D 493 -7.88 -35.81 -35.84
C PRO D 493 -7.58 -34.39 -36.30
N PHE D 494 -6.34 -33.94 -36.19
CA PHE D 494 -6.04 -32.53 -36.42
C PHE D 494 -5.56 -32.16 -37.83
N LYS D 495 -5.59 -33.14 -38.72
CA LYS D 495 -5.38 -32.86 -40.14
C LYS D 495 -6.73 -32.61 -40.81
N SER D 496 -6.80 -31.55 -41.62
CA SER D 496 -8.00 -31.28 -42.43
C SER D 496 -9.23 -31.14 -41.52
N ASP D 497 -10.32 -31.81 -41.87
CA ASP D 497 -11.56 -31.66 -41.09
C ASP D 497 -11.69 -32.67 -39.99
N GLY D 498 -10.64 -33.45 -39.74
CA GLY D 498 -10.71 -34.50 -38.74
C GLY D 498 -11.86 -35.47 -39.02
N HIS D 499 -12.52 -35.93 -37.95
CA HIS D 499 -13.57 -36.92 -38.07
C HIS D 499 -14.98 -36.35 -38.01
N PRO D 500 -15.80 -36.78 -38.96
CA PRO D 500 -17.15 -36.21 -39.16
C PRO D 500 -18.15 -36.47 -38.05
N SER D 501 -17.90 -37.47 -37.23
CA SER D 501 -18.86 -37.87 -36.22
C SER D 501 -18.88 -36.91 -35.04
N ASP D 502 -20.07 -36.42 -34.69
CA ASP D 502 -20.26 -35.51 -33.57
C ASP D 502 -21.60 -35.78 -32.93
N LEU D 503 -21.85 -35.22 -31.75
CA LEU D 503 -23.07 -35.56 -31.00
C LEU D 503 -24.18 -34.58 -31.27
N TYR D 504 -25.39 -35.13 -31.31
CA TYR D 504 -26.61 -34.36 -31.46
C TYR D 504 -27.57 -34.67 -30.32
N CYS D 505 -28.55 -33.80 -30.09
CA CYS D 505 -29.56 -34.06 -29.08
C CYS D 505 -30.95 -33.68 -29.58
N TYR D 506 -31.85 -34.66 -29.65
CA TYR D 506 -33.25 -34.40 -29.91
C TYR D 506 -33.99 -34.19 -28.59
N LYS D 507 -34.56 -32.99 -28.47
CA LYS D 507 -35.29 -32.52 -27.30
C LYS D 507 -36.77 -32.54 -27.63
N MET D 508 -37.51 -33.42 -26.99
CA MET D 508 -38.93 -33.59 -27.28
C MET D 508 -39.76 -33.33 -26.03
N LYS D 509 -40.81 -32.53 -26.23
CA LYS D 509 -41.76 -32.20 -25.19
C LYS D 509 -42.66 -33.38 -24.83
N ILE D 510 -42.81 -33.61 -23.53
CA ILE D 510 -43.32 -34.86 -23.01
C ILE D 510 -44.47 -34.62 -22.03
N GLY D 511 -44.63 -33.36 -21.63
CA GLY D 511 -45.68 -32.95 -20.72
C GLY D 511 -45.80 -31.45 -20.77
N PRO D 512 -46.84 -30.90 -20.14
CA PRO D 512 -47.16 -29.48 -20.28
C PRO D 512 -46.11 -28.56 -19.69
N ASP D 513 -45.89 -27.41 -20.32
CA ASP D 513 -44.92 -26.42 -19.90
C ASP D 513 -45.71 -25.26 -19.41
N ASN D 514 -45.75 -25.05 -18.09
CA ASN D 514 -46.58 -24.00 -17.48
C ASN D 514 -45.80 -22.72 -17.25
N ARG D 515 -44.68 -22.59 -17.95
CA ARG D 515 -43.90 -21.35 -17.95
C ARG D 515 -43.77 -20.74 -19.35
N VAL D 516 -43.57 -19.44 -19.36
CA VAL D 516 -43.30 -18.69 -20.56
C VAL D 516 -41.97 -19.25 -21.10
N SER D 517 -41.69 -19.05 -22.39
CA SER D 517 -40.46 -19.58 -23.01
C SER D 517 -39.12 -19.15 -22.38
N ARG D 518 -38.22 -20.13 -22.24
CA ARG D 518 -36.82 -19.86 -21.88
C ARG D 518 -35.91 -19.80 -23.13
N ASP D 519 -36.45 -20.03 -24.33
CA ASP D 519 -35.60 -20.06 -25.52
C ASP D 519 -34.93 -18.72 -25.87
N PHE D 520 -33.66 -18.82 -26.26
CA PHE D 520 -32.95 -17.67 -26.77
C PHE D 520 -32.24 -18.05 -28.04
N ARG D 521 -31.98 -17.07 -28.90
CA ARG D 521 -31.06 -17.28 -29.99
C ARG D 521 -29.67 -16.95 -29.45
N TYR D 522 -28.68 -17.78 -29.79
CA TYR D 522 -27.32 -17.58 -29.28
C TYR D 522 -26.55 -16.59 -30.19
N GLY D 523 -26.21 -15.42 -29.62
CA GLY D 523 -25.58 -14.35 -30.37
C GLY D 523 -24.26 -13.88 -29.78
N ALA D 524 -23.78 -14.60 -28.77
CA ALA D 524 -22.55 -14.27 -28.07
C ALA D 524 -21.32 -14.86 -28.75
N VAL D 525 -20.15 -14.27 -28.50
CA VAL D 525 -18.90 -14.92 -28.88
C VAL D 525 -18.67 -16.02 -27.86
N PRO D 526 -18.50 -17.26 -28.32
CA PRO D 526 -18.30 -18.35 -27.36
C PRO D 526 -16.97 -18.06 -26.74
N ASN D 527 -16.92 -18.00 -25.42
CA ASN D 527 -15.75 -17.48 -24.75
C ASN D 527 -15.42 -18.25 -23.47
N ARG D 528 -15.74 -19.54 -23.46
CA ARG D 528 -15.36 -20.41 -22.33
C ARG D 528 -14.13 -21.26 -22.63
N ALA D 529 -14.03 -21.73 -23.88
CA ALA D 529 -12.98 -22.64 -24.26
C ALA D 529 -11.62 -21.92 -24.28
N VAL D 530 -11.56 -20.78 -24.97
CA VAL D 530 -10.37 -19.93 -24.95
C VAL D 530 -10.87 -18.50 -24.63
N PRO D 531 -10.99 -18.17 -23.36
CA PRO D 531 -11.62 -16.91 -22.96
C PRO D 531 -10.78 -15.73 -23.42
N VAL D 532 -11.31 -14.89 -24.31
CA VAL D 532 -10.54 -13.76 -24.86
C VAL D 532 -11.20 -12.45 -24.49
N PHE D 533 -10.39 -11.48 -24.11
CA PHE D 533 -10.87 -10.15 -23.75
C PHE D 533 -9.94 -9.19 -24.41
N PHE D 534 -10.48 -8.15 -25.05
CA PHE D 534 -9.64 -7.08 -25.59
C PHE D 534 -9.24 -6.25 -24.40
N ASP D 535 -7.93 -6.20 -24.10
CA ASP D 535 -7.43 -5.39 -23.00
C ASP D 535 -7.53 -3.86 -23.26
N THR D 536 -7.18 -3.04 -22.27
CA THR D 536 -7.33 -1.60 -22.40
C THR D 536 -6.44 -1.10 -23.52
N ASN D 537 -5.54 -1.96 -23.94
CA ASN D 537 -4.55 -1.63 -24.94
C ASN D 537 -4.98 -2.11 -26.36
N GLY D 538 -6.18 -2.70 -26.46
CA GLY D 538 -6.71 -3.16 -27.74
C GLY D 538 -6.14 -4.50 -28.23
N VAL D 539 -5.52 -5.27 -27.32
CA VAL D 539 -4.94 -6.56 -27.66
C VAL D 539 -5.69 -7.73 -27.00
N ARG D 540 -5.98 -8.78 -27.79
CA ARG D 540 -6.66 -9.98 -27.32
C ARG D 540 -5.89 -10.57 -26.15
N THR D 541 -6.58 -10.78 -25.03
CA THR D 541 -5.95 -11.33 -23.82
C THR D 541 -6.66 -12.59 -23.30
N VAL D 542 -5.91 -13.67 -23.19
CA VAL D 542 -6.40 -14.89 -22.53
C VAL D 542 -5.89 -15.03 -21.06
N PRO D 543 -6.75 -14.86 -20.07
CA PRO D 543 -6.29 -14.95 -18.69
C PRO D 543 -6.34 -16.35 -18.15
N ALA D 544 -6.94 -17.31 -18.85
CA ALA D 544 -7.03 -18.69 -18.34
C ALA D 544 -5.70 -19.43 -18.52
N PRO D 545 -5.30 -20.26 -17.57
CA PRO D 545 -4.14 -21.13 -17.78
C PRO D 545 -4.45 -22.16 -18.88
N MET D 546 -3.48 -22.52 -19.70
CA MET D 546 -3.75 -23.43 -20.81
C MET D 546 -2.58 -24.33 -21.10
N GLU D 547 -2.86 -25.48 -21.71
CA GLU D 547 -1.81 -26.38 -22.21
C GLU D 547 -1.91 -26.49 -23.72
N PHE D 548 -0.77 -26.34 -24.39
CA PHE D 548 -0.69 -26.68 -25.80
C PHE D 548 0.22 -27.88 -25.88
N THR D 549 -0.30 -29.01 -26.34
CA THR D 549 0.52 -30.20 -26.45
C THR D 549 0.97 -30.53 -27.90
N GLY D 550 0.27 -29.97 -28.90
CA GLY D 550 0.70 -30.07 -30.29
C GLY D 550 1.88 -29.15 -30.55
N ASP D 551 2.62 -29.41 -31.62
CA ASP D 551 3.76 -28.59 -31.98
C ASP D 551 3.33 -27.16 -32.19
N LEU D 552 4.12 -26.26 -31.66
CA LEU D 552 3.82 -24.86 -31.71
C LEU D 552 4.88 -24.17 -32.56
N GLY D 553 4.45 -23.29 -33.47
CA GLY D 553 5.34 -22.35 -34.13
C GLY D 553 4.96 -20.96 -33.66
N LEU D 554 5.91 -20.22 -33.09
CA LEU D 554 5.63 -18.88 -32.61
C LEU D 554 6.40 -17.84 -33.39
N GLY D 555 5.89 -16.62 -33.44
CA GLY D 555 6.59 -15.50 -34.05
C GLY D 555 7.45 -14.76 -33.03
N HIS D 556 7.37 -13.44 -32.98
CA HIS D 556 8.03 -12.69 -31.92
C HIS D 556 7.38 -13.04 -30.59
N VAL D 557 8.22 -13.30 -29.60
CA VAL D 557 7.76 -13.67 -28.27
C VAL D 557 8.32 -12.77 -27.19
N THR D 558 7.44 -12.29 -26.33
CA THR D 558 7.84 -11.56 -25.12
C THR D 558 7.36 -12.32 -23.89
N ILE D 559 8.27 -12.62 -22.99
CA ILE D 559 7.95 -13.27 -21.74
C ILE D 559 7.79 -12.17 -20.70
N ARG D 560 6.56 -11.92 -20.26
CA ARG D 560 6.27 -10.83 -19.33
C ARG D 560 6.61 -11.18 -17.89
N ALA D 561 6.74 -10.16 -17.06
CA ALA D 561 6.91 -10.36 -15.63
C ALA D 561 5.70 -11.09 -15.13
N SER D 562 5.93 -12.14 -14.34
CA SER D 562 4.85 -13.03 -13.90
C SER D 562 5.03 -13.59 -12.51
N THR D 563 6.26 -13.65 -12.03
CA THR D 563 6.59 -14.54 -10.94
C THR D 563 7.25 -13.83 -9.78
N SER D 564 6.83 -14.23 -8.57
CA SER D 564 7.45 -13.77 -7.33
C SER D 564 7.24 -12.24 -7.17
N SER D 565 5.97 -11.88 -6.91
CA SER D 565 5.51 -10.49 -6.93
C SER D 565 5.85 -9.78 -8.27
N ASN D 566 5.77 -10.55 -9.38
CA ASN D 566 6.12 -10.07 -10.74
C ASN D 566 7.49 -9.36 -10.82
N ILE D 567 8.43 -9.78 -9.99
CA ILE D 567 9.78 -9.25 -10.15
C ILE D 567 10.46 -9.83 -11.40
N ARG D 568 10.10 -11.07 -11.77
CA ARG D 568 10.79 -11.74 -12.89
C ARG D 568 9.88 -12.36 -13.93
N SER D 569 10.41 -12.50 -15.13
CA SER D 569 9.80 -13.31 -16.15
C SER D 569 10.47 -14.69 -16.01
N GLU D 570 9.72 -15.75 -16.30
CA GLU D 570 10.18 -17.12 -16.01
C GLU D 570 9.77 -18.14 -17.07
N VAL D 571 10.76 -18.89 -17.55
CA VAL D 571 10.51 -20.05 -18.37
C VAL D 571 11.12 -21.20 -17.59
N LEU D 572 10.34 -22.27 -17.38
CA LEU D 572 10.85 -23.49 -16.76
C LEU D 572 10.86 -24.62 -17.79
N MET D 573 11.93 -25.41 -17.82
CA MET D 573 12.03 -26.53 -18.76
C MET D 573 11.89 -27.88 -18.06
N GLU D 574 10.98 -28.70 -18.55
CA GLU D 574 10.77 -30.02 -17.91
C GLU D 574 11.52 -31.18 -18.59
N GLY D 575 11.11 -32.41 -18.34
CA GLY D 575 11.82 -33.54 -18.87
C GLY D 575 13.10 -33.83 -18.08
N GLU D 576 13.89 -34.80 -18.54
CA GLU D 576 15.18 -35.09 -17.93
C GLU D 576 16.12 -33.91 -18.18
N TYR D 577 16.07 -33.39 -19.40
CA TYR D 577 16.88 -32.22 -19.75
C TYR D 577 16.13 -31.31 -20.72
N GLY D 578 16.49 -30.03 -20.72
CA GLY D 578 15.96 -29.08 -21.66
C GLY D 578 16.96 -28.85 -22.77
N PHE D 579 16.47 -28.54 -23.96
CA PHE D 579 17.35 -28.21 -25.06
C PHE D 579 16.85 -26.95 -25.77
N ILE D 580 17.75 -25.95 -25.85
CA ILE D 580 17.46 -24.72 -26.60
C ILE D 580 18.47 -24.68 -27.70
N GLY D 581 18.02 -24.75 -28.94
CA GLY D 581 18.93 -24.87 -30.06
C GLY D 581 18.55 -24.04 -31.27
N LYS D 582 19.31 -24.21 -32.35
CA LYS D 582 19.24 -23.30 -33.48
C LYS D 582 19.12 -24.06 -34.80
N SER D 583 18.02 -23.87 -35.51
CA SER D 583 17.79 -24.58 -36.75
C SER D 583 18.90 -24.20 -37.76
N ILE D 584 19.12 -25.02 -38.78
CA ILE D 584 19.97 -24.61 -39.89
C ILE D 584 19.22 -23.53 -40.71
N PRO D 585 19.81 -22.34 -40.85
CA PRO D 585 19.17 -21.26 -41.59
C PRO D 585 18.97 -21.66 -43.07
N THR D 586 17.84 -21.25 -43.64
CA THR D 586 17.51 -21.50 -45.04
C THR D 586 18.33 -20.66 -46.00
N ASP D 587 18.42 -19.36 -45.77
CA ASP D 587 19.12 -18.49 -46.75
C ASP D 587 20.63 -18.33 -46.50
N ASN D 588 21.00 -18.18 -45.23
CA ASN D 588 22.42 -17.95 -44.93
C ASN D 588 22.92 -18.85 -43.81
N PRO D 589 23.09 -20.13 -44.10
CA PRO D 589 23.54 -21.11 -43.10
C PRO D 589 24.87 -20.75 -42.49
N ALA D 590 25.65 -19.94 -43.20
CA ALA D 590 26.95 -19.51 -42.73
C ALA D 590 26.85 -18.57 -41.51
N GLY D 591 25.63 -18.09 -41.23
CA GLY D 591 25.38 -17.22 -40.10
C GLY D 591 24.87 -17.92 -38.84
N GLN D 592 24.61 -19.23 -38.93
CA GLN D 592 23.98 -19.98 -37.86
C GLN D 592 24.58 -19.70 -36.47
N ARG D 593 23.74 -19.20 -35.55
CA ARG D 593 24.14 -18.86 -34.18
C ARG D 593 22.93 -18.45 -33.32
N ILE D 594 23.09 -18.51 -32.00
CA ILE D 594 22.18 -17.84 -31.06
C ILE D 594 22.96 -16.88 -30.22
N ILE D 595 22.40 -15.70 -30.06
CA ILE D 595 22.97 -14.70 -29.16
C ILE D 595 22.11 -14.66 -27.92
N PHE D 596 22.72 -14.91 -26.78
CA PHE D 596 22.08 -14.71 -25.48
C PHE D 596 22.53 -13.38 -24.94
N CYS D 597 21.63 -12.56 -24.42
CA CYS D 597 21.99 -11.20 -24.05
C CYS D 597 21.30 -10.71 -22.80
N GLY D 598 22.06 -10.09 -21.90
CA GLY D 598 21.51 -9.61 -20.65
C GLY D 598 20.80 -8.27 -20.82
N GLY D 599 20.82 -7.73 -22.03
CA GLY D 599 20.17 -6.49 -22.35
C GLY D 599 19.20 -6.62 -23.52
N GLU D 600 18.72 -5.49 -24.02
CA GLU D 600 17.55 -5.44 -24.88
C GLU D 600 17.79 -5.63 -26.38
N GLY D 601 19.02 -5.47 -26.83
CA GLY D 601 19.27 -5.54 -28.26
C GLY D 601 20.41 -6.45 -28.64
N THR D 602 20.58 -6.67 -29.94
CA THR D 602 21.62 -7.54 -30.44
C THR D 602 22.99 -6.91 -30.28
N SER D 603 23.03 -5.61 -30.10
CA SER D 603 24.29 -4.90 -29.89
C SER D 603 24.81 -5.21 -28.47
N SER D 604 26.06 -5.65 -28.37
CA SER D 604 26.70 -5.97 -27.07
C SER D 604 26.75 -4.70 -26.20
N THR D 605 26.50 -3.58 -26.86
CA THR D 605 26.35 -2.30 -26.22
C THR D 605 25.27 -2.34 -25.14
N THR D 606 24.27 -3.19 -25.32
CA THR D 606 23.11 -3.23 -24.42
C THR D 606 23.23 -4.16 -23.23
N GLY D 607 24.21 -5.06 -23.24
CA GLY D 607 24.36 -6.03 -22.17
C GLY D 607 25.40 -7.07 -22.51
N ALA D 608 25.79 -7.78 -21.47
CA ALA D 608 26.68 -8.92 -21.62
C ALA D 608 26.09 -9.95 -22.59
N GLN D 609 26.96 -10.59 -23.36
CA GLN D 609 26.53 -11.56 -24.38
C GLN D 609 27.35 -12.84 -24.38
N ILE D 610 26.67 -13.96 -24.58
CA ILE D 610 27.32 -15.18 -25.04
C ILE D 610 26.68 -15.58 -26.37
N THR D 611 27.53 -15.87 -27.35
CA THR D 611 27.08 -16.25 -28.66
C THR D 611 27.61 -17.63 -28.99
N LEU D 612 26.71 -18.58 -29.26
CA LEU D 612 27.08 -19.92 -29.66
C LEU D 612 26.88 -20.03 -31.17
N TYR D 613 27.97 -20.31 -31.87
CA TYR D 613 27.97 -20.44 -33.32
C TYR D 613 27.70 -21.89 -33.74
N GLY D 614 26.87 -22.07 -34.75
CA GLY D 614 26.52 -23.42 -35.19
C GLY D 614 27.68 -24.08 -35.95
N ALA D 615 27.60 -25.40 -36.13
CA ALA D 615 28.64 -26.07 -36.93
C ALA D 615 28.69 -25.54 -38.37
N ASN D 616 27.56 -25.11 -38.92
CA ASN D 616 27.50 -24.50 -40.27
C ASN D 616 28.03 -23.10 -40.42
N ASN D 617 28.29 -22.44 -39.30
CA ASN D 617 28.74 -21.06 -39.33
C ASN D 617 30.15 -20.99 -39.85
N THR D 618 30.44 -19.92 -40.61
CA THR D 618 31.79 -19.62 -41.05
C THR D 618 32.79 -19.89 -39.92
N ASP D 619 32.49 -19.35 -38.72
CA ASP D 619 33.28 -19.63 -37.51
C ASP D 619 32.69 -20.84 -36.79
N SER D 620 32.98 -22.03 -37.34
CA SER D 620 32.35 -23.28 -36.95
C SER D 620 32.51 -23.62 -35.44
N ARG D 621 31.39 -23.68 -34.72
CA ARG D 621 31.38 -24.03 -33.30
C ARG D 621 32.13 -23.02 -32.41
N ARG D 622 32.24 -21.77 -32.84
CA ARG D 622 32.87 -20.77 -32.02
C ARG D 622 31.94 -20.35 -30.89
N ILE D 623 32.51 -20.04 -29.74
CA ILE D 623 31.80 -19.32 -28.67
C ILE D 623 32.54 -18.01 -28.42
N VAL D 624 31.79 -16.90 -28.40
CA VAL D 624 32.31 -15.60 -27.98
C VAL D 624 31.61 -15.17 -26.71
N TYR D 625 32.39 -14.98 -25.65
CA TYR D 625 31.87 -14.51 -24.37
C TYR D 625 32.23 -13.04 -24.27
N ASN D 626 31.23 -12.18 -24.16
CA ASN D 626 31.44 -10.72 -24.24
C ASN D 626 30.78 -9.97 -23.08
N GLY D 627 31.59 -9.57 -22.11
CA GLY D 627 31.09 -8.77 -21.01
C GLY D 627 32.16 -7.80 -20.55
N ASP D 628 31.82 -6.87 -19.65
CA ASP D 628 32.85 -5.99 -19.07
C ASP D 628 33.51 -6.65 -17.84
N GLU D 629 32.96 -7.77 -17.40
CA GLU D 629 33.63 -8.65 -16.43
C GLU D 629 33.24 -10.09 -16.71
N HIS D 630 34.21 -10.98 -16.60
CA HIS D 630 34.01 -12.39 -16.68
C HIS D 630 34.45 -12.90 -15.32
N LEU D 631 33.49 -13.24 -14.46
CA LEU D 631 33.81 -13.70 -13.11
C LEU D 631 33.43 -15.17 -12.97
N PHE D 632 34.41 -16.00 -12.61
CA PHE D 632 34.19 -17.42 -12.46
C PHE D 632 34.10 -17.77 -10.97
N GLN D 633 32.89 -18.12 -10.54
CA GLN D 633 32.62 -18.31 -9.12
C GLN D 633 32.49 -19.80 -8.75
N SER D 634 32.88 -20.12 -7.52
CA SER D 634 32.69 -21.42 -6.86
C SER D 634 33.59 -22.56 -7.29
N ALA D 635 34.28 -22.43 -8.41
CA ALA D 635 35.04 -23.57 -8.93
C ALA D 635 36.25 -23.10 -9.70
N ASP D 636 37.29 -23.93 -9.79
CA ASP D 636 38.43 -23.67 -10.67
C ASP D 636 38.02 -23.63 -12.13
N VAL D 637 38.76 -22.83 -12.89
CA VAL D 637 38.57 -22.75 -14.35
C VAL D 637 39.48 -23.80 -14.98
N LYS D 638 38.89 -24.87 -15.51
CA LYS D 638 39.70 -25.97 -15.99
C LYS D 638 39.36 -26.42 -17.39
N PRO D 639 40.33 -27.02 -18.07
CA PRO D 639 40.05 -27.72 -19.33
C PRO D 639 39.42 -29.10 -19.08
N TYR D 640 38.52 -29.49 -19.97
CA TYR D 640 37.80 -30.75 -19.90
C TYR D 640 38.80 -31.90 -19.82
N ASN D 641 39.82 -31.85 -20.66
CA ASN D 641 40.81 -32.92 -20.76
C ASN D 641 42.15 -32.55 -20.18
N ASP D 642 42.98 -33.56 -19.93
CA ASP D 642 44.29 -33.29 -19.34
C ASP D 642 45.39 -33.09 -20.35
N ASN D 643 46.07 -31.97 -20.20
CA ASN D 643 47.22 -31.61 -21.04
C ASN D 643 46.93 -31.66 -22.54
N VAL D 644 45.77 -31.15 -22.92
CA VAL D 644 45.39 -31.16 -24.33
C VAL D 644 45.12 -29.74 -24.83
N THR D 645 44.46 -28.90 -24.03
CA THR D 645 44.27 -27.51 -24.47
C THR D 645 45.05 -26.53 -23.62
N ALA D 646 45.19 -25.33 -24.17
CA ALA D 646 46.01 -24.28 -23.59
C ALA D 646 45.21 -23.06 -23.12
N LEU D 647 45.89 -22.22 -22.33
CA LEU D 647 45.39 -20.89 -22.03
C LEU D 647 46.05 -19.98 -23.03
N GLY D 648 45.22 -19.29 -23.82
CA GLY D 648 45.70 -18.42 -24.86
C GLY D 648 46.22 -19.15 -26.08
N GLY D 649 46.82 -18.36 -26.97
CA GLY D 649 47.50 -18.86 -28.15
C GLY D 649 48.46 -17.79 -28.65
N PRO D 650 49.32 -18.12 -29.62
CA PRO D 650 50.36 -17.18 -30.06
C PRO D 650 49.81 -15.84 -30.60
N SER D 651 48.57 -15.83 -31.06
CA SER D 651 47.98 -14.56 -31.52
C SER D 651 46.87 -14.08 -30.60
N ASN D 652 46.61 -14.84 -29.53
CA ASN D 652 45.63 -14.47 -28.53
C ASN D 652 46.26 -14.69 -27.16
N ARG D 653 47.20 -13.80 -26.86
CA ARG D 653 47.97 -13.83 -25.62
C ARG D 653 47.19 -13.09 -24.53
N PHE D 654 47.09 -13.68 -23.34
CA PHE D 654 46.69 -12.83 -22.19
C PHE D 654 47.87 -11.94 -21.83
N THR D 655 47.59 -10.74 -21.31
CA THR D 655 48.68 -9.84 -20.90
C THR D 655 49.60 -10.46 -19.86
N THR D 656 49.00 -11.24 -18.93
CA THR D 656 49.66 -11.78 -17.75
C THR D 656 48.68 -12.66 -16.98
N ALA D 657 49.16 -13.33 -15.95
CA ALA D 657 48.29 -14.10 -15.06
C ALA D 657 48.56 -13.61 -13.64
N TYR D 658 47.52 -13.16 -12.95
CA TYR D 658 47.63 -12.80 -11.52
C TYR D 658 47.37 -14.04 -10.65
N LEU D 659 48.44 -14.49 -10.00
CA LEU D 659 48.47 -15.75 -9.28
C LEU D 659 48.93 -15.51 -7.86
N GLY D 660 48.51 -16.38 -6.93
CA GLY D 660 48.89 -16.27 -5.53
C GLY D 660 50.12 -17.11 -5.23
N SER D 661 50.61 -17.80 -6.25
CA SER D 661 51.81 -18.64 -6.18
C SER D 661 52.19 -19.04 -7.61
N ASN D 662 53.44 -19.43 -7.77
CA ASN D 662 53.94 -19.85 -9.08
C ASN D 662 53.17 -21.05 -9.67
N PRO D 663 53.09 -21.09 -10.99
CA PRO D 663 52.49 -22.22 -11.72
C PRO D 663 53.02 -23.56 -11.23
N ILE D 664 52.16 -24.55 -11.13
CA ILE D 664 52.67 -25.88 -10.86
C ILE D 664 52.75 -26.63 -12.20
N VAL D 665 53.97 -26.76 -12.68
CA VAL D 665 54.28 -27.35 -13.98
C VAL D 665 54.81 -28.79 -13.89
N THR D 666 54.55 -29.58 -14.91
CA THR D 666 54.61 -31.01 -14.70
C THR D 666 54.50 -31.66 -16.05
N SER E 1 -66.73 -22.70 -24.68
CA SER E 1 -65.65 -21.90 -25.37
C SER E 1 -65.19 -20.67 -24.54
N ALA E 2 -63.91 -20.31 -24.74
CA ALA E 2 -63.28 -19.29 -23.89
C ALA E 2 -63.83 -17.91 -24.17
N LYS E 3 -63.93 -17.07 -23.14
CA LYS E 3 -64.38 -15.70 -23.33
C LYS E 3 -63.24 -14.78 -23.78
N GLY E 4 -62.05 -14.94 -23.17
CA GLY E 4 -60.91 -14.10 -23.49
C GLY E 4 -61.23 -12.62 -23.34
N ASP E 5 -61.86 -12.27 -22.21
CA ASP E 5 -62.12 -10.89 -21.87
C ASP E 5 -61.16 -10.41 -20.78
N GLY E 6 -60.31 -11.29 -20.26
CA GLY E 6 -59.38 -10.89 -19.23
C GLY E 6 -59.93 -10.85 -17.80
N VAL E 7 -61.21 -11.19 -17.64
CA VAL E 7 -61.77 -11.24 -16.28
C VAL E 7 -62.49 -12.57 -16.00
N THR E 8 -63.21 -13.09 -17.01
CA THR E 8 -63.96 -14.34 -16.87
C THR E 8 -63.01 -15.54 -16.80
N ASP E 9 -63.23 -16.41 -15.84
CA ASP E 9 -62.31 -17.51 -15.67
C ASP E 9 -62.42 -18.53 -16.84
N ASP E 10 -61.32 -18.70 -17.58
CA ASP E 10 -61.35 -19.51 -18.79
C ASP E 10 -60.59 -20.84 -18.60
N THR E 11 -60.11 -21.07 -17.37
CA THR E 11 -59.40 -22.29 -17.02
C THR E 11 -60.04 -23.54 -17.67
N ALA E 12 -61.29 -23.83 -17.32
CA ALA E 12 -61.94 -25.06 -17.81
C ALA E 12 -62.08 -25.09 -19.33
N ALA E 13 -62.56 -23.98 -19.92
CA ALA E 13 -62.64 -23.88 -21.37
C ALA E 13 -61.29 -24.14 -22.09
N LEU E 14 -60.21 -23.56 -21.56
CA LEU E 14 -58.90 -23.79 -22.14
C LEU E 14 -58.46 -25.26 -21.95
N THR E 15 -58.76 -25.84 -20.79
CA THR E 15 -58.39 -27.21 -20.52
C THR E 15 -59.07 -28.14 -21.51
N SER E 16 -60.37 -27.96 -21.72
CA SER E 16 -61.05 -28.82 -22.70
C SER E 16 -60.48 -28.65 -24.13
N ALA E 17 -60.26 -27.40 -24.54
CA ALA E 17 -59.62 -27.14 -25.82
C ALA E 17 -58.31 -27.93 -26.00
N LEU E 18 -57.39 -27.79 -25.03
CA LEU E 18 -56.11 -28.50 -25.07
C LEU E 18 -56.29 -30.04 -25.17
N ASN E 19 -57.26 -30.58 -24.42
CA ASN E 19 -57.50 -32.03 -24.44
C ASN E 19 -58.06 -32.50 -25.77
N ASP E 20 -58.79 -31.59 -26.43
CA ASP E 20 -59.50 -31.85 -27.70
C ASP E 20 -58.65 -31.70 -28.96
N THR E 21 -57.51 -31.02 -28.86
CA THR E 21 -56.71 -30.73 -30.04
C THR E 21 -55.34 -31.50 -29.98
N PRO E 22 -54.74 -31.75 -31.16
CA PRO E 22 -53.45 -32.48 -31.21
C PRO E 22 -52.34 -31.60 -30.64
N VAL E 23 -51.39 -32.23 -29.95
CA VAL E 23 -50.29 -31.53 -29.26
C VAL E 23 -49.46 -30.60 -30.16
N GLY E 24 -49.52 -30.86 -31.47
CA GLY E 24 -48.72 -30.12 -32.44
C GLY E 24 -49.40 -28.85 -32.95
N GLN E 25 -50.71 -28.78 -32.78
CA GLN E 25 -51.45 -27.62 -33.22
C GLN E 25 -51.22 -26.40 -32.32
N LYS E 26 -50.77 -25.32 -32.97
CA LYS E 26 -50.59 -24.04 -32.30
C LYS E 26 -51.99 -23.46 -32.08
N ILE E 27 -52.48 -23.41 -30.84
CA ILE E 27 -53.78 -22.80 -30.60
C ILE E 27 -53.67 -21.26 -30.61
N ASN E 28 -54.41 -20.62 -31.52
CA ASN E 28 -54.35 -19.17 -31.69
C ASN E 28 -55.32 -18.42 -30.76
N GLY E 29 -54.77 -17.59 -29.88
CA GLY E 29 -55.61 -16.86 -28.95
C GLY E 29 -56.07 -15.52 -29.45
N ASN E 30 -55.76 -15.23 -30.71
CA ASN E 30 -56.22 -14.00 -31.38
C ASN E 30 -55.86 -12.69 -30.67
N GLY E 31 -54.76 -12.67 -29.93
CA GLY E 31 -54.33 -11.45 -29.28
C GLY E 31 -55.10 -11.14 -28.00
N LYS E 32 -55.95 -12.06 -27.60
CA LYS E 32 -56.79 -11.83 -26.44
C LYS E 32 -56.10 -12.25 -25.13
N THR E 33 -56.63 -11.73 -24.02
CA THR E 33 -56.16 -12.07 -22.69
C THR E 33 -57.14 -13.02 -21.95
N TYR E 34 -56.63 -14.14 -21.45
CA TYR E 34 -57.47 -15.17 -20.85
C TYR E 34 -57.13 -15.31 -19.40
N LYS E 35 -58.12 -15.05 -18.53
CA LYS E 35 -57.91 -15.21 -17.09
C LYS E 35 -57.95 -16.69 -16.70
N VAL E 36 -56.96 -17.10 -15.90
CA VAL E 36 -56.86 -18.50 -15.45
C VAL E 36 -56.56 -18.64 -13.94
N THR E 37 -56.87 -19.81 -13.38
CA THR E 37 -56.59 -20.08 -11.97
C THR E 37 -55.31 -20.90 -11.79
N SER E 38 -54.83 -21.46 -12.89
CA SER E 38 -53.46 -21.97 -12.99
C SER E 38 -52.99 -21.85 -14.44
N LEU E 39 -51.68 -21.69 -14.62
CA LEU E 39 -51.16 -21.55 -15.98
C LEU E 39 -51.25 -22.89 -16.70
N PRO E 40 -51.81 -22.84 -17.91
CA PRO E 40 -51.90 -24.03 -18.76
C PRO E 40 -50.57 -24.29 -19.48
N ASP E 41 -50.60 -25.21 -20.45
CA ASP E 41 -49.44 -25.47 -21.28
C ASP E 41 -49.19 -24.29 -22.23
N ILE E 42 -48.42 -23.31 -21.79
CA ILE E 42 -48.25 -22.08 -22.57
C ILE E 42 -47.63 -22.38 -23.95
N SER E 43 -46.76 -23.40 -24.01
CA SER E 43 -46.04 -23.75 -25.24
C SER E 43 -47.00 -24.15 -26.35
N ARG E 44 -48.23 -24.50 -26.02
CA ARG E 44 -49.17 -24.91 -27.07
C ARG E 44 -49.95 -23.74 -27.67
N PHE E 45 -49.74 -22.55 -27.15
CA PHE E 45 -50.49 -21.38 -27.61
C PHE E 45 -49.63 -20.45 -28.46
N ILE E 46 -50.24 -19.82 -29.45
CA ILE E 46 -49.62 -18.65 -30.07
C ILE E 46 -50.53 -17.46 -29.93
N ASN E 47 -49.94 -16.26 -29.95
CA ASN E 47 -50.71 -15.02 -29.99
C ASN E 47 -51.77 -14.95 -28.84
N THR E 48 -51.31 -15.29 -27.63
CA THR E 48 -52.17 -15.46 -26.46
C THR E 48 -51.50 -14.86 -25.24
N ARG E 49 -52.31 -14.17 -24.44
CA ARG E 49 -51.84 -13.65 -23.15
C ARG E 49 -52.68 -14.25 -22.02
N PHE E 50 -52.03 -14.60 -20.92
CA PHE E 50 -52.75 -15.05 -19.74
C PHE E 50 -52.66 -14.06 -18.60
N VAL E 51 -53.78 -13.86 -17.89
CA VAL E 51 -53.77 -13.22 -16.57
C VAL E 51 -53.92 -14.30 -15.51
N TYR E 52 -53.04 -14.26 -14.53
CA TYR E 52 -52.99 -15.26 -13.49
C TYR E 52 -52.55 -14.64 -12.19
N GLU E 53 -53.28 -14.98 -11.13
CA GLU E 53 -52.94 -14.55 -9.77
C GLU E 53 -52.24 -15.68 -9.01
N ARG E 54 -50.92 -15.75 -9.15
CA ARG E 54 -50.12 -16.67 -8.36
C ARG E 54 -50.38 -16.37 -6.90
N ILE E 55 -50.20 -15.10 -6.54
CA ILE E 55 -50.58 -14.60 -5.23
C ILE E 55 -51.89 -13.84 -5.39
N PRO E 56 -52.94 -14.29 -4.67
CA PRO E 56 -54.28 -13.67 -4.73
C PRO E 56 -54.23 -12.14 -4.54
N GLY E 57 -54.90 -11.43 -5.45
CA GLY E 57 -54.88 -9.98 -5.45
C GLY E 57 -53.75 -9.34 -6.22
N GLN E 58 -52.86 -10.16 -6.79
CA GLN E 58 -51.72 -9.64 -7.57
C GLN E 58 -51.65 -10.23 -8.96
N PRO E 59 -52.56 -9.82 -9.86
CA PRO E 59 -52.54 -10.33 -11.23
C PRO E 59 -51.27 -9.95 -11.99
N LEU E 60 -50.67 -10.93 -12.64
CA LEU E 60 -49.57 -10.69 -13.57
C LEU E 60 -49.99 -11.32 -14.88
N TYR E 61 -49.33 -10.91 -15.97
CA TYR E 61 -49.67 -11.40 -17.30
C TYR E 61 -48.56 -12.26 -17.89
N TYR E 62 -48.96 -13.18 -18.77
CA TYR E 62 -48.03 -14.18 -19.30
C TYR E 62 -48.20 -14.31 -20.79
N ALA E 63 -47.11 -14.10 -21.52
CA ALA E 63 -47.15 -14.10 -22.98
C ALA E 63 -46.77 -15.44 -23.58
N SER E 64 -47.65 -15.94 -24.45
CA SER E 64 -47.37 -17.08 -25.32
C SER E 64 -46.37 -16.63 -26.35
N GLU E 65 -45.72 -17.57 -27.03
CA GLU E 65 -44.93 -17.23 -28.21
C GLU E 65 -45.79 -16.44 -29.18
N GLU E 66 -45.17 -15.44 -29.80
CA GLU E 66 -45.80 -14.60 -30.82
C GLU E 66 -46.85 -13.59 -30.33
N PHE E 67 -47.11 -13.53 -29.03
CA PHE E 67 -47.98 -12.46 -28.53
C PHE E 67 -47.32 -11.08 -28.69
N VAL E 68 -46.05 -10.97 -28.30
CA VAL E 68 -45.25 -9.79 -28.65
C VAL E 68 -44.33 -10.22 -29.81
N GLN E 69 -43.90 -9.27 -30.65
CA GLN E 69 -42.83 -9.54 -31.63
C GLN E 69 -41.48 -9.32 -30.94
N GLY E 70 -40.90 -10.39 -30.43
CA GLY E 70 -39.73 -10.27 -29.58
C GLY E 70 -38.94 -11.55 -29.55
N GLU E 71 -37.67 -11.44 -29.16
CA GLU E 71 -36.81 -12.59 -29.08
C GLU E 71 -35.70 -12.35 -28.06
N LEU E 72 -35.37 -13.40 -27.31
CA LEU E 72 -34.25 -13.38 -26.41
C LEU E 72 -32.93 -13.82 -27.11
N PHE E 73 -31.84 -13.09 -26.85
CA PHE E 73 -30.49 -13.46 -27.26
C PHE E 73 -29.57 -13.63 -26.04
N LYS E 74 -28.66 -14.59 -26.08
CA LYS E 74 -27.55 -14.64 -25.15
C LYS E 74 -26.42 -13.87 -25.80
N ILE E 75 -25.84 -12.90 -25.10
CA ILE E 75 -24.90 -12.00 -25.75
C ILE E 75 -23.47 -12.01 -25.18
N THR E 76 -23.28 -12.68 -24.02
CA THR E 76 -21.93 -13.05 -23.53
C THR E 76 -21.90 -14.48 -23.06
N ASP E 77 -20.70 -15.03 -22.97
CA ASP E 77 -20.47 -16.44 -22.60
C ASP E 77 -19.03 -16.54 -22.13
N THR E 78 -18.80 -16.05 -20.94
CA THR E 78 -17.48 -15.80 -20.38
C THR E 78 -17.45 -16.45 -18.99
N PRO E 79 -16.30 -16.91 -18.56
CA PRO E 79 -16.18 -17.53 -17.22
C PRO E 79 -16.26 -16.51 -16.07
N TYR E 80 -16.08 -15.22 -16.34
CA TYR E 80 -16.27 -14.21 -15.30
C TYR E 80 -17.73 -14.17 -14.85
N TYR E 81 -17.95 -13.61 -13.65
CA TYR E 81 -19.29 -13.21 -13.19
C TYR E 81 -19.66 -11.99 -13.98
N ASN E 82 -20.49 -12.18 -14.99
CA ASN E 82 -20.91 -11.13 -15.88
C ASN E 82 -22.31 -10.64 -15.55
N ALA E 83 -22.41 -9.38 -15.16
CA ALA E 83 -23.66 -8.88 -14.62
C ALA E 83 -23.65 -7.38 -14.65
N TRP E 84 -24.74 -6.79 -14.16
CA TRP E 84 -24.85 -5.35 -13.94
C TRP E 84 -24.65 -4.52 -15.20
N PRO E 85 -25.41 -4.77 -16.26
CA PRO E 85 -25.53 -3.77 -17.34
C PRO E 85 -26.07 -2.44 -16.76
N GLN E 86 -26.87 -2.52 -15.70
CA GLN E 86 -27.38 -1.36 -14.98
C GLN E 86 -26.33 -0.25 -14.77
N ASP E 87 -26.58 0.96 -15.24
CA ASP E 87 -27.55 1.23 -16.26
C ASP E 87 -26.77 2.07 -17.29
N LYS E 88 -26.12 1.38 -18.21
CA LYS E 88 -24.99 1.93 -18.93
C LYS E 88 -25.13 1.82 -20.45
N ALA E 89 -26.14 1.11 -20.92
CA ALA E 89 -26.27 0.85 -22.33
C ALA E 89 -26.54 2.14 -23.07
N PHE E 90 -26.13 2.19 -24.33
CA PHE E 90 -26.40 3.32 -25.19
C PHE E 90 -26.20 2.86 -26.63
N VAL E 91 -26.78 3.56 -27.59
CA VAL E 91 -26.39 3.35 -28.97
C VAL E 91 -25.72 4.59 -29.50
N TYR E 92 -24.67 4.37 -30.26
CA TYR E 92 -23.92 5.43 -30.89
C TYR E 92 -23.59 5.01 -32.31
N GLU E 93 -23.96 5.88 -33.26
CA GLU E 93 -23.78 5.68 -34.71
C GLU E 93 -23.92 4.23 -35.11
N ASN E 94 -25.16 3.75 -34.96
CA ASN E 94 -25.59 2.42 -35.38
C ASN E 94 -25.09 1.22 -34.60
N VAL E 95 -24.12 1.42 -33.70
CA VAL E 95 -23.65 0.33 -32.86
C VAL E 95 -24.39 0.35 -31.52
N ILE E 96 -24.87 -0.83 -31.07
CA ILE E 96 -25.51 -0.97 -29.76
C ILE E 96 -24.44 -1.40 -28.78
N TYR E 97 -24.31 -0.63 -27.71
CA TYR E 97 -23.32 -0.90 -26.66
C TYR E 97 -23.95 -1.47 -25.39
N ALA E 98 -23.39 -2.55 -24.89
CA ALA E 98 -23.88 -3.16 -23.66
C ALA E 98 -22.76 -3.28 -22.62
N PRO E 99 -22.41 -2.18 -21.94
CA PRO E 99 -21.46 -2.23 -20.84
C PRO E 99 -21.96 -3.05 -19.67
N TYR E 100 -21.03 -3.54 -18.86
CA TYR E 100 -21.34 -4.30 -17.67
C TYR E 100 -20.08 -4.40 -16.85
N MET E 101 -20.14 -5.22 -15.81
CA MET E 101 -18.95 -5.51 -15.04
C MET E 101 -18.77 -6.99 -15.03
N GLY E 102 -17.55 -7.42 -15.35
CA GLY E 102 -17.16 -8.81 -15.27
C GLY E 102 -16.21 -8.97 -14.10
N SER E 103 -16.66 -9.60 -13.04
CA SER E 103 -15.85 -9.81 -11.85
C SER E 103 -15.84 -11.28 -11.42
N ASP E 104 -15.57 -11.56 -10.14
CA ASP E 104 -15.73 -12.93 -9.62
C ASP E 104 -16.86 -13.09 -8.58
N ARG E 105 -17.55 -11.99 -8.27
CA ARG E 105 -18.59 -11.96 -7.25
C ARG E 105 -19.36 -10.61 -7.21
N HIS E 106 -20.39 -10.55 -6.37
CA HIS E 106 -20.99 -9.25 -6.01
C HIS E 106 -19.96 -8.42 -5.26
N GLY E 107 -19.12 -7.68 -5.99
CA GLY E 107 -18.02 -6.93 -5.39
C GLY E 107 -17.00 -6.63 -6.46
N VAL E 108 -15.95 -5.88 -6.11
CA VAL E 108 -14.97 -5.40 -7.09
C VAL E 108 -13.78 -6.32 -7.36
N SER E 109 -13.77 -7.50 -6.73
CA SER E 109 -12.64 -8.44 -6.86
C SER E 109 -12.55 -8.93 -8.30
N ARG E 110 -11.35 -8.87 -8.87
CA ARG E 110 -11.09 -9.32 -10.21
C ARG E 110 -11.89 -8.57 -11.29
N LEU E 111 -12.47 -7.44 -10.92
CA LEU E 111 -13.48 -6.76 -11.76
C LEU E 111 -12.85 -5.89 -12.86
N HIS E 112 -13.43 -5.99 -14.07
CA HIS E 112 -13.13 -5.13 -15.22
C HIS E 112 -14.48 -4.51 -15.64
N VAL E 113 -14.55 -3.18 -15.72
CA VAL E 113 -15.69 -2.58 -16.41
C VAL E 113 -15.50 -2.96 -17.87
N SER E 114 -16.56 -3.49 -18.50
CA SER E 114 -16.45 -4.10 -19.83
C SER E 114 -17.65 -3.77 -20.67
N TRP E 115 -17.56 -4.08 -21.96
CA TRP E 115 -18.75 -4.07 -22.81
C TRP E 115 -18.65 -5.08 -23.92
N VAL E 116 -19.79 -5.50 -24.42
CA VAL E 116 -19.85 -6.11 -25.74
C VAL E 116 -20.74 -5.21 -26.59
N LYS E 117 -20.59 -5.28 -27.90
CA LYS E 117 -21.28 -4.38 -28.85
C LYS E 117 -21.97 -5.22 -29.88
N SER E 118 -23.06 -4.70 -30.45
CA SER E 118 -23.62 -5.33 -31.65
C SER E 118 -23.60 -4.43 -32.86
N GLY E 119 -23.07 -4.94 -33.97
CA GLY E 119 -23.06 -4.23 -35.23
C GLY E 119 -24.14 -4.64 -36.22
N ASP E 120 -25.09 -5.46 -35.79
CA ASP E 120 -26.17 -5.91 -36.68
C ASP E 120 -27.55 -5.90 -36.03
N ASP E 121 -27.82 -4.87 -35.22
CA ASP E 121 -29.12 -4.74 -34.58
C ASP E 121 -29.40 -5.90 -33.63
N GLY E 122 -28.34 -6.42 -33.01
CA GLY E 122 -28.46 -7.35 -31.91
C GLY E 122 -28.44 -8.83 -32.23
N GLN E 123 -28.37 -9.21 -33.50
CA GLN E 123 -28.26 -10.65 -33.82
C GLN E 123 -26.96 -11.26 -33.32
N THR E 124 -25.92 -10.44 -33.22
CA THR E 124 -24.58 -10.94 -33.05
C THR E 124 -23.79 -9.94 -32.21
N TRP E 125 -22.91 -10.44 -31.37
CA TRP E 125 -22.20 -9.55 -30.46
C TRP E 125 -20.67 -9.75 -30.45
N SER E 126 -19.94 -8.71 -30.04
CA SER E 126 -18.49 -8.69 -30.12
C SER E 126 -17.76 -9.39 -28.96
N THR E 127 -16.47 -9.63 -29.11
CA THR E 127 -15.62 -10.15 -28.05
C THR E 127 -15.54 -9.09 -26.97
N PRO E 128 -15.78 -9.46 -25.72
CA PRO E 128 -15.71 -8.50 -24.60
C PRO E 128 -14.42 -7.68 -24.62
N GLU E 129 -14.54 -6.39 -24.27
CA GLU E 129 -13.41 -5.51 -24.19
C GLU E 129 -13.40 -4.89 -22.80
N TRP E 130 -12.21 -4.84 -22.20
CA TRP E 130 -12.02 -4.25 -20.92
C TRP E 130 -11.79 -2.77 -21.08
N LEU E 131 -12.60 -1.97 -20.35
CA LEU E 131 -12.51 -0.53 -20.41
C LEU E 131 -11.63 0.04 -19.28
N THR E 132 -11.63 -0.64 -18.13
CA THR E 132 -10.76 -0.29 -17.04
C THR E 132 -9.75 -1.40 -16.81
N ASP E 133 -8.56 -1.01 -16.36
CA ASP E 133 -7.61 -1.94 -15.76
C ASP E 133 -7.95 -2.19 -14.27
N LEU E 134 -7.29 -3.17 -13.67
CA LEU E 134 -7.30 -3.27 -12.23
C LEU E 134 -6.68 -1.98 -11.68
N HIS E 135 -7.27 -1.47 -10.59
CA HIS E 135 -6.82 -0.23 -9.96
C HIS E 135 -5.36 -0.38 -9.49
N PRO E 136 -4.57 0.68 -9.62
CA PRO E 136 -3.16 0.63 -9.17
C PRO E 136 -2.98 0.03 -7.75
N ASP E 137 -3.95 0.23 -6.87
CA ASP E 137 -3.84 -0.21 -5.48
C ASP E 137 -4.61 -1.50 -5.20
N TYR E 138 -4.97 -2.20 -6.28
CA TYR E 138 -5.43 -3.59 -6.19
C TYR E 138 -4.40 -4.41 -5.38
N PRO E 139 -4.83 -5.34 -4.51
CA PRO E 139 -6.24 -5.68 -4.25
C PRO E 139 -6.91 -5.00 -3.06
N THR E 140 -6.51 -3.78 -2.68
CA THR E 140 -7.23 -3.09 -1.60
C THR E 140 -8.55 -2.49 -2.09
N VAL E 141 -8.51 -1.95 -3.31
CA VAL E 141 -9.63 -1.26 -3.92
C VAL E 141 -9.63 -1.59 -5.41
N ASN E 142 -10.78 -1.41 -6.07
CA ASN E 142 -10.89 -1.59 -7.51
C ASN E 142 -12.06 -0.78 -8.04
N TYR E 143 -12.11 -0.63 -9.37
CA TYR E 143 -13.11 0.18 -10.07
C TYR E 143 -14.50 -0.45 -10.13
N HIS E 144 -15.48 0.39 -10.40
CA HIS E 144 -16.88 -0.02 -10.39
C HIS E 144 -17.60 1.05 -11.15
N CYS E 145 -18.63 0.69 -11.89
CA CYS E 145 -19.35 1.71 -12.65
C CYS E 145 -20.76 1.28 -12.99
N MET E 146 -21.74 2.14 -12.70
CA MET E 146 -23.11 1.84 -13.06
C MET E 146 -23.77 3.00 -13.79
N SER E 147 -22.94 3.96 -14.19
CA SER E 147 -23.40 5.13 -14.93
C SER E 147 -22.48 5.43 -16.09
N MET E 148 -23.02 5.44 -17.29
CA MET E 148 -22.24 5.65 -18.49
C MET E 148 -23.18 6.05 -19.59
N GLY E 149 -22.70 6.91 -20.48
CA GLY E 149 -23.47 7.34 -21.62
C GLY E 149 -22.65 8.23 -22.52
N VAL E 150 -23.31 8.76 -23.54
CA VAL E 150 -22.65 9.63 -24.51
C VAL E 150 -23.30 10.99 -24.54
N CYS E 151 -22.47 12.02 -24.50
CA CYS E 151 -22.93 13.38 -24.64
C CYS E 151 -21.98 14.08 -25.61
N ARG E 152 -22.54 14.63 -26.70
CA ARG E 152 -21.78 15.40 -27.71
C ARG E 152 -20.54 14.62 -28.18
N ASN E 153 -20.75 13.37 -28.56
CA ASN E 153 -19.72 12.52 -29.16
C ASN E 153 -18.59 12.08 -28.24
N ARG E 154 -18.82 12.20 -26.93
CA ARG E 154 -17.87 11.73 -25.92
C ARG E 154 -18.52 10.72 -24.99
N LEU E 155 -17.78 9.67 -24.64
CA LEU E 155 -18.22 8.71 -23.61
C LEU E 155 -17.97 9.38 -22.28
N PHE E 156 -18.97 9.37 -21.40
CA PHE E 156 -18.79 9.85 -20.03
C PHE E 156 -19.15 8.72 -19.09
N ALA E 157 -18.30 8.46 -18.10
CA ALA E 157 -18.64 7.44 -17.12
C ALA E 157 -18.27 7.90 -15.74
N MET E 158 -19.08 7.54 -14.77
CA MET E 158 -18.70 7.71 -13.36
C MET E 158 -17.96 6.45 -12.94
N ILE E 159 -16.64 6.53 -12.91
CA ILE E 159 -15.82 5.42 -12.46
C ILE E 159 -15.60 5.62 -10.97
N GLU E 160 -16.09 4.66 -10.22
CA GLU E 160 -16.02 4.63 -8.75
C GLU E 160 -14.89 3.74 -8.27
N THR E 161 -14.33 4.06 -7.12
CA THR E 161 -13.31 3.25 -6.49
C THR E 161 -13.96 2.70 -5.23
N ARG E 162 -13.90 1.38 -5.07
CA ARG E 162 -14.56 0.70 -3.95
C ARG E 162 -13.63 -0.33 -3.29
N THR E 163 -13.76 -0.55 -1.98
CA THR E 163 -12.93 -1.59 -1.32
C THR E 163 -13.36 -2.99 -1.69
N LEU E 164 -12.37 -3.86 -1.84
CA LEU E 164 -12.63 -5.30 -1.98
C LEU E 164 -13.25 -5.88 -0.70
N ALA E 165 -12.82 -5.39 0.48
CA ALA E 165 -13.33 -5.94 1.76
C ALA E 165 -14.83 -5.71 1.99
N LYS E 166 -15.34 -4.52 1.66
CA LYS E 166 -16.76 -4.27 1.98
C LYS E 166 -17.58 -3.68 0.84
N ASN E 167 -16.95 -3.48 -0.32
CA ASN E 167 -17.57 -2.74 -1.43
C ASN E 167 -17.95 -1.31 -1.01
N ALA E 168 -17.18 -0.75 -0.06
CA ALA E 168 -17.35 0.60 0.43
C ALA E 168 -16.84 1.62 -0.59
N LEU E 169 -17.68 2.60 -0.94
CA LEU E 169 -17.26 3.64 -1.89
C LEU E 169 -16.14 4.49 -1.31
N THR E 170 -15.14 4.78 -2.13
CA THR E 170 -13.92 5.46 -1.68
C THR E 170 -13.59 6.74 -2.46
N ASN E 171 -13.95 6.74 -3.75
CA ASN E 171 -13.66 7.84 -4.66
C ASN E 171 -14.65 7.85 -5.81
N CYS E 172 -14.97 9.05 -6.30
CA CYS E 172 -15.75 9.17 -7.52
C CYS E 172 -15.00 10.02 -8.50
N ALA E 173 -14.95 9.55 -9.74
CA ALA E 173 -14.27 10.30 -10.78
C ALA E 173 -15.07 10.25 -12.06
N LEU E 174 -15.12 11.37 -12.77
CA LEU E 174 -15.79 11.42 -14.05
C LEU E 174 -14.72 11.17 -15.08
N TRP E 175 -14.87 10.08 -15.83
CA TRP E 175 -13.97 9.72 -16.92
C TRP E 175 -14.68 10.01 -18.22
N ASP E 176 -13.98 10.66 -19.16
CA ASP E 176 -14.53 10.80 -20.49
C ASP E 176 -13.50 10.66 -21.61
N ARG E 177 -13.98 10.32 -22.79
CA ARG E 177 -13.15 10.00 -23.93
C ARG E 177 -13.99 10.29 -25.20
N PRO E 178 -13.36 10.79 -26.26
CA PRO E 178 -14.08 10.94 -27.54
C PRO E 178 -14.43 9.56 -28.12
N MET E 179 -15.59 9.47 -28.77
CA MET E 179 -15.94 8.24 -29.48
C MET E 179 -15.34 8.25 -30.88
N SER E 180 -14.96 7.06 -31.35
CA SER E 180 -14.44 6.89 -32.69
C SER E 180 -15.49 7.14 -33.74
N ARG E 181 -15.14 7.94 -34.74
CA ARG E 181 -16.07 8.32 -35.80
C ARG E 181 -15.34 8.47 -37.09
N SER E 182 -16.04 8.30 -38.22
CA SER E 182 -15.52 8.70 -39.51
C SER E 182 -16.39 9.82 -40.01
N LEU E 183 -15.78 10.90 -40.45
CA LEU E 183 -16.55 12.06 -40.86
C LEU E 183 -16.23 12.39 -42.29
N HIS E 184 -17.27 12.54 -43.10
CA HIS E 184 -17.10 12.81 -44.53
C HIS E 184 -17.58 14.25 -44.80
N LEU E 185 -16.62 15.17 -44.95
CA LEU E 185 -16.93 16.59 -44.85
C LEU E 185 -16.57 17.35 -46.12
N THR E 186 -17.13 18.55 -46.27
CA THR E 186 -16.83 19.39 -47.42
C THR E 186 -16.34 20.72 -46.87
N GLY E 187 -15.15 21.13 -47.30
CA GLY E 187 -14.51 22.36 -46.83
C GLY E 187 -14.34 22.39 -45.32
N GLY E 188 -14.15 23.60 -44.76
CA GLY E 188 -13.95 23.78 -43.33
C GLY E 188 -12.51 23.78 -42.79
N ILE E 189 -11.51 23.64 -43.68
CA ILE E 189 -10.10 23.70 -43.26
C ILE E 189 -9.42 24.96 -43.80
N THR E 190 -8.83 25.74 -42.91
CA THR E 190 -8.02 26.93 -43.30
C THR E 190 -6.61 26.86 -42.73
N LYS E 191 -5.67 27.27 -43.56
CA LYS E 191 -4.27 27.43 -43.18
C LYS E 191 -3.83 28.82 -43.57
N ALA E 192 -3.60 29.68 -42.57
CA ALA E 192 -3.05 31.01 -42.82
C ALA E 192 -1.65 30.84 -43.37
N ALA E 193 -1.35 31.59 -44.42
CA ALA E 193 0.00 31.71 -44.97
C ALA E 193 1.10 32.04 -43.95
N ASN E 194 2.28 31.43 -44.16
CA ASN E 194 3.53 31.73 -43.42
C ASN E 194 3.57 31.27 -41.98
N GLN E 195 2.65 30.33 -41.68
CA GLN E 195 2.64 29.60 -40.42
C GLN E 195 2.09 28.14 -40.56
N ARG E 196 2.25 27.37 -39.49
CA ARG E 196 2.11 25.91 -39.56
C ARG E 196 0.80 25.30 -38.97
N TYR E 197 -0.13 26.15 -38.54
CA TYR E 197 -1.34 25.63 -37.91
C TYR E 197 -2.45 25.67 -38.91
N ALA E 198 -3.41 24.76 -38.74
CA ALA E 198 -4.62 24.70 -39.54
C ALA E 198 -5.81 24.57 -38.61
N THR E 199 -6.81 25.44 -38.77
CA THR E 199 -8.02 25.36 -37.97
C THR E 199 -9.09 24.53 -38.71
N ILE E 200 -9.74 23.65 -37.96
CA ILE E 200 -10.72 22.73 -38.53
C ILE E 200 -12.14 23.00 -37.98
N HIS E 201 -13.07 23.20 -38.89
CA HIS E 201 -14.43 23.47 -38.51
C HIS E 201 -15.19 22.15 -38.52
N VAL E 202 -15.45 21.65 -37.32
CA VAL E 202 -16.27 20.46 -37.13
C VAL E 202 -17.29 20.75 -36.03
N PRO E 203 -18.56 20.96 -36.40
CA PRO E 203 -19.62 21.28 -35.43
C PRO E 203 -19.70 20.20 -34.36
N ASP E 204 -19.77 20.63 -33.10
CA ASP E 204 -19.88 19.73 -31.94
C ASP E 204 -18.91 18.59 -31.98
N HIS E 205 -17.67 18.87 -32.35
CA HIS E 205 -16.67 17.81 -32.44
C HIS E 205 -16.43 17.03 -31.13
N GLY E 206 -16.58 17.69 -29.98
CA GLY E 206 -16.35 17.08 -28.69
C GLY E 206 -14.91 16.65 -28.42
N LEU E 207 -13.94 17.28 -29.07
CA LEU E 207 -12.56 16.88 -28.81
C LEU E 207 -11.85 17.84 -27.86
N PHE E 208 -10.81 17.32 -27.22
CA PHE E 208 -9.98 18.09 -26.30
C PHE E 208 -8.57 18.17 -26.83
N VAL E 209 -7.80 19.13 -26.31
CA VAL E 209 -6.37 19.18 -26.63
C VAL E 209 -5.74 17.82 -26.38
N GLY E 210 -5.02 17.32 -27.37
CA GLY E 210 -4.31 16.07 -27.25
C GLY E 210 -5.05 14.86 -27.81
N ASP E 211 -6.32 15.04 -28.15
CA ASP E 211 -7.10 13.93 -28.70
C ASP E 211 -6.69 13.63 -30.12
N PHE E 212 -6.89 12.38 -30.52
CA PHE E 212 -6.49 11.91 -31.82
C PHE E 212 -7.39 12.42 -32.94
N VAL E 213 -6.78 12.86 -34.05
CA VAL E 213 -7.49 13.12 -35.30
C VAL E 213 -6.69 12.69 -36.53
N ASN E 214 -7.33 12.00 -37.46
CA ASN E 214 -6.72 11.52 -38.70
C ASN E 214 -7.38 12.22 -39.88
N PHE E 215 -6.59 12.63 -40.88
CA PHE E 215 -7.08 13.38 -42.05
C PHE E 215 -6.73 12.69 -43.36
N SER E 216 -7.68 12.70 -44.30
CA SER E 216 -7.41 12.26 -45.68
C SER E 216 -8.01 13.20 -46.70
N ASN E 217 -7.28 13.39 -47.78
CA ASN E 217 -7.78 14.19 -48.92
C ASN E 217 -8.11 15.64 -48.53
N SER E 218 -7.46 16.16 -47.48
CA SER E 218 -7.72 17.52 -46.96
C SER E 218 -7.54 18.64 -47.98
N ALA E 219 -6.54 18.49 -48.85
CA ALA E 219 -6.12 19.55 -49.78
C ALA E 219 -5.55 20.79 -49.07
N VAL E 220 -5.10 20.60 -47.83
CA VAL E 220 -4.40 21.65 -47.11
C VAL E 220 -3.10 21.06 -46.63
N THR E 221 -2.03 21.49 -47.27
CA THR E 221 -0.71 20.95 -46.99
C THR E 221 -0.48 20.88 -45.49
N GLY E 222 0.01 19.72 -45.07
CA GLY E 222 0.38 19.50 -43.69
C GLY E 222 -0.72 18.89 -42.86
N VAL E 223 -1.98 19.12 -43.25
CA VAL E 223 -3.13 18.54 -42.58
C VAL E 223 -3.33 17.17 -43.19
N SER E 224 -2.70 16.16 -42.59
CA SER E 224 -2.65 14.83 -43.19
C SER E 224 -2.19 13.75 -42.21
N GLY E 225 -2.84 12.59 -42.30
CA GLY E 225 -2.45 11.43 -41.53
C GLY E 225 -2.85 11.55 -40.10
N ASP E 226 -2.11 10.87 -39.24
CA ASP E 226 -2.35 10.85 -37.79
C ASP E 226 -1.87 12.15 -37.15
N MET E 227 -2.77 12.84 -36.45
CA MET E 227 -2.40 14.11 -35.79
C MET E 227 -3.10 14.22 -34.44
N THR E 228 -2.77 15.26 -33.68
CA THR E 228 -3.51 15.54 -32.46
C THR E 228 -4.09 16.95 -32.48
N VAL E 229 -5.12 17.16 -31.68
CA VAL E 229 -5.70 18.47 -31.49
C VAL E 229 -4.70 19.31 -30.73
N ALA E 230 -4.35 20.46 -31.30
CA ALA E 230 -3.39 21.37 -30.70
C ALA E 230 -4.05 22.34 -29.71
N THR E 231 -5.11 23.04 -30.16
CA THR E 231 -5.92 23.88 -29.30
C THR E 231 -7.39 23.71 -29.67
N VAL E 232 -8.32 23.99 -28.75
CA VAL E 232 -9.72 24.08 -29.14
C VAL E 232 -10.23 25.51 -29.05
N ILE E 233 -10.69 26.02 -30.19
CA ILE E 233 -11.18 27.39 -30.28
C ILE E 233 -12.53 27.53 -29.61
N ASP E 234 -13.49 26.67 -30.00
CA ASP E 234 -14.80 26.60 -29.35
C ASP E 234 -15.41 25.26 -29.70
N LYS E 235 -16.66 25.02 -29.34
CA LYS E 235 -17.31 23.71 -29.56
C LYS E 235 -17.30 23.24 -31.04
N ASP E 236 -17.15 24.19 -31.96
CA ASP E 236 -17.24 23.90 -33.39
C ASP E 236 -15.92 23.96 -34.15
N ASN E 237 -14.85 24.36 -33.47
CA ASN E 237 -13.56 24.59 -34.11
C ASN E 237 -12.38 24.24 -33.23
N PHE E 238 -11.37 23.64 -33.85
CA PHE E 238 -10.13 23.28 -33.19
C PHE E 238 -8.96 23.42 -34.17
N THR E 239 -7.74 23.39 -33.66
CA THR E 239 -6.58 23.47 -34.55
C THR E 239 -5.67 22.27 -34.45
N VAL E 240 -4.91 22.02 -35.52
CA VAL E 240 -3.82 21.06 -35.50
C VAL E 240 -2.52 21.73 -35.92
N LEU E 241 -1.40 21.11 -35.55
CA LEU E 241 -0.07 21.54 -35.95
C LEU E 241 0.48 20.72 -37.13
N THR E 242 0.76 21.38 -38.26
CA THR E 242 1.36 20.71 -39.42
C THR E 242 2.89 20.86 -39.39
N PRO E 243 3.58 20.00 -40.15
CA PRO E 243 5.06 20.07 -40.32
C PRO E 243 5.56 21.15 -41.28
N ASN E 244 4.67 21.87 -41.96
CA ASN E 244 5.10 22.81 -43.01
C ASN E 244 4.31 24.13 -43.06
N GLN E 245 4.80 25.08 -43.86
CA GLN E 245 4.08 26.33 -44.07
C GLN E 245 4.22 26.76 -45.52
N GLN E 246 3.18 27.42 -46.03
CA GLN E 246 3.14 27.90 -47.41
C GLN E 246 3.04 29.42 -47.44
N THR E 247 3.38 29.99 -48.59
CA THR E 247 3.48 31.44 -48.76
C THR E 247 2.17 32.13 -49.19
N SER E 248 1.08 31.35 -49.28
CA SER E 248 -0.26 31.91 -49.52
C SER E 248 -1.29 31.20 -48.64
N ASP E 249 -2.46 31.81 -48.44
CA ASP E 249 -3.50 31.21 -47.61
C ASP E 249 -4.01 29.95 -48.31
N LEU E 250 -4.49 28.99 -47.51
CA LEU E 250 -5.13 27.78 -48.03
C LEU E 250 -6.55 27.62 -47.44
N ASN E 251 -7.50 27.27 -48.32
CA ASN E 251 -8.89 27.00 -47.91
C ASN E 251 -9.53 25.90 -48.77
N ASN E 252 -9.87 24.77 -48.14
CA ASN E 252 -10.43 23.65 -48.88
C ASN E 252 -11.96 23.70 -49.15
N ALA E 253 -12.49 24.93 -49.25
CA ALA E 253 -13.88 25.18 -49.65
C ALA E 253 -14.24 24.33 -50.85
N GLY E 254 -15.37 23.65 -50.72
CA GLY E 254 -15.89 22.81 -51.79
C GLY E 254 -15.22 21.47 -51.92
N LYS E 255 -14.10 21.28 -51.23
CA LYS E 255 -13.50 19.97 -51.36
C LYS E 255 -14.00 19.01 -50.31
N ASN E 256 -14.18 17.78 -50.77
CA ASN E 256 -14.55 16.66 -49.94
C ASN E 256 -13.34 15.98 -49.34
N TRP E 257 -13.35 15.84 -48.01
CA TRP E 257 -12.27 15.17 -47.26
C TRP E 257 -12.85 14.28 -46.15
N HIS E 258 -11.97 13.64 -45.38
CA HIS E 258 -12.41 12.81 -44.26
C HIS E 258 -11.60 13.00 -42.99
N MET E 259 -12.29 12.90 -41.85
CA MET E 259 -11.71 12.77 -40.51
C MET E 259 -12.45 11.56 -39.91
N GLY E 260 -11.92 10.77 -38.94
CA GLY E 260 -10.64 10.93 -38.28
C GLY E 260 -10.54 10.82 -36.75
N THR E 261 -11.51 10.27 -36.00
CA THR E 261 -11.30 10.20 -34.51
C THR E 261 -11.16 8.79 -33.88
N SER E 262 -10.70 8.74 -32.64
CA SER E 262 -10.33 7.46 -32.01
C SER E 262 -10.42 7.47 -30.48
N PHE E 263 -11.37 6.70 -29.96
CA PHE E 263 -11.48 6.38 -28.55
C PHE E 263 -10.16 5.81 -28.02
N HIS E 264 -9.57 4.90 -28.75
CA HIS E 264 -8.48 4.12 -28.22
C HIS E 264 -7.13 4.81 -28.30
N LYS E 265 -6.96 5.80 -29.19
CA LYS E 265 -5.70 6.57 -29.24
C LYS E 265 -5.79 7.93 -28.55
N SER E 266 -6.89 8.16 -27.85
CA SER E 266 -7.10 9.38 -27.13
C SER E 266 -7.09 9.00 -25.67
N PRO E 267 -6.42 9.77 -24.81
CA PRO E 267 -6.42 9.46 -23.38
C PRO E 267 -7.75 9.86 -22.74
N TRP E 268 -8.09 9.20 -21.63
CA TRP E 268 -9.24 9.58 -20.83
C TRP E 268 -8.98 10.95 -20.23
N ARG E 269 -10.02 11.78 -20.14
CA ARG E 269 -9.96 12.93 -19.22
C ARG E 269 -10.58 12.45 -17.93
N LYS E 270 -9.80 12.55 -16.86
CA LYS E 270 -10.22 12.06 -15.55
C LYS E 270 -10.38 13.23 -14.57
N THR E 271 -11.61 13.48 -14.17
CA THR E 271 -11.88 14.57 -13.24
C THR E 271 -12.21 13.99 -11.88
N ASP E 272 -11.33 14.21 -10.91
CA ASP E 272 -11.51 13.68 -9.57
C ASP E 272 -12.56 14.51 -8.80
N LEU E 273 -13.64 13.86 -8.36
CA LEU E 273 -14.73 14.54 -7.64
C LEU E 273 -14.65 14.26 -6.14
N GLY E 274 -13.64 13.48 -5.74
CA GLY E 274 -13.44 13.10 -4.35
C GLY E 274 -14.45 12.04 -3.88
N LEU E 275 -14.61 11.93 -2.56
CA LEU E 275 -15.66 11.10 -1.99
C LEU E 275 -16.92 11.96 -1.87
N ILE E 276 -17.72 12.01 -2.94
CA ILE E 276 -18.95 12.79 -2.94
C ILE E 276 -19.72 12.37 -1.69
N PRO E 277 -19.98 13.31 -0.80
CA PRO E 277 -20.68 12.98 0.45
C PRO E 277 -22.09 12.47 0.19
N SER E 278 -22.57 11.61 1.10
CA SER E 278 -23.91 11.03 1.06
C SER E 278 -24.24 10.36 -0.25
N VAL E 279 -23.32 9.50 -0.68
CA VAL E 279 -23.51 8.70 -1.90
C VAL E 279 -23.13 7.29 -1.62
N THR E 280 -23.94 6.36 -2.08
CA THR E 280 -23.59 4.93 -2.03
C THR E 280 -23.21 4.44 -3.42
N GLU E 281 -24.03 4.77 -4.41
CA GLU E 281 -23.77 4.37 -5.77
C GLU E 281 -24.21 5.46 -6.72
N VAL E 282 -23.47 5.65 -7.80
CA VAL E 282 -23.94 6.51 -8.88
C VAL E 282 -24.46 5.55 -9.95
N HIS E 283 -25.62 5.85 -10.52
CA HIS E 283 -26.30 4.88 -11.36
C HIS E 283 -27.23 5.55 -12.37
N SER E 284 -27.12 5.08 -13.62
CA SER E 284 -27.88 5.59 -14.78
C SER E 284 -27.39 6.93 -15.30
N PHE E 285 -27.82 7.24 -16.51
CA PHE E 285 -27.28 8.37 -17.24
C PHE E 285 -28.34 8.90 -18.18
N ALA E 286 -28.56 10.22 -18.09
CA ALA E 286 -29.55 10.87 -18.93
C ALA E 286 -28.91 12.07 -19.64
N THR E 287 -28.66 11.94 -20.94
CA THR E 287 -28.20 13.08 -21.75
C THR E 287 -29.30 14.13 -21.77
N ILE E 288 -28.91 15.36 -21.43
CA ILE E 288 -29.86 16.46 -21.34
C ILE E 288 -29.83 17.28 -22.64
N ASP E 289 -28.63 17.60 -23.09
CA ASP E 289 -28.49 18.51 -24.20
C ASP E 289 -27.05 18.44 -24.67
N ASN E 290 -26.64 19.48 -25.39
CA ASN E 290 -25.35 19.48 -26.01
C ASN E 290 -24.17 19.70 -25.08
N ASN E 291 -24.47 20.15 -23.86
CA ASN E 291 -23.42 20.54 -22.93
C ASN E 291 -23.29 19.65 -21.71
N GLY E 292 -24.33 18.85 -21.42
CA GLY E 292 -24.34 18.06 -20.20
C GLY E 292 -25.41 16.99 -20.05
N PHE E 293 -25.46 16.46 -18.84
CA PHE E 293 -26.19 15.23 -18.58
C PHE E 293 -26.46 15.09 -17.08
N ALA E 294 -27.33 14.15 -16.74
CA ALA E 294 -27.60 13.80 -15.36
C ALA E 294 -27.20 12.35 -15.11
N MET E 295 -26.75 12.07 -13.89
CA MET E 295 -26.49 10.71 -13.44
C MET E 295 -27.31 10.49 -12.18
N GLY E 296 -27.92 9.32 -12.04
CA GLY E 296 -28.72 9.03 -10.87
C GLY E 296 -27.79 8.66 -9.73
N TYR E 297 -28.32 8.67 -8.51
CA TYR E 297 -27.59 8.16 -7.35
C TYR E 297 -28.54 7.80 -6.23
N HIS E 298 -28.05 7.00 -5.27
CA HIS E 298 -28.73 6.82 -3.99
C HIS E 298 -27.72 6.76 -2.87
N GLN E 299 -28.19 7.03 -1.65
CA GLN E 299 -27.45 6.83 -0.42
C GLN E 299 -28.30 5.94 0.43
N GLY E 300 -27.79 4.77 0.76
CA GLY E 300 -28.53 3.78 1.53
C GLY E 300 -27.81 3.16 2.71
N ASP E 301 -26.66 3.74 3.07
CA ASP E 301 -25.82 3.19 4.12
C ASP E 301 -26.27 3.62 5.52
N VAL E 302 -26.76 4.86 5.63
CA VAL E 302 -27.17 5.41 6.91
C VAL E 302 -28.40 6.29 6.74
N ALA E 303 -29.21 6.42 7.80
CA ALA E 303 -30.41 7.26 7.74
C ALA E 303 -29.97 8.74 7.68
N PRO E 304 -30.72 9.60 6.96
CA PRO E 304 -31.83 9.19 6.08
C PRO E 304 -31.33 8.79 4.72
N ARG E 305 -31.98 7.77 4.13
CA ARG E 305 -31.75 7.33 2.76
C ARG E 305 -32.07 8.49 1.77
N GLU E 306 -31.26 8.62 0.72
CA GLU E 306 -31.50 9.59 -0.35
C GLU E 306 -31.58 8.90 -1.70
N VAL E 307 -32.44 9.41 -2.58
CA VAL E 307 -32.48 8.98 -3.97
C VAL E 307 -32.67 10.24 -4.83
N GLY E 308 -31.84 10.39 -5.86
CA GLY E 308 -31.93 11.57 -6.71
C GLY E 308 -30.98 11.50 -7.88
N LEU E 309 -30.51 12.68 -8.30
CA LEU E 309 -29.60 12.78 -9.45
C LEU E 309 -28.58 13.89 -9.27
N PHE E 310 -27.48 13.77 -10.01
CA PHE E 310 -26.47 14.84 -10.12
C PHE E 310 -26.54 15.38 -11.53
N TYR E 311 -26.86 16.67 -11.64
CA TYR E 311 -26.88 17.32 -12.94
C TYR E 311 -25.53 17.99 -13.21
N PHE E 312 -24.89 17.63 -14.32
CA PHE E 312 -23.71 18.33 -14.79
C PHE E 312 -24.10 19.20 -15.98
N PRO E 313 -24.29 20.50 -15.73
CA PRO E 313 -24.86 21.42 -16.72
C PRO E 313 -23.92 21.63 -17.89
N ASP E 314 -22.61 21.71 -17.61
CA ASP E 314 -21.60 21.89 -18.65
C ASP E 314 -20.42 20.99 -18.31
N ALA E 315 -20.54 19.75 -18.74
CA ALA E 315 -19.52 18.76 -18.46
C ALA E 315 -18.29 18.93 -19.33
N PHE E 316 -18.41 19.70 -20.41
CA PHE E 316 -17.26 19.96 -21.27
C PHE E 316 -16.30 20.99 -20.68
N ASN E 317 -16.79 22.18 -20.34
CA ASN E 317 -15.96 23.20 -19.71
C ASN E 317 -15.73 23.00 -18.23
N SER E 318 -16.75 22.51 -17.51
CA SER E 318 -16.61 22.32 -16.06
C SER E 318 -17.12 20.94 -15.57
N PRO E 319 -16.33 19.91 -15.84
CA PRO E 319 -16.65 18.53 -15.44
C PRO E 319 -16.86 18.37 -13.95
N SER E 320 -16.32 19.30 -13.18
CA SER E 320 -16.34 19.19 -11.72
C SER E 320 -17.58 19.82 -11.10
N ASN E 321 -18.34 20.58 -11.90
CA ASN E 321 -19.52 21.26 -11.35
C ASN E 321 -20.80 20.47 -11.61
N TYR E 322 -21.48 20.10 -10.54
CA TYR E 322 -22.72 19.35 -10.61
C TYR E 322 -23.63 19.83 -9.49
N VAL E 323 -24.92 19.59 -9.65
CA VAL E 323 -25.88 19.97 -8.64
C VAL E 323 -26.73 18.75 -8.24
N ARG E 324 -26.91 18.59 -6.92
CA ARG E 324 -27.69 17.50 -6.34
C ARG E 324 -29.19 17.86 -6.31
N ARG E 325 -30.02 16.93 -6.78
CA ARG E 325 -31.45 17.11 -6.81
C ARG E 325 -32.05 15.79 -6.33
N GLN E 326 -32.91 15.86 -5.31
CA GLN E 326 -33.50 14.65 -4.74
C GLN E 326 -34.96 14.53 -5.15
N ILE E 327 -35.46 13.29 -5.21
CA ILE E 327 -36.88 12.99 -5.42
C ILE E 327 -37.65 13.34 -4.14
N PRO E 328 -38.98 13.43 -4.19
CA PRO E 328 -39.76 13.84 -3.00
C PRO E 328 -39.49 12.87 -1.83
N SER E 329 -39.38 13.41 -0.63
CA SER E 329 -38.82 12.64 0.49
C SER E 329 -39.67 11.46 0.96
N GLU E 330 -40.96 11.46 0.63
CA GLU E 330 -41.78 10.28 0.93
C GLU E 330 -41.46 9.05 0.05
N TYR E 331 -40.83 9.28 -1.10
CA TYR E 331 -40.47 8.20 -2.03
C TYR E 331 -39.05 7.65 -1.84
N GLU E 332 -38.30 8.29 -0.94
CA GLU E 332 -36.90 7.94 -0.70
C GLU E 332 -36.66 6.71 0.19
N PRO E 333 -37.50 6.44 1.20
CA PRO E 333 -37.29 5.24 2.02
C PRO E 333 -37.37 3.96 1.17
N ASP E 334 -36.50 3.00 1.48
CA ASP E 334 -36.49 1.69 0.81
C ASP E 334 -36.39 1.76 -0.71
N ALA E 335 -35.67 2.78 -1.20
CA ALA E 335 -35.46 2.95 -2.63
C ALA E 335 -33.98 3.11 -2.93
N SER E 336 -33.58 2.66 -4.12
CA SER E 336 -32.21 2.77 -4.61
C SER E 336 -32.16 2.83 -6.13
N GLU E 337 -30.94 2.97 -6.64
CA GLU E 337 -30.61 2.76 -8.07
C GLU E 337 -31.70 3.27 -9.03
N PRO E 338 -31.84 4.59 -9.07
CA PRO E 338 -32.82 5.22 -9.97
C PRO E 338 -32.36 5.09 -11.43
N CYS E 339 -33.27 4.73 -12.33
CA CYS E 339 -33.01 4.88 -13.79
C CYS E 339 -33.57 6.21 -14.24
N ILE E 340 -32.79 6.96 -15.00
CA ILE E 340 -33.25 8.28 -15.45
C ILE E 340 -33.12 8.46 -16.94
N LYS E 341 -34.12 9.07 -17.56
CA LYS E 341 -34.01 9.39 -18.97
C LYS E 341 -34.70 10.72 -19.25
N TYR E 342 -34.30 11.36 -20.34
CA TYR E 342 -34.72 12.71 -20.66
C TYR E 342 -35.38 12.81 -22.04
N TYR E 343 -36.65 13.21 -22.09
CA TYR E 343 -37.34 13.34 -23.38
C TYR E 343 -38.20 14.62 -23.47
N ASP E 344 -38.00 15.38 -24.55
CA ASP E 344 -38.77 16.60 -24.84
C ASP E 344 -38.95 17.46 -23.60
N GLY E 345 -37.86 17.71 -22.89
CA GLY E 345 -37.87 18.61 -21.75
C GLY E 345 -38.33 18.01 -20.45
N VAL E 346 -38.65 16.71 -20.44
CA VAL E 346 -39.11 16.04 -19.23
C VAL E 346 -38.11 14.99 -18.81
N LEU E 347 -37.76 15.03 -17.53
CA LEU E 347 -36.83 14.09 -16.96
C LEU E 347 -37.63 13.06 -16.15
N TYR E 348 -37.47 11.80 -16.53
CA TYR E 348 -38.19 10.70 -15.88
C TYR E 348 -37.25 9.89 -15.02
N LEU E 349 -37.73 9.49 -13.85
CA LEU E 349 -36.94 8.74 -12.88
C LEU E 349 -37.76 7.58 -12.32
N ILE E 350 -37.19 6.37 -12.32
CA ILE E 350 -37.84 5.21 -11.69
C ILE E 350 -36.88 4.60 -10.69
N THR E 351 -37.34 4.31 -9.47
CA THR E 351 -36.47 3.72 -8.45
C THR E 351 -36.58 2.22 -8.36
N ARG E 352 -35.54 1.63 -7.78
CA ARG E 352 -35.59 0.23 -7.30
C ARG E 352 -36.10 0.20 -5.85
N GLY E 353 -37.10 -0.66 -5.58
CA GLY E 353 -37.58 -0.91 -4.22
C GLY E 353 -36.69 -1.93 -3.53
N THR E 354 -36.34 -1.71 -2.28
CA THR E 354 -35.41 -2.60 -1.59
C THR E 354 -36.07 -3.74 -0.82
N ARG E 355 -37.40 -3.68 -0.64
CA ARG E 355 -38.08 -4.69 0.16
C ARG E 355 -39.50 -5.02 -0.34
N GLY E 356 -39.82 -6.32 -0.39
CA GLY E 356 -41.13 -6.78 -0.79
C GLY E 356 -42.26 -6.43 0.18
N ASP E 357 -41.92 -6.01 1.40
CA ASP E 357 -42.94 -5.68 2.40
C ASP E 357 -43.00 -4.18 2.75
N ARG E 358 -42.50 -3.34 1.85
CA ARG E 358 -42.57 -1.89 2.01
C ARG E 358 -42.87 -1.33 0.66
N LEU E 359 -43.42 -0.12 0.64
CA LEU E 359 -43.72 0.57 -0.61
C LEU E 359 -42.48 0.56 -1.52
N GLY E 360 -42.65 0.04 -2.75
CA GLY E 360 -41.53 -0.16 -3.64
C GLY E 360 -41.34 0.90 -4.73
N SER E 361 -40.99 0.41 -5.91
CA SER E 361 -40.66 1.24 -7.06
C SER E 361 -41.69 2.34 -7.33
N SER E 362 -41.18 3.55 -7.60
CA SER E 362 -41.99 4.71 -7.94
C SER E 362 -41.44 5.45 -9.16
N LEU E 363 -42.34 6.13 -9.86
CA LEU E 363 -42.02 6.91 -11.06
C LEU E 363 -42.20 8.40 -10.79
N HIS E 364 -41.30 9.19 -11.35
CA HIS E 364 -41.29 10.64 -11.15
C HIS E 364 -40.98 11.34 -12.44
N ARG E 365 -41.59 12.51 -12.63
CA ARG E 365 -41.27 13.35 -13.79
C ARG E 365 -41.04 14.81 -13.37
N SER E 366 -40.12 15.45 -14.06
CA SER E 366 -39.77 16.82 -13.75
C SER E 366 -39.61 17.61 -15.04
N ARG E 367 -40.11 18.84 -15.03
CA ARG E 367 -39.86 19.76 -16.13
C ARG E 367 -38.75 20.77 -15.83
N ASP E 368 -38.04 20.57 -14.72
CA ASP E 368 -36.95 21.47 -14.33
C ASP E 368 -35.72 20.69 -13.85
N ILE E 369 -35.51 19.51 -14.43
CA ILE E 369 -34.35 18.68 -14.14
C ILE E 369 -34.21 18.39 -12.62
N GLY E 370 -35.34 18.02 -12.01
CA GLY E 370 -35.33 17.52 -10.65
C GLY E 370 -35.56 18.50 -9.53
N GLN E 371 -35.88 19.77 -9.84
CA GLN E 371 -36.20 20.72 -8.77
C GLN E 371 -37.60 20.51 -8.21
N THR E 372 -38.57 20.24 -9.09
CA THR E 372 -39.91 19.80 -8.68
C THR E 372 -40.29 18.55 -9.47
N TRP E 373 -41.14 17.72 -8.86
CA TRP E 373 -41.56 16.42 -9.42
C TRP E 373 -43.05 16.22 -9.35
N GLU E 374 -43.56 15.40 -10.27
CA GLU E 374 -44.87 14.79 -10.15
C GLU E 374 -44.62 13.28 -10.01
N SER E 375 -45.29 12.62 -9.06
CA SER E 375 -44.88 11.29 -8.64
C SER E 375 -46.04 10.29 -8.60
N LEU E 376 -45.68 9.02 -8.74
CA LEU E 376 -46.64 7.94 -8.59
C LEU E 376 -45.98 6.64 -8.16
N ARG E 377 -46.73 5.84 -7.39
CA ARG E 377 -46.23 4.57 -6.89
C ARG E 377 -46.74 3.37 -7.72
N PHE E 378 -45.83 2.50 -8.11
CA PHE E 378 -46.28 1.22 -8.67
C PHE E 378 -46.97 0.38 -7.59
N PRO E 379 -48.13 -0.21 -7.91
CA PRO E 379 -48.83 -1.09 -6.96
C PRO E 379 -47.98 -2.30 -6.56
N HIS E 380 -48.17 -2.78 -5.34
CA HIS E 380 -47.67 -4.10 -4.91
C HIS E 380 -46.17 -4.21 -4.68
N ASN E 381 -45.58 -3.14 -4.11
CA ASN E 381 -44.17 -3.18 -3.63
C ASN E 381 -43.14 -3.76 -4.62
N VAL E 382 -43.04 -3.20 -5.82
CA VAL E 382 -42.13 -3.75 -6.81
C VAL E 382 -40.73 -3.56 -6.25
N HIS E 383 -39.93 -4.62 -6.25
CA HIS E 383 -38.66 -4.61 -5.52
C HIS E 383 -37.56 -5.49 -6.11
N HIS E 384 -36.32 -5.17 -5.73
CA HIS E 384 -35.13 -5.96 -6.04
C HIS E 384 -34.65 -5.81 -7.48
N THR E 385 -35.45 -5.10 -8.28
CA THR E 385 -35.11 -4.88 -9.68
C THR E 385 -35.00 -3.40 -10.00
N THR E 386 -34.09 -3.04 -10.88
CA THR E 386 -34.15 -1.72 -11.49
C THR E 386 -35.17 -1.84 -12.59
N LEU E 387 -35.68 -0.68 -13.00
CA LEU E 387 -36.66 -0.61 -14.08
C LEU E 387 -36.17 0.29 -15.19
N PRO E 388 -35.15 -0.13 -15.93
CA PRO E 388 -34.68 0.68 -17.04
C PRO E 388 -35.77 0.75 -18.06
N PHE E 389 -35.81 1.84 -18.80
CA PHE E 389 -36.96 2.15 -19.65
C PHE E 389 -36.57 3.08 -20.79
N ALA E 390 -37.42 3.13 -21.81
CA ALA E 390 -37.34 4.16 -22.84
C ALA E 390 -38.73 4.72 -23.10
N LYS E 391 -38.81 5.92 -23.65
CA LYS E 391 -40.11 6.46 -24.04
C LYS E 391 -40.28 6.31 -25.55
N VAL E 392 -41.34 5.60 -25.95
CA VAL E 392 -41.67 5.43 -27.36
C VAL E 392 -43.10 5.95 -27.55
N GLY E 393 -43.26 6.99 -28.36
CA GLY E 393 -44.55 7.67 -28.45
C GLY E 393 -44.95 8.19 -27.08
N ASP E 394 -46.19 7.94 -26.67
CA ASP E 394 -46.69 8.43 -25.36
C ASP E 394 -46.41 7.47 -24.20
N ASP E 395 -45.78 6.34 -24.51
CA ASP E 395 -45.59 5.29 -23.53
C ASP E 395 -44.18 5.32 -22.97
N LEU E 396 -44.07 5.11 -21.67
CA LEU E 396 -42.83 4.65 -21.09
C LEU E 396 -42.89 3.12 -21.22
N ILE E 397 -41.87 2.51 -21.80
CA ILE E 397 -41.75 1.05 -21.84
C ILE E 397 -40.60 0.64 -20.93
N MET E 398 -40.92 -0.11 -19.87
CA MET E 398 -39.93 -0.49 -18.86
C MET E 398 -39.76 -2.01 -18.73
N PHE E 399 -38.58 -2.42 -18.31
CA PHE E 399 -38.32 -3.85 -18.12
C PHE E 399 -37.81 -4.14 -16.70
N GLY E 400 -38.11 -5.34 -16.19
CA GLY E 400 -37.69 -5.74 -14.86
C GLY E 400 -37.59 -7.24 -14.72
N SER E 401 -36.76 -7.70 -13.81
CA SER E 401 -36.58 -9.13 -13.61
C SER E 401 -36.50 -9.45 -12.13
N GLU E 402 -37.32 -10.36 -11.66
CA GLU E 402 -37.07 -10.91 -10.33
C GLU E 402 -35.71 -11.61 -10.35
N ARG E 403 -35.08 -11.68 -9.18
CA ARG E 403 -33.71 -12.18 -9.10
C ARG E 403 -33.67 -13.68 -8.96
N ALA E 404 -34.73 -14.22 -8.36
CA ALA E 404 -34.98 -15.63 -8.23
C ALA E 404 -36.47 -15.82 -8.44
N GLU E 405 -36.90 -17.04 -8.76
CA GLU E 405 -38.30 -17.31 -9.06
C GLU E 405 -39.25 -16.99 -7.89
N ASN E 406 -40.39 -16.36 -8.21
CA ASN E 406 -41.44 -16.03 -7.24
C ASN E 406 -41.04 -15.03 -6.16
N GLU E 407 -40.21 -14.07 -6.54
CA GLU E 407 -39.85 -12.99 -5.64
C GLU E 407 -40.57 -11.67 -5.97
N TRP E 408 -41.22 -11.60 -7.13
CA TRP E 408 -41.73 -10.36 -7.69
C TRP E 408 -42.83 -9.72 -6.85
N GLU E 409 -43.80 -10.54 -6.48
CA GLU E 409 -45.03 -10.09 -5.86
C GLU E 409 -44.78 -9.49 -4.47
N ALA E 410 -45.67 -8.61 -4.04
CA ALA E 410 -45.63 -8.03 -2.70
C ALA E 410 -45.77 -9.11 -1.64
N GLY E 411 -44.97 -9.02 -0.59
CA GLY E 411 -45.03 -9.96 0.48
C GLY E 411 -44.34 -11.30 0.18
N ALA E 412 -43.79 -11.48 -1.03
CA ALA E 412 -43.13 -12.74 -1.38
C ALA E 412 -41.73 -12.78 -0.76
N PRO E 413 -41.44 -13.80 0.07
CA PRO E 413 -40.12 -13.90 0.70
C PRO E 413 -39.04 -14.20 -0.32
N ASP E 414 -37.83 -13.67 -0.09
CA ASP E 414 -36.65 -14.10 -0.81
C ASP E 414 -36.56 -15.63 -0.76
N ASP E 415 -36.11 -16.21 -1.88
CA ASP E 415 -36.11 -17.66 -2.02
C ASP E 415 -34.83 -18.09 -2.72
N ARG E 416 -33.74 -18.14 -1.95
CA ARG E 416 -32.42 -18.37 -2.50
C ARG E 416 -31.90 -19.75 -2.13
N TYR E 417 -30.68 -20.09 -2.59
CA TYR E 417 -30.04 -21.36 -2.23
C TYR E 417 -30.74 -22.57 -2.86
N LYS E 418 -31.60 -22.32 -3.84
CA LYS E 418 -32.12 -23.40 -4.70
C LYS E 418 -32.32 -22.90 -6.11
N ALA E 419 -31.95 -23.73 -7.08
CA ALA E 419 -32.14 -23.38 -8.49
C ALA E 419 -33.62 -23.10 -8.79
N SER E 420 -33.88 -22.05 -9.58
CA SER E 420 -35.22 -21.71 -10.01
C SER E 420 -35.24 -20.91 -11.32
N TYR E 421 -36.43 -20.58 -11.79
CA TYR E 421 -36.57 -19.88 -13.07
C TYR E 421 -37.24 -18.50 -12.91
N PRO E 422 -36.46 -17.47 -12.54
CA PRO E 422 -37.01 -16.12 -12.37
C PRO E 422 -37.65 -15.55 -13.62
N ARG E 423 -38.79 -14.89 -13.43
CA ARG E 423 -39.56 -14.24 -14.49
C ARG E 423 -39.01 -12.85 -14.83
N THR E 424 -39.06 -12.53 -16.12
CA THR E 424 -38.75 -11.20 -16.60
C THR E 424 -39.99 -10.61 -17.19
N PHE E 425 -40.21 -9.34 -16.87
CA PHE E 425 -41.44 -8.63 -17.22
C PHE E 425 -41.13 -7.37 -17.97
N TYR E 426 -42.06 -6.95 -18.83
CA TYR E 426 -42.08 -5.57 -19.31
C TYR E 426 -43.46 -4.97 -19.09
N ALA E 427 -43.54 -3.65 -19.17
CA ALA E 427 -44.82 -2.98 -18.96
C ALA E 427 -44.78 -1.68 -19.70
N ARG E 428 -45.96 -1.23 -20.11
CA ARG E 428 -46.19 0.02 -20.82
C ARG E 428 -47.00 0.96 -19.92
N LEU E 429 -46.61 2.22 -19.89
CA LEU E 429 -47.30 3.20 -19.07
C LEU E 429 -47.41 4.48 -19.86
N ASN E 430 -48.64 4.95 -20.01
CA ASN E 430 -48.93 6.12 -20.82
C ASN E 430 -48.71 7.40 -20.01
N VAL E 431 -47.89 8.32 -20.52
CA VAL E 431 -47.46 9.49 -19.75
C VAL E 431 -48.59 10.51 -19.59
N ASN E 432 -49.55 10.50 -20.51
CA ASN E 432 -50.69 11.37 -20.35
C ASN E 432 -51.68 10.90 -19.29
N ASN E 433 -51.83 9.59 -19.12
CA ASN E 433 -52.77 9.09 -18.12
C ASN E 433 -52.15 9.12 -16.73
N TRP E 434 -50.83 9.19 -16.68
CA TRP E 434 -50.08 9.28 -15.42
C TRP E 434 -50.71 8.55 -14.21
N ASN E 435 -50.91 7.23 -14.33
CA ASN E 435 -51.46 6.42 -13.24
C ASN E 435 -51.14 4.95 -13.42
N ALA E 436 -50.48 4.40 -12.42
CA ALA E 436 -49.93 3.06 -12.50
C ALA E 436 -50.84 2.00 -11.87
N ASP E 437 -52.02 2.41 -11.41
CA ASP E 437 -52.86 1.53 -10.62
C ASP E 437 -53.26 0.26 -11.38
N ASP E 438 -53.38 0.38 -12.72
CA ASP E 438 -53.75 -0.74 -13.58
C ASP E 438 -52.59 -1.23 -14.50
N ILE E 439 -51.35 -0.99 -14.08
CA ILE E 439 -50.18 -1.39 -14.85
C ILE E 439 -50.19 -2.91 -15.09
N GLU E 440 -49.91 -3.34 -16.32
CA GLU E 440 -49.94 -4.75 -16.68
C GLU E 440 -48.51 -5.26 -16.91
N TRP E 441 -47.98 -6.01 -15.94
CA TRP E 441 -46.65 -6.58 -16.11
C TRP E 441 -46.76 -7.87 -16.88
N VAL E 442 -46.06 -7.92 -18.01
CA VAL E 442 -46.11 -9.08 -18.91
C VAL E 442 -44.81 -9.85 -18.86
N ASN E 443 -44.92 -11.08 -18.38
CA ASN E 443 -43.79 -12.00 -18.31
C ASN E 443 -43.51 -12.50 -19.74
N ILE E 444 -42.35 -12.14 -20.27
CA ILE E 444 -42.00 -12.40 -21.67
C ILE E 444 -40.87 -13.41 -21.84
N THR E 445 -40.08 -13.63 -20.81
CA THR E 445 -39.05 -14.62 -20.86
C THR E 445 -38.66 -15.00 -19.44
N ASP E 446 -38.23 -16.25 -19.26
CA ASP E 446 -37.74 -16.73 -17.97
C ASP E 446 -36.27 -17.07 -18.07
N GLN E 447 -35.57 -16.74 -17.00
CA GLN E 447 -34.13 -16.97 -16.89
C GLN E 447 -33.90 -18.07 -15.85
N ILE E 448 -32.63 -18.33 -15.55
CA ILE E 448 -32.30 -19.31 -14.53
C ILE E 448 -31.51 -18.59 -13.44
N TYR E 449 -31.86 -18.89 -12.19
CA TYR E 449 -31.05 -18.51 -11.04
C TYR E 449 -30.42 -19.83 -10.57
N GLN E 450 -29.08 -19.87 -10.49
CA GLN E 450 -28.37 -21.12 -10.22
C GLN E 450 -28.58 -21.68 -8.81
N GLY E 451 -28.53 -20.84 -7.77
CA GLY E 451 -28.79 -21.32 -6.44
C GLY E 451 -27.61 -21.78 -5.62
N GLY E 452 -26.40 -21.82 -6.20
CA GLY E 452 -25.18 -22.18 -5.47
C GLY E 452 -24.69 -21.17 -4.44
N ILE E 453 -25.05 -19.89 -4.62
CA ILE E 453 -24.84 -18.85 -3.60
C ILE E 453 -26.11 -17.99 -3.47
N VAL E 454 -26.19 -17.22 -2.38
CA VAL E 454 -27.32 -16.32 -2.14
C VAL E 454 -27.52 -15.26 -3.27
N ASN E 455 -26.42 -14.64 -3.73
CA ASN E 455 -26.52 -13.61 -4.75
C ASN E 455 -27.03 -14.10 -6.08
N SER E 456 -27.57 -13.17 -6.85
CA SER E 456 -28.13 -13.47 -8.14
C SER E 456 -27.61 -12.44 -9.13
N GLY E 457 -27.15 -12.90 -10.28
CA GLY E 457 -26.79 -12.02 -11.36
C GLY E 457 -27.90 -11.72 -12.35
N VAL E 458 -29.09 -12.28 -12.16
CA VAL E 458 -30.16 -12.06 -13.12
C VAL E 458 -30.75 -10.64 -13.03
N GLY E 459 -31.09 -10.05 -14.17
CA GLY E 459 -31.73 -8.73 -14.22
C GLY E 459 -30.77 -7.56 -14.10
N VAL E 460 -31.08 -6.64 -13.21
CA VAL E 460 -30.37 -5.36 -13.07
C VAL E 460 -29.74 -4.89 -14.39
N GLY E 461 -30.62 -4.59 -15.34
CA GLY E 461 -30.24 -4.39 -16.72
C GLY E 461 -30.29 -2.94 -17.18
N SER E 462 -30.52 -2.77 -18.47
CA SER E 462 -30.39 -1.47 -19.13
C SER E 462 -31.16 -1.58 -20.46
N VAL E 463 -31.69 -0.47 -20.93
CA VAL E 463 -32.57 -0.47 -22.10
C VAL E 463 -32.16 0.60 -23.12
N VAL E 464 -32.23 0.26 -24.41
CA VAL E 464 -32.08 1.29 -25.45
C VAL E 464 -33.07 1.07 -26.57
N VAL E 465 -33.28 2.11 -27.34
CA VAL E 465 -34.06 2.01 -28.57
C VAL E 465 -33.15 2.24 -29.77
N LYS E 466 -33.26 1.38 -30.77
CA LYS E 466 -32.62 1.70 -32.03
C LYS E 466 -33.65 1.47 -33.10
N ASP E 467 -33.85 2.48 -33.92
CA ASP E 467 -34.87 2.46 -34.93
C ASP E 467 -36.20 1.95 -34.34
N ASN E 468 -36.71 0.83 -34.82
CA ASN E 468 -38.05 0.40 -34.40
C ASN E 468 -37.99 -0.84 -33.45
N TYR E 469 -36.88 -0.96 -32.73
CA TYR E 469 -36.72 -2.01 -31.75
C TYR E 469 -36.25 -1.45 -30.42
N ILE E 470 -36.67 -2.11 -29.34
CA ILE E 470 -36.22 -1.75 -28.00
C ILE E 470 -35.43 -2.94 -27.52
N TYR E 471 -34.36 -2.67 -26.77
CA TYR E 471 -33.45 -3.72 -26.31
C TYR E 471 -33.29 -3.66 -24.79
N TYR E 472 -33.52 -4.79 -24.12
CA TYR E 472 -33.28 -4.92 -22.69
C TYR E 472 -32.07 -5.82 -22.47
N MET E 473 -30.97 -5.22 -22.04
CA MET E 473 -29.77 -5.97 -21.74
C MET E 473 -29.70 -6.26 -20.26
N PHE E 474 -29.62 -7.54 -19.90
CA PHE E 474 -29.74 -7.97 -18.50
C PHE E 474 -28.97 -9.28 -18.26
N GLY E 475 -28.77 -9.61 -16.98
CA GLY E 475 -28.04 -10.81 -16.63
C GLY E 475 -28.94 -12.02 -16.48
N GLY E 476 -28.34 -13.20 -16.56
CA GLY E 476 -29.05 -14.45 -16.40
C GLY E 476 -28.03 -15.52 -16.11
N GLU E 477 -28.40 -16.49 -15.32
CA GLU E 477 -27.48 -17.55 -14.96
C GLU E 477 -27.79 -18.86 -15.71
N ASP E 478 -27.02 -19.90 -15.46
CA ASP E 478 -27.36 -21.22 -15.95
C ASP E 478 -27.23 -22.14 -14.75
N HIS E 479 -27.36 -23.45 -14.96
CA HIS E 479 -27.33 -24.41 -13.84
C HIS E 479 -25.90 -24.82 -13.37
N PHE E 480 -24.85 -24.22 -13.95
CA PHE E 480 -23.48 -24.58 -13.61
C PHE E 480 -23.03 -23.88 -12.34
N ASN E 481 -22.82 -24.67 -11.28
CA ASN E 481 -22.41 -24.17 -9.98
C ASN E 481 -20.98 -23.54 -9.99
N PRO E 482 -20.83 -22.36 -9.40
CA PRO E 482 -19.52 -21.72 -9.27
C PRO E 482 -18.61 -22.42 -8.30
N TRP E 483 -19.18 -23.24 -7.42
CA TRP E 483 -18.43 -24.03 -6.44
C TRP E 483 -17.75 -23.18 -5.36
N THR E 484 -18.36 -22.04 -5.04
CA THR E 484 -17.95 -21.19 -3.91
C THR E 484 -18.03 -22.03 -2.66
N TYR E 485 -19.12 -22.77 -2.55
CA TYR E 485 -19.22 -23.78 -1.51
C TYR E 485 -18.83 -25.10 -2.16
N GLY E 486 -17.52 -25.35 -2.19
CA GLY E 486 -16.94 -26.43 -2.95
C GLY E 486 -15.46 -26.16 -3.08
N ASP E 487 -14.89 -26.55 -4.22
CA ASP E 487 -13.45 -26.50 -4.41
C ASP E 487 -12.98 -25.14 -4.94
N ASN E 488 -13.87 -24.17 -4.98
CA ASN E 488 -13.52 -22.90 -5.56
C ASN E 488 -14.06 -21.72 -4.74
N SER E 489 -13.79 -21.79 -3.44
CA SER E 489 -14.12 -20.67 -2.57
C SER E 489 -13.31 -19.39 -2.95
N ALA E 490 -12.16 -19.58 -3.59
CA ALA E 490 -11.31 -18.51 -4.14
C ALA E 490 -12.01 -17.79 -5.30
N LYS E 491 -13.03 -18.43 -5.86
CA LYS E 491 -13.86 -17.85 -6.93
C LYS E 491 -13.13 -17.60 -8.23
N ASP E 492 -12.06 -18.37 -8.46
CA ASP E 492 -11.28 -18.32 -9.69
C ASP E 492 -12.16 -18.58 -10.89
N PRO E 493 -12.29 -17.62 -11.81
CA PRO E 493 -13.20 -17.82 -12.96
C PRO E 493 -12.75 -18.93 -13.88
N PHE E 494 -11.48 -19.30 -13.89
CA PHE E 494 -11.01 -20.26 -14.89
C PHE E 494 -10.90 -21.72 -14.41
N LYS E 495 -11.36 -21.97 -13.18
CA LYS E 495 -11.56 -23.36 -12.71
C LYS E 495 -12.94 -23.79 -13.15
N SER E 496 -13.00 -24.99 -13.71
CA SER E 496 -14.28 -25.62 -14.04
C SER E 496 -15.19 -24.71 -14.94
N ASP E 497 -16.45 -24.48 -14.60
CA ASP E 497 -17.27 -23.63 -15.46
C ASP E 497 -17.33 -22.17 -15.08
N GLY E 498 -16.43 -21.76 -14.18
CA GLY E 498 -16.41 -20.40 -13.71
C GLY E 498 -17.79 -19.95 -13.25
N HIS E 499 -18.13 -18.71 -13.57
CA HIS E 499 -19.32 -18.10 -13.00
C HIS E 499 -20.49 -18.05 -13.96
N PRO E 500 -21.65 -18.48 -13.48
CA PRO E 500 -22.78 -18.81 -14.34
C PRO E 500 -23.48 -17.60 -14.91
N SER E 501 -23.21 -16.43 -14.36
CA SER E 501 -23.88 -15.23 -14.82
C SER E 501 -23.32 -14.71 -16.16
N ASP E 502 -24.22 -14.47 -17.10
CA ASP E 502 -23.85 -13.85 -18.39
C ASP E 502 -24.94 -12.90 -18.81
N LEU E 503 -24.69 -12.09 -19.82
CA LEU E 503 -25.70 -11.16 -20.31
C LEU E 503 -26.57 -11.73 -21.44
N TYR E 504 -27.84 -11.32 -21.40
CA TYR E 504 -28.83 -11.63 -22.41
C TYR E 504 -29.40 -10.31 -22.92
N CYS E 505 -30.08 -10.39 -24.06
CA CYS E 505 -30.72 -9.22 -24.61
C CYS E 505 -32.08 -9.58 -25.18
N TYR E 506 -33.12 -8.95 -24.65
CA TYR E 506 -34.46 -9.08 -25.24
C TYR E 506 -34.70 -7.98 -26.24
N LYS E 507 -34.91 -8.38 -27.47
CA LYS E 507 -35.17 -7.44 -28.54
C LYS E 507 -36.66 -7.49 -28.90
N MET E 508 -37.33 -6.36 -28.71
CA MET E 508 -38.75 -6.27 -28.93
C MET E 508 -39.09 -5.24 -29.98
N LYS E 509 -39.99 -5.63 -30.89
CA LYS E 509 -40.43 -4.75 -31.96
C LYS E 509 -41.41 -3.72 -31.41
N ILE E 510 -41.22 -2.48 -31.80
CA ILE E 510 -41.88 -1.34 -31.18
C ILE E 510 -42.54 -0.40 -32.21
N GLY E 511 -42.21 -0.62 -33.47
CA GLY E 511 -42.75 0.15 -34.56
C GLY E 511 -42.66 -0.69 -35.82
N PRO E 512 -43.26 -0.20 -36.91
CA PRO E 512 -43.39 -0.99 -38.14
C PRO E 512 -42.04 -1.11 -38.84
N ASP E 513 -41.78 -2.29 -39.40
CA ASP E 513 -40.58 -2.57 -40.16
C ASP E 513 -40.92 -2.63 -41.64
N ASN E 514 -40.54 -1.60 -42.40
CA ASN E 514 -40.89 -1.52 -43.83
C ASN E 514 -39.81 -2.09 -44.75
N ARG E 515 -39.01 -3.03 -44.20
CA ARG E 515 -37.97 -3.72 -44.94
C ARG E 515 -38.14 -5.23 -44.79
N VAL E 516 -37.69 -5.95 -45.80
CA VAL E 516 -37.62 -7.39 -45.74
C VAL E 516 -36.69 -7.75 -44.59
N SER E 517 -36.76 -8.99 -44.14
CA SER E 517 -35.98 -9.50 -43.01
C SER E 517 -34.45 -9.41 -43.17
N ARG E 518 -33.76 -8.93 -42.14
CA ARG E 518 -32.29 -8.95 -42.08
C ARG E 518 -31.73 -10.21 -41.29
N ASP E 519 -32.65 -11.01 -40.74
CA ASP E 519 -32.25 -12.10 -39.85
C ASP E 519 -31.47 -13.18 -40.59
N PHE E 520 -30.47 -13.77 -39.94
CA PHE E 520 -29.81 -14.96 -40.48
C PHE E 520 -29.60 -15.96 -39.38
N ARG E 521 -29.36 -17.20 -39.76
CA ARG E 521 -28.89 -18.19 -38.83
C ARG E 521 -27.37 -18.10 -38.85
N TYR E 522 -26.74 -18.17 -37.68
CA TYR E 522 -25.30 -18.07 -37.61
C TYR E 522 -24.70 -19.44 -37.85
N GLY E 523 -23.98 -19.60 -38.96
CA GLY E 523 -23.31 -20.84 -39.28
C GLY E 523 -21.80 -20.76 -39.51
N ALA E 524 -21.17 -19.67 -39.12
CA ALA E 524 -19.75 -19.46 -39.33
C ALA E 524 -18.94 -19.99 -38.15
N VAL E 525 -17.65 -20.21 -38.37
CA VAL E 525 -16.76 -20.46 -37.25
C VAL E 525 -16.49 -19.09 -36.65
N PRO E 526 -16.82 -18.86 -35.38
CA PRO E 526 -16.51 -17.56 -34.76
C PRO E 526 -15.01 -17.36 -34.81
N ASN E 527 -14.56 -16.32 -35.50
CA ASN E 527 -13.17 -16.18 -35.81
C ASN E 527 -12.64 -14.79 -35.59
N ARG E 528 -13.18 -14.09 -34.58
CA ARG E 528 -12.69 -12.78 -34.16
C ARG E 528 -11.76 -12.83 -32.93
N ALA E 529 -12.12 -13.65 -31.96
CA ALA E 529 -11.45 -13.71 -30.69
C ALA E 529 -10.05 -14.28 -30.84
N VAL E 530 -9.98 -15.43 -31.49
CA VAL E 530 -8.72 -16.08 -31.82
C VAL E 530 -8.82 -16.42 -33.29
N PRO E 531 -8.49 -15.48 -34.17
CA PRO E 531 -8.61 -15.75 -35.61
C PRO E 531 -7.68 -16.84 -36.09
N VAL E 532 -8.26 -17.92 -36.57
CA VAL E 532 -7.53 -19.09 -37.06
C VAL E 532 -7.75 -19.30 -38.57
N PHE E 533 -6.67 -19.65 -39.24
CA PHE E 533 -6.67 -19.95 -40.65
C PHE E 533 -5.77 -21.15 -40.90
N PHE E 534 -6.30 -22.16 -41.58
CA PHE E 534 -5.45 -23.23 -42.03
C PHE E 534 -4.55 -22.68 -43.13
N ASP E 535 -3.24 -22.72 -42.90
CA ASP E 535 -2.25 -22.20 -43.84
C ASP E 535 -2.10 -23.17 -45.01
N THR E 536 -1.32 -22.82 -46.03
CA THR E 536 -1.27 -23.69 -47.21
C THR E 536 -0.64 -25.04 -46.85
N ASN E 537 -0.03 -25.08 -45.68
CA ASN E 537 0.57 -26.30 -45.25
C ASN E 537 -0.34 -27.11 -44.34
N GLY E 538 -1.58 -26.67 -44.19
CA GLY E 538 -2.58 -27.41 -43.44
C GLY E 538 -2.49 -27.30 -41.93
N VAL E 539 -1.79 -26.28 -41.44
CA VAL E 539 -1.66 -26.01 -40.02
C VAL E 539 -2.45 -24.74 -39.61
N ARG E 540 -3.18 -24.85 -38.51
CA ARG E 540 -3.92 -23.72 -37.94
C ARG E 540 -2.98 -22.58 -37.63
N THR E 541 -3.31 -21.39 -38.14
CA THR E 541 -2.44 -20.25 -38.01
C THR E 541 -3.22 -19.05 -37.44
N VAL E 542 -2.66 -18.43 -36.41
CA VAL E 542 -3.20 -17.26 -35.76
C VAL E 542 -2.31 -16.06 -36.09
N PRO E 543 -2.78 -15.14 -36.92
CA PRO E 543 -1.98 -13.96 -37.33
C PRO E 543 -2.11 -12.75 -36.38
N ALA E 544 -3.12 -12.76 -35.52
CA ALA E 544 -3.30 -11.64 -34.60
C ALA E 544 -2.30 -11.65 -33.42
N PRO E 545 -1.88 -10.48 -33.00
CA PRO E 545 -1.10 -10.36 -31.77
C PRO E 545 -1.95 -10.86 -30.60
N MET E 546 -1.33 -11.51 -29.60
CA MET E 546 -2.08 -11.98 -28.44
C MET E 546 -1.27 -11.95 -27.17
N GLU E 547 -1.98 -11.91 -26.05
CA GLU E 547 -1.37 -11.98 -24.72
C GLU E 547 -1.91 -13.21 -23.97
N PHE E 548 -1.04 -14.02 -23.40
CA PHE E 548 -1.52 -15.05 -22.50
C PHE E 548 -0.92 -14.74 -21.17
N THR E 549 -1.77 -14.46 -20.18
CA THR E 549 -1.32 -14.04 -18.84
C THR E 549 -1.42 -15.18 -17.81
N GLY E 550 -2.24 -16.19 -18.13
CA GLY E 550 -2.33 -17.38 -17.31
C GLY E 550 -1.12 -18.29 -17.53
N ASP E 551 -0.85 -19.19 -16.60
CA ASP E 551 0.28 -20.11 -16.75
C ASP E 551 0.12 -20.98 -17.99
N LEU E 552 1.20 -21.09 -18.75
CA LEU E 552 1.20 -21.82 -20.00
C LEU E 552 2.09 -23.02 -19.86
N GLY E 553 1.59 -24.16 -20.35
CA GLY E 553 2.43 -25.34 -20.54
C GLY E 553 2.54 -25.61 -22.03
N LEU E 554 3.78 -25.70 -22.54
CA LEU E 554 3.98 -25.84 -23.99
C LEU E 554 4.63 -27.15 -24.25
N GLY E 555 4.44 -27.67 -25.46
CA GLY E 555 5.14 -28.88 -25.88
C GLY E 555 6.40 -28.51 -26.62
N HIS E 556 6.61 -29.11 -27.78
CA HIS E 556 7.71 -28.72 -28.64
C HIS E 556 7.47 -27.33 -29.18
N VAL E 557 8.50 -26.50 -29.18
CA VAL E 557 8.37 -25.11 -29.57
C VAL E 557 9.44 -24.74 -30.55
N THR E 558 9.00 -24.09 -31.63
CA THR E 558 9.90 -23.49 -32.62
C THR E 558 9.65 -21.99 -32.63
N ILE E 559 10.71 -21.20 -32.51
CA ILE E 559 10.60 -19.73 -32.57
C ILE E 559 11.06 -19.40 -33.95
N ARG E 560 10.13 -18.92 -34.78
CA ARG E 560 10.38 -18.67 -36.22
C ARG E 560 11.05 -17.31 -36.45
N ALA E 561 11.62 -17.13 -37.63
CA ALA E 561 12.20 -15.86 -38.01
C ALA E 561 11.09 -14.82 -38.01
N SER E 562 11.32 -13.68 -37.37
CA SER E 562 10.25 -12.71 -37.24
C SER E 562 10.71 -11.26 -37.18
N THR E 563 12.01 -11.04 -36.94
CA THR E 563 12.49 -9.70 -36.61
C THR E 563 13.62 -9.20 -37.51
N SER E 564 13.55 -7.90 -37.82
CA SER E 564 14.61 -7.21 -38.53
C SER E 564 14.74 -7.76 -39.97
N SER E 565 13.66 -7.57 -40.75
CA SER E 565 13.50 -8.21 -42.06
C SER E 565 13.59 -9.74 -41.99
N ASN E 566 13.04 -10.28 -40.90
CA ASN E 566 13.08 -11.71 -40.61
C ASN E 566 14.50 -12.35 -40.69
N ILE E 567 15.53 -11.60 -40.31
CA ILE E 567 16.88 -12.16 -40.23
C ILE E 567 16.94 -13.09 -39.03
N ARG E 568 16.15 -12.77 -37.98
CA ARG E 568 16.32 -13.45 -36.71
C ARG E 568 15.03 -13.93 -36.06
N SER E 569 15.17 -14.93 -35.19
CA SER E 569 14.11 -15.27 -34.26
C SER E 569 14.48 -14.54 -32.99
N GLU E 570 13.48 -14.19 -32.20
CA GLU E 570 13.68 -13.32 -31.05
C GLU E 570 12.79 -13.67 -29.88
N VAL E 571 13.39 -13.85 -28.70
CA VAL E 571 12.65 -13.92 -27.45
C VAL E 571 13.19 -12.80 -26.55
N LEU E 572 12.30 -11.91 -26.08
CA LEU E 572 12.69 -10.84 -25.17
C LEU E 572 12.16 -11.16 -23.77
N MET E 573 12.95 -10.94 -22.74
CA MET E 573 12.45 -11.17 -21.36
C MET E 573 12.27 -9.88 -20.58
N GLU E 574 11.09 -9.75 -19.96
CA GLU E 574 10.73 -8.52 -19.26
C GLU E 574 10.97 -8.69 -17.76
N GLY E 575 10.49 -7.75 -16.93
CA GLY E 575 10.78 -7.79 -15.51
C GLY E 575 12.11 -7.15 -15.16
N GLU E 576 12.45 -7.19 -13.87
CA GLU E 576 13.78 -6.80 -13.42
C GLU E 576 14.82 -7.74 -14.05
N TYR E 577 14.55 -9.03 -13.98
CA TYR E 577 15.44 -10.02 -14.56
C TYR E 577 14.63 -11.16 -15.12
N GLY E 578 15.23 -11.85 -16.09
CA GLY E 578 14.64 -13.07 -16.62
C GLY E 578 15.29 -14.26 -15.93
N PHE E 579 14.56 -15.37 -15.92
CA PHE E 579 15.07 -16.61 -15.40
C PHE E 579 14.69 -17.72 -16.36
N ILE E 580 15.69 -18.48 -16.83
CA ILE E 580 15.44 -19.69 -17.57
C ILE E 580 16.12 -20.81 -16.81
N GLY E 581 15.32 -21.78 -16.38
CA GLY E 581 15.79 -22.79 -15.47
C GLY E 581 15.15 -24.13 -15.77
N LYS E 582 15.57 -25.13 -14.99
CA LYS E 582 15.35 -26.53 -15.27
C LYS E 582 14.64 -27.21 -14.11
N SER E 583 13.43 -27.72 -14.32
CA SER E 583 12.73 -28.46 -13.28
C SER E 583 13.54 -29.71 -12.82
N ILE E 584 13.17 -30.26 -11.66
CA ILE E 584 13.75 -31.51 -11.20
C ILE E 584 13.06 -32.62 -11.99
N PRO E 585 13.86 -33.39 -12.72
CA PRO E 585 13.33 -34.49 -13.53
C PRO E 585 12.52 -35.43 -12.65
N THR E 586 11.41 -35.96 -13.16
CA THR E 586 10.61 -36.94 -12.43
C THR E 586 11.28 -38.31 -12.40
N ASP E 587 11.75 -38.78 -13.56
CA ASP E 587 12.27 -40.14 -13.68
C ASP E 587 13.77 -40.31 -13.42
N ASN E 588 14.56 -39.43 -14.01
CA ASN E 588 16.00 -39.52 -13.77
C ASN E 588 16.56 -38.17 -13.36
N PRO E 589 16.36 -37.78 -12.10
CA PRO E 589 16.90 -36.51 -11.56
C PRO E 589 18.40 -36.39 -11.70
N ALA E 590 19.11 -37.53 -11.75
CA ALA E 590 20.57 -37.50 -11.90
C ALA E 590 21.02 -36.92 -13.26
N GLY E 591 20.05 -36.72 -14.15
CA GLY E 591 20.35 -36.17 -15.46
C GLY E 591 20.09 -34.68 -15.62
N GLN E 592 19.54 -34.05 -14.58
CA GLN E 592 19.11 -32.65 -14.62
C GLN E 592 20.15 -31.73 -15.24
N ARG E 593 19.72 -31.04 -16.29
CA ARG E 593 20.59 -30.11 -17.04
C ARG E 593 19.85 -29.39 -18.17
N ILE E 594 20.39 -28.25 -18.60
CA ILE E 594 20.02 -27.63 -19.87
C ILE E 594 21.21 -27.56 -20.81
N ILE E 595 21.00 -27.98 -22.04
CA ILE E 595 21.99 -27.85 -23.11
C ILE E 595 21.57 -26.66 -23.98
N PHE E 596 22.44 -25.65 -24.04
CA PHE E 596 22.30 -24.53 -24.95
C PHE E 596 23.20 -24.84 -26.14
N CYS E 597 22.67 -24.67 -27.34
CA CYS E 597 23.39 -25.09 -28.54
C CYS E 597 23.24 -24.12 -29.71
N GLY E 598 24.35 -23.84 -30.39
CA GLY E 598 24.36 -22.92 -31.51
C GLY E 598 23.91 -23.61 -32.77
N GLY E 599 23.62 -24.89 -32.67
CA GLY E 599 23.28 -25.71 -33.81
C GLY E 599 22.02 -26.46 -33.53
N GLU E 600 21.62 -27.31 -34.48
CA GLU E 600 20.29 -27.92 -34.52
C GLU E 600 20.02 -29.12 -33.60
N GLY E 601 21.05 -29.73 -33.03
CA GLY E 601 20.83 -31.01 -32.36
C GLY E 601 21.62 -31.13 -31.08
N THR E 602 21.35 -32.16 -30.28
CA THR E 602 21.99 -32.25 -28.98
C THR E 602 23.44 -32.64 -29.12
N SER E 603 23.82 -33.17 -30.27
CA SER E 603 25.19 -33.55 -30.51
C SER E 603 26.01 -32.27 -30.67
N SER E 604 27.10 -32.16 -29.92
CA SER E 604 28.00 -31.00 -30.01
C SER E 604 28.57 -30.89 -31.41
N THR E 605 28.41 -31.97 -32.16
CA THR E 605 28.81 -31.97 -33.55
C THR E 605 28.06 -30.90 -34.37
N THR E 606 26.84 -30.56 -33.97
CA THR E 606 26.07 -29.57 -34.73
C THR E 606 26.36 -28.11 -34.36
N GLY E 607 27.10 -27.86 -33.28
CA GLY E 607 27.31 -26.49 -32.86
C GLY E 607 27.89 -26.37 -31.48
N ALA E 608 28.39 -25.18 -31.17
CA ALA E 608 28.95 -24.89 -29.86
C ALA E 608 27.90 -25.15 -28.78
N GLN E 609 28.35 -25.60 -27.62
CA GLN E 609 27.42 -25.79 -26.52
C GLN E 609 27.94 -25.32 -25.18
N ILE E 610 27.02 -24.83 -24.36
CA ILE E 610 27.23 -24.73 -22.92
C ILE E 610 26.13 -25.54 -22.24
N THR E 611 26.52 -26.44 -21.35
CA THR E 611 25.59 -27.28 -20.61
C THR E 611 25.69 -26.93 -19.12
N LEU E 612 24.56 -26.53 -18.56
CA LEU E 612 24.48 -26.22 -17.14
C LEU E 612 23.84 -27.42 -16.40
N TYR E 613 24.58 -28.03 -15.48
CA TYR E 613 24.11 -29.19 -14.76
C TYR E 613 23.38 -28.75 -13.47
N GLY E 614 22.26 -29.39 -13.16
CA GLY E 614 21.55 -29.07 -11.95
C GLY E 614 22.24 -29.61 -10.71
N ALA E 615 21.84 -29.11 -9.54
CA ALA E 615 22.37 -29.65 -8.28
C ALA E 615 22.09 -31.16 -8.12
N ASN E 616 20.98 -31.66 -8.65
CA ASN E 616 20.66 -33.09 -8.56
C ASN E 616 21.42 -33.93 -9.54
N ASN E 617 22.13 -33.31 -10.47
CA ASN E 617 22.87 -34.12 -11.45
C ASN E 617 23.97 -34.93 -10.76
N THR E 618 24.28 -36.09 -11.33
CA THR E 618 25.45 -36.85 -10.92
C THR E 618 26.70 -35.92 -10.84
N ASP E 619 26.94 -35.14 -11.87
CA ASP E 619 27.97 -34.10 -11.79
C ASP E 619 27.34 -32.81 -11.33
N SER E 620 27.20 -32.72 -10.03
CA SER E 620 26.46 -31.66 -9.38
C SER E 620 27.00 -30.26 -9.72
N ARG E 621 26.14 -29.42 -10.28
CA ARG E 621 26.49 -28.03 -10.66
C ARG E 621 27.69 -27.89 -11.60
N ARG E 622 27.94 -28.93 -12.40
CA ARG E 622 28.94 -28.86 -13.46
C ARG E 622 28.56 -27.85 -14.56
N ILE E 623 29.53 -27.13 -15.10
CA ILE E 623 29.35 -26.49 -16.42
C ILE E 623 30.37 -27.10 -17.38
N VAL E 624 29.91 -27.49 -18.57
CA VAL E 624 30.82 -27.87 -19.66
C VAL E 624 30.66 -26.83 -20.79
N TYR E 625 31.75 -26.13 -21.10
CA TYR E 625 31.75 -25.24 -22.26
C TYR E 625 32.43 -25.95 -23.42
N ASN E 626 31.68 -26.15 -24.49
CA ASN E 626 32.14 -26.94 -25.62
C ASN E 626 32.09 -26.22 -26.97
N GLY E 627 33.24 -25.75 -27.45
CA GLY E 627 33.35 -25.20 -28.79
C GLY E 627 34.72 -25.41 -29.41
N ASP E 628 34.86 -25.03 -30.67
CA ASP E 628 36.13 -25.16 -31.38
C ASP E 628 36.99 -23.91 -31.14
N GLU E 629 36.37 -22.88 -30.57
CA GLU E 629 37.08 -21.69 -30.08
C GLU E 629 36.36 -21.21 -28.83
N HIS E 630 37.14 -20.85 -27.79
CA HIS E 630 36.62 -20.13 -26.60
C HIS E 630 37.31 -18.79 -26.56
N LEU E 631 36.59 -17.74 -26.95
CA LEU E 631 37.18 -16.43 -27.07
C LEU E 631 36.55 -15.48 -26.08
N PHE E 632 37.38 -14.96 -25.19
CA PHE E 632 36.91 -14.05 -24.15
C PHE E 632 37.20 -12.60 -24.51
N GLN E 633 36.12 -11.90 -24.86
CA GLN E 633 36.17 -10.53 -25.39
C GLN E 633 35.91 -9.48 -24.33
N SER E 634 36.59 -8.34 -24.45
CA SER E 634 36.32 -7.12 -23.70
C SER E 634 36.72 -7.09 -22.23
N ALA E 635 37.02 -8.22 -21.61
CA ALA E 635 37.47 -8.15 -20.21
C ALA E 635 38.43 -9.27 -19.84
N ASP E 636 39.13 -9.10 -18.73
CA ASP E 636 40.03 -10.10 -18.18
C ASP E 636 39.24 -11.34 -17.81
N VAL E 637 39.87 -12.51 -17.90
CA VAL E 637 39.29 -13.74 -17.38
C VAL E 637 39.76 -13.85 -15.94
N LYS E 638 38.80 -13.74 -15.03
CA LYS E 638 39.02 -13.59 -13.59
C LYS E 638 38.24 -14.57 -12.72
N PRO E 639 38.78 -14.93 -11.56
CA PRO E 639 38.00 -15.66 -10.59
C PRO E 639 37.14 -14.66 -9.80
N TYR E 640 35.97 -15.11 -9.36
CA TYR E 640 35.09 -14.26 -8.60
C TYR E 640 35.75 -13.78 -7.33
N ASN E 641 36.43 -14.68 -6.62
CA ASN E 641 37.09 -14.32 -5.38
C ASN E 641 38.59 -14.30 -5.54
N ASP E 642 39.26 -13.80 -4.51
CA ASP E 642 40.69 -13.58 -4.54
C ASP E 642 41.46 -14.73 -3.91
N ASN E 643 42.32 -15.38 -4.71
CA ASN E 643 43.26 -16.36 -4.17
C ASN E 643 42.49 -17.55 -3.60
N VAL E 644 41.47 -18.00 -4.35
CA VAL E 644 40.55 -19.03 -3.87
C VAL E 644 40.49 -20.17 -4.86
N THR E 645 40.40 -19.83 -6.13
CA THR E 645 40.33 -20.83 -7.20
C THR E 645 41.54 -20.78 -8.13
N ALA E 646 41.81 -21.88 -8.84
CA ALA E 646 43.00 -21.95 -9.68
C ALA E 646 42.69 -21.99 -11.15
N LEU E 647 43.74 -21.99 -11.95
CA LEU E 647 43.62 -22.34 -13.35
C LEU E 647 44.18 -23.73 -13.51
N GLY E 648 43.31 -24.64 -13.95
CA GLY E 648 43.64 -26.04 -14.07
C GLY E 648 43.65 -26.79 -12.75
N GLY E 649 44.16 -28.01 -12.82
CA GLY E 649 44.34 -28.89 -11.68
C GLY E 649 45.30 -29.99 -12.07
N PRO E 650 45.78 -30.74 -11.07
CA PRO E 650 46.68 -31.89 -11.32
C PRO E 650 46.23 -32.87 -12.43
N SER E 651 44.92 -33.09 -12.60
CA SER E 651 44.42 -34.03 -13.58
C SER E 651 43.78 -33.32 -14.78
N ASN E 652 43.80 -31.99 -14.73
CA ASN E 652 43.31 -31.12 -15.81
C ASN E 652 44.26 -29.96 -16.07
N ARG E 653 45.47 -30.30 -16.55
CA ARG E 653 46.46 -29.27 -16.85
C ARG E 653 46.24 -28.66 -18.21
N PHE E 654 46.43 -27.34 -18.28
CA PHE E 654 46.55 -26.62 -19.54
C PHE E 654 47.96 -26.94 -20.08
N THR E 655 48.08 -27.18 -21.38
CA THR E 655 49.37 -27.47 -22.01
C THR E 655 50.45 -26.44 -21.66
N THR E 656 50.04 -25.16 -21.67
CA THR E 656 50.89 -23.99 -21.38
C THR E 656 50.00 -22.75 -21.23
N ALA E 657 50.63 -21.60 -21.06
CA ALA E 657 49.93 -20.32 -21.10
C ALA E 657 50.72 -19.36 -21.96
N TYR E 658 50.06 -18.82 -22.98
CA TYR E 658 50.68 -17.80 -23.83
C TYR E 658 50.47 -16.44 -23.25
N LEU E 659 51.53 -15.86 -22.73
CA LEU E 659 51.46 -14.55 -22.11
C LEU E 659 52.40 -13.55 -22.78
N GLY E 660 52.03 -12.28 -22.67
CA GLY E 660 52.85 -11.18 -23.15
C GLY E 660 53.85 -10.70 -22.13
N SER E 661 53.81 -11.26 -20.91
CA SER E 661 54.78 -10.97 -19.85
C SER E 661 54.67 -12.04 -18.74
N ASN E 662 55.72 -12.21 -17.94
CA ASN E 662 55.72 -13.18 -16.85
C ASN E 662 54.53 -13.04 -15.92
N PRO E 663 54.09 -14.15 -15.29
CA PRO E 663 53.06 -14.06 -14.27
C PRO E 663 53.49 -13.09 -13.17
N ILE E 664 52.50 -12.35 -12.69
CA ILE E 664 52.67 -11.48 -11.53
C ILE E 664 52.25 -12.25 -10.26
N VAL E 665 53.23 -12.80 -9.53
CA VAL E 665 52.86 -13.63 -8.38
C VAL E 665 53.07 -12.86 -7.07
N THR E 666 52.09 -12.94 -6.16
CA THR E 666 52.00 -11.99 -5.06
C THR E 666 51.36 -12.58 -3.79
N SER F 1 -61.49 -4.78 -48.53
CA SER F 1 -60.83 -6.12 -48.74
C SER F 1 -59.82 -6.07 -49.89
N ALA F 2 -58.59 -6.58 -49.66
CA ALA F 2 -57.51 -6.53 -50.66
C ALA F 2 -57.77 -7.44 -51.88
N LYS F 3 -57.41 -6.97 -53.07
CA LYS F 3 -57.59 -7.75 -54.29
C LYS F 3 -56.47 -8.76 -54.50
N GLY F 4 -55.24 -8.36 -54.21
CA GLY F 4 -54.08 -9.20 -54.42
C GLY F 4 -54.01 -9.74 -55.85
N ASP F 5 -54.08 -8.83 -56.83
CA ASP F 5 -54.03 -9.18 -58.25
C ASP F 5 -52.74 -8.64 -58.85
N GLY F 6 -51.96 -7.94 -58.02
CA GLY F 6 -50.69 -7.39 -58.47
C GLY F 6 -50.78 -6.15 -59.36
N VAL F 7 -52.01 -5.64 -59.58
CA VAL F 7 -52.23 -4.37 -60.30
C VAL F 7 -53.06 -3.34 -59.53
N THR F 8 -54.08 -3.81 -58.80
CA THR F 8 -54.97 -2.93 -58.03
C THR F 8 -54.28 -2.43 -56.75
N ASP F 9 -54.39 -1.12 -56.50
CA ASP F 9 -53.78 -0.51 -55.32
C ASP F 9 -54.42 -1.02 -54.02
N ASP F 10 -53.69 -1.83 -53.25
CA ASP F 10 -54.26 -2.43 -52.06
C ASP F 10 -53.81 -1.70 -50.78
N THR F 11 -53.07 -0.60 -50.95
CA THR F 11 -52.50 0.12 -49.83
C THR F 11 -53.53 0.32 -48.71
N ALA F 12 -54.65 0.98 -49.01
CA ALA F 12 -55.65 1.27 -47.99
C ALA F 12 -56.25 0.00 -47.37
N ALA F 13 -56.62 -0.97 -48.22
CA ALA F 13 -57.16 -2.21 -47.67
C ALA F 13 -56.15 -2.89 -46.71
N LEU F 14 -54.88 -2.92 -47.08
CA LEU F 14 -53.86 -3.48 -46.20
C LEU F 14 -53.74 -2.67 -44.91
N THR F 15 -53.76 -1.35 -45.02
CA THR F 15 -53.66 -0.44 -43.87
C THR F 15 -54.76 -0.80 -42.85
N SER F 16 -56.02 -0.81 -43.31
CA SER F 16 -57.09 -1.09 -42.36
C SER F 16 -57.00 -2.51 -41.76
N ALA F 17 -56.62 -3.52 -42.56
CA ALA F 17 -56.40 -4.85 -42.01
C ALA F 17 -55.38 -4.81 -40.84
N LEU F 18 -54.21 -4.21 -41.09
CA LEU F 18 -53.19 -4.05 -40.06
C LEU F 18 -53.73 -3.37 -38.80
N ASN F 19 -54.49 -2.30 -39.00
CA ASN F 19 -55.03 -1.58 -37.83
C ASN F 19 -56.07 -2.40 -37.06
N ASP F 20 -56.77 -3.28 -37.79
CA ASP F 20 -57.86 -4.07 -37.22
C ASP F 20 -57.46 -5.45 -36.62
N THR F 21 -56.19 -5.86 -36.80
CA THR F 21 -55.73 -7.14 -36.25
C THR F 21 -54.62 -6.92 -35.18
N PRO F 22 -54.53 -7.81 -34.18
CA PRO F 22 -53.44 -7.75 -33.17
C PRO F 22 -52.05 -7.91 -33.78
N VAL F 23 -51.08 -7.22 -33.20
CA VAL F 23 -49.74 -7.17 -33.78
C VAL F 23 -49.09 -8.55 -33.90
N GLY F 24 -49.55 -9.48 -33.07
CA GLY F 24 -48.95 -10.82 -33.04
C GLY F 24 -49.50 -11.77 -34.10
N GLN F 25 -50.60 -11.36 -34.72
CA GLN F 25 -51.24 -12.13 -35.76
C GLN F 25 -50.43 -12.07 -37.05
N LYS F 26 -50.05 -13.25 -37.55
CA LYS F 26 -49.37 -13.34 -38.83
C LYS F 26 -50.43 -13.25 -39.93
N ILE F 27 -50.48 -12.13 -40.67
CA ILE F 27 -51.49 -12.03 -41.74
C ILE F 27 -51.07 -12.83 -42.97
N ASN F 28 -51.89 -13.82 -43.33
CA ASN F 28 -51.58 -14.67 -44.45
C ASN F 28 -52.07 -14.05 -45.74
N GLY F 29 -51.15 -13.79 -46.67
CA GLY F 29 -51.51 -13.25 -47.98
C GLY F 29 -51.80 -14.28 -49.07
N ASN F 30 -51.82 -15.56 -48.68
CA ASN F 30 -52.17 -16.68 -49.56
C ASN F 30 -51.36 -16.80 -50.86
N GLY F 31 -50.06 -16.48 -50.78
CA GLY F 31 -49.17 -16.55 -51.93
C GLY F 31 -49.48 -15.53 -53.01
N LYS F 32 -50.31 -14.53 -52.74
CA LYS F 32 -50.66 -13.51 -53.73
C LYS F 32 -49.72 -12.30 -53.68
N THR F 33 -49.80 -11.49 -54.73
CA THR F 33 -48.98 -10.28 -54.87
C THR F 33 -49.89 -9.03 -54.69
N TYR F 34 -49.49 -8.14 -53.79
CA TYR F 34 -50.28 -6.95 -53.44
C TYR F 34 -49.56 -5.67 -53.88
N LYS F 35 -50.19 -4.89 -54.77
CA LYS F 35 -49.62 -3.61 -55.21
C LYS F 35 -49.81 -2.58 -54.14
N VAL F 36 -48.76 -1.83 -53.85
CA VAL F 36 -48.82 -0.77 -52.85
C VAL F 36 -48.08 0.49 -53.28
N THR F 37 -48.38 1.61 -52.63
CA THR F 37 -47.72 2.89 -52.93
C THR F 37 -46.72 3.19 -51.83
N SER F 38 -46.80 2.42 -50.74
CA SER F 38 -45.73 2.38 -49.75
C SER F 38 -45.69 1.01 -49.13
N LEU F 39 -44.50 0.58 -48.76
CA LEU F 39 -44.34 -0.68 -48.13
C LEU F 39 -44.94 -0.60 -46.73
N PRO F 40 -45.85 -1.51 -46.44
CA PRO F 40 -46.42 -1.59 -45.09
C PRO F 40 -45.46 -2.32 -44.14
N ASP F 41 -45.97 -2.74 -42.99
CA ASP F 41 -45.16 -3.46 -42.03
C ASP F 41 -45.00 -4.93 -42.48
N ILE F 42 -43.91 -5.19 -43.22
CA ILE F 42 -43.72 -6.49 -43.86
C ILE F 42 -43.66 -7.61 -42.82
N SER F 43 -43.07 -7.31 -41.68
CA SER F 43 -42.86 -8.27 -40.60
C SER F 43 -44.17 -8.90 -40.07
N ARG F 44 -45.30 -8.27 -40.35
CA ARG F 44 -46.58 -8.77 -39.87
C ARG F 44 -47.28 -9.72 -40.83
N PHE F 45 -46.71 -9.89 -42.03
CA PHE F 45 -47.28 -10.78 -43.06
C PHE F 45 -46.52 -12.09 -43.19
N ILE F 46 -47.25 -13.15 -43.53
CA ILE F 46 -46.61 -14.39 -43.98
C ILE F 46 -47.16 -14.71 -45.37
N ASN F 47 -46.38 -15.41 -46.18
CA ASN F 47 -46.84 -15.90 -47.47
C ASN F 47 -47.45 -14.76 -48.32
N THR F 48 -46.71 -13.65 -48.40
CA THR F 48 -47.18 -12.40 -49.02
C THR F 48 -46.07 -11.79 -49.83
N ARG F 49 -46.40 -11.35 -51.05
CA ARG F 49 -45.47 -10.57 -51.85
C ARG F 49 -46.02 -9.16 -52.14
N PHE F 50 -45.15 -8.16 -52.10
CA PHE F 50 -45.55 -6.79 -52.45
C PHE F 50 -44.92 -6.35 -53.78
N VAL F 51 -45.68 -5.71 -54.66
CA VAL F 51 -45.08 -4.93 -55.73
C VAL F 51 -45.17 -3.47 -55.35
N TYR F 52 -44.06 -2.79 -55.57
CA TYR F 52 -43.90 -1.45 -55.07
C TYR F 52 -42.95 -0.70 -56.00
N GLU F 53 -43.34 0.52 -56.38
CA GLU F 53 -42.52 1.36 -57.23
C GLU F 53 -41.91 2.46 -56.40
N ARG F 54 -40.76 2.18 -55.77
CA ARG F 54 -39.98 3.20 -55.07
C ARG F 54 -39.65 4.35 -56.02
N ILE F 55 -39.09 4.00 -57.19
CA ILE F 55 -38.95 4.91 -58.33
C ILE F 55 -40.05 4.62 -59.36
N PRO F 56 -40.93 5.60 -59.61
CA PRO F 56 -42.04 5.42 -60.54
C PRO F 56 -41.62 4.83 -61.90
N GLY F 57 -42.36 3.83 -62.36
CA GLY F 57 -42.05 3.10 -63.59
C GLY F 57 -41.13 1.91 -63.37
N GLN F 58 -40.69 1.71 -62.12
CA GLN F 58 -39.70 0.67 -61.82
C GLN F 58 -40.17 -0.26 -60.73
N PRO F 59 -41.18 -1.10 -61.03
CA PRO F 59 -41.72 -2.03 -60.03
C PRO F 59 -40.70 -3.08 -59.57
N LEU F 60 -40.58 -3.23 -58.25
CA LEU F 60 -39.77 -4.27 -57.61
C LEU F 60 -40.64 -5.08 -56.69
N TYR F 61 -40.25 -6.32 -56.40
CA TYR F 61 -41.11 -7.18 -55.57
C TYR F 61 -40.44 -7.42 -54.23
N TYR F 62 -41.29 -7.63 -53.22
CA TYR F 62 -40.85 -7.71 -51.83
C TYR F 62 -41.49 -8.91 -51.15
N ALA F 63 -40.65 -9.79 -50.60
CA ALA F 63 -41.12 -11.06 -50.03
C ALA F 63 -41.31 -10.93 -48.52
N SER F 64 -42.48 -11.27 -48.00
CA SER F 64 -42.59 -11.39 -46.55
C SER F 64 -41.95 -12.73 -46.12
N GLU F 65 -41.87 -12.98 -44.82
CA GLU F 65 -41.43 -14.28 -44.34
C GLU F 65 -42.33 -15.35 -44.91
N GLU F 66 -41.72 -16.46 -45.32
CA GLU F 66 -42.46 -17.65 -45.77
C GLU F 66 -43.09 -17.53 -47.15
N PHE F 67 -42.84 -16.44 -47.89
CA PHE F 67 -43.26 -16.38 -49.29
C PHE F 67 -42.42 -17.31 -50.16
N VAL F 68 -41.11 -17.27 -49.99
CA VAL F 68 -40.20 -18.27 -50.57
C VAL F 68 -39.76 -19.21 -49.43
N GLN F 69 -39.47 -20.46 -49.76
CA GLN F 69 -38.87 -21.37 -48.78
C GLN F 69 -37.36 -21.11 -48.81
N GLY F 70 -36.90 -20.23 -47.92
CA GLY F 70 -35.53 -19.74 -47.97
C GLY F 70 -35.05 -19.23 -46.64
N GLU F 71 -33.73 -19.13 -46.48
CA GLU F 71 -33.14 -18.70 -45.21
C GLU F 71 -31.75 -18.17 -45.48
N LEU F 72 -31.39 -17.11 -44.76
CA LEU F 72 -30.08 -16.53 -44.88
C LEU F 72 -29.22 -17.09 -43.78
N PHE F 73 -27.95 -17.35 -44.13
CA PHE F 73 -26.93 -17.78 -43.18
C PHE F 73 -25.74 -16.85 -43.22
N LYS F 74 -25.13 -16.56 -42.09
CA LYS F 74 -23.79 -15.97 -42.06
C LYS F 74 -22.82 -17.13 -42.06
N ILE F 75 -21.87 -17.10 -42.99
CA ILE F 75 -20.93 -18.23 -43.17
C ILE F 75 -19.43 -17.94 -42.86
N THR F 76 -19.02 -16.66 -42.82
CA THR F 76 -17.72 -16.28 -42.24
C THR F 76 -17.88 -15.20 -41.15
N ASP F 77 -16.85 -15.10 -40.30
CA ASP F 77 -16.80 -14.12 -39.25
C ASP F 77 -15.34 -13.90 -38.85
N THR F 78 -14.66 -13.08 -39.63
CA THR F 78 -13.21 -12.97 -39.65
C THR F 78 -12.92 -11.51 -39.74
N PRO F 79 -11.83 -11.05 -39.12
CA PRO F 79 -11.46 -9.63 -39.16
C PRO F 79 -10.91 -9.18 -40.53
N TYR F 80 -10.60 -10.11 -41.42
CA TYR F 80 -10.22 -9.73 -42.79
C TYR F 80 -11.43 -9.14 -43.55
N TYR F 81 -11.12 -8.38 -44.60
CA TYR F 81 -12.10 -7.94 -45.55
C TYR F 81 -12.47 -9.19 -46.34
N ASN F 82 -13.57 -9.83 -45.97
CA ASN F 82 -13.98 -10.99 -46.72
C ASN F 82 -15.10 -10.71 -47.69
N ALA F 83 -14.80 -10.84 -48.98
CA ALA F 83 -15.75 -10.48 -50.02
C ALA F 83 -15.38 -11.22 -51.30
N TRP F 84 -16.06 -10.91 -52.39
CA TRP F 84 -15.82 -11.53 -53.69
C TRP F 84 -15.84 -13.04 -53.76
N PRO F 85 -16.93 -13.70 -53.41
CA PRO F 85 -17.10 -15.09 -53.84
C PRO F 85 -17.16 -15.15 -55.36
N GLN F 86 -17.60 -14.06 -56.01
CA GLN F 86 -17.66 -13.98 -57.47
C GLN F 86 -16.39 -14.51 -58.10
N ASP F 87 -16.49 -15.46 -59.01
CA ASP F 87 -17.65 -16.31 -59.16
C ASP F 87 -17.05 -17.71 -59.17
N LYS F 88 -16.85 -18.26 -57.99
CA LYS F 88 -15.91 -19.36 -57.79
C LYS F 88 -16.54 -20.56 -57.11
N ALA F 89 -17.77 -20.43 -56.60
CA ALA F 89 -18.37 -21.51 -55.82
C ALA F 89 -18.61 -22.74 -56.68
N PHE F 90 -18.60 -23.87 -56.02
CA PHE F 90 -18.88 -25.12 -56.69
C PHE F 90 -19.28 -26.11 -55.62
N VAL F 91 -19.94 -27.19 -56.04
CA VAL F 91 -20.10 -28.34 -55.15
C VAL F 91 -19.35 -29.56 -55.70
N TYR F 92 -18.70 -30.28 -54.81
CA TYR F 92 -17.94 -31.45 -55.19
C TYR F 92 -18.17 -32.51 -54.14
N GLU F 93 -18.71 -33.64 -54.58
CA GLU F 93 -18.92 -34.79 -53.74
C GLU F 93 -19.50 -34.40 -52.39
N ASN F 94 -20.70 -33.84 -52.49
CA ASN F 94 -21.52 -33.48 -51.36
C ASN F 94 -21.07 -32.29 -50.53
N VAL F 95 -19.87 -31.79 -50.74
CA VAL F 95 -19.41 -30.60 -50.01
C VAL F 95 -19.66 -29.35 -50.83
N ILE F 96 -20.18 -28.32 -50.18
CA ILE F 96 -20.37 -27.03 -50.83
C ILE F 96 -19.16 -26.15 -50.52
N TYR F 97 -18.57 -25.58 -51.57
CA TYR F 97 -17.39 -24.77 -51.44
C TYR F 97 -17.70 -23.30 -51.75
N ALA F 98 -17.30 -22.42 -50.84
CA ALA F 98 -17.46 -20.97 -51.02
C ALA F 98 -16.09 -20.27 -51.00
N PRO F 99 -15.41 -20.26 -52.12
CA PRO F 99 -14.14 -19.56 -52.24
C PRO F 99 -14.37 -18.07 -52.29
N TYR F 100 -13.36 -17.29 -51.91
CA TYR F 100 -13.46 -15.84 -51.84
C TYR F 100 -12.07 -15.26 -51.66
N MET F 101 -11.99 -13.95 -51.48
CA MET F 101 -10.73 -13.32 -51.14
C MET F 101 -10.87 -12.61 -49.81
N GLY F 102 -9.97 -12.90 -48.91
CA GLY F 102 -9.87 -12.16 -47.67
C GLY F 102 -8.63 -11.29 -47.73
N SER F 103 -8.84 -9.98 -47.76
CA SER F 103 -7.76 -9.03 -47.82
C SER F 103 -7.99 -7.94 -46.78
N ASP F 104 -7.45 -6.74 -46.99
CA ASP F 104 -7.70 -5.63 -46.07
C ASP F 104 -8.42 -4.46 -46.74
N ARG F 105 -8.76 -4.63 -48.05
CA ARG F 105 -9.36 -3.58 -48.86
C ARG F 105 -9.77 -4.08 -50.25
N HIS F 106 -10.37 -3.19 -51.04
CA HIS F 106 -10.61 -3.44 -52.45
C HIS F 106 -9.26 -3.39 -53.17
N GLY F 107 -8.56 -4.53 -53.17
CA GLY F 107 -7.22 -4.60 -53.72
C GLY F 107 -6.55 -5.84 -53.16
N VAL F 108 -5.30 -6.08 -53.55
CA VAL F 108 -4.62 -7.35 -53.17
C VAL F 108 -3.74 -7.32 -51.92
N SER F 109 -3.71 -6.17 -51.25
CA SER F 109 -2.97 -6.02 -50.00
C SER F 109 -3.44 -7.05 -48.97
N ARG F 110 -2.49 -7.78 -48.39
CA ARG F 110 -2.76 -8.78 -47.36
C ARG F 110 -3.69 -9.91 -47.81
N LEU F 111 -3.87 -10.05 -49.13
CA LEU F 111 -4.91 -10.92 -49.66
C LEU F 111 -4.50 -12.37 -49.65
N HIS F 112 -5.45 -13.24 -49.29
CA HIS F 112 -5.34 -14.70 -49.46
C HIS F 112 -6.56 -15.18 -50.21
N VAL F 113 -6.35 -15.95 -51.26
CA VAL F 113 -7.47 -16.58 -51.90
C VAL F 113 -7.87 -17.62 -50.86
N SER F 114 -9.16 -17.70 -50.54
CA SER F 114 -9.58 -18.53 -49.41
C SER F 114 -10.87 -19.26 -49.73
N TRP F 115 -11.25 -20.21 -48.88
CA TRP F 115 -12.59 -20.73 -48.93
C TRP F 115 -13.09 -21.19 -47.57
N VAL F 116 -14.40 -21.22 -47.39
CA VAL F 116 -15.00 -21.96 -46.31
C VAL F 116 -15.87 -23.00 -47.01
N LYS F 117 -16.20 -24.09 -46.31
CA LYS F 117 -16.96 -25.18 -46.90
C LYS F 117 -18.06 -25.60 -45.95
N SER F 118 -19.10 -26.23 -46.50
CA SER F 118 -20.18 -26.76 -45.72
C SER F 118 -20.31 -28.25 -45.92
N GLY F 119 -20.27 -29.00 -44.82
CA GLY F 119 -20.50 -30.43 -44.87
C GLY F 119 -21.94 -30.86 -44.60
N ASP F 120 -22.87 -29.93 -44.46
CA ASP F 120 -24.19 -30.30 -44.00
C ASP F 120 -25.30 -29.52 -44.71
N ASP F 121 -25.06 -29.29 -45.99
CA ASP F 121 -25.96 -28.55 -46.88
C ASP F 121 -26.24 -27.14 -46.43
N GLY F 122 -25.23 -26.50 -45.85
CA GLY F 122 -25.24 -25.07 -45.66
C GLY F 122 -25.62 -24.62 -44.27
N GLN F 123 -25.95 -25.55 -43.37
CA GLN F 123 -26.25 -25.20 -42.00
C GLN F 123 -25.04 -24.66 -41.23
N THR F 124 -23.88 -25.18 -41.56
CA THR F 124 -22.68 -24.97 -40.76
C THR F 124 -21.51 -24.91 -41.72
N TRP F 125 -20.53 -24.06 -41.40
CA TRP F 125 -19.39 -23.85 -42.28
C TRP F 125 -18.06 -23.99 -41.58
N SER F 126 -16.99 -24.22 -42.37
CA SER F 126 -15.67 -24.59 -41.86
C SER F 126 -14.77 -23.41 -41.53
N THR F 127 -13.67 -23.67 -40.81
CA THR F 127 -12.66 -22.66 -40.55
C THR F 127 -12.05 -22.25 -41.90
N PRO F 128 -11.92 -20.94 -42.19
CA PRO F 128 -11.28 -20.50 -43.44
C PRO F 128 -9.95 -21.19 -43.67
N GLU F 129 -9.71 -21.56 -44.93
CA GLU F 129 -8.45 -22.11 -45.39
C GLU F 129 -7.81 -21.18 -46.41
N TRP F 130 -6.51 -20.96 -46.31
CA TRP F 130 -5.75 -20.19 -47.32
C TRP F 130 -5.32 -21.09 -48.49
N LEU F 131 -5.73 -20.72 -49.68
CA LEU F 131 -5.40 -21.49 -50.87
C LEU F 131 -4.13 -21.00 -51.49
N THR F 132 -3.83 -19.71 -51.33
CA THR F 132 -2.59 -19.16 -51.86
C THR F 132 -1.86 -18.51 -50.71
N ASP F 133 -0.51 -18.45 -50.80
CA ASP F 133 0.32 -17.67 -49.91
C ASP F 133 0.42 -16.27 -50.51
N LEU F 134 0.99 -15.32 -49.74
CA LEU F 134 1.40 -14.03 -50.26
C LEU F 134 2.43 -14.30 -51.36
N HIS F 135 2.37 -13.54 -52.44
CA HIS F 135 3.26 -13.73 -53.59
C HIS F 135 4.70 -13.51 -53.13
N PRO F 136 5.65 -14.29 -53.69
CA PRO F 136 7.07 -14.08 -53.37
C PRO F 136 7.52 -12.61 -53.43
N ASP F 137 6.95 -11.82 -54.33
CA ASP F 137 7.35 -10.43 -54.52
C ASP F 137 6.43 -9.42 -53.79
N TYR F 138 5.57 -9.91 -52.91
CA TYR F 138 4.88 -9.07 -51.94
C TYR F 138 5.94 -8.17 -51.27
N PRO F 139 5.68 -6.87 -51.08
CA PRO F 139 4.38 -6.22 -51.25
C PRO F 139 4.23 -5.40 -52.54
N THR F 140 4.98 -5.74 -53.60
CA THR F 140 4.84 -5.10 -54.93
C THR F 140 3.56 -5.60 -55.62
N VAL F 141 3.40 -6.92 -55.64
CA VAL F 141 2.30 -7.63 -56.30
C VAL F 141 1.75 -8.72 -55.37
N ASN F 142 0.52 -9.16 -55.62
CA ASN F 142 -0.05 -10.26 -54.87
C ASN F 142 -1.11 -10.93 -55.73
N TYR F 143 -1.57 -12.08 -55.27
CA TYR F 143 -2.53 -12.92 -55.98
C TYR F 143 -3.96 -12.39 -55.96
N HIS F 144 -4.80 -12.94 -56.82
CA HIS F 144 -6.17 -12.52 -56.94
C HIS F 144 -6.88 -13.59 -57.78
N CYS F 145 -8.15 -13.86 -57.53
CA CYS F 145 -8.83 -14.90 -58.31
C CYS F 145 -10.32 -14.71 -58.28
N MET F 146 -10.95 -14.72 -59.45
CA MET F 146 -12.40 -14.62 -59.51
C MET F 146 -13.02 -15.77 -60.30
N SER F 147 -12.18 -16.74 -60.66
CA SER F 147 -12.56 -17.80 -61.55
C SER F 147 -11.98 -19.11 -61.07
N MET F 148 -12.85 -20.01 -60.68
CA MET F 148 -12.42 -21.26 -60.07
C MET F 148 -13.52 -22.29 -60.29
N GLY F 149 -13.15 -23.53 -60.55
CA GLY F 149 -14.14 -24.56 -60.62
C GLY F 149 -13.50 -25.92 -60.70
N VAL F 150 -14.34 -26.92 -60.95
CA VAL F 150 -13.88 -28.30 -61.05
C VAL F 150 -14.15 -28.90 -62.42
N CYS F 151 -13.14 -29.56 -62.97
CA CYS F 151 -13.27 -30.25 -64.22
C CYS F 151 -12.59 -31.60 -64.08
N ARG F 152 -13.36 -32.68 -64.28
CA ARG F 152 -12.86 -34.06 -64.20
C ARG F 152 -11.98 -34.28 -62.95
N ASN F 153 -12.56 -34.02 -61.77
CA ASN F 153 -11.89 -34.26 -60.49
C ASN F 153 -10.65 -33.42 -60.15
N ARG F 154 -10.42 -32.33 -60.90
CA ARG F 154 -9.38 -31.37 -60.56
C ARG F 154 -9.96 -29.97 -60.34
N LEU F 155 -9.43 -29.25 -59.34
CA LEU F 155 -9.71 -27.84 -59.17
C LEU F 155 -8.90 -27.05 -60.20
N PHE F 156 -9.54 -26.17 -60.95
CA PHE F 156 -8.84 -25.28 -61.87
C PHE F 156 -9.12 -23.84 -61.43
N ALA F 157 -8.10 -23.01 -61.37
CA ALA F 157 -8.29 -21.61 -60.97
C ALA F 157 -7.44 -20.75 -61.85
N MET F 158 -7.99 -19.60 -62.27
CA MET F 158 -7.13 -18.58 -62.91
C MET F 158 -6.60 -17.72 -61.79
N ILE F 159 -5.32 -17.94 -61.46
CA ILE F 159 -4.64 -17.13 -60.45
C ILE F 159 -3.97 -15.95 -61.15
N GLU F 160 -4.43 -14.75 -60.83
CA GLU F 160 -3.85 -13.53 -61.35
C GLU F 160 -2.86 -12.92 -60.39
N THR F 161 -1.91 -12.19 -60.96
CA THR F 161 -0.97 -11.39 -60.19
C THR F 161 -1.31 -9.94 -60.46
N ARG F 162 -1.51 -9.17 -59.41
CA ARG F 162 -1.89 -7.76 -59.54
C ARG F 162 -1.01 -6.89 -58.64
N THR F 163 -0.79 -5.62 -59.02
CA THR F 163 -0.02 -4.72 -58.14
C THR F 163 -0.85 -4.24 -56.96
N LEU F 164 -0.18 -4.08 -55.83
CA LEU F 164 -0.78 -3.40 -54.69
C LEU F 164 -1.09 -1.93 -54.99
N ALA F 165 -0.22 -1.24 -55.74
CA ALA F 165 -0.42 0.20 -55.98
C ALA F 165 -1.73 0.56 -56.72
N LYS F 166 -2.12 -0.24 -57.73
CA LYS F 166 -3.18 0.16 -58.66
C LYS F 166 -4.15 -0.96 -58.98
N ASN F 167 -3.87 -2.13 -58.41
CA ASN F 167 -4.59 -3.37 -58.74
C ASN F 167 -4.49 -3.70 -60.24
N ALA F 168 -3.40 -3.27 -60.89
CA ALA F 168 -3.20 -3.53 -62.33
C ALA F 168 -2.84 -4.99 -62.55
N LEU F 169 -3.39 -5.61 -63.60
CA LEU F 169 -3.08 -7.03 -63.85
C LEU F 169 -1.68 -7.18 -64.42
N THR F 170 -0.94 -8.16 -63.93
CA THR F 170 0.48 -8.35 -64.27
C THR F 170 0.77 -9.69 -64.95
N ASN F 171 0.03 -10.72 -64.54
CA ASN F 171 0.25 -12.10 -64.97
C ASN F 171 -1.02 -12.86 -64.81
N CYS F 172 -1.30 -13.75 -65.75
CA CYS F 172 -2.33 -14.76 -65.59
C CYS F 172 -1.71 -16.16 -65.59
N ALA F 173 -2.12 -16.98 -64.62
CA ALA F 173 -1.68 -18.37 -64.59
C ALA F 173 -2.85 -19.31 -64.33
N LEU F 174 -2.86 -20.45 -64.98
CA LEU F 174 -3.82 -21.48 -64.67
C LEU F 174 -3.24 -22.44 -63.64
N TRP F 175 -3.79 -22.46 -62.43
CA TRP F 175 -3.36 -23.41 -61.42
C TRP F 175 -4.37 -24.51 -61.35
N ASP F 176 -3.91 -25.75 -61.21
CA ASP F 176 -4.81 -26.86 -60.99
C ASP F 176 -4.24 -27.92 -60.04
N ARG F 177 -5.13 -28.71 -59.44
CA ARG F 177 -4.78 -29.63 -58.37
C ARG F 177 -5.87 -30.69 -58.34
N PRO F 178 -5.52 -31.93 -58.05
CA PRO F 178 -6.55 -32.96 -57.91
C PRO F 178 -7.37 -32.73 -56.64
N MET F 179 -8.65 -33.07 -56.67
CA MET F 179 -9.49 -33.01 -55.48
C MET F 179 -9.33 -34.28 -54.67
N SER F 180 -9.40 -34.14 -53.35
CA SER F 180 -9.34 -35.28 -52.45
C SER F 180 -10.63 -36.09 -52.55
N ARG F 181 -10.48 -37.40 -52.73
CA ARG F 181 -11.62 -38.33 -52.78
C ARG F 181 -11.24 -39.67 -52.20
N SER F 182 -12.25 -40.42 -51.76
CA SER F 182 -12.08 -41.84 -51.42
C SER F 182 -12.80 -42.65 -52.48
N LEU F 183 -12.11 -43.62 -53.06
CA LEU F 183 -12.75 -44.47 -54.06
C LEU F 183 -12.84 -45.89 -53.55
N HIS F 184 -14.01 -46.49 -53.72
CA HIS F 184 -14.26 -47.87 -53.28
C HIS F 184 -14.49 -48.72 -54.50
N LEU F 185 -13.49 -49.54 -54.85
CA LEU F 185 -13.39 -50.06 -56.19
C LEU F 185 -13.35 -51.56 -56.18
N THR F 186 -13.74 -52.13 -57.32
CA THR F 186 -13.73 -53.56 -57.57
C THR F 186 -12.90 -53.84 -58.83
N GLY F 187 -11.72 -54.41 -58.61
CA GLY F 187 -10.79 -54.75 -59.69
C GLY F 187 -10.16 -53.53 -60.35
N GLY F 188 -9.52 -53.77 -61.49
CA GLY F 188 -8.89 -52.71 -62.28
C GLY F 188 -7.44 -52.45 -61.92
N ILE F 189 -6.80 -53.42 -61.29
CA ILE F 189 -5.39 -53.28 -61.03
C ILE F 189 -4.71 -54.53 -61.55
N THR F 190 -3.73 -54.29 -62.41
CA THR F 190 -2.94 -55.32 -63.06
C THR F 190 -1.48 -54.97 -62.80
N LYS F 191 -0.65 -56.00 -62.83
CA LYS F 191 0.78 -55.86 -62.66
C LYS F 191 1.40 -56.94 -63.52
N ALA F 192 1.91 -56.56 -64.70
CA ALA F 192 2.52 -57.53 -65.61
C ALA F 192 3.83 -58.07 -65.04
N ALA F 193 4.09 -59.33 -65.34
CA ALA F 193 5.30 -60.05 -64.92
C ALA F 193 6.61 -59.35 -65.29
N ASN F 194 7.65 -59.54 -64.47
CA ASN F 194 9.02 -59.13 -64.81
C ASN F 194 9.21 -57.63 -65.03
N GLN F 195 8.34 -56.86 -64.39
CA GLN F 195 8.50 -55.43 -64.34
C GLN F 195 7.75 -54.94 -63.10
N ARG F 196 7.99 -53.71 -62.67
CA ARG F 196 7.61 -53.28 -61.32
C ARG F 196 6.40 -52.33 -61.25
N TYR F 197 5.88 -51.92 -62.40
CA TYR F 197 4.83 -50.91 -62.41
C TYR F 197 3.47 -51.56 -62.36
N ALA F 198 2.59 -51.01 -61.56
CA ALA F 198 1.26 -51.61 -61.49
C ALA F 198 0.33 -50.59 -62.02
N THR F 199 -0.34 -50.97 -63.09
CA THR F 199 -1.24 -50.03 -63.70
C THR F 199 -2.59 -50.06 -62.99
N ILE F 200 -3.12 -48.87 -62.79
CA ILE F 200 -4.32 -48.68 -61.99
C ILE F 200 -5.42 -48.13 -62.93
N HIS F 201 -6.50 -48.89 -63.07
CA HIS F 201 -7.64 -48.47 -63.89
C HIS F 201 -8.65 -47.69 -63.05
N VAL F 202 -8.68 -46.37 -63.25
CA VAL F 202 -9.62 -45.49 -62.57
C VAL F 202 -10.12 -44.48 -63.58
N PRO F 203 -11.34 -44.70 -64.06
CA PRO F 203 -11.91 -43.86 -65.11
C PRO F 203 -11.92 -42.42 -64.68
N ASP F 204 -11.48 -41.53 -65.58
CA ASP F 204 -11.48 -40.09 -65.32
C ASP F 204 -10.76 -39.71 -64.03
N HIS F 205 -9.68 -40.40 -63.68
CA HIS F 205 -8.94 -40.10 -62.44
C HIS F 205 -8.55 -38.62 -62.33
N GLY F 206 -8.17 -37.98 -63.44
CA GLY F 206 -7.65 -36.62 -63.44
C GLY F 206 -6.34 -36.41 -62.68
N LEU F 207 -5.52 -37.43 -62.56
CA LEU F 207 -4.24 -37.30 -61.88
C LEU F 207 -3.08 -37.06 -62.86
N PHE F 208 -2.01 -36.44 -62.36
CA PHE F 208 -0.81 -36.25 -63.14
C PHE F 208 0.33 -36.96 -62.46
N VAL F 209 1.42 -37.16 -63.19
CA VAL F 209 2.65 -37.68 -62.61
C VAL F 209 2.97 -36.86 -61.37
N GLY F 210 3.29 -37.56 -60.29
CA GLY F 210 3.71 -36.95 -59.03
C GLY F 210 2.58 -36.71 -58.04
N ASP F 211 1.31 -36.86 -58.48
CA ASP F 211 0.19 -36.61 -57.58
C ASP F 211 0.05 -37.76 -56.57
N PHE F 212 -0.59 -37.45 -55.44
CA PHE F 212 -0.73 -38.39 -54.33
C PHE F 212 -1.76 -39.48 -54.63
N VAL F 213 -1.41 -40.73 -54.34
CA VAL F 213 -2.38 -41.82 -54.28
C VAL F 213 -2.11 -42.80 -53.12
N ASN F 214 -3.14 -43.14 -52.38
CA ASN F 214 -3.03 -44.05 -51.25
C ASN F 214 -3.85 -45.31 -51.55
N PHE F 215 -3.33 -46.46 -51.15
CA PHE F 215 -3.99 -47.73 -51.42
C PHE F 215 -4.25 -48.55 -50.16
N SER F 216 -5.40 -49.22 -50.13
CA SER F 216 -5.75 -50.15 -49.06
C SER F 216 -6.35 -51.41 -49.66
N ASN F 217 -5.99 -52.55 -49.10
CA ASN F 217 -6.63 -53.81 -49.52
C ASN F 217 -6.45 -54.13 -51.01
N SER F 218 -5.40 -53.59 -51.64
CA SER F 218 -5.18 -53.81 -53.07
C SER F 218 -5.13 -55.29 -53.50
N ALA F 219 -4.48 -56.12 -52.67
CA ALA F 219 -4.18 -57.52 -53.01
C ALA F 219 -3.21 -57.64 -54.20
N VAL F 220 -2.40 -56.61 -54.41
CA VAL F 220 -1.34 -56.64 -55.40
C VAL F 220 -0.10 -56.13 -54.72
N THR F 221 0.84 -57.07 -54.51
CA THR F 221 2.05 -56.83 -53.74
C THR F 221 2.69 -55.52 -54.21
N GLY F 222 2.95 -54.62 -53.26
CA GLY F 222 3.68 -53.41 -53.55
C GLY F 222 2.79 -52.20 -53.70
N VAL F 223 1.55 -52.48 -54.08
CA VAL F 223 0.54 -51.42 -54.23
C VAL F 223 -0.12 -51.22 -52.86
N SER F 224 0.38 -50.26 -52.07
CA SER F 224 0.06 -50.17 -50.64
C SER F 224 0.53 -48.87 -49.98
N GLY F 225 -0.34 -48.31 -49.15
CA GLY F 225 -0.03 -47.11 -48.41
C GLY F 225 0.11 -45.92 -49.32
N ASP F 226 0.95 -44.98 -48.91
CA ASP F 226 1.14 -43.73 -49.62
C ASP F 226 2.07 -43.92 -50.80
N MET F 227 1.58 -43.56 -51.98
CA MET F 227 2.35 -43.67 -53.20
C MET F 227 2.13 -42.43 -54.05
N THR F 228 2.86 -42.32 -55.15
CA THR F 228 2.62 -41.24 -56.10
C THR F 228 2.46 -41.83 -57.48
N VAL F 229 1.77 -41.09 -58.35
CA VAL F 229 1.60 -41.47 -59.74
C VAL F 229 2.97 -41.41 -60.45
N ALA F 230 3.34 -42.55 -61.06
CA ALA F 230 4.61 -42.72 -61.77
C ALA F 230 4.51 -42.27 -63.23
N THR F 231 3.52 -42.81 -63.95
CA THR F 231 3.20 -42.36 -65.31
C THR F 231 1.71 -42.34 -65.45
N VAL F 232 1.20 -41.58 -66.42
CA VAL F 232 -0.21 -41.67 -66.78
C VAL F 232 -0.36 -42.17 -68.21
N ILE F 233 -0.99 -43.34 -68.32
CA ILE F 233 -1.16 -44.03 -69.57
C ILE F 233 -2.18 -43.27 -70.44
N ASP F 234 -3.36 -43.01 -69.86
CA ASP F 234 -4.42 -42.25 -70.51
C ASP F 234 -5.42 -41.76 -69.46
N LYS F 235 -6.54 -41.19 -69.89
CA LYS F 235 -7.48 -40.57 -68.95
C LYS F 235 -8.08 -41.56 -67.93
N ASP F 236 -8.02 -42.84 -68.23
CA ASP F 236 -8.58 -43.84 -67.31
C ASP F 236 -7.55 -44.80 -66.64
N ASN F 237 -6.25 -44.64 -66.93
CA ASN F 237 -5.19 -45.50 -66.37
C ASN F 237 -3.89 -44.74 -66.06
N PHE F 238 -3.29 -45.11 -64.93
CA PHE F 238 -2.03 -44.53 -64.51
C PHE F 238 -1.21 -45.64 -63.89
N THR F 239 0.06 -45.38 -63.62
CA THR F 239 0.88 -46.39 -62.96
C THR F 239 1.50 -45.87 -61.67
N VAL F 240 1.84 -46.83 -60.82
CA VAL F 240 2.62 -46.54 -59.64
C VAL F 240 3.81 -47.46 -59.69
N LEU F 241 4.95 -47.01 -59.17
CA LEU F 241 6.11 -47.86 -59.10
C LEU F 241 6.07 -48.64 -57.80
N THR F 242 5.97 -49.97 -57.87
CA THR F 242 6.09 -50.82 -56.69
C THR F 242 7.53 -51.13 -56.39
N PRO F 243 7.79 -51.64 -55.19
CA PRO F 243 9.13 -52.10 -54.79
C PRO F 243 9.54 -53.48 -55.28
N ASN F 244 8.64 -54.29 -55.82
CA ASN F 244 9.00 -55.65 -56.20
C ASN F 244 8.39 -56.08 -57.54
N GLN F 245 8.92 -57.17 -58.11
CA GLN F 245 8.39 -57.74 -59.36
C GLN F 245 8.29 -59.26 -59.20
N GLN F 246 7.74 -59.95 -60.21
CA GLN F 246 7.60 -61.42 -60.18
C GLN F 246 7.32 -62.02 -61.56
N THR F 247 7.54 -63.34 -61.65
CA THR F 247 7.48 -64.10 -62.90
C THR F 247 6.09 -64.21 -63.55
N SER F 248 5.06 -63.92 -62.77
CA SER F 248 3.66 -64.05 -63.21
C SER F 248 2.87 -62.77 -62.99
N ASP F 249 1.87 -62.57 -63.86
CA ASP F 249 0.95 -61.42 -63.80
C ASP F 249 0.14 -61.36 -62.51
N LEU F 250 -0.44 -60.19 -62.24
CA LEU F 250 -1.34 -60.02 -61.12
C LEU F 250 -2.55 -59.28 -61.67
N ASN F 251 -3.72 -59.70 -61.19
CA ASN F 251 -4.98 -59.08 -61.56
C ASN F 251 -5.94 -59.15 -60.38
N ASN F 252 -6.35 -58.02 -59.85
CA ASN F 252 -7.26 -58.12 -58.71
C ASN F 252 -8.73 -58.11 -59.11
N ALA F 253 -9.05 -58.69 -60.28
CA ALA F 253 -10.40 -58.58 -60.86
C ALA F 253 -11.45 -59.18 -59.92
N GLY F 254 -12.41 -58.35 -59.53
CA GLY F 254 -13.40 -58.74 -58.52
C GLY F 254 -12.93 -58.78 -57.07
N LYS F 255 -11.76 -58.23 -56.71
CA LYS F 255 -11.51 -57.90 -55.29
C LYS F 255 -11.78 -56.43 -55.03
N ASN F 256 -12.36 -56.14 -53.87
CA ASN F 256 -12.69 -54.78 -53.46
C ASN F 256 -11.52 -54.15 -52.69
N TRP F 257 -11.17 -52.92 -53.09
CA TRP F 257 -10.05 -52.20 -52.50
C TRP F 257 -10.40 -50.73 -52.41
N HIS F 258 -9.49 -49.90 -51.90
CA HIS F 258 -9.76 -48.45 -51.80
C HIS F 258 -8.58 -47.59 -52.26
N MET F 259 -8.91 -46.45 -52.88
CA MET F 259 -8.01 -45.32 -53.17
C MET F 259 -8.73 -44.05 -52.64
N GLY F 260 -8.08 -42.93 -52.32
CA GLY F 260 -6.67 -42.72 -52.33
C GLY F 260 -6.17 -41.38 -52.80
N THR F 261 -6.96 -40.31 -52.97
CA THR F 261 -6.34 -39.06 -53.47
C THR F 261 -6.28 -37.88 -52.52
N SER F 262 -5.47 -36.87 -52.84
CA SER F 262 -5.21 -35.75 -51.94
C SER F 262 -4.85 -34.44 -52.62
N PHE F 263 -5.69 -33.43 -52.38
CA PHE F 263 -5.44 -32.05 -52.78
C PHE F 263 -4.19 -31.52 -52.07
N HIS F 264 -4.08 -31.82 -50.79
CA HIS F 264 -3.07 -31.19 -49.95
C HIS F 264 -1.65 -31.75 -50.14
N LYS F 265 -1.56 -33.01 -50.52
CA LYS F 265 -0.27 -33.67 -50.71
C LYS F 265 0.12 -33.76 -52.18
N SER F 266 -0.63 -33.09 -53.04
CA SER F 266 -0.29 -33.01 -54.46
C SER F 266 0.09 -31.58 -54.80
N PRO F 267 1.08 -31.39 -55.66
CA PRO F 267 1.54 -30.03 -55.94
C PRO F 267 0.57 -29.41 -56.95
N TRP F 268 0.41 -28.10 -56.93
CA TRP F 268 -0.30 -27.44 -58.01
C TRP F 268 0.40 -27.72 -59.35
N ARG F 269 -0.35 -27.85 -60.43
CA ARG F 269 0.24 -27.65 -61.74
C ARG F 269 -0.01 -26.18 -62.09
N LYS F 270 1.08 -25.46 -62.40
CA LYS F 270 0.98 -24.02 -62.71
C LYS F 270 1.38 -23.77 -64.13
N THR F 271 0.44 -23.26 -64.92
CA THR F 271 0.69 -23.00 -66.32
C THR F 271 0.68 -21.48 -66.54
N ASP F 272 1.84 -20.91 -66.89
CA ASP F 272 2.00 -19.48 -67.10
C ASP F 272 1.39 -19.07 -68.42
N LEU F 273 0.40 -18.19 -68.37
CA LEU F 273 -0.26 -17.74 -69.59
C LEU F 273 0.23 -16.35 -70.01
N GLY F 274 1.15 -15.79 -69.21
CA GLY F 274 1.67 -14.44 -69.42
C GLY F 274 0.64 -13.36 -69.11
N LEU F 275 0.87 -12.17 -69.62
CA LEU F 275 -0.08 -11.11 -69.49
C LEU F 275 -1.00 -11.25 -70.69
N ILE F 276 -2.06 -12.05 -70.53
CA ILE F 276 -3.06 -12.16 -71.58
C ILE F 276 -3.46 -10.73 -72.04
N PRO F 277 -3.25 -10.42 -73.32
CA PRO F 277 -3.56 -9.08 -73.82
C PRO F 277 -5.06 -8.79 -73.72
N SER F 278 -5.36 -7.53 -73.41
CA SER F 278 -6.70 -7.01 -73.53
C SER F 278 -7.60 -7.77 -72.53
N VAL F 279 -7.06 -7.94 -71.32
CA VAL F 279 -7.78 -8.54 -70.18
C VAL F 279 -7.65 -7.66 -68.94
N THR F 280 -8.77 -7.41 -68.25
CA THR F 280 -8.72 -6.70 -66.96
C THR F 280 -8.91 -7.70 -65.85
N GLU F 281 -9.90 -8.57 -66.03
CA GLU F 281 -10.24 -9.55 -65.01
C GLU F 281 -10.75 -10.83 -65.66
N VAL F 282 -10.30 -11.97 -65.14
CA VAL F 282 -10.88 -13.24 -65.51
C VAL F 282 -11.87 -13.56 -64.40
N HIS F 283 -13.07 -14.04 -64.79
CA HIS F 283 -14.21 -14.12 -63.89
C HIS F 283 -15.22 -15.20 -64.33
N SER F 284 -15.65 -16.02 -63.37
CA SER F 284 -16.60 -17.09 -63.60
C SER F 284 -15.96 -18.30 -64.24
N PHE F 285 -16.62 -19.44 -64.09
CA PHE F 285 -16.11 -20.70 -64.55
C PHE F 285 -17.26 -21.59 -65.02
N ALA F 286 -17.15 -22.17 -66.21
CA ALA F 286 -18.18 -23.09 -66.68
C ALA F 286 -17.60 -24.39 -67.21
N THR F 287 -17.80 -25.47 -66.47
CA THR F 287 -17.39 -26.78 -66.95
C THR F 287 -18.13 -27.09 -68.21
N ILE F 288 -17.40 -27.43 -69.27
CA ILE F 288 -18.01 -27.76 -70.55
C ILE F 288 -18.20 -29.28 -70.69
N ASP F 289 -17.16 -30.04 -70.35
CA ASP F 289 -17.23 -31.48 -70.47
C ASP F 289 -16.07 -32.08 -69.72
N ASN F 290 -15.68 -33.29 -70.13
CA ASN F 290 -14.66 -34.06 -69.46
C ASN F 290 -13.26 -33.55 -69.69
N ASN F 291 -13.09 -32.63 -70.64
CA ASN F 291 -11.75 -32.22 -71.03
C ASN F 291 -11.44 -30.77 -70.77
N GLY F 292 -12.48 -29.96 -70.65
CA GLY F 292 -12.24 -28.54 -70.51
C GLY F 292 -13.42 -27.72 -70.09
N PHE F 293 -13.24 -26.42 -70.17
CA PHE F 293 -14.11 -25.46 -69.49
C PHE F 293 -13.89 -24.06 -70.04
N ALA F 294 -14.81 -23.15 -69.71
CA ALA F 294 -14.64 -21.78 -70.12
C ALA F 294 -14.55 -20.91 -68.88
N MET F 295 -13.81 -19.82 -69.01
CA MET F 295 -13.70 -18.79 -67.96
C MET F 295 -14.09 -17.46 -68.58
N GLY F 296 -14.86 -16.67 -67.84
CA GLY F 296 -15.27 -15.37 -68.34
C GLY F 296 -14.17 -14.35 -68.18
N TYR F 297 -14.33 -13.23 -68.88
CA TYR F 297 -13.40 -12.12 -68.78
C TYR F 297 -14.04 -10.84 -69.32
N HIS F 298 -13.48 -9.71 -68.89
CA HIS F 298 -13.76 -8.42 -69.50
C HIS F 298 -12.49 -7.61 -69.60
N GLN F 299 -12.51 -6.63 -70.48
CA GLN F 299 -11.47 -5.60 -70.58
C GLN F 299 -12.19 -4.28 -70.44
N GLY F 300 -11.84 -3.49 -69.42
CA GLY F 300 -12.48 -2.21 -69.16
C GLY F 300 -11.56 -1.02 -68.89
N ASP F 301 -10.26 -1.19 -69.17
CA ASP F 301 -9.26 -0.17 -68.84
C ASP F 301 -9.09 0.84 -69.95
N VAL F 302 -9.24 0.36 -71.20
CA VAL F 302 -9.07 1.19 -72.37
C VAL F 302 -10.18 0.86 -73.41
N ALA F 303 -10.54 1.84 -74.24
CA ALA F 303 -11.50 1.60 -75.34
C ALA F 303 -10.81 0.73 -76.43
N PRO F 304 -11.55 -0.20 -77.05
CA PRO F 304 -12.96 -0.46 -76.71
C PRO F 304 -13.05 -1.54 -75.62
N ARG F 305 -14.09 -1.44 -74.81
CA ARG F 305 -14.41 -2.44 -73.80
C ARG F 305 -14.66 -3.85 -74.44
N GLU F 306 -14.27 -4.92 -73.76
CA GLU F 306 -14.57 -6.25 -74.27
C GLU F 306 -15.23 -7.05 -73.19
N VAL F 307 -16.16 -7.92 -73.57
CA VAL F 307 -16.73 -8.88 -72.64
C VAL F 307 -16.84 -10.22 -73.37
N GLY F 308 -16.37 -11.29 -72.76
CA GLY F 308 -16.52 -12.58 -73.38
C GLY F 308 -16.05 -13.72 -72.52
N LEU F 309 -15.46 -14.71 -73.19
CA LEU F 309 -14.98 -15.90 -72.49
C LEU F 309 -13.71 -16.47 -73.15
N PHE F 310 -12.95 -17.24 -72.37
CA PHE F 310 -11.81 -18.01 -72.84
C PHE F 310 -12.15 -19.46 -72.73
N TYR F 311 -12.15 -20.17 -73.84
CA TYR F 311 -12.53 -21.55 -73.81
C TYR F 311 -11.27 -22.39 -73.82
N PHE F 312 -11.11 -23.30 -72.87
CA PHE F 312 -9.97 -24.23 -72.86
C PHE F 312 -10.51 -25.58 -73.24
N PRO F 313 -10.33 -25.95 -74.50
CA PRO F 313 -10.93 -27.18 -75.03
C PRO F 313 -10.37 -28.44 -74.38
N ASP F 314 -9.06 -28.48 -74.10
CA ASP F 314 -8.47 -29.62 -73.41
C ASP F 314 -7.42 -29.14 -72.45
N ALA F 315 -7.85 -28.87 -71.23
CA ALA F 315 -7.01 -28.24 -70.23
C ALA F 315 -6.11 -29.25 -69.55
N PHE F 316 -6.37 -30.52 -69.85
CA PHE F 316 -5.59 -31.63 -69.31
C PHE F 316 -4.32 -31.83 -70.07
N ASN F 317 -4.41 -32.06 -71.37
CA ASN F 317 -3.20 -32.19 -72.21
C ASN F 317 -2.61 -30.84 -72.62
N SER F 318 -3.47 -29.83 -72.78
CA SER F 318 -3.04 -28.52 -73.28
C SER F 318 -3.60 -27.33 -72.47
N PRO F 319 -3.13 -27.17 -71.23
CA PRO F 319 -3.62 -26.11 -70.36
C PRO F 319 -3.31 -24.71 -70.90
N SER F 320 -2.36 -24.54 -71.80
CA SER F 320 -2.04 -23.19 -72.27
C SER F 320 -2.77 -22.79 -73.55
N ASN F 321 -3.61 -23.71 -74.04
CA ASN F 321 -4.39 -23.50 -75.26
C ASN F 321 -5.83 -23.05 -75.01
N TYR F 322 -6.15 -21.84 -75.42
CA TYR F 322 -7.49 -21.36 -75.23
C TYR F 322 -7.86 -20.48 -76.39
N VAL F 323 -9.17 -20.29 -76.59
CA VAL F 323 -9.67 -19.40 -77.62
C VAL F 323 -10.59 -18.32 -77.00
N ARG F 324 -10.41 -17.10 -77.47
CA ARG F 324 -11.16 -15.93 -77.03
C ARG F 324 -12.45 -15.85 -77.84
N ARG F 325 -13.57 -15.61 -77.15
CA ARG F 325 -14.81 -15.40 -77.85
C ARG F 325 -15.56 -14.31 -77.13
N GLN F 326 -16.09 -13.38 -77.89
CA GLN F 326 -16.72 -12.20 -77.30
C GLN F 326 -18.22 -12.18 -77.58
N ILE F 327 -18.98 -11.59 -76.65
CA ILE F 327 -20.41 -11.40 -76.84
C ILE F 327 -20.62 -10.35 -77.95
N PRO F 328 -21.83 -10.23 -78.51
CA PRO F 328 -22.05 -9.26 -79.58
C PRO F 328 -21.67 -7.86 -79.11
N SER F 329 -21.10 -7.08 -80.03
CA SER F 329 -20.46 -5.79 -79.71
C SER F 329 -21.41 -4.71 -79.15
N GLU F 330 -22.70 -4.77 -79.47
CA GLU F 330 -23.63 -3.81 -78.89
C GLU F 330 -23.84 -3.98 -77.37
N TYR F 331 -23.58 -5.15 -76.82
CA TYR F 331 -23.69 -5.39 -75.37
C TYR F 331 -22.39 -5.25 -74.56
N GLU F 332 -21.30 -4.89 -75.22
CA GLU F 332 -20.00 -4.76 -74.58
C GLU F 332 -19.79 -3.44 -73.82
N PRO F 333 -20.31 -2.30 -74.30
CA PRO F 333 -20.12 -1.04 -73.58
C PRO F 333 -20.72 -1.14 -72.17
N ASP F 334 -20.05 -0.52 -71.19
CA ASP F 334 -20.58 -0.47 -69.83
C ASP F 334 -20.82 -1.82 -69.18
N ALA F 335 -20.11 -2.85 -69.64
CA ALA F 335 -20.29 -4.20 -69.13
C ALA F 335 -19.00 -4.77 -68.56
N SER F 336 -19.15 -5.66 -67.58
CA SER F 336 -18.02 -6.34 -66.95
C SER F 336 -18.44 -7.66 -66.31
N GLU F 337 -17.43 -8.37 -65.81
CA GLU F 337 -17.64 -9.52 -64.91
C GLU F 337 -18.82 -10.46 -65.33
N PRO F 338 -18.70 -11.12 -66.47
CA PRO F 338 -19.72 -12.07 -66.93
C PRO F 338 -19.77 -13.30 -66.08
N CYS F 339 -20.96 -13.74 -65.69
CA CYS F 339 -21.10 -15.09 -65.15
C CYS F 339 -21.48 -16.03 -66.28
N ILE F 340 -20.87 -17.20 -66.30
CA ILE F 340 -21.12 -18.17 -67.35
C ILE F 340 -21.42 -19.53 -66.78
N LYS F 341 -22.33 -20.23 -67.45
CA LYS F 341 -22.70 -21.57 -67.03
C LYS F 341 -23.13 -22.38 -68.22
N TYR F 342 -22.89 -23.69 -68.18
CA TYR F 342 -23.14 -24.55 -69.33
C TYR F 342 -24.14 -25.68 -69.04
N TYR F 343 -25.26 -25.68 -69.75
CA TYR F 343 -26.28 -26.68 -69.56
C TYR F 343 -26.79 -27.25 -70.89
N ASP F 344 -26.81 -28.58 -70.99
CA ASP F 344 -27.40 -29.28 -72.15
C ASP F 344 -26.95 -28.67 -73.49
N GLY F 345 -25.66 -28.52 -73.69
CA GLY F 345 -25.14 -27.96 -74.92
C GLY F 345 -25.33 -26.45 -75.13
N VAL F 346 -25.82 -25.74 -74.10
CA VAL F 346 -26.04 -24.29 -74.20
C VAL F 346 -25.20 -23.53 -73.19
N LEU F 347 -24.44 -22.56 -73.69
CA LEU F 347 -23.67 -21.70 -72.80
C LEU F 347 -24.41 -20.39 -72.55
N TYR F 348 -24.67 -20.11 -71.27
CA TYR F 348 -25.32 -18.87 -70.87
C TYR F 348 -24.34 -17.92 -70.27
N LEU F 349 -24.56 -16.63 -70.54
CA LEU F 349 -23.69 -15.56 -70.06
C LEU F 349 -24.49 -14.32 -69.64
N ILE F 350 -24.23 -13.84 -68.43
CA ILE F 350 -24.88 -12.61 -67.92
C ILE F 350 -23.84 -11.59 -67.49
N THR F 351 -24.02 -10.37 -67.95
CA THR F 351 -23.04 -9.33 -67.68
C THR F 351 -23.38 -8.51 -66.45
N ARG F 352 -22.36 -7.86 -65.87
CA ARG F 352 -22.56 -6.79 -64.90
C ARG F 352 -22.61 -5.48 -65.68
N GLY F 353 -23.63 -4.65 -65.41
CA GLY F 353 -23.64 -3.29 -65.89
C GLY F 353 -22.79 -2.39 -65.02
N THR F 354 -22.05 -1.49 -65.64
CA THR F 354 -21.18 -0.58 -64.88
C THR F 354 -21.82 0.70 -64.40
N ARG F 355 -22.96 1.08 -64.99
CA ARG F 355 -23.63 2.31 -64.53
C ARG F 355 -25.14 2.34 -64.68
N GLY F 356 -25.77 2.97 -63.69
CA GLY F 356 -27.21 3.09 -63.62
C GLY F 356 -27.85 3.99 -64.66
N ASP F 357 -27.03 4.75 -65.40
CA ASP F 357 -27.56 5.65 -66.43
C ASP F 357 -27.24 5.21 -67.87
N ARG F 358 -26.92 3.93 -68.05
CA ARG F 358 -26.69 3.37 -69.37
C ARG F 358 -27.17 1.92 -69.40
N LEU F 359 -27.46 1.41 -70.61
CA LEU F 359 -27.91 0.03 -70.74
C LEU F 359 -27.02 -0.91 -69.87
N GLY F 360 -27.65 -1.71 -69.01
CA GLY F 360 -26.95 -2.55 -68.06
C GLY F 360 -26.88 -4.03 -68.39
N SER F 361 -27.10 -4.83 -67.37
CA SER F 361 -26.91 -6.28 -67.46
C SER F 361 -27.68 -6.87 -68.63
N SER F 362 -27.00 -7.77 -69.37
CA SER F 362 -27.60 -8.47 -70.50
C SER F 362 -27.37 -9.98 -70.40
N LEU F 363 -28.29 -10.76 -70.98
CA LEU F 363 -28.24 -12.23 -70.99
C LEU F 363 -27.97 -12.72 -72.40
N HIS F 364 -27.15 -13.75 -72.53
CA HIS F 364 -26.85 -14.32 -73.84
C HIS F 364 -26.72 -15.84 -73.78
N ARG F 365 -27.14 -16.51 -74.85
CA ARG F 365 -26.96 -17.96 -74.96
C ARG F 365 -26.27 -18.28 -76.28
N SER F 366 -25.48 -19.36 -76.26
CA SER F 366 -24.76 -19.83 -77.45
C SER F 366 -24.80 -21.37 -77.54
N ARG F 367 -25.10 -21.90 -78.72
CA ARG F 367 -25.00 -23.34 -78.93
C ARG F 367 -23.67 -23.79 -79.55
N ASP F 368 -22.69 -22.88 -79.58
CA ASP F 368 -21.37 -23.21 -80.13
C ASP F 368 -20.25 -22.60 -79.30
N ILE F 369 -20.47 -22.49 -77.98
CA ILE F 369 -19.46 -22.04 -77.03
C ILE F 369 -18.93 -20.64 -77.35
N GLY F 370 -19.85 -19.74 -77.68
CA GLY F 370 -19.53 -18.32 -77.83
C GLY F 370 -19.21 -17.80 -79.23
N GLN F 371 -19.34 -18.65 -80.24
CA GLN F 371 -19.05 -18.15 -81.58
C GLN F 371 -20.22 -17.32 -82.09
N THR F 372 -21.45 -17.81 -81.88
CA THR F 372 -22.66 -17.02 -82.12
C THR F 372 -23.56 -17.00 -80.90
N TRP F 373 -24.35 -15.95 -80.80
CA TRP F 373 -25.09 -15.66 -79.60
C TRP F 373 -26.54 -15.28 -79.93
N GLU F 374 -27.46 -15.58 -79.02
CA GLU F 374 -28.74 -14.90 -79.01
C GLU F 374 -28.79 -14.11 -77.70
N SER F 375 -29.29 -12.87 -77.77
CA SER F 375 -29.08 -11.90 -76.69
C SER F 375 -30.33 -11.20 -76.25
N LEU F 376 -30.34 -10.72 -75.01
CA LEU F 376 -31.43 -9.85 -74.51
C LEU F 376 -30.96 -8.93 -73.39
N ARG F 377 -31.65 -7.80 -73.24
CA ARG F 377 -31.36 -6.80 -72.21
C ARG F 377 -32.31 -6.85 -71.03
N PHE F 378 -31.77 -6.86 -69.83
CA PHE F 378 -32.63 -6.69 -68.68
C PHE F 378 -33.10 -5.24 -68.68
N PRO F 379 -34.39 -5.02 -68.43
CA PRO F 379 -34.93 -3.66 -68.37
C PRO F 379 -34.35 -2.87 -67.20
N HIS F 380 -34.26 -1.54 -67.38
CA HIS F 380 -33.94 -0.58 -66.31
C HIS F 380 -32.48 -0.60 -65.80
N ASN F 381 -31.54 -0.76 -66.72
CA ASN F 381 -30.13 -0.58 -66.41
C ASN F 381 -29.60 -1.29 -65.14
N VAL F 382 -29.78 -2.61 -65.06
CA VAL F 382 -29.28 -3.33 -63.89
C VAL F 382 -27.76 -3.15 -63.82
N HIS F 383 -27.24 -2.75 -62.66
CA HIS F 383 -25.82 -2.38 -62.56
C HIS F 383 -25.20 -2.60 -61.20
N HIS F 384 -23.86 -2.65 -61.19
CA HIS F 384 -23.03 -2.73 -59.99
C HIS F 384 -23.03 -4.10 -59.32
N THR F 385 -23.86 -5.01 -59.82
CA THR F 385 -23.88 -6.38 -59.29
C THR F 385 -23.58 -7.38 -60.36
N THR F 386 -22.91 -8.47 -60.01
CA THR F 386 -22.88 -9.60 -60.94
C THR F 386 -24.19 -10.33 -60.72
N LEU F 387 -24.52 -11.22 -61.66
CA LEU F 387 -25.79 -11.94 -61.61
C LEU F 387 -25.51 -13.43 -61.75
N PRO F 388 -24.90 -14.03 -60.73
CA PRO F 388 -24.61 -15.45 -60.76
C PRO F 388 -25.93 -16.21 -60.78
N PHE F 389 -25.94 -17.37 -61.40
CA PHE F 389 -27.17 -18.06 -61.66
C PHE F 389 -26.96 -19.56 -61.84
N ALA F 390 -28.05 -20.32 -61.73
CA ALA F 390 -28.08 -21.72 -62.15
C ALA F 390 -29.33 -21.94 -62.99
N LYS F 391 -29.35 -23.05 -63.72
CA LYS F 391 -30.52 -23.41 -64.47
C LYS F 391 -31.22 -24.56 -63.78
N VAL F 392 -32.47 -24.36 -63.43
CA VAL F 392 -33.24 -25.38 -62.75
C VAL F 392 -34.48 -25.56 -63.60
N GLY F 393 -34.63 -26.73 -64.21
CA GLY F 393 -35.72 -26.95 -65.13
C GLY F 393 -35.55 -25.98 -66.29
N ASP F 394 -36.59 -25.30 -66.73
CA ASP F 394 -36.36 -24.36 -67.85
C ASP F 394 -36.04 -22.93 -67.43
N ASP F 395 -35.86 -22.73 -66.13
CA ASP F 395 -35.62 -21.40 -65.62
C ASP F 395 -34.16 -21.18 -65.31
N LEU F 396 -33.72 -19.99 -65.66
CA LEU F 396 -32.48 -19.48 -65.09
C LEU F 396 -32.93 -18.82 -63.81
N ILE F 397 -32.31 -19.22 -62.70
CA ILE F 397 -32.54 -18.57 -61.41
C ILE F 397 -31.31 -17.74 -61.08
N MET F 398 -31.46 -16.42 -61.00
CA MET F 398 -30.31 -15.53 -60.76
C MET F 398 -30.42 -14.69 -59.50
N PHE F 399 -29.29 -14.30 -58.93
CA PHE F 399 -29.27 -13.48 -57.72
C PHE F 399 -28.45 -12.24 -57.93
N GLY F 400 -28.84 -11.14 -57.29
CA GLY F 400 -28.05 -9.93 -57.33
C GLY F 400 -28.26 -9.10 -56.09
N SER F 401 -27.35 -8.19 -55.82
CA SER F 401 -27.40 -7.36 -54.63
C SER F 401 -26.91 -5.99 -54.96
N GLU F 402 -27.71 -4.97 -54.65
CA GLU F 402 -27.22 -3.61 -54.73
C GLU F 402 -26.12 -3.46 -53.68
N ARG F 403 -25.21 -2.53 -53.91
CA ARG F 403 -24.00 -2.42 -53.11
C ARG F 403 -24.22 -1.57 -51.85
N ALA F 404 -25.13 -0.61 -51.99
CA ALA F 404 -25.67 0.16 -50.89
C ALA F 404 -27.14 0.38 -51.19
N GLU F 405 -27.91 0.75 -50.16
CA GLU F 405 -29.36 0.86 -50.27
C GLU F 405 -29.78 1.84 -51.39
N ASN F 406 -30.77 1.44 -52.18
CA ASN F 406 -31.42 2.31 -53.17
C ASN F 406 -30.51 2.68 -54.35
N GLU F 407 -29.62 1.77 -54.73
CA GLU F 407 -28.75 1.94 -55.90
C GLU F 407 -29.21 1.05 -57.06
N TRP F 408 -30.11 0.10 -56.79
CA TRP F 408 -30.53 -0.87 -57.79
C TRP F 408 -31.15 -0.25 -59.03
N GLU F 409 -32.10 0.69 -58.86
CA GLU F 409 -32.94 1.14 -59.97
C GLU F 409 -32.16 1.96 -61.00
N ALA F 410 -32.70 2.04 -62.22
CA ALA F 410 -32.16 2.92 -63.26
C ALA F 410 -32.24 4.38 -62.85
N GLY F 411 -31.17 5.12 -63.11
CA GLY F 411 -31.08 6.52 -62.75
C GLY F 411 -30.75 6.80 -61.29
N ALA F 412 -30.71 5.76 -60.45
CA ALA F 412 -30.43 5.94 -59.02
C ALA F 412 -28.96 6.32 -58.83
N PRO F 413 -28.67 7.46 -58.20
CA PRO F 413 -27.28 7.82 -57.91
C PRO F 413 -26.67 6.86 -56.90
N ASP F 414 -25.36 6.65 -57.00
CA ASP F 414 -24.61 6.02 -55.92
C ASP F 414 -24.82 6.80 -54.60
N ASP F 415 -24.85 6.09 -53.49
CA ASP F 415 -25.18 6.69 -52.22
C ASP F 415 -24.35 6.07 -51.14
N ARG F 416 -23.09 6.48 -51.10
CA ARG F 416 -22.11 5.95 -50.17
C ARG F 416 -21.80 6.91 -49.00
N TYR F 417 -20.90 6.47 -48.12
CA TYR F 417 -20.48 7.30 -46.99
C TYR F 417 -21.60 7.53 -45.96
N LYS F 418 -22.66 6.74 -46.04
CA LYS F 418 -23.58 6.60 -44.91
C LYS F 418 -24.05 5.17 -44.83
N ALA F 419 -24.16 4.68 -43.60
CA ALA F 419 -24.72 3.39 -43.29
C ALA F 419 -26.11 3.21 -43.96
N SER F 420 -26.33 2.06 -44.60
CA SER F 420 -27.64 1.77 -45.17
C SER F 420 -27.93 0.27 -45.23
N TYR F 421 -29.14 -0.11 -45.66
CA TYR F 421 -29.54 -1.53 -45.78
C TYR F 421 -29.83 -1.95 -47.22
N PRO F 422 -28.77 -2.29 -47.96
CA PRO F 422 -28.92 -2.71 -49.36
C PRO F 422 -29.80 -3.94 -49.56
N ARG F 423 -30.58 -3.93 -50.64
CA ARG F 423 -31.49 -5.02 -51.03
C ARG F 423 -30.79 -6.11 -51.82
N THR F 424 -31.17 -7.34 -51.54
CA THR F 424 -30.76 -8.48 -52.33
C THR F 424 -31.98 -9.08 -53.03
N PHE F 425 -31.85 -9.33 -54.32
CA PHE F 425 -32.93 -9.81 -55.17
C PHE F 425 -32.60 -11.13 -55.78
N TYR F 426 -33.64 -11.89 -56.12
CA TYR F 426 -33.50 -12.98 -57.07
C TYR F 426 -34.58 -12.88 -58.12
N ALA F 427 -34.36 -13.52 -59.26
CA ALA F 427 -35.38 -13.54 -60.32
C ALA F 427 -35.29 -14.80 -61.14
N ARG F 428 -36.43 -15.22 -61.67
CA ARG F 428 -36.52 -16.39 -62.52
C ARG F 428 -36.79 -15.93 -63.93
N LEU F 429 -36.12 -16.56 -64.87
CA LEU F 429 -36.42 -16.27 -66.25
C LEU F 429 -36.39 -17.58 -67.06
N ASN F 430 -37.50 -17.82 -67.73
CA ASN F 430 -37.71 -19.03 -68.49
C ASN F 430 -37.00 -18.99 -69.82
N VAL F 431 -36.15 -19.97 -70.10
CA VAL F 431 -35.34 -19.86 -71.34
C VAL F 431 -36.13 -20.05 -72.63
N ASN F 432 -37.29 -20.67 -72.57
CA ASN F 432 -38.06 -20.80 -73.80
C ASN F 432 -38.79 -19.52 -74.14
N ASN F 433 -39.22 -18.76 -73.13
CA ASN F 433 -39.84 -17.44 -73.37
C ASN F 433 -38.85 -16.41 -73.85
N TRP F 434 -37.58 -16.60 -73.47
CA TRP F 434 -36.47 -15.71 -73.85
C TRP F 434 -36.84 -14.23 -73.96
N ASN F 435 -37.36 -13.68 -72.89
CA ASN F 435 -37.70 -12.25 -72.87
C ASN F 435 -37.74 -11.73 -71.43
N ALA F 436 -37.00 -10.66 -71.15
CA ALA F 436 -36.84 -10.17 -69.78
C ALA F 436 -37.69 -8.97 -69.49
N ASP F 437 -38.49 -8.53 -70.46
CA ASP F 437 -39.31 -7.32 -70.32
C ASP F 437 -40.12 -7.28 -69.04
N ASP F 438 -40.64 -8.45 -68.62
CA ASP F 438 -41.47 -8.51 -67.41
C ASP F 438 -40.82 -9.29 -66.27
N ILE F 439 -39.48 -9.28 -66.21
CA ILE F 439 -38.74 -9.97 -65.14
C ILE F 439 -39.19 -9.44 -63.79
N GLU F 440 -39.39 -10.33 -62.83
CA GLU F 440 -39.75 -9.86 -61.49
C GLU F 440 -38.62 -10.08 -60.49
N TRP F 441 -37.99 -8.98 -60.08
CA TRP F 441 -36.90 -9.03 -59.10
C TRP F 441 -37.50 -8.99 -57.69
N VAL F 442 -37.22 -10.04 -56.93
CA VAL F 442 -37.84 -10.26 -55.64
C VAL F 442 -36.81 -10.09 -54.51
N ASN F 443 -37.02 -9.04 -53.72
CA ASN F 443 -36.19 -8.70 -52.59
C ASN F 443 -36.44 -9.76 -51.51
N ILE F 444 -35.43 -10.60 -51.27
CA ILE F 444 -35.58 -11.70 -50.32
C ILE F 444 -34.83 -11.50 -48.97
N THR F 445 -33.85 -10.63 -48.98
CA THR F 445 -33.13 -10.30 -47.75
C THR F 445 -32.44 -8.95 -47.94
N ASP F 446 -32.23 -8.25 -46.82
CA ASP F 446 -31.47 -7.00 -46.82
C ASP F 446 -30.21 -7.15 -45.99
N GLN F 447 -29.14 -6.55 -46.51
CA GLN F 447 -27.81 -6.60 -45.89
C GLN F 447 -27.49 -5.24 -45.29
N ILE F 448 -26.32 -5.10 -44.71
CA ILE F 448 -25.83 -3.82 -44.17
C ILE F 448 -24.64 -3.35 -45.01
N TYR F 449 -24.64 -2.07 -45.39
CA TYR F 449 -23.46 -1.42 -45.90
C TYR F 449 -23.02 -0.47 -44.80
N GLN F 450 -21.77 -0.63 -44.36
CA GLN F 450 -21.24 0.10 -43.21
C GLN F 450 -21.13 1.62 -43.37
N GLY F 451 -20.60 2.10 -44.49
CA GLY F 451 -20.55 3.52 -44.79
C GLY F 451 -19.28 4.26 -44.41
N GLY F 452 -18.36 3.58 -43.75
CA GLY F 452 -17.10 4.15 -43.31
C GLY F 452 -16.09 4.41 -44.42
N ILE F 453 -16.24 3.70 -45.55
CA ILE F 453 -15.48 3.97 -46.80
C ILE F 453 -16.41 3.88 -48.02
N VAL F 454 -15.97 4.38 -49.18
CA VAL F 454 -16.81 4.36 -50.38
C VAL F 454 -17.10 2.93 -50.84
N ASN F 455 -16.09 2.07 -50.77
CA ASN F 455 -16.23 0.69 -51.26
C ASN F 455 -17.22 -0.11 -50.43
N SER F 456 -17.86 -1.07 -51.08
CA SER F 456 -18.81 -1.96 -50.43
C SER F 456 -18.40 -3.39 -50.69
N GLY F 457 -18.52 -4.22 -49.68
CA GLY F 457 -18.30 -5.64 -49.88
C GLY F 457 -19.58 -6.44 -50.08
N VAL F 458 -20.74 -5.79 -50.11
CA VAL F 458 -21.96 -6.56 -50.23
C VAL F 458 -22.13 -7.10 -51.64
N GLY F 459 -22.66 -8.31 -51.74
CA GLY F 459 -23.05 -8.89 -53.01
C GLY F 459 -21.88 -9.51 -53.72
N VAL F 460 -21.76 -9.23 -55.02
CA VAL F 460 -20.74 -9.80 -55.90
C VAL F 460 -20.44 -11.26 -55.58
N GLY F 461 -21.48 -12.08 -55.72
CA GLY F 461 -21.49 -13.41 -55.16
C GLY F 461 -21.33 -14.51 -56.17
N SER F 462 -21.86 -15.68 -55.83
CA SER F 462 -21.71 -16.89 -56.62
C SER F 462 -22.88 -17.80 -56.26
N VAL F 463 -23.26 -18.70 -57.15
CA VAL F 463 -24.44 -19.54 -56.98
C VAL F 463 -24.17 -20.99 -57.36
N VAL F 464 -24.66 -21.93 -56.54
CA VAL F 464 -24.61 -23.35 -56.87
C VAL F 464 -25.88 -24.05 -56.48
N VAL F 465 -26.12 -25.18 -57.11
CA VAL F 465 -27.29 -25.98 -56.73
C VAL F 465 -26.80 -27.29 -56.13
N LYS F 466 -27.36 -27.68 -55.01
CA LYS F 466 -27.10 -29.03 -54.50
C LYS F 466 -28.41 -29.67 -54.15
N ASP F 467 -28.66 -30.81 -54.77
CA ASP F 467 -29.92 -31.52 -54.61
C ASP F 467 -31.06 -30.56 -54.93
N ASN F 468 -31.93 -30.25 -53.97
CA ASN F 468 -33.12 -29.44 -54.25
C ASN F 468 -33.05 -28.05 -53.64
N TYR F 469 -31.84 -27.60 -53.35
CA TYR F 469 -31.61 -26.23 -52.90
C TYR F 469 -30.60 -25.52 -53.77
N ILE F 470 -30.79 -24.20 -53.83
CA ILE F 470 -29.93 -23.30 -54.56
C ILE F 470 -29.31 -22.38 -53.52
N TYR F 471 -28.03 -22.10 -53.67
CA TYR F 471 -27.32 -21.33 -52.68
C TYR F 471 -26.68 -20.11 -53.32
N TYR F 472 -26.92 -18.95 -52.74
CA TYR F 472 -26.28 -17.74 -53.18
C TYR F 472 -25.28 -17.28 -52.10
N MET F 473 -23.99 -17.37 -52.41
CA MET F 473 -22.94 -16.95 -51.51
C MET F 473 -22.47 -15.57 -51.87
N PHE F 474 -22.51 -14.65 -50.92
CA PHE F 474 -22.25 -13.25 -51.22
C PHE F 474 -21.80 -12.49 -49.97
N GLY F 475 -21.30 -11.27 -50.17
CA GLY F 475 -20.79 -10.47 -49.07
C GLY F 475 -21.88 -9.66 -48.41
N GLY F 476 -21.63 -9.24 -47.17
CA GLY F 476 -22.47 -8.31 -46.47
C GLY F 476 -21.63 -7.69 -45.36
N GLU F 477 -21.95 -6.46 -44.95
CA GLU F 477 -21.17 -5.85 -43.88
C GLU F 477 -21.98 -5.77 -42.58
N ASP F 478 -21.37 -5.23 -41.55
CA ASP F 478 -22.09 -4.87 -40.32
C ASP F 478 -21.81 -3.39 -40.02
N HIS F 479 -22.26 -2.89 -38.87
CA HIS F 479 -22.10 -1.48 -38.53
C HIS F 479 -20.74 -1.08 -37.92
N PHE F 480 -19.83 -2.05 -37.81
CA PHE F 480 -18.52 -1.84 -37.20
C PHE F 480 -17.56 -1.20 -38.20
N ASN F 481 -17.20 0.06 -37.94
CA ASN F 481 -16.34 0.82 -38.82
C ASN F 481 -14.92 0.27 -38.85
N PRO F 482 -14.29 0.18 -40.03
CA PRO F 482 -12.91 -0.28 -40.13
C PRO F 482 -11.91 0.76 -39.65
N TRP F 483 -12.35 2.01 -39.49
CA TRP F 483 -11.46 3.07 -39.00
C TRP F 483 -10.36 3.41 -40.00
N THR F 484 -10.64 3.24 -41.28
CA THR F 484 -9.74 3.72 -42.33
C THR F 484 -9.59 5.23 -42.21
N TYR F 485 -10.71 5.94 -42.04
CA TYR F 485 -10.64 7.32 -41.62
C TYR F 485 -10.84 7.32 -40.12
N GLY F 486 -9.70 7.26 -39.45
CA GLY F 486 -9.64 6.96 -38.04
C GLY F 486 -8.25 6.44 -37.70
N ASP F 487 -8.17 5.60 -36.69
CA ASP F 487 -6.86 5.21 -36.20
C ASP F 487 -6.23 4.00 -36.95
N ASN F 488 -6.92 3.54 -37.99
CA ASN F 488 -6.42 2.41 -38.76
C ASN F 488 -6.38 2.64 -40.26
N SER F 489 -5.76 3.73 -40.68
CA SER F 489 -5.58 3.96 -42.11
C SER F 489 -4.70 2.85 -42.73
N ALA F 490 -3.91 2.19 -41.90
CA ALA F 490 -3.06 1.08 -42.32
C ALA F 490 -3.91 -0.16 -42.64
N LYS F 491 -5.19 -0.13 -42.27
CA LYS F 491 -6.14 -1.21 -42.57
C LYS F 491 -5.78 -2.55 -41.92
N ASP F 492 -5.03 -2.51 -40.83
CA ASP F 492 -4.70 -3.72 -40.06
C ASP F 492 -5.97 -4.49 -39.63
N PRO F 493 -6.12 -5.72 -40.05
CA PRO F 493 -7.32 -6.49 -39.70
C PRO F 493 -7.45 -6.74 -38.20
N PHE F 494 -6.34 -6.75 -37.50
CA PHE F 494 -6.37 -7.21 -36.11
C PHE F 494 -6.50 -6.10 -35.06
N LYS F 495 -6.68 -4.86 -35.52
CA LYS F 495 -7.03 -3.77 -34.61
C LYS F 495 -8.54 -3.66 -34.55
N SER F 496 -9.03 -3.49 -33.32
CA SER F 496 -10.43 -3.20 -33.11
C SER F 496 -11.31 -4.31 -33.75
N ASP F 497 -12.35 -3.94 -34.51
CA ASP F 497 -13.21 -4.97 -35.11
C ASP F 497 -12.78 -5.38 -36.51
N GLY F 498 -11.57 -5.01 -36.93
CA GLY F 498 -11.13 -5.30 -38.28
C GLY F 498 -12.13 -4.85 -39.32
N HIS F 499 -12.28 -5.63 -40.38
CA HIS F 499 -13.11 -5.23 -41.52
C HIS F 499 -14.48 -5.88 -41.51
N PRO F 500 -15.52 -5.07 -41.66
CA PRO F 500 -16.91 -5.49 -41.49
C PRO F 500 -17.42 -6.50 -42.50
N SER F 501 -16.80 -6.62 -43.67
CA SER F 501 -17.29 -7.50 -44.71
C SER F 501 -17.09 -8.95 -44.38
N ASP F 502 -18.16 -9.72 -44.54
CA ASP F 502 -18.11 -11.13 -44.34
C ASP F 502 -19.09 -11.81 -45.30
N LEU F 503 -18.97 -13.14 -45.42
CA LEU F 503 -19.79 -13.92 -46.34
C LEU F 503 -21.12 -14.41 -45.73
N TYR F 504 -22.20 -14.32 -46.51
CA TYR F 504 -23.51 -14.89 -46.16
C TYR F 504 -23.88 -15.87 -47.22
N CYS F 505 -24.91 -16.65 -46.93
CA CYS F 505 -25.45 -17.58 -47.92
C CYS F 505 -26.95 -17.66 -47.77
N TYR F 506 -27.64 -17.34 -48.86
CA TYR F 506 -29.06 -17.59 -48.97
C TYR F 506 -29.33 -18.98 -49.56
N LYS F 507 -30.01 -19.80 -48.78
CA LYS F 507 -30.35 -21.14 -49.17
C LYS F 507 -31.82 -21.15 -49.54
N MET F 508 -32.14 -21.44 -50.79
CA MET F 508 -33.52 -21.39 -51.23
C MET F 508 -34.00 -22.75 -51.78
N LYS F 509 -35.13 -23.23 -51.29
CA LYS F 509 -35.72 -24.47 -51.80
C LYS F 509 -36.19 -24.37 -53.22
N ILE F 510 -35.81 -25.35 -54.02
CA ILE F 510 -35.95 -25.29 -55.46
C ILE F 510 -36.72 -26.49 -56.03
N GLY F 511 -36.93 -27.50 -55.18
CA GLY F 511 -37.67 -28.70 -55.55
C GLY F 511 -38.14 -29.42 -54.30
N PRO F 512 -38.98 -30.42 -54.43
CA PRO F 512 -39.54 -31.10 -53.26
C PRO F 512 -38.50 -31.81 -52.40
N ASP F 513 -38.75 -31.75 -51.10
CA ASP F 513 -37.93 -32.43 -50.12
C ASP F 513 -38.70 -33.63 -49.54
N ASN F 514 -38.32 -34.83 -49.94
CA ASN F 514 -39.07 -36.03 -49.60
C ASN F 514 -38.50 -36.72 -48.35
N ARG F 515 -37.75 -35.95 -47.56
CA ARG F 515 -37.23 -36.42 -46.30
C ARG F 515 -37.69 -35.52 -45.17
N VAL F 516 -37.74 -36.10 -43.99
CA VAL F 516 -37.91 -35.38 -42.75
C VAL F 516 -36.77 -34.34 -42.63
N SER F 517 -36.94 -33.32 -41.78
CA SER F 517 -35.96 -32.25 -41.60
C SER F 517 -34.60 -32.71 -41.08
N ARG F 518 -33.54 -32.12 -41.65
CA ARG F 518 -32.16 -32.31 -41.17
C ARG F 518 -31.72 -31.17 -40.26
N ASP F 519 -32.54 -30.13 -40.14
CA ASP F 519 -32.15 -28.90 -39.45
C ASP F 519 -31.91 -29.14 -37.98
N PHE F 520 -30.94 -28.39 -37.44
CA PHE F 520 -30.67 -28.42 -36.01
C PHE F 520 -30.37 -27.02 -35.54
N ARG F 521 -30.57 -26.79 -34.25
CA ARG F 521 -30.00 -25.61 -33.65
C ARG F 521 -28.57 -25.93 -33.21
N TYR F 522 -27.63 -25.05 -33.49
CA TYR F 522 -26.23 -25.28 -33.10
C TYR F 522 -26.03 -24.83 -31.65
N GLY F 523 -25.69 -25.80 -30.80
CA GLY F 523 -25.55 -25.55 -29.36
C GLY F 523 -24.21 -26.01 -28.83
N ALA F 524 -23.32 -26.41 -29.72
CA ALA F 524 -21.97 -26.85 -29.32
C ALA F 524 -20.98 -25.69 -29.09
N VAL F 525 -19.91 -25.97 -28.35
CA VAL F 525 -18.79 -25.08 -28.30
C VAL F 525 -18.05 -25.35 -29.61
N PRO F 526 -17.89 -24.33 -30.45
CA PRO F 526 -17.17 -24.49 -31.71
C PRO F 526 -15.76 -24.88 -31.37
N ASN F 527 -15.28 -26.02 -31.87
CA ASN F 527 -14.08 -26.60 -31.32
C ASN F 527 -13.20 -27.23 -32.37
N ARG F 528 -13.24 -26.66 -33.59
CA ARG F 528 -12.39 -27.05 -34.72
C ARG F 528 -11.19 -26.12 -34.87
N ALA F 529 -11.42 -24.82 -34.69
CA ALA F 529 -10.41 -23.83 -35.02
C ALA F 529 -9.27 -23.90 -34.02
N VAL F 530 -9.62 -23.88 -32.72
CA VAL F 530 -8.69 -24.06 -31.61
C VAL F 530 -9.27 -25.15 -30.70
N PRO F 531 -9.06 -26.41 -31.03
CA PRO F 531 -9.69 -27.51 -30.26
C PRO F 531 -9.24 -27.51 -28.78
N VAL F 532 -10.16 -27.26 -27.86
CA VAL F 532 -9.84 -27.19 -26.44
C VAL F 532 -10.56 -28.30 -25.71
N PHE F 533 -9.85 -28.99 -24.82
CA PHE F 533 -10.46 -30.02 -23.98
C PHE F 533 -9.97 -29.80 -22.58
N PHE F 534 -10.87 -29.86 -21.61
CA PHE F 534 -10.44 -29.80 -20.22
C PHE F 534 -9.78 -31.11 -19.86
N ASP F 535 -8.51 -31.09 -19.47
CA ASP F 535 -7.80 -32.34 -19.12
C ASP F 535 -8.27 -32.88 -17.76
N THR F 536 -7.74 -34.03 -17.36
CA THR F 536 -8.16 -34.62 -16.10
C THR F 536 -7.73 -33.74 -14.93
N ASN F 537 -6.82 -32.82 -15.18
CA ASN F 537 -6.43 -31.87 -14.15
C ASN F 537 -7.22 -30.57 -14.16
N GLY F 538 -8.27 -30.52 -14.96
CA GLY F 538 -9.10 -29.33 -15.06
C GLY F 538 -8.52 -28.15 -15.83
N VAL F 539 -7.47 -28.37 -16.62
CA VAL F 539 -6.84 -27.31 -17.38
C VAL F 539 -7.21 -27.42 -18.89
N ARG F 540 -7.57 -26.30 -19.51
CA ARG F 540 -7.79 -26.25 -20.96
C ARG F 540 -6.58 -26.78 -21.73
N THR F 541 -6.79 -27.81 -22.56
CA THR F 541 -5.69 -28.41 -23.33
C THR F 541 -5.93 -28.35 -24.83
N VAL F 542 -4.97 -27.85 -25.60
CA VAL F 542 -5.05 -27.80 -27.05
C VAL F 542 -4.06 -28.80 -27.66
N PRO F 543 -4.57 -29.90 -28.19
CA PRO F 543 -3.70 -30.92 -28.79
C PRO F 543 -3.32 -30.68 -30.26
N ALA F 544 -4.00 -29.81 -30.99
CA ALA F 544 -3.63 -29.50 -32.40
C ALA F 544 -2.32 -28.72 -32.51
N PRO F 545 -1.55 -28.96 -33.57
CA PRO F 545 -0.39 -28.13 -33.90
C PRO F 545 -0.87 -26.75 -34.28
N MET F 546 -0.12 -25.70 -33.93
CA MET F 546 -0.55 -24.35 -34.32
C MET F 546 0.60 -23.41 -34.57
N GLU F 547 0.31 -22.36 -35.33
CA GLU F 547 1.26 -21.31 -35.59
C GLU F 547 0.69 -19.98 -35.12
N PHE F 548 1.44 -19.25 -34.33
CA PHE F 548 1.08 -17.90 -33.98
C PHE F 548 2.13 -17.05 -34.67
N THR F 549 1.71 -16.21 -35.60
CA THR F 549 2.66 -15.36 -36.33
C THR F 549 2.62 -13.89 -35.85
N GLY F 550 1.56 -13.48 -35.18
CA GLY F 550 1.53 -12.14 -34.60
C GLY F 550 2.29 -12.10 -33.30
N ASP F 551 2.66 -10.90 -32.87
CA ASP F 551 3.43 -10.76 -31.64
C ASP F 551 2.71 -11.41 -30.44
N LEU F 552 3.45 -12.21 -29.69
CA LEU F 552 2.91 -12.88 -28.52
C LEU F 552 3.51 -12.29 -27.26
N GLY F 553 2.68 -12.07 -26.26
CA GLY F 553 3.11 -11.76 -24.93
C GLY F 553 2.72 -12.95 -24.04
N LEU F 554 3.67 -13.54 -23.33
CA LEU F 554 3.33 -14.69 -22.48
C LEU F 554 3.62 -14.35 -21.04
N GLY F 555 2.97 -15.06 -20.13
CA GLY F 555 3.24 -14.94 -18.71
C GLY F 555 4.23 -16.00 -18.28
N HIS F 556 3.96 -16.68 -17.18
CA HIS F 556 4.78 -17.84 -16.76
C HIS F 556 4.69 -18.97 -17.76
N VAL F 557 5.84 -19.50 -18.17
CA VAL F 557 5.89 -20.52 -19.20
C VAL F 557 6.66 -21.75 -18.74
N THR F 558 6.04 -22.91 -18.88
CA THR F 558 6.72 -24.19 -18.69
C THR F 558 6.79 -24.88 -20.04
N ILE F 559 8.00 -25.28 -20.43
CA ILE F 559 8.20 -26.07 -21.63
C ILE F 559 8.23 -27.51 -21.20
N ARG F 560 7.20 -28.27 -21.58
CA ARG F 560 7.07 -29.65 -21.13
C ARG F 560 7.94 -30.63 -21.94
N ALA F 561 8.17 -31.80 -21.36
CA ALA F 561 8.85 -32.87 -22.07
C ALA F 561 8.04 -33.22 -23.33
N SER F 562 8.70 -33.32 -24.48
CA SER F 562 8.00 -33.44 -25.74
C SER F 562 8.76 -34.28 -26.75
N THR F 563 10.07 -34.38 -26.59
CA THR F 563 10.93 -34.85 -27.69
C THR F 563 11.83 -36.02 -27.36
N SER F 564 12.01 -36.89 -28.36
CA SER F 564 12.90 -38.08 -28.27
C SER F 564 12.45 -39.01 -27.15
N SER F 565 11.29 -39.68 -27.34
CA SER F 565 10.60 -40.42 -26.26
C SER F 565 10.39 -39.58 -25.03
N ASN F 566 10.13 -38.29 -25.23
CA ASN F 566 9.82 -37.37 -24.13
C ASN F 566 10.92 -37.33 -23.11
N ILE F 567 12.16 -37.52 -23.55
CA ILE F 567 13.30 -37.38 -22.62
C ILE F 567 13.58 -35.91 -22.35
N ARG F 568 13.32 -35.07 -23.35
CA ARG F 568 13.65 -33.67 -23.21
C ARG F 568 12.54 -32.67 -23.57
N SER F 569 12.65 -31.50 -22.94
CA SER F 569 11.93 -30.32 -23.42
C SER F 569 12.81 -29.66 -24.48
N GLU F 570 12.19 -29.03 -25.47
CA GLU F 570 12.95 -28.48 -26.59
C GLU F 570 12.36 -27.19 -27.14
N VAL F 571 13.23 -26.20 -27.29
CA VAL F 571 12.95 -24.99 -28.06
C VAL F 571 13.97 -24.94 -29.19
N LEU F 572 13.50 -24.74 -30.42
CA LEU F 572 14.38 -24.56 -31.56
C LEU F 572 14.17 -23.16 -32.06
N MET F 573 15.25 -22.48 -32.43
CA MET F 573 15.22 -21.12 -32.95
C MET F 573 15.59 -21.08 -34.42
N GLU F 574 14.73 -20.47 -35.22
CA GLU F 574 14.90 -20.39 -36.67
C GLU F 574 15.52 -19.05 -37.10
N GLY F 575 15.47 -18.76 -38.41
CA GLY F 575 16.16 -17.61 -38.96
C GLY F 575 17.64 -17.85 -39.18
N GLU F 576 18.37 -16.80 -39.55
CA GLU F 576 19.82 -16.86 -39.60
C GLU F 576 20.39 -17.04 -38.20
N TYR F 577 19.87 -16.28 -37.24
CA TYR F 577 20.33 -16.38 -35.86
C TYR F 577 19.15 -16.19 -34.92
N GLY F 578 19.31 -16.69 -33.71
CA GLY F 578 18.30 -16.48 -32.68
C GLY F 578 18.82 -15.48 -31.68
N PHE F 579 17.92 -14.73 -31.08
CA PHE F 579 18.26 -13.77 -30.06
C PHE F 579 17.37 -13.93 -28.83
N ILE F 580 18.01 -14.15 -27.70
CA ILE F 580 17.35 -14.20 -26.40
C ILE F 580 17.89 -13.05 -25.57
N GLY F 581 17.05 -12.07 -25.29
CA GLY F 581 17.51 -10.89 -24.61
C GLY F 581 16.62 -10.38 -23.51
N LYS F 582 17.02 -9.29 -22.89
CA LYS F 582 16.34 -8.76 -21.73
C LYS F 582 15.93 -7.31 -21.91
N SER F 583 14.65 -7.03 -21.78
CA SER F 583 14.15 -5.67 -21.86
C SER F 583 14.73 -4.78 -20.74
N ILE F 584 14.71 -3.47 -20.94
CA ILE F 584 15.04 -2.54 -19.87
C ILE F 584 13.91 -2.61 -18.82
N PRO F 585 14.22 -2.95 -17.58
CA PRO F 585 13.16 -3.00 -16.57
C PRO F 585 12.56 -1.62 -16.34
N THR F 586 11.25 -1.63 -16.11
CA THR F 586 10.51 -0.39 -15.84
C THR F 586 10.82 0.24 -14.46
N ASP F 587 10.75 -0.55 -13.39
CA ASP F 587 10.94 0.00 -12.03
C ASP F 587 12.39 0.05 -11.53
N ASN F 588 13.15 -1.01 -11.82
CA ASN F 588 14.53 -1.13 -11.34
C ASN F 588 15.51 -1.54 -12.44
N PRO F 589 15.78 -0.62 -13.38
CA PRO F 589 16.74 -0.87 -14.46
C PRO F 589 18.12 -1.29 -13.97
N ALA F 590 18.51 -0.86 -12.78
CA ALA F 590 19.81 -1.20 -12.20
C ALA F 590 19.94 -2.70 -11.89
N GLY F 591 18.84 -3.43 -12.00
CA GLY F 591 18.85 -4.88 -11.81
C GLY F 591 18.81 -5.72 -13.09
N GLN F 592 18.76 -5.06 -14.25
CA GLN F 592 18.69 -5.72 -15.56
C GLN F 592 19.66 -6.90 -15.73
N ARG F 593 19.10 -8.10 -15.93
CA ARG F 593 19.89 -9.32 -16.13
C ARG F 593 19.02 -10.52 -16.51
N ILE F 594 19.66 -11.53 -17.09
CA ILE F 594 19.04 -12.85 -17.23
C ILE F 594 19.88 -13.88 -16.50
N ILE F 595 19.24 -14.67 -15.66
CA ILE F 595 19.85 -15.83 -15.03
C ILE F 595 19.49 -17.09 -15.84
N PHE F 596 20.52 -17.81 -16.31
CA PHE F 596 20.36 -19.13 -16.93
C PHE F 596 20.75 -20.15 -15.87
N CYS F 597 19.91 -21.17 -15.66
CA CYS F 597 20.10 -22.11 -14.56
C CYS F 597 19.80 -23.56 -14.90
N GLY F 598 20.74 -24.43 -14.56
CA GLY F 598 20.59 -25.86 -14.79
C GLY F 598 19.65 -26.52 -13.80
N GLY F 599 19.16 -25.76 -12.83
CA GLY F 599 18.25 -26.23 -11.79
C GLY F 599 17.00 -25.39 -11.68
N GLU F 600 16.19 -25.69 -10.68
CA GLU F 600 14.79 -25.24 -10.63
C GLU F 600 14.52 -23.83 -10.04
N GLY F 601 15.51 -23.25 -9.39
CA GLY F 601 15.26 -21.96 -8.80
C GLY F 601 16.37 -20.97 -9.02
N THR F 602 16.11 -19.74 -8.57
CA THR F 602 16.99 -18.62 -8.81
C THR F 602 18.25 -18.75 -7.97
N SER F 603 18.18 -19.55 -6.92
CA SER F 603 19.32 -19.73 -6.06
C SER F 603 20.33 -20.70 -6.69
N SER F 604 21.61 -20.30 -6.73
CA SER F 604 22.65 -21.10 -7.40
C SER F 604 22.80 -22.43 -6.69
N THR F 605 22.18 -22.51 -5.53
CA THR F 605 22.03 -23.72 -4.75
C THR F 605 21.32 -24.85 -5.54
N THR F 606 20.41 -24.49 -6.44
CA THR F 606 19.68 -25.49 -7.22
C THR F 606 20.40 -25.98 -8.49
N GLY F 607 21.41 -25.25 -8.97
CA GLY F 607 22.13 -25.68 -10.15
C GLY F 607 23.17 -24.68 -10.65
N ALA F 608 24.04 -25.10 -11.55
CA ALA F 608 24.95 -24.17 -12.17
C ALA F 608 24.23 -23.01 -12.87
N GLN F 609 24.83 -21.82 -12.82
CA GLN F 609 24.23 -20.65 -13.43
C GLN F 609 25.23 -19.83 -14.20
N ILE F 610 24.73 -19.21 -15.27
CA ILE F 610 25.38 -18.11 -15.94
C ILE F 610 24.42 -16.93 -15.90
N THR F 611 24.90 -15.80 -15.42
CA THR F 611 24.07 -14.60 -15.36
C THR F 611 24.66 -13.52 -16.24
N LEU F 612 23.90 -13.08 -17.25
CA LEU F 612 24.31 -11.94 -18.10
C LEU F 612 23.66 -10.65 -17.62
N TYR F 613 24.50 -9.69 -17.29
CA TYR F 613 24.06 -8.41 -16.73
C TYR F 613 23.90 -7.40 -17.85
N GLY F 614 22.79 -6.66 -17.83
CA GLY F 614 22.54 -5.65 -18.85
C GLY F 614 23.47 -4.46 -18.70
N ALA F 615 23.53 -3.62 -19.75
CA ALA F 615 24.34 -2.41 -19.72
C ALA F 615 23.82 -1.49 -18.64
N ASN F 616 22.51 -1.54 -18.40
CA ASN F 616 21.83 -0.75 -17.36
C ASN F 616 22.09 -1.20 -15.93
N ASN F 617 22.61 -2.41 -15.76
CA ASN F 617 22.79 -2.93 -14.40
C ASN F 617 23.91 -2.15 -13.69
N THR F 618 23.77 -1.98 -12.37
CA THR F 618 24.84 -1.45 -11.52
C THR F 618 26.19 -2.05 -11.90
N ASP F 619 26.22 -3.37 -12.08
CA ASP F 619 27.41 -4.05 -12.59
C ASP F 619 27.25 -4.23 -14.10
N SER F 620 27.53 -3.11 -14.78
CA SER F 620 27.30 -2.99 -16.22
C SER F 620 28.05 -4.07 -17.03
N ARG F 621 27.26 -4.87 -17.76
CA ARG F 621 27.76 -5.94 -18.67
C ARG F 621 28.67 -6.96 -17.98
N ARG F 622 28.39 -7.19 -16.70
CA ARG F 622 29.04 -8.22 -15.94
C ARG F 622 28.55 -9.63 -16.40
N ILE F 623 29.45 -10.61 -16.47
CA ILE F 623 29.05 -12.01 -16.50
C ILE F 623 29.59 -12.72 -15.26
N VAL F 624 28.70 -13.38 -14.52
CA VAL F 624 29.10 -14.31 -13.46
C VAL F 624 28.81 -15.74 -13.91
N TYR F 625 29.86 -16.54 -13.96
CA TYR F 625 29.76 -17.98 -14.22
C TYR F 625 29.86 -18.73 -12.87
N ASN F 626 28.81 -19.49 -12.54
CA ASN F 626 28.75 -20.12 -11.24
C ASN F 626 28.39 -21.60 -11.26
N GLY F 627 29.40 -22.44 -11.07
CA GLY F 627 29.21 -23.87 -10.99
C GLY F 627 30.22 -24.46 -10.03
N ASP F 628 30.06 -25.74 -9.70
CA ASP F 628 31.04 -26.45 -8.91
C ASP F 628 32.16 -27.05 -9.80
N GLU F 629 31.99 -26.97 -11.12
CA GLU F 629 33.12 -27.16 -12.04
C GLU F 629 32.90 -26.28 -13.25
N HIS F 630 34.00 -25.73 -13.75
CA HIS F 630 34.08 -25.02 -15.03
C HIS F 630 35.00 -25.80 -15.94
N LEU F 631 34.43 -26.55 -16.87
CA LEU F 631 35.23 -27.40 -17.75
C LEU F 631 35.13 -26.91 -19.16
N PHE F 632 36.26 -26.45 -19.68
CA PHE F 632 36.36 -25.98 -21.07
C PHE F 632 36.86 -27.10 -22.03
N GLN F 633 35.94 -27.55 -22.89
CA GLN F 633 36.17 -28.69 -23.77
C GLN F 633 36.46 -28.25 -25.20
N SER F 634 37.31 -29.04 -25.87
CA SER F 634 37.50 -28.98 -27.31
C SER F 634 38.36 -27.85 -27.82
N ALA F 635 38.52 -26.79 -27.05
CA ALA F 635 39.40 -25.70 -27.51
C ALA F 635 40.21 -25.07 -26.39
N ASP F 636 41.25 -24.33 -26.79
CA ASP F 636 42.02 -23.47 -25.89
C ASP F 636 41.12 -22.36 -25.30
N VAL F 637 41.39 -21.99 -24.05
CA VAL F 637 40.72 -20.83 -23.48
C VAL F 637 41.58 -19.63 -23.84
N LYS F 638 41.02 -18.72 -24.64
CA LYS F 638 41.80 -17.61 -25.15
C LYS F 638 41.06 -16.29 -25.00
N PRO F 639 41.80 -15.18 -24.97
CA PRO F 639 41.20 -13.86 -25.14
C PRO F 639 40.85 -13.56 -26.61
N TYR F 640 39.81 -12.77 -26.80
CA TYR F 640 39.38 -12.34 -28.13
C TYR F 640 40.50 -11.59 -28.85
N ASN F 641 41.11 -10.65 -28.14
CA ASN F 641 42.18 -9.84 -28.71
C ASN F 641 43.57 -10.29 -28.22
N ASP F 642 44.60 -9.75 -28.89
CA ASP F 642 45.98 -10.10 -28.60
C ASP F 642 46.62 -9.16 -27.59
N ASN F 643 47.07 -9.73 -26.48
CA ASN F 643 47.81 -8.97 -25.47
C ASN F 643 47.04 -7.71 -25.04
N VAL F 644 45.77 -7.88 -24.76
CA VAL F 644 44.94 -6.78 -24.27
C VAL F 644 44.28 -7.14 -22.93
N THR F 645 43.83 -8.38 -22.77
CA THR F 645 43.23 -8.79 -21.51
C THR F 645 44.12 -9.79 -20.71
N ALA F 646 43.84 -9.87 -19.42
CA ALA F 646 44.64 -10.60 -18.44
C ALA F 646 43.94 -11.88 -17.95
N LEU F 647 44.69 -12.81 -17.34
CA LEU F 647 44.12 -13.85 -16.50
C LEU F 647 44.23 -13.28 -15.11
N GLY F 648 43.09 -13.14 -14.44
CA GLY F 648 43.04 -12.64 -13.08
C GLY F 648 43.21 -11.13 -13.01
N GLY F 649 43.36 -10.63 -11.78
CA GLY F 649 43.62 -9.23 -11.51
C GLY F 649 44.16 -9.15 -10.10
N PRO F 650 44.65 -7.98 -9.70
CA PRO F 650 45.30 -7.80 -8.38
C PRO F 650 44.39 -8.09 -7.14
N SER F 651 43.08 -7.95 -7.35
CA SER F 651 42.06 -8.30 -6.33
C SER F 651 41.32 -9.58 -6.67
N ASN F 652 41.70 -10.21 -7.78
CA ASN F 652 41.09 -11.46 -8.23
C ASN F 652 42.17 -12.40 -8.74
N ARG F 653 43.00 -12.88 -7.83
CA ARG F 653 44.11 -13.75 -8.18
C ARG F 653 43.63 -15.20 -8.21
N PHE F 654 44.07 -15.95 -9.21
CA PHE F 654 43.97 -17.39 -9.22
C PHE F 654 45.03 -17.92 -8.26
N THR F 655 44.72 -18.95 -7.50
CA THR F 655 45.69 -19.46 -6.53
C THR F 655 46.99 -19.86 -7.23
N THR F 656 46.85 -20.36 -8.46
CA THR F 656 47.97 -20.83 -9.27
C THR F 656 47.48 -21.30 -10.64
N ALA F 657 48.37 -21.84 -11.46
CA ALA F 657 47.98 -22.41 -12.74
C ALA F 657 48.66 -23.77 -12.92
N TYR F 658 47.87 -24.80 -13.24
CA TYR F 658 48.41 -26.14 -13.43
C TYR F 658 48.65 -26.34 -14.92
N LEU F 659 49.93 -26.40 -15.27
CA LEU F 659 50.37 -26.42 -16.65
C LEU F 659 51.27 -27.62 -16.89
N GLY F 660 51.32 -28.06 -18.13
CA GLY F 660 52.10 -29.22 -18.53
C GLY F 660 53.49 -28.83 -19.01
N SER F 661 53.69 -27.52 -19.09
CA SER F 661 54.96 -26.88 -19.44
C SER F 661 54.95 -25.41 -18.96
N ASN F 662 56.13 -24.79 -18.93
CA ASN F 662 56.28 -23.37 -18.57
C ASN F 662 55.50 -22.43 -19.49
N PRO F 663 55.10 -21.24 -19.01
CA PRO F 663 54.36 -20.31 -19.85
C PRO F 663 55.26 -19.93 -20.98
N ILE F 664 54.69 -19.72 -22.16
CA ILE F 664 55.44 -19.11 -23.27
C ILE F 664 55.24 -17.59 -23.22
N VAL F 665 56.24 -16.86 -22.77
CA VAL F 665 56.13 -15.39 -22.75
C VAL F 665 56.92 -14.67 -23.88
N THR F 666 56.37 -13.54 -24.35
CA THR F 666 56.72 -12.92 -25.65
C THR F 666 56.58 -11.38 -25.71
#